data_5FHZ
#
_entry.id   5FHZ
#
_cell.length_a   82.656
_cell.length_b   159.785
_cell.length_c   177.647
_cell.angle_alpha   90.00
_cell.angle_beta   93.69
_cell.angle_gamma   90.00
#
_symmetry.space_group_name_H-M   'P 1 21 1'
#
loop_
_entity.id
_entity.type
_entity.pdbx_description
1 polymer 'Aldehyde dehydrogenase family 1 member A3'
2 non-polymer NICOTINAMIDE-ADENINE-DINUCLEOTIDE
3 non-polymer 'RETINOIC ACID'
4 water water
#
_entity_poly.entity_id   1
_entity_poly.type   'polypeptide(L)'
_entity_poly.pdbx_seq_one_letter_code
;HHHHHHLESTSLYKKAGMATANGAVENGQPDRKPPALPRPIRNLEVKFTKIFINNEWHESKSGKKFATCNPSTREQICEV
EEGDKPDVDKAVEAAQVAFQRGSPWRRLDALSRGRLLHQLADLVERDRATLAALETMDTGKPFLHAFFIDLEGCIRTLRY
FAGWADKIQGKTIPTDDNVVCFTRHEPIGVCGAITPWNFPLLMLVWKLAPALCCGNTMVLKPAEQTPLTALYLGSLIKEA
GFPPGVVNIVPGFGPTVGAAISSHPQINKIAFTGSTEVGKLVKEAASRSNLKRVTLELGGKNPCIVCADADLDLAVECAH
QGVFFNQGQCCTAASRVFVEEQVYSEFVRRSVEYAKKRPVGDPFDVKTEQGPQIDQKQFDKILELIESGKKEGAKLECGG
SAMEDKGLFIKPTVFSEVTDNMRIAKEEIFGPVQPILKFKSIEEVIKRANSTDYGLTAAVFTKNLDKALKLASALESGTV
WINCYNALYAQAPFGGFKMSGNGRELGEYALAEYTEVKTVTIKLGDKNP
;
_entity_poly.pdbx_strand_id   A,B,C,D,E,F,G,H
#
# COMPACT_ATOMS: atom_id res chain seq x y z
N ALA A 36 -21.95 6.23 68.87
CA ALA A 36 -23.39 5.81 68.89
C ALA A 36 -23.72 4.80 67.78
N LEU A 37 -24.73 3.96 68.06
CA LEU A 37 -25.18 2.91 67.16
C LEU A 37 -26.20 3.40 66.11
N PRO A 38 -26.02 3.06 64.82
CA PRO A 38 -27.04 3.52 63.87
C PRO A 38 -28.41 3.01 64.27
N ARG A 39 -29.43 3.77 63.96
CA ARG A 39 -30.76 3.41 64.41
C ARG A 39 -31.44 2.57 63.35
N PRO A 40 -31.94 1.39 63.75
CA PRO A 40 -32.66 0.46 62.90
C PRO A 40 -33.78 1.12 62.12
N ILE A 41 -33.98 0.68 60.88
CA ILE A 41 -35.11 1.11 60.08
C ILE A 41 -36.01 -0.09 60.02
N ARG A 42 -37.01 -0.13 60.87
CA ARG A 42 -37.92 -1.28 60.91
C ARG A 42 -38.99 -1.24 59.82
N ASN A 43 -39.34 -0.04 59.38
CA ASN A 43 -40.45 0.18 58.44
C ASN A 43 -39.99 0.15 56.97
N LEU A 44 -38.76 -0.27 56.72
CA LEU A 44 -38.13 0.06 55.44
C LEU A 44 -38.82 -0.53 54.22
N GLU A 45 -39.03 0.36 53.26
CA GLU A 45 -39.83 0.06 52.09
C GLU A 45 -38.90 -0.30 50.94
N VAL A 46 -39.08 -1.51 50.42
CA VAL A 46 -38.25 -1.99 49.38
C VAL A 46 -38.51 -1.15 48.18
N LYS A 47 -37.47 -0.54 47.64
CA LYS A 47 -37.57 0.35 46.51
C LYS A 47 -37.22 -0.36 45.20
N PHE A 48 -36.23 -1.26 45.26
CA PHE A 48 -35.66 -1.90 44.06
C PHE A 48 -35.94 -3.40 44.05
N THR A 49 -36.75 -3.81 43.07
CA THR A 49 -37.26 -5.17 42.93
C THR A 49 -37.15 -5.73 41.51
N LYS A 50 -36.69 -4.95 40.56
CA LYS A 50 -36.67 -5.42 39.21
C LYS A 50 -35.24 -5.74 38.64
N ILE A 51 -35.22 -6.24 37.41
CA ILE A 51 -34.02 -6.73 36.80
C ILE A 51 -33.21 -5.57 36.25
N PHE A 52 -31.94 -5.51 36.66
CA PHE A 52 -31.00 -4.44 36.32
C PHE A 52 -30.15 -4.89 35.15
N ILE A 53 -30.25 -4.12 34.06
CA ILE A 53 -29.62 -4.42 32.79
C ILE A 53 -29.46 -3.11 32.08
N ASN A 54 -28.27 -2.86 31.56
CA ASN A 54 -27.91 -1.59 30.98
C ASN A 54 -28.30 -0.35 31.81
N ASN A 55 -28.05 -0.39 33.12
CA ASN A 55 -28.38 0.73 34.00
C ASN A 55 -29.86 1.13 34.03
N GLU A 56 -30.73 0.25 33.57
CA GLU A 56 -32.14 0.49 33.68
C GLU A 56 -32.80 -0.73 34.31
N TRP A 57 -33.93 -0.48 34.93
CA TRP A 57 -34.71 -1.53 35.55
C TRP A 57 -35.68 -2.10 34.50
N HIS A 58 -35.91 -3.39 34.58
CA HIS A 58 -36.80 -4.10 33.69
C HIS A 58 -37.49 -5.19 34.48
N GLU A 59 -38.72 -5.48 34.07
CA GLU A 59 -39.45 -6.62 34.62
C GLU A 59 -39.17 -7.82 33.73
N SER A 60 -39.68 -8.97 34.16
CA SER A 60 -39.41 -10.26 33.54
C SER A 60 -39.87 -10.35 32.12
N LYS A 61 -39.17 -11.13 31.32
CA LYS A 61 -39.59 -11.45 29.95
C LYS A 61 -40.93 -12.22 30.00
N SER A 62 -41.07 -13.02 31.05
CA SER A 62 -42.32 -13.69 31.32
C SER A 62 -43.37 -12.80 32.03
N GLY A 63 -42.93 -11.74 32.69
CA GLY A 63 -43.81 -11.02 33.61
C GLY A 63 -43.78 -11.54 35.05
N LYS A 64 -43.43 -12.81 35.24
CA LYS A 64 -43.59 -13.48 36.54
C LYS A 64 -42.79 -12.83 37.67
N LYS A 65 -43.19 -13.09 38.90
CA LYS A 65 -42.46 -12.58 40.06
C LYS A 65 -42.47 -13.60 41.19
N PHE A 66 -41.46 -13.54 42.05
CA PHE A 66 -41.37 -14.47 43.19
C PHE A 66 -41.33 -13.62 44.45
N ALA A 67 -41.23 -14.23 45.61
CA ALA A 67 -41.52 -13.49 46.83
C ALA A 67 -40.50 -13.76 47.87
N THR A 68 -39.90 -12.70 48.44
CA THR A 68 -38.92 -12.89 49.52
C THR A 68 -39.53 -12.40 50.81
N CYS A 69 -39.38 -13.17 51.87
CA CYS A 69 -40.07 -12.93 53.13
C CYS A 69 -39.08 -12.66 54.21
N ASN A 70 -39.56 -12.24 55.35
CA ASN A 70 -38.69 -11.91 56.43
C ASN A 70 -38.77 -13.04 57.45
N PRO A 71 -37.68 -13.83 57.60
CA PRO A 71 -37.53 -14.92 58.56
C PRO A 71 -37.99 -14.62 59.95
N SER A 72 -37.84 -13.36 60.35
CA SER A 72 -38.18 -12.93 61.70
C SER A 72 -39.65 -12.56 61.85
N THR A 73 -40.22 -11.89 60.86
CA THR A 73 -41.62 -11.54 60.90
C THR A 73 -42.47 -12.68 60.35
N ARG A 74 -41.85 -13.59 59.60
CA ARG A 74 -42.55 -14.64 58.81
C ARG A 74 -43.37 -14.06 57.65
N GLU A 75 -43.38 -12.73 57.58
CA GLU A 75 -44.27 -11.99 56.70
C GLU A 75 -43.48 -11.71 55.42
N GLN A 76 -44.14 -11.82 54.28
CA GLN A 76 -43.52 -11.41 53.06
C GLN A 76 -43.03 -9.94 53.17
N ILE A 77 -41.94 -9.65 52.49
CA ILE A 77 -41.39 -8.31 52.34
C ILE A 77 -41.98 -7.78 51.05
N CYS A 78 -41.73 -8.45 49.95
CA CYS A 78 -42.23 -7.97 48.67
C CYS A 78 -42.09 -9.03 47.59
N GLU A 79 -42.48 -8.67 46.39
CA GLU A 79 -42.28 -9.51 45.24
C GLU A 79 -41.13 -8.94 44.42
N VAL A 80 -40.26 -9.83 43.95
CA VAL A 80 -39.15 -9.50 43.05
C VAL A 80 -39.37 -10.19 41.73
N GLU A 81 -38.96 -9.53 40.65
CA GLU A 81 -39.04 -10.13 39.34
C GLU A 81 -38.30 -11.46 39.32
N GLU A 82 -38.90 -12.49 38.69
CA GLU A 82 -38.29 -13.81 38.53
C GLU A 82 -37.75 -13.96 37.14
N GLY A 83 -36.47 -14.27 37.05
CA GLY A 83 -35.77 -14.31 35.76
C GLY A 83 -35.60 -15.69 35.18
N ASP A 84 -35.46 -15.73 33.87
CA ASP A 84 -35.10 -16.96 33.26
C ASP A 84 -34.23 -16.67 32.05
N LYS A 85 -33.75 -17.76 31.47
CA LYS A 85 -32.82 -17.73 30.37
C LYS A 85 -32.99 -16.48 29.50
N PRO A 86 -34.20 -16.22 28.98
CA PRO A 86 -34.27 -15.09 28.08
C PRO A 86 -33.76 -13.79 28.70
N ASP A 87 -34.00 -13.63 29.99
CA ASP A 87 -33.41 -12.48 30.73
C ASP A 87 -31.87 -12.52 30.86
N VAL A 88 -31.33 -13.68 31.22
CA VAL A 88 -29.91 -13.86 31.31
C VAL A 88 -29.28 -13.44 29.98
N ASP A 89 -29.89 -13.82 28.88
CA ASP A 89 -29.34 -13.52 27.56
C ASP A 89 -29.39 -12.03 27.29
N LYS A 90 -30.42 -11.37 27.78
CA LYS A 90 -30.53 -9.93 27.58
C LYS A 90 -29.37 -9.21 28.35
N ALA A 91 -29.09 -9.72 29.55
CA ALA A 91 -28.08 -9.18 30.44
C ALA A 91 -26.65 -9.34 29.85
N VAL A 92 -26.28 -10.59 29.53
CA VAL A 92 -24.99 -10.96 28.97
C VAL A 92 -24.66 -10.15 27.73
N GLU A 93 -25.60 -9.94 26.83
CA GLU A 93 -25.36 -8.98 25.74
C GLU A 93 -25.11 -7.54 26.24
N ALA A 94 -25.74 -7.10 27.31
CA ALA A 94 -25.31 -5.82 27.84
C ALA A 94 -23.82 -5.93 28.22
N ALA A 95 -23.48 -6.94 29.02
CA ALA A 95 -22.09 -7.12 29.54
C ALA A 95 -21.09 -7.25 28.39
N GLN A 96 -21.47 -7.98 27.37
CA GLN A 96 -20.65 -8.18 26.18
C GLN A 96 -20.43 -6.89 25.45
N VAL A 97 -21.47 -6.09 25.28
CA VAL A 97 -21.37 -4.85 24.53
C VAL A 97 -20.49 -3.83 25.26
N ALA A 98 -20.55 -3.84 26.58
CA ALA A 98 -19.80 -2.92 27.41
C ALA A 98 -18.35 -3.36 27.52
N PHE A 99 -18.07 -4.66 27.47
CA PHE A 99 -16.69 -5.13 27.47
C PHE A 99 -16.03 -4.94 26.11
N GLN A 100 -16.85 -4.61 25.11
CA GLN A 100 -16.43 -4.50 23.71
C GLN A 100 -15.32 -3.48 23.53
N ARG A 101 -14.51 -3.72 22.52
CA ARG A 101 -13.35 -2.90 22.26
C ARG A 101 -13.79 -1.53 21.84
N GLY A 102 -13.24 -0.49 22.45
CA GLY A 102 -13.71 0.88 22.21
C GLY A 102 -14.72 1.40 23.22
N SER A 103 -15.38 0.52 23.94
CA SER A 103 -16.46 0.95 24.82
C SER A 103 -15.97 1.90 25.89
N PRO A 104 -16.83 2.84 26.29
CA PRO A 104 -16.49 3.72 27.40
C PRO A 104 -15.80 3.01 28.52
N TRP A 105 -16.24 1.81 28.87
CA TRP A 105 -15.67 1.12 30.01
C TRP A 105 -14.26 0.63 29.78
N ARG A 106 -14.00 0.21 28.56
CA ARG A 106 -12.67 -0.25 28.17
C ARG A 106 -11.68 0.88 27.97
N ARG A 107 -12.13 2.06 27.58
CA ARG A 107 -11.17 3.15 27.33
C ARG A 107 -10.75 3.89 28.59
N LEU A 108 -11.37 3.67 29.72
CA LEU A 108 -10.94 4.36 30.92
C LEU A 108 -9.48 4.10 31.26
N ASP A 109 -8.88 5.10 31.91
CA ASP A 109 -7.64 4.92 32.67
C ASP A 109 -7.80 3.80 33.65
N ALA A 110 -6.69 3.34 34.16
CA ALA A 110 -6.72 2.33 35.16
C ALA A 110 -7.29 3.02 36.35
N LEU A 111 -6.82 4.22 36.58
CA LEU A 111 -7.09 4.90 37.83
C LEU A 111 -8.54 5.36 37.91
N SER A 112 -9.11 5.61 36.75
CA SER A 112 -10.49 6.03 36.67
C SER A 112 -11.40 4.86 37.08
N ARG A 113 -11.07 3.65 36.60
CA ARG A 113 -11.74 2.40 37.03
C ARG A 113 -11.63 2.27 38.51
N GLY A 114 -10.43 2.55 39.03
CA GLY A 114 -10.19 2.58 40.48
C GLY A 114 -10.98 3.67 41.18
N ARG A 115 -11.14 4.84 40.55
CA ARG A 115 -11.92 5.95 41.17
C ARG A 115 -13.40 5.60 41.28
N LEU A 116 -13.96 5.07 40.19
CA LEU A 116 -15.34 4.55 40.21
C LEU A 116 -15.50 3.53 41.31
N LEU A 117 -14.51 2.66 41.52
CA LEU A 117 -14.68 1.71 42.59
C LEU A 117 -14.74 2.42 43.91
N HIS A 118 -13.95 3.51 44.03
CA HIS A 118 -13.92 4.28 45.32
C HIS A 118 -15.23 4.99 45.57
N GLN A 119 -15.74 5.58 44.49
CA GLN A 119 -17.01 6.28 44.51
C GLN A 119 -18.06 5.31 45.02
N LEU A 120 -18.06 4.12 44.45
CA LEU A 120 -19.14 3.19 44.72
C LEU A 120 -19.14 2.73 46.17
N ALA A 121 -17.98 2.61 46.79
CA ALA A 121 -17.90 2.39 48.23
C ALA A 121 -18.39 3.60 49.00
N ASP A 122 -18.10 4.79 48.49
CA ASP A 122 -18.63 5.99 49.13
C ASP A 122 -20.16 5.93 49.26
N LEU A 123 -20.84 5.48 48.19
CA LEU A 123 -22.30 5.38 48.21
C LEU A 123 -22.69 4.24 49.11
N VAL A 124 -21.95 3.15 49.05
CA VAL A 124 -22.31 2.04 49.87
C VAL A 124 -22.25 2.49 51.34
N GLU A 125 -21.26 3.31 51.68
CA GLU A 125 -21.11 3.83 53.07
C GLU A 125 -22.20 4.87 53.43
N ARG A 126 -22.58 5.72 52.47
CA ARG A 126 -23.66 6.71 52.71
C ARG A 126 -25.01 6.08 52.98
N ASP A 127 -25.39 5.12 52.14
CA ASP A 127 -26.58 4.33 52.28
C ASP A 127 -26.35 3.10 53.15
N ARG A 128 -25.27 3.11 53.92
CA ARG A 128 -24.90 1.99 54.81
C ARG A 128 -26.02 1.40 55.72
N ALA A 129 -26.74 2.25 56.45
CA ALA A 129 -27.78 1.74 57.35
C ALA A 129 -28.93 1.13 56.56
N THR A 130 -29.38 1.83 55.54
CA THR A 130 -30.38 1.28 54.61
C THR A 130 -30.03 -0.13 54.09
N LEU A 131 -28.78 -0.31 53.62
CA LEU A 131 -28.27 -1.59 53.06
C LEU A 131 -28.14 -2.61 54.18
N ALA A 132 -27.64 -2.18 55.34
CA ALA A 132 -27.69 -3.06 56.50
C ALA A 132 -29.12 -3.55 56.83
N ALA A 133 -30.13 -2.69 56.70
CA ALA A 133 -31.50 -3.07 57.05
C ALA A 133 -32.08 -4.10 56.10
N LEU A 134 -31.93 -3.85 54.79
CA LEU A 134 -32.29 -4.85 53.78
C LEU A 134 -31.73 -6.23 54.10
N GLU A 135 -30.41 -6.29 54.27
CA GLU A 135 -29.74 -7.54 54.63
C GLU A 135 -30.29 -8.16 55.93
N THR A 136 -30.76 -7.34 56.88
CA THR A 136 -31.38 -7.87 58.08
C THR A 136 -32.81 -8.31 57.83
N MET A 137 -33.55 -7.59 57.03
CA MET A 137 -34.90 -8.04 56.71
C MET A 137 -34.86 -9.36 55.96
N ASP A 138 -33.96 -9.49 55.00
CA ASP A 138 -33.92 -10.68 54.10
C ASP A 138 -33.39 -12.01 54.68
N THR A 139 -32.53 -11.92 55.70
CA THR A 139 -31.77 -13.05 56.21
C THR A 139 -31.93 -13.36 57.69
N GLY A 140 -32.46 -12.41 58.45
CA GLY A 140 -32.64 -12.59 59.91
C GLY A 140 -31.42 -12.21 60.72
N LYS A 141 -30.41 -11.66 60.04
CA LYS A 141 -29.14 -11.28 60.65
C LYS A 141 -29.35 -10.12 61.64
N PRO A 142 -28.69 -10.16 62.79
CA PRO A 142 -28.77 -8.98 63.62
C PRO A 142 -28.33 -7.74 62.87
N PHE A 143 -29.08 -6.65 63.06
CA PHE A 143 -28.89 -5.44 62.27
C PHE A 143 -27.48 -4.91 62.49
N LEU A 144 -27.05 -4.85 63.75
CA LEU A 144 -25.70 -4.37 64.03
C LEU A 144 -24.61 -5.19 63.33
N HIS A 145 -24.78 -6.51 63.33
CA HIS A 145 -23.82 -7.41 62.68
C HIS A 145 -23.72 -7.12 61.20
N ALA A 146 -24.85 -7.08 60.51
CA ALA A 146 -24.81 -6.67 59.12
C ALA A 146 -24.16 -5.32 58.95
N PHE A 147 -24.47 -4.40 59.87
CA PHE A 147 -24.00 -3.02 59.75
C PHE A 147 -22.49 -2.95 59.84
N PHE A 148 -21.99 -3.54 60.92
CA PHE A 148 -20.57 -3.50 61.25
C PHE A 148 -19.73 -4.63 60.67
N ILE A 149 -20.37 -5.71 60.23
CA ILE A 149 -19.61 -6.81 59.68
C ILE A 149 -19.84 -6.89 58.20
N ASP A 150 -21.06 -7.17 57.77
CA ASP A 150 -21.31 -7.39 56.36
C ASP A 150 -20.94 -6.20 55.50
N LEU A 151 -21.40 -5.02 55.89
CA LEU A 151 -21.21 -3.81 55.12
C LEU A 151 -19.81 -3.24 55.25
N GLU A 152 -19.21 -3.43 56.41
CA GLU A 152 -17.85 -2.97 56.62
C GLU A 152 -16.97 -3.74 55.70
N GLY A 153 -17.26 -5.02 55.54
CA GLY A 153 -16.54 -5.90 54.62
C GLY A 153 -16.64 -5.41 53.18
N CYS A 154 -17.87 -5.21 52.73
CA CYS A 154 -18.13 -4.73 51.39
C CYS A 154 -17.33 -3.44 51.11
N ILE A 155 -17.31 -2.55 52.10
CA ILE A 155 -16.70 -1.23 51.94
C ILE A 155 -15.19 -1.38 51.81
N ARG A 156 -14.60 -2.06 52.76
CA ARG A 156 -13.17 -2.20 52.81
C ARG A 156 -12.63 -2.95 51.61
N THR A 157 -13.45 -3.89 51.14
CA THR A 157 -13.06 -4.75 50.05
C THR A 157 -13.16 -4.01 48.74
N LEU A 158 -14.13 -3.13 48.61
CA LEU A 158 -14.26 -2.30 47.43
C LEU A 158 -13.13 -1.31 47.32
N ARG A 159 -12.79 -0.77 48.48
CA ARG A 159 -11.64 0.11 48.59
C ARG A 159 -10.31 -0.60 48.36
N TYR A 160 -10.09 -1.71 49.05
CA TYR A 160 -8.91 -2.51 48.77
C TYR A 160 -8.65 -2.69 47.26
N PHE A 161 -9.67 -3.06 46.51
CA PHE A 161 -9.50 -3.43 45.11
C PHE A 161 -9.53 -2.21 44.22
N ALA A 162 -10.26 -1.19 44.62
CA ALA A 162 -10.06 0.11 43.98
C ALA A 162 -8.55 0.39 43.86
N GLY A 163 -7.82 0.13 44.96
CA GLY A 163 -6.35 0.27 45.05
C GLY A 163 -5.51 -0.53 44.06
N TRP A 164 -6.01 -1.70 43.63
CA TRP A 164 -5.27 -2.59 42.75
C TRP A 164 -5.40 -2.15 41.32
N ALA A 165 -6.31 -1.23 41.03
CA ALA A 165 -6.67 -0.96 39.62
C ALA A 165 -5.49 -0.62 38.71
N ASP A 166 -4.62 0.26 39.19
CA ASP A 166 -3.43 0.70 38.47
C ASP A 166 -2.12 0.05 39.02
N LYS A 167 -2.29 -1.02 39.79
CA LYS A 167 -1.19 -1.86 40.22
C LYS A 167 -1.30 -3.26 39.66
N ILE A 168 -2.04 -3.46 38.57
CA ILE A 168 -2.15 -4.79 37.97
C ILE A 168 -1.07 -4.85 36.92
N GLN A 169 0.03 -5.55 37.23
CA GLN A 169 1.25 -5.46 36.44
C GLN A 169 1.68 -6.76 35.79
N GLY A 170 2.05 -6.67 34.51
CA GLY A 170 2.58 -7.81 33.78
C GLY A 170 4.07 -7.87 33.98
N LYS A 171 4.77 -8.59 33.12
CA LYS A 171 6.18 -8.72 33.30
C LYS A 171 6.99 -8.48 32.05
N THR A 172 8.19 -7.95 32.24
CA THR A 172 9.24 -7.95 31.20
C THR A 172 10.15 -9.14 31.52
N ILE A 173 10.41 -9.96 30.50
CA ILE A 173 11.11 -11.24 30.67
C ILE A 173 12.35 -11.26 29.79
N PRO A 174 13.52 -11.56 30.36
CA PRO A 174 14.74 -11.69 29.61
C PRO A 174 14.78 -12.99 28.83
N THR A 175 15.17 -12.89 27.57
CA THR A 175 15.31 -14.06 26.72
C THR A 175 16.58 -13.96 25.93
N ASP A 176 16.44 -13.59 24.67
CA ASP A 176 17.59 -13.43 23.79
C ASP A 176 17.87 -11.95 23.60
N ASP A 177 19.07 -11.68 23.13
CA ASP A 177 19.45 -10.32 22.85
C ASP A 177 18.52 -9.71 21.83
N ASN A 178 18.09 -10.49 20.85
CA ASN A 178 17.33 -9.90 19.75
C ASN A 178 15.81 -9.84 19.99
N VAL A 179 15.37 -10.20 21.20
CA VAL A 179 13.94 -10.34 21.46
C VAL A 179 13.45 -9.50 22.60
N VAL A 180 12.29 -8.91 22.40
CA VAL A 180 11.59 -8.24 23.46
C VAL A 180 10.39 -9.08 23.84
N CYS A 181 10.34 -9.52 25.11
CA CYS A 181 9.29 -10.38 25.61
C CYS A 181 8.64 -9.75 26.84
N PHE A 182 7.32 -9.72 26.88
CA PHE A 182 6.60 -9.25 28.06
C PHE A 182 5.19 -9.82 28.18
N THR A 183 4.64 -9.81 29.37
CA THR A 183 3.27 -10.26 29.53
C THR A 183 2.31 -9.10 29.77
N ARG A 184 1.03 -9.32 29.46
CA ARG A 184 -0.05 -8.36 29.73
C ARG A 184 -1.14 -9.07 30.49
N HIS A 185 -1.55 -8.54 31.65
CA HIS A 185 -2.59 -9.19 32.43
C HIS A 185 -3.92 -8.63 31.99
N GLU A 186 -4.54 -9.32 31.04
CA GLU A 186 -5.70 -8.79 30.38
C GLU A 186 -6.93 -9.16 31.13
N PRO A 187 -8.00 -8.40 30.93
CA PRO A 187 -9.27 -8.79 31.51
C PRO A 187 -9.81 -10.00 30.77
N ILE A 188 -10.51 -10.88 31.50
CA ILE A 188 -11.10 -12.11 30.89
C ILE A 188 -12.21 -11.85 29.91
N GLY A 189 -13.11 -10.91 30.25
CA GLY A 189 -14.32 -10.57 29.48
C GLY A 189 -15.55 -10.47 30.39
N VAL A 190 -16.63 -11.18 30.03
CA VAL A 190 -17.81 -11.17 30.87
C VAL A 190 -17.69 -12.13 32.01
N CYS A 191 -17.90 -11.67 33.23
CA CYS A 191 -17.80 -12.54 34.41
C CYS A 191 -19.18 -12.78 35.03
N GLY A 192 -19.40 -13.97 35.58
CA GLY A 192 -20.66 -14.28 36.21
C GLY A 192 -20.50 -14.52 37.69
N ALA A 193 -21.55 -14.17 38.42
CA ALA A 193 -21.59 -14.31 39.88
C ALA A 193 -22.92 -14.89 40.31
N ILE A 194 -22.81 -15.91 41.13
CA ILE A 194 -23.94 -16.67 41.63
C ILE A 194 -23.56 -16.82 43.08
N THR A 195 -24.40 -16.34 43.97
CA THR A 195 -23.99 -16.30 45.36
C THR A 195 -25.04 -16.91 46.22
N PRO A 196 -24.69 -17.21 47.47
CA PRO A 196 -25.64 -17.79 48.41
C PRO A 196 -26.45 -16.76 49.18
N TRP A 197 -27.26 -17.26 50.11
CA TRP A 197 -28.11 -16.44 50.97
C TRP A 197 -27.44 -15.99 52.28
N ASN A 198 -26.42 -16.68 52.76
CA ASN A 198 -25.87 -16.35 54.09
C ASN A 198 -25.17 -15.00 54.14
N PHE A 199 -24.45 -14.65 53.09
CA PHE A 199 -23.78 -13.38 53.02
C PHE A 199 -24.04 -12.78 51.65
N PRO A 200 -25.26 -12.32 51.43
CA PRO A 200 -25.67 -12.06 50.05
C PRO A 200 -24.94 -10.95 49.33
N LEU A 201 -24.77 -9.82 50.01
CA LEU A 201 -24.03 -8.65 49.49
C LEU A 201 -22.52 -8.90 49.53
N LEU A 202 -22.02 -9.36 50.67
CA LEU A 202 -20.62 -9.58 50.83
C LEU A 202 -20.11 -10.54 49.76
N MET A 203 -20.74 -11.68 49.57
CA MET A 203 -20.21 -12.66 48.62
C MET A 203 -20.28 -12.17 47.21
N LEU A 204 -21.16 -11.22 46.99
CA LEU A 204 -21.36 -10.62 45.69
C LEU A 204 -20.31 -9.56 45.47
N VAL A 205 -19.97 -8.85 46.54
CA VAL A 205 -18.99 -7.80 46.45
C VAL A 205 -17.60 -8.39 46.22
N TRP A 206 -17.23 -9.39 47.05
CA TRP A 206 -15.96 -10.14 46.91
C TRP A 206 -15.65 -10.50 45.45
N LYS A 207 -16.71 -10.68 44.67
CA LYS A 207 -16.57 -11.00 43.27
C LYS A 207 -16.61 -9.73 42.47
N LEU A 208 -17.48 -8.80 42.84
CA LEU A 208 -17.65 -7.56 42.05
C LEU A 208 -16.42 -6.65 42.06
N ALA A 209 -15.84 -6.48 43.25
CA ALA A 209 -14.74 -5.57 43.45
C ALA A 209 -13.51 -5.83 42.56
N PRO A 210 -12.87 -7.02 42.65
CA PRO A 210 -11.72 -7.29 41.86
C PRO A 210 -12.08 -7.47 40.42
N ALA A 211 -13.33 -7.83 40.14
CA ALA A 211 -13.72 -8.18 38.78
C ALA A 211 -13.76 -6.93 38.00
N LEU A 212 -14.29 -5.89 38.65
CA LEU A 212 -14.33 -4.52 38.11
C LEU A 212 -12.98 -3.84 38.19
N CYS A 213 -12.29 -4.02 39.29
CA CYS A 213 -10.94 -3.50 39.41
C CYS A 213 -10.10 -3.89 38.19
N CYS A 214 -10.34 -5.10 37.65
CA CYS A 214 -9.56 -5.65 36.54
C CYS A 214 -10.11 -5.39 35.16
N GLY A 215 -11.20 -4.65 35.06
CA GLY A 215 -11.60 -4.07 33.79
C GLY A 215 -12.48 -4.96 32.93
N ASN A 216 -13.21 -5.86 33.57
CA ASN A 216 -14.17 -6.65 32.85
C ASN A 216 -15.62 -6.49 33.36
N THR A 217 -16.59 -7.02 32.63
CA THR A 217 -18.00 -6.71 32.88
C THR A 217 -18.70 -7.87 33.55
N MET A 218 -19.86 -7.66 34.15
CA MET A 218 -20.47 -8.74 34.92
C MET A 218 -21.97 -8.95 34.74
N VAL A 219 -22.42 -10.10 35.23
CA VAL A 219 -23.81 -10.50 35.27
C VAL A 219 -24.06 -11.23 36.57
N LEU A 220 -24.76 -10.61 37.50
CA LEU A 220 -24.87 -11.19 38.84
C LEU A 220 -26.15 -11.99 38.99
N LYS A 221 -26.11 -13.05 39.78
CA LYS A 221 -27.33 -13.66 40.26
C LYS A 221 -27.24 -13.90 41.74
N PRO A 222 -28.04 -13.21 42.52
CA PRO A 222 -28.08 -13.55 43.93
C PRO A 222 -29.00 -14.69 44.22
N ALA A 223 -28.90 -15.21 45.43
CA ALA A 223 -29.78 -16.25 45.88
C ALA A 223 -31.24 -15.79 45.79
N GLU A 224 -32.14 -16.76 45.67
CA GLU A 224 -33.54 -16.43 45.56
C GLU A 224 -34.00 -16.00 46.94
N GLN A 225 -33.50 -16.64 47.99
CA GLN A 225 -33.94 -16.30 49.35
C GLN A 225 -33.56 -14.90 49.74
N THR A 226 -32.54 -14.34 49.08
CA THR A 226 -32.02 -13.00 49.38
C THR A 226 -31.63 -12.24 48.11
N PRO A 227 -32.61 -11.68 47.40
CA PRO A 227 -32.27 -10.86 46.26
C PRO A 227 -32.23 -9.34 46.55
N LEU A 228 -32.52 -8.90 47.77
CA LEU A 228 -32.79 -7.45 47.97
C LEU A 228 -31.57 -6.54 47.90
N THR A 229 -30.61 -6.78 48.79
CA THR A 229 -29.46 -5.92 48.91
C THR A 229 -28.67 -5.84 47.65
N ALA A 230 -28.73 -6.85 46.81
CA ALA A 230 -27.98 -6.83 45.56
C ALA A 230 -28.67 -5.93 44.59
N LEU A 231 -29.99 -5.92 44.64
CA LEU A 231 -30.77 -5.06 43.77
C LEU A 231 -30.57 -3.62 44.17
N TYR A 232 -30.42 -3.40 45.45
CA TYR A 232 -30.17 -2.06 45.90
C TYR A 232 -28.81 -1.62 45.31
N LEU A 233 -27.85 -2.52 45.40
CA LEU A 233 -26.52 -2.29 44.88
C LEU A 233 -26.55 -1.95 43.38
N GLY A 234 -27.64 -2.29 42.73
CA GLY A 234 -27.84 -1.90 41.36
C GLY A 234 -27.92 -0.40 41.25
N SER A 235 -28.78 0.20 42.08
CA SER A 235 -29.06 1.66 41.95
C SER A 235 -27.78 2.46 42.11
N LEU A 236 -27.00 2.11 43.15
CA LEU A 236 -25.73 2.73 43.49
C LEU A 236 -24.70 2.56 42.38
N ILE A 237 -24.54 1.35 41.87
CA ILE A 237 -23.62 1.13 40.73
C ILE A 237 -23.93 2.07 39.57
N LYS A 238 -25.20 2.43 39.43
CA LYS A 238 -25.59 3.47 38.48
C LYS A 238 -25.16 4.86 38.96
N GLU A 239 -25.54 5.22 40.15
CA GLU A 239 -25.27 6.55 40.66
C GLU A 239 -23.78 6.86 40.63
N ALA A 240 -22.95 5.88 40.96
CA ALA A 240 -21.51 6.11 41.01
C ALA A 240 -20.92 6.42 39.65
N GLY A 241 -21.60 6.01 38.60
CA GLY A 241 -21.19 6.42 37.26
C GLY A 241 -20.53 5.36 36.40
N PHE A 242 -20.63 4.11 36.84
CA PHE A 242 -20.24 2.98 36.00
C PHE A 242 -21.01 3.08 34.74
N PRO A 243 -20.33 2.96 33.61
CA PRO A 243 -21.09 2.98 32.37
C PRO A 243 -22.17 1.90 32.31
N PRO A 244 -23.22 2.15 31.53
CA PRO A 244 -24.27 1.14 31.41
C PRO A 244 -23.74 -0.14 30.80
N GLY A 245 -24.16 -1.26 31.37
CA GLY A 245 -23.82 -2.56 30.84
C GLY A 245 -22.63 -3.23 31.48
N VAL A 246 -21.88 -2.47 32.27
CA VAL A 246 -20.77 -3.03 33.00
C VAL A 246 -21.26 -3.91 34.12
N VAL A 247 -22.40 -3.64 34.71
CA VAL A 247 -22.89 -4.55 35.75
C VAL A 247 -24.37 -4.81 35.56
N ASN A 248 -24.78 -6.09 35.52
CA ASN A 248 -26.18 -6.46 35.36
C ASN A 248 -26.55 -7.54 36.34
N ILE A 249 -27.77 -7.44 36.86
CA ILE A 249 -28.19 -8.28 37.98
C ILE A 249 -29.53 -8.89 37.68
N VAL A 250 -29.55 -10.19 37.47
CA VAL A 250 -30.74 -10.89 37.02
C VAL A 250 -31.11 -11.87 38.11
N PRO A 251 -32.01 -11.47 39.03
CA PRO A 251 -32.41 -12.39 40.10
C PRO A 251 -33.40 -13.43 39.61
N GLY A 252 -33.51 -14.51 40.38
CA GLY A 252 -34.26 -15.71 39.96
C GLY A 252 -33.80 -16.96 40.68
N PHE A 253 -34.00 -18.13 40.05
CA PHE A 253 -33.68 -19.45 40.64
C PHE A 253 -32.42 -20.14 40.10
N GLY A 254 -31.93 -21.11 40.88
CA GLY A 254 -30.67 -21.79 40.59
C GLY A 254 -30.67 -22.63 39.32
N PRO A 255 -31.58 -23.63 39.23
CA PRO A 255 -31.80 -24.46 38.03
C PRO A 255 -32.19 -23.66 36.79
N THR A 256 -32.61 -22.42 36.98
CA THR A 256 -33.02 -21.58 35.88
C THR A 256 -31.91 -20.57 35.60
N VAL A 257 -31.85 -19.47 36.35
CA VAL A 257 -30.89 -18.42 36.04
C VAL A 257 -29.48 -18.91 36.31
N GLY A 258 -29.31 -19.56 37.45
CA GLY A 258 -28.02 -20.15 37.76
C GLY A 258 -27.50 -20.98 36.59
N ALA A 259 -28.37 -21.79 36.00
CA ALA A 259 -28.00 -22.69 34.90
C ALA A 259 -27.70 -21.94 33.60
N ALA A 260 -28.54 -20.99 33.25
CA ALA A 260 -28.30 -20.16 32.07
C ALA A 260 -26.97 -19.38 32.09
N ILE A 261 -26.48 -19.11 33.30
CA ILE A 261 -25.27 -18.33 33.49
C ILE A 261 -24.09 -19.26 33.33
N SER A 262 -24.12 -20.31 34.13
CA SER A 262 -23.11 -21.35 34.07
C SER A 262 -22.89 -21.91 32.66
N SER A 263 -23.92 -21.98 31.84
CA SER A 263 -23.79 -22.67 30.57
C SER A 263 -23.56 -21.71 29.43
N HIS A 264 -23.41 -20.44 29.74
CA HIS A 264 -23.54 -19.50 28.65
C HIS A 264 -22.28 -19.50 27.81
N PRO A 265 -22.43 -19.47 26.50
CA PRO A 265 -21.31 -19.42 25.54
C PRO A 265 -20.47 -18.13 25.53
N GLN A 266 -21.09 -17.02 25.90
CA GLN A 266 -20.40 -15.74 26.02
C GLN A 266 -20.32 -15.30 27.49
N ILE A 267 -20.13 -16.24 28.39
CA ILE A 267 -19.62 -15.86 29.70
C ILE A 267 -18.27 -16.54 29.84
N ASN A 268 -17.24 -15.83 30.31
CA ASN A 268 -15.85 -16.31 30.27
C ASN A 268 -15.27 -16.79 31.60
N LYS A 269 -15.67 -16.18 32.71
CA LYS A 269 -15.25 -16.60 34.03
C LYS A 269 -16.52 -16.70 34.81
N ILE A 270 -16.59 -17.60 35.78
CA ILE A 270 -17.68 -17.58 36.78
C ILE A 270 -17.15 -17.69 38.18
N ALA A 271 -17.74 -16.96 39.09
CA ALA A 271 -17.41 -17.15 40.47
C ALA A 271 -18.66 -17.64 41.16
N PHE A 272 -18.54 -18.79 41.83
CA PHE A 272 -19.66 -19.35 42.55
C PHE A 272 -19.29 -19.38 44.01
N THR A 273 -20.26 -19.10 44.86
CA THR A 273 -20.14 -19.43 46.29
C THR A 273 -21.42 -20.13 46.74
N GLY A 274 -21.31 -21.30 47.34
CA GLY A 274 -22.51 -22.07 47.64
C GLY A 274 -22.25 -23.48 48.12
N SER A 275 -23.24 -24.36 47.98
CA SER A 275 -23.13 -25.76 48.37
C SER A 275 -22.24 -26.56 47.43
N THR A 276 -21.38 -27.40 48.00
CA THR A 276 -20.41 -28.11 47.20
C THR A 276 -21.11 -28.79 46.03
N GLU A 277 -22.27 -29.39 46.32
CA GLU A 277 -22.97 -30.19 45.33
C GLU A 277 -23.27 -29.34 44.09
N VAL A 278 -23.66 -28.09 44.32
CA VAL A 278 -24.06 -27.16 43.23
C VAL A 278 -22.85 -26.60 42.49
N GLY A 279 -21.70 -26.57 43.16
CA GLY A 279 -20.44 -26.26 42.46
C GLY A 279 -20.13 -27.21 41.31
N LYS A 280 -20.15 -28.50 41.66
CA LYS A 280 -19.93 -29.59 40.70
C LYS A 280 -20.80 -29.37 39.50
N LEU A 281 -22.07 -29.05 39.77
CA LEU A 281 -23.03 -28.78 38.73
C LEU A 281 -22.60 -27.64 37.82
N VAL A 282 -22.03 -26.60 38.43
CA VAL A 282 -21.65 -25.39 37.75
C VAL A 282 -20.37 -25.56 36.97
N LYS A 283 -19.37 -26.11 37.64
CA LYS A 283 -18.08 -26.42 36.98
C LYS A 283 -18.25 -27.33 35.74
N GLU A 284 -19.02 -28.40 35.93
CA GLU A 284 -19.42 -29.30 34.86
C GLU A 284 -20.01 -28.56 33.65
N ALA A 285 -21.00 -27.71 33.90
CA ALA A 285 -21.67 -26.98 32.84
C ALA A 285 -20.73 -25.99 32.10
N ALA A 286 -19.93 -25.29 32.89
CA ALA A 286 -18.83 -24.49 32.36
C ALA A 286 -17.97 -25.31 31.41
N SER A 287 -17.63 -26.49 31.89
CA SER A 287 -16.80 -27.42 31.17
C SER A 287 -17.44 -27.99 29.96
N ARG A 288 -18.75 -28.16 29.99
CA ARG A 288 -19.48 -28.70 28.87
C ARG A 288 -19.68 -27.66 27.75
N SER A 289 -19.73 -26.39 28.11
CA SER A 289 -20.23 -25.34 27.21
C SER A 289 -19.19 -24.52 26.40
N ASN A 290 -18.33 -23.77 27.07
CA ASN A 290 -17.29 -22.96 26.38
C ASN A 290 -15.95 -22.97 27.14
N LEU A 291 -15.84 -23.89 28.09
CA LEU A 291 -14.65 -24.02 28.87
C LEU A 291 -14.37 -22.69 29.56
N LYS A 292 -15.42 -21.95 29.86
CA LYS A 292 -15.28 -20.73 30.63
C LYS A 292 -14.64 -21.09 31.94
N ARG A 293 -14.10 -20.10 32.61
CA ARG A 293 -13.32 -20.41 33.79
C ARG A 293 -14.12 -20.26 35.07
N VAL A 294 -13.72 -21.00 36.08
CA VAL A 294 -14.55 -21.20 37.24
C VAL A 294 -13.78 -21.16 38.54
N THR A 295 -14.16 -20.22 39.40
CA THR A 295 -13.80 -20.23 40.81
C THR A 295 -14.98 -20.71 41.64
N LEU A 296 -14.68 -21.50 42.66
CA LEU A 296 -15.72 -22.02 43.55
C LEU A 296 -15.36 -21.73 44.97
N GLU A 297 -16.35 -21.35 45.77
CA GLU A 297 -16.21 -21.37 47.23
C GLU A 297 -17.31 -22.24 47.72
N LEU A 298 -16.95 -23.37 48.31
CA LEU A 298 -17.92 -24.28 48.86
C LEU A 298 -17.77 -24.35 50.38
N GLY A 299 -18.41 -25.31 51.01
CA GLY A 299 -18.41 -25.37 52.45
C GLY A 299 -17.15 -25.98 52.98
N GLY A 300 -17.21 -26.30 54.25
CA GLY A 300 -16.10 -26.96 54.89
C GLY A 300 -16.55 -27.63 56.16
N LYS A 301 -15.67 -28.41 56.74
CA LYS A 301 -15.93 -28.94 58.04
C LYS A 301 -14.81 -28.59 59.00
N ASN A 302 -14.87 -27.35 59.46
CA ASN A 302 -13.71 -26.67 59.96
C ASN A 302 -13.37 -27.05 61.38
N PRO A 303 -12.12 -27.46 61.60
CA PRO A 303 -11.64 -27.83 62.90
C PRO A 303 -11.12 -26.65 63.70
N CYS A 304 -11.38 -26.68 65.00
CA CYS A 304 -10.89 -25.68 65.96
C CYS A 304 -10.15 -26.49 67.03
N ILE A 305 -8.85 -26.29 67.15
CA ILE A 305 -8.03 -27.17 68.01
C ILE A 305 -7.58 -26.42 69.24
N VAL A 306 -7.86 -26.96 70.41
CA VAL A 306 -7.53 -26.25 71.63
C VAL A 306 -6.60 -27.06 72.48
N CYS A 307 -5.43 -26.49 72.73
CA CYS A 307 -4.39 -27.15 73.50
C CYS A 307 -4.41 -26.69 74.97
N ALA A 308 -3.93 -27.54 75.87
CA ALA A 308 -3.91 -27.26 77.30
C ALA A 308 -3.16 -25.98 77.60
N ASP A 309 -2.14 -25.68 76.81
CA ASP A 309 -1.31 -24.47 77.03
C ASP A 309 -1.90 -23.21 76.39
N ALA A 310 -3.05 -23.36 75.75
CA ALA A 310 -3.82 -22.24 75.26
C ALA A 310 -4.25 -21.31 76.38
N ASP A 311 -4.52 -20.06 76.03
CA ASP A 311 -5.32 -19.16 76.86
C ASP A 311 -6.79 -19.59 76.78
N LEU A 312 -7.20 -20.36 77.78
CA LEU A 312 -8.46 -21.07 77.74
C LEU A 312 -9.66 -20.16 77.56
N ASP A 313 -9.58 -18.95 78.11
CA ASP A 313 -10.67 -18.00 77.96
C ASP A 313 -10.81 -17.62 76.52
N LEU A 314 -9.72 -17.16 75.94
CA LEU A 314 -9.71 -16.72 74.56
C LEU A 314 -10.20 -17.81 73.66
N ALA A 315 -9.62 -18.99 73.82
CA ALA A 315 -10.03 -20.19 73.08
C ALA A 315 -11.54 -20.40 73.17
N VAL A 316 -12.05 -20.45 74.41
CA VAL A 316 -13.47 -20.62 74.62
C VAL A 316 -14.30 -19.51 73.95
N GLU A 317 -13.91 -18.26 74.18
CA GLU A 317 -14.60 -17.12 73.58
C GLU A 317 -14.57 -17.15 72.05
N CYS A 318 -13.43 -17.49 71.47
CA CYS A 318 -13.32 -17.52 70.01
C CYS A 318 -14.08 -18.68 69.37
N ALA A 319 -13.95 -19.88 69.93
CA ALA A 319 -14.69 -21.03 69.40
C ALA A 319 -16.19 -20.82 69.49
N HIS A 320 -16.64 -20.09 70.51
CA HIS A 320 -18.05 -19.78 70.60
C HIS A 320 -18.54 -18.93 69.45
N GLN A 321 -17.86 -17.81 69.21
CA GLN A 321 -18.24 -16.93 68.14
C GLN A 321 -18.02 -17.63 66.80
N GLY A 322 -17.05 -18.54 66.77
CA GLY A 322 -16.74 -19.31 65.57
C GLY A 322 -17.82 -20.29 65.16
N VAL A 323 -18.40 -20.94 66.13
CA VAL A 323 -19.54 -21.83 65.88
C VAL A 323 -20.77 -21.03 65.48
N PHE A 324 -21.08 -20.03 66.29
CA PHE A 324 -22.42 -19.41 66.31
C PHE A 324 -22.60 -18.19 65.45
N PHE A 325 -21.52 -17.52 65.06
CA PHE A 325 -21.66 -16.32 64.27
C PHE A 325 -22.64 -16.56 63.12
N ASN A 326 -23.48 -15.57 62.86
CA ASN A 326 -24.45 -15.62 61.77
C ASN A 326 -25.40 -16.77 61.86
N GLN A 327 -25.75 -17.14 63.09
CA GLN A 327 -26.70 -18.20 63.34
C GLN A 327 -26.11 -19.53 62.93
N GLY A 328 -24.78 -19.64 63.05
CA GLY A 328 -24.04 -20.82 62.60
C GLY A 328 -24.14 -21.09 61.11
N GLN A 329 -24.57 -20.09 60.33
CA GLN A 329 -24.85 -20.25 58.89
C GLN A 329 -23.71 -19.74 58.01
N CYS A 330 -22.48 -19.94 58.46
CA CYS A 330 -21.35 -19.49 57.68
C CYS A 330 -20.27 -20.55 57.45
N CYS A 331 -19.71 -20.52 56.24
CA CYS A 331 -18.78 -21.56 55.83
C CYS A 331 -17.57 -21.62 56.71
N THR A 332 -17.17 -20.51 57.31
CA THR A 332 -16.01 -20.52 58.22
C THR A 332 -16.35 -21.11 59.60
N ALA A 333 -17.59 -21.55 59.77
CA ALA A 333 -18.05 -22.04 61.08
C ALA A 333 -17.22 -23.21 61.60
N ALA A 334 -17.05 -23.25 62.92
CA ALA A 334 -16.28 -24.31 63.57
C ALA A 334 -17.18 -25.51 63.85
N SER A 335 -17.23 -26.46 62.93
CA SER A 335 -18.05 -27.67 63.11
C SER A 335 -17.35 -28.78 63.89
N ARG A 336 -16.09 -28.59 64.26
CA ARG A 336 -15.45 -29.54 65.12
C ARG A 336 -14.50 -28.88 66.02
N VAL A 337 -14.87 -28.78 67.29
CA VAL A 337 -14.00 -28.22 68.29
C VAL A 337 -13.30 -29.40 68.91
N PHE A 338 -11.97 -29.46 68.80
CA PHE A 338 -11.16 -30.52 69.40
C PHE A 338 -10.41 -29.98 70.60
N VAL A 339 -10.52 -30.66 71.73
CA VAL A 339 -9.95 -30.15 72.97
C VAL A 339 -9.17 -31.23 73.71
N GLU A 340 -7.99 -30.86 74.19
CA GLU A 340 -7.11 -31.78 74.89
C GLU A 340 -7.74 -32.12 76.25
N GLU A 341 -7.64 -33.39 76.67
CA GLU A 341 -8.38 -33.88 77.86
C GLU A 341 -8.07 -33.12 79.15
N GLN A 342 -6.83 -32.63 79.28
CA GLN A 342 -6.41 -31.92 80.48
C GLN A 342 -7.32 -30.73 80.76
N VAL A 343 -7.76 -30.06 79.70
CA VAL A 343 -8.58 -28.85 79.83
C VAL A 343 -10.00 -29.03 79.29
N TYR A 344 -10.31 -30.26 78.87
CA TYR A 344 -11.56 -30.54 78.20
C TYR A 344 -12.78 -30.21 79.03
N SER A 345 -12.86 -30.78 80.22
CA SER A 345 -14.08 -30.65 81.04
C SER A 345 -14.43 -29.20 81.27
N GLU A 346 -13.46 -28.42 81.72
CA GLU A 346 -13.65 -26.99 81.89
C GLU A 346 -13.97 -26.26 80.57
N PHE A 347 -13.32 -26.64 79.48
CA PHE A 347 -13.67 -26.06 78.18
C PHE A 347 -15.17 -26.16 77.98
N VAL A 348 -15.70 -27.34 78.21
CA VAL A 348 -17.10 -27.57 77.95
C VAL A 348 -17.86 -26.67 78.90
N ARG A 349 -17.44 -26.65 80.17
CA ARG A 349 -18.13 -25.87 81.21
C ARG A 349 -18.19 -24.38 80.86
N ARG A 350 -17.06 -23.80 80.45
CA ARG A 350 -17.04 -22.38 80.05
C ARG A 350 -17.83 -22.15 78.77
N SER A 351 -17.78 -23.11 77.86
CA SER A 351 -18.48 -23.02 76.57
C SER A 351 -19.99 -23.14 76.69
N VAL A 352 -20.45 -23.76 77.78
CA VAL A 352 -21.87 -23.87 78.11
C VAL A 352 -22.42 -22.52 78.56
N GLU A 353 -21.64 -21.82 79.37
CA GLU A 353 -22.03 -20.50 79.83
C GLU A 353 -22.36 -19.64 78.61
N TYR A 354 -21.36 -19.42 77.76
CA TYR A 354 -21.54 -18.60 76.55
C TYR A 354 -22.78 -18.98 75.71
N ALA A 355 -23.04 -20.28 75.57
CA ALA A 355 -24.18 -20.73 74.76
C ALA A 355 -25.50 -20.22 75.33
N LYS A 356 -25.69 -20.41 76.63
CA LYS A 356 -26.93 -20.06 77.30
C LYS A 356 -27.10 -18.55 77.49
N LYS A 357 -26.02 -17.86 77.82
CA LYS A 357 -26.06 -16.41 77.98
C LYS A 357 -26.31 -15.65 76.66
N ARG A 358 -26.18 -16.32 75.52
CA ARG A 358 -26.21 -15.63 74.22
C ARG A 358 -27.62 -15.18 73.86
N PRO A 359 -27.81 -13.87 73.65
CA PRO A 359 -29.13 -13.33 73.37
C PRO A 359 -29.69 -13.71 72.01
N VAL A 360 -30.89 -14.28 72.02
CA VAL A 360 -31.61 -14.65 70.79
C VAL A 360 -32.92 -13.86 70.67
N GLY A 361 -33.25 -13.44 69.45
CA GLY A 361 -34.48 -12.68 69.24
C GLY A 361 -34.56 -11.82 68.00
N ASP A 362 -35.09 -10.59 68.16
CA ASP A 362 -35.32 -9.70 67.05
C ASP A 362 -33.96 -9.26 66.52
N PRO A 363 -33.75 -9.37 65.20
CA PRO A 363 -32.59 -8.85 64.50
C PRO A 363 -32.36 -7.37 64.77
N PHE A 364 -33.46 -6.62 64.82
CA PHE A 364 -33.42 -5.16 64.96
C PHE A 364 -33.13 -4.64 66.37
N ASP A 365 -33.40 -5.43 67.41
CA ASP A 365 -33.05 -5.05 68.80
C ASP A 365 -31.55 -5.09 69.07
N VAL A 366 -31.06 -4.02 69.68
CA VAL A 366 -29.63 -3.76 69.77
C VAL A 366 -28.91 -4.86 70.56
N LYS A 367 -29.64 -5.57 71.42
CA LYS A 367 -28.98 -6.57 72.29
C LYS A 367 -28.98 -7.99 71.73
N THR A 368 -29.65 -8.23 70.61
CA THR A 368 -29.73 -9.57 70.02
C THR A 368 -28.45 -9.90 69.27
N GLU A 369 -27.92 -11.10 69.53
CA GLU A 369 -26.77 -11.61 68.77
C GLU A 369 -27.19 -12.76 67.85
N GLN A 370 -28.38 -13.31 68.08
CA GLN A 370 -28.86 -14.48 67.35
C GLN A 370 -30.28 -14.29 66.84
N GLY A 371 -30.44 -14.49 65.54
CA GLY A 371 -31.71 -14.29 64.85
C GLY A 371 -32.22 -15.58 64.27
N PRO A 372 -33.26 -15.51 63.45
CA PRO A 372 -33.87 -16.71 62.97
C PRO A 372 -33.02 -17.41 61.91
N GLN A 373 -33.17 -18.72 61.83
CA GLN A 373 -32.64 -19.50 60.74
C GLN A 373 -33.38 -19.06 59.48
N ILE A 374 -32.67 -19.01 58.37
CA ILE A 374 -33.19 -18.26 57.24
C ILE A 374 -34.60 -18.64 56.83
N ASP A 375 -34.89 -19.94 56.84
CA ASP A 375 -36.21 -20.43 56.45
C ASP A 375 -36.49 -21.86 56.96
N GLN A 376 -37.69 -22.35 56.66
CA GLN A 376 -38.21 -23.61 57.20
C GLN A 376 -37.26 -24.79 56.97
N LYS A 377 -36.70 -24.87 55.77
CA LYS A 377 -35.79 -25.96 55.41
C LYS A 377 -34.59 -26.11 56.35
N GLN A 378 -33.85 -25.03 56.54
CA GLN A 378 -32.62 -25.07 57.35
C GLN A 378 -32.97 -25.32 58.81
N PHE A 379 -34.11 -24.76 59.22
CA PHE A 379 -34.68 -24.97 60.54
C PHE A 379 -34.92 -26.46 60.80
N ASP A 380 -35.43 -27.16 59.80
CA ASP A 380 -35.55 -28.62 59.86
C ASP A 380 -34.18 -29.29 59.84
N LYS A 381 -33.44 -29.04 58.78
CA LYS A 381 -32.14 -29.67 58.60
C LYS A 381 -31.35 -29.60 59.90
N ILE A 382 -31.32 -28.43 60.51
CA ILE A 382 -30.62 -28.28 61.78
C ILE A 382 -31.24 -29.14 62.88
N LEU A 383 -32.57 -29.10 62.99
CA LEU A 383 -33.29 -29.86 64.02
C LEU A 383 -33.11 -31.36 63.87
N GLU A 384 -33.42 -31.86 62.68
CA GLU A 384 -33.22 -33.26 62.37
C GLU A 384 -31.86 -33.71 62.92
N LEU A 385 -30.83 -32.97 62.58
CA LEU A 385 -29.46 -33.36 62.89
C LEU A 385 -29.12 -33.27 64.39
N ILE A 386 -29.78 -32.37 65.10
CA ILE A 386 -29.64 -32.25 66.54
C ILE A 386 -30.17 -33.50 67.22
N GLU A 387 -31.27 -34.02 66.69
CA GLU A 387 -31.81 -35.26 67.21
C GLU A 387 -30.76 -36.35 66.96
N SER A 388 -30.15 -36.33 65.78
CA SER A 388 -29.10 -37.29 65.44
C SER A 388 -28.00 -37.37 66.51
N GLY A 389 -27.55 -36.22 66.98
CA GLY A 389 -26.52 -36.16 68.02
C GLY A 389 -26.90 -36.85 69.33
N LYS A 390 -28.18 -36.81 69.66
CA LYS A 390 -28.75 -37.55 70.78
C LYS A 390 -28.96 -39.04 70.42
N LYS A 391 -29.49 -39.31 69.23
CA LYS A 391 -29.64 -40.70 68.75
C LYS A 391 -28.32 -41.42 68.43
N GLU A 392 -27.17 -40.71 68.43
CA GLU A 392 -25.85 -41.35 68.31
C GLU A 392 -25.06 -41.28 69.63
N GLY A 393 -25.70 -40.80 70.69
CA GLY A 393 -25.17 -40.95 72.05
C GLY A 393 -24.27 -39.84 72.58
N ALA A 394 -24.39 -38.64 72.04
CA ALA A 394 -23.58 -37.50 72.50
C ALA A 394 -24.23 -36.83 73.67
N LYS A 395 -23.44 -36.45 74.67
CA LYS A 395 -23.98 -35.81 75.87
C LYS A 395 -24.32 -34.34 75.66
N LEU A 396 -25.61 -34.06 75.59
CA LEU A 396 -26.14 -32.73 75.35
C LEU A 396 -25.99 -31.82 76.56
N GLU A 397 -25.38 -30.67 76.36
CA GLU A 397 -25.01 -29.78 77.46
C GLU A 397 -25.82 -28.46 77.54
N CYS A 398 -26.44 -28.04 76.42
CA CYS A 398 -27.40 -26.92 76.39
C CYS A 398 -28.32 -27.12 75.21
N GLY A 399 -29.43 -26.37 75.22
CA GLY A 399 -30.37 -26.34 74.10
C GLY A 399 -30.91 -27.70 73.68
N GLY A 400 -30.89 -27.95 72.37
CA GLY A 400 -31.36 -29.22 71.82
C GLY A 400 -32.74 -29.15 71.18
N SER A 401 -33.29 -27.95 71.07
CA SER A 401 -34.64 -27.77 70.55
C SER A 401 -34.82 -26.39 69.95
N ALA A 402 -35.85 -26.25 69.12
CA ALA A 402 -36.34 -24.93 68.78
C ALA A 402 -36.58 -24.17 70.08
N MET A 403 -36.73 -22.85 70.00
CA MET A 403 -36.87 -22.03 71.22
C MET A 403 -38.34 -21.68 71.59
N GLU A 404 -39.14 -21.34 70.59
CA GLU A 404 -40.56 -21.01 70.78
C GLU A 404 -41.23 -21.14 69.41
N ASP A 405 -42.52 -21.47 69.43
CA ASP A 405 -43.23 -21.88 68.21
C ASP A 405 -43.39 -20.75 67.19
N LYS A 406 -43.36 -19.50 67.68
CA LYS A 406 -43.48 -18.29 66.83
C LYS A 406 -42.85 -18.50 65.45
N GLY A 407 -41.61 -19.01 65.46
CA GLY A 407 -40.79 -18.98 64.27
C GLY A 407 -39.58 -19.88 64.38
N LEU A 408 -38.55 -19.51 63.63
CA LEU A 408 -37.42 -20.37 63.29
C LEU A 408 -36.23 -20.09 64.17
N PHE A 409 -36.42 -20.12 65.48
CA PHE A 409 -35.34 -19.73 66.35
C PHE A 409 -34.89 -20.99 67.07
N ILE A 410 -33.61 -21.33 66.95
CA ILE A 410 -33.06 -22.51 67.58
C ILE A 410 -32.13 -22.14 68.73
N LYS A 411 -32.34 -22.77 69.87
CA LYS A 411 -31.53 -22.51 71.05
C LYS A 411 -30.09 -22.84 70.70
N PRO A 412 -29.15 -22.01 71.16
CA PRO A 412 -27.75 -22.39 71.16
C PRO A 412 -27.54 -23.78 71.80
N THR A 413 -26.87 -24.68 71.08
CA THR A 413 -26.73 -26.06 71.54
C THR A 413 -25.28 -26.47 71.56
N VAL A 414 -24.86 -27.14 72.63
CA VAL A 414 -23.50 -27.67 72.79
C VAL A 414 -23.53 -29.18 73.04
N PHE A 415 -22.77 -29.95 72.25
CA PHE A 415 -22.59 -31.39 72.46
C PHE A 415 -21.21 -31.70 72.98
N SER A 416 -21.11 -32.73 73.80
CA SER A 416 -19.83 -33.15 74.39
C SER A 416 -19.76 -34.64 74.24
N GLU A 417 -18.67 -35.25 74.69
CA GLU A 417 -18.40 -36.65 74.38
C GLU A 417 -18.77 -36.87 72.92
N VAL A 418 -18.21 -36.04 72.06
CA VAL A 418 -18.46 -36.19 70.64
C VAL A 418 -17.31 -37.03 70.07
N THR A 419 -17.58 -37.75 68.99
CA THR A 419 -16.56 -38.60 68.34
C THR A 419 -16.60 -38.48 66.81
N ASP A 420 -15.47 -38.82 66.19
CA ASP A 420 -15.28 -38.63 64.74
C ASP A 420 -16.43 -39.15 63.85
N ASN A 421 -17.13 -40.20 64.28
CA ASN A 421 -18.10 -40.86 63.39
C ASN A 421 -19.57 -40.48 63.53
N MET A 422 -19.90 -39.63 64.49
CA MET A 422 -21.27 -39.13 64.64
C MET A 422 -21.58 -38.21 63.46
N ARG A 423 -22.85 -38.01 63.17
CA ARG A 423 -23.24 -37.25 61.99
C ARG A 423 -22.97 -35.78 62.21
N ILE A 424 -23.25 -35.32 63.43
CA ILE A 424 -22.92 -33.95 63.83
C ILE A 424 -21.42 -33.73 63.84
N ALA A 425 -20.66 -34.80 63.64
CA ALA A 425 -19.21 -34.70 63.47
C ALA A 425 -18.73 -34.98 62.04
N LYS A 426 -19.63 -35.26 61.11
CA LYS A 426 -19.24 -35.47 59.70
C LYS A 426 -19.94 -34.47 58.78
N GLU A 427 -21.18 -34.13 59.13
CA GLU A 427 -22.03 -33.33 58.29
C GLU A 427 -22.01 -31.85 58.69
N GLU A 428 -22.28 -31.03 57.67
CA GLU A 428 -22.34 -29.58 57.82
C GLU A 428 -23.68 -29.20 58.42
N ILE A 429 -23.66 -28.80 59.68
CA ILE A 429 -24.91 -28.49 60.39
C ILE A 429 -25.54 -27.18 59.97
N PHE A 430 -24.70 -26.17 59.67
CA PHE A 430 -25.15 -24.81 59.29
C PHE A 430 -26.20 -24.22 60.21
N GLY A 431 -26.03 -24.47 61.51
CA GLY A 431 -26.92 -23.94 62.54
C GLY A 431 -26.20 -23.81 63.87
N PRO A 432 -26.86 -23.21 64.86
CA PRO A 432 -26.26 -23.03 66.18
C PRO A 432 -25.99 -24.34 66.97
N VAL A 433 -24.95 -25.06 66.60
CA VAL A 433 -24.59 -26.30 67.28
C VAL A 433 -23.08 -26.45 67.45
N GLN A 434 -22.61 -26.64 68.67
CA GLN A 434 -21.19 -26.71 68.97
C GLN A 434 -20.76 -28.12 69.38
N PRO A 435 -20.26 -28.92 68.44
CA PRO A 435 -19.74 -30.22 68.82
C PRO A 435 -18.36 -30.12 69.44
N ILE A 436 -18.18 -30.66 70.64
CA ILE A 436 -16.86 -30.69 71.29
C ILE A 436 -16.27 -32.10 71.39
N LEU A 437 -15.21 -32.35 70.62
CA LEU A 437 -14.50 -33.63 70.64
C LEU A 437 -13.26 -33.57 71.51
N LYS A 438 -12.51 -34.64 71.52
CA LYS A 438 -11.38 -34.79 72.41
C LYS A 438 -10.21 -35.49 71.73
N PHE A 439 -9.02 -35.19 72.21
CA PHE A 439 -7.84 -35.80 71.67
C PHE A 439 -6.75 -35.69 72.71
N LYS A 440 -5.63 -36.32 72.40
CA LYS A 440 -4.51 -36.41 73.32
C LYS A 440 -3.20 -35.90 72.72
N SER A 441 -2.89 -36.28 71.50
CA SER A 441 -1.67 -35.80 70.88
C SER A 441 -1.93 -34.94 69.63
N ILE A 442 -1.03 -34.00 69.43
CA ILE A 442 -1.01 -33.14 68.24
C ILE A 442 -1.03 -33.97 66.94
N GLU A 443 -0.17 -34.99 66.87
CA GLU A 443 0.00 -35.78 65.65
C GLU A 443 -1.32 -36.49 65.39
N GLU A 444 -1.95 -36.90 66.50
CA GLU A 444 -3.31 -37.48 66.46
C GLU A 444 -4.33 -36.48 65.89
N VAL A 445 -4.41 -35.28 66.46
CA VAL A 445 -5.44 -34.31 66.09
C VAL A 445 -5.32 -33.83 64.65
N ILE A 446 -4.09 -33.79 64.13
CA ILE A 446 -3.81 -33.42 62.72
C ILE A 446 -4.43 -34.37 61.67
N LYS A 447 -4.35 -35.67 61.95
CA LYS A 447 -4.98 -36.72 61.15
C LYS A 447 -6.51 -36.65 61.20
N ARG A 448 -7.04 -36.49 62.43
CA ARG A 448 -8.48 -36.38 62.67
C ARG A 448 -9.03 -35.12 62.03
N ALA A 449 -8.35 -33.99 62.25
CA ALA A 449 -8.61 -32.76 61.50
C ALA A 449 -8.60 -32.97 59.99
N ASN A 450 -7.56 -33.61 59.47
CA ASN A 450 -7.46 -33.77 58.01
C ASN A 450 -8.26 -34.92 57.38
N SER A 451 -9.06 -35.63 58.19
CA SER A 451 -9.81 -36.79 57.71
C SER A 451 -10.86 -36.54 56.63
N THR A 452 -11.35 -35.30 56.49
CA THR A 452 -12.47 -35.01 55.56
C THR A 452 -12.04 -34.59 54.16
N ASP A 453 -13.03 -34.42 53.28
CA ASP A 453 -12.80 -34.05 51.87
C ASP A 453 -12.70 -32.51 51.68
N TYR A 454 -13.01 -31.77 52.74
CA TYR A 454 -13.04 -30.31 52.71
C TYR A 454 -11.83 -29.68 53.40
N GLY A 455 -11.52 -28.44 53.07
CA GLY A 455 -10.42 -27.73 53.72
C GLY A 455 -10.48 -26.21 53.63
N LEU A 456 -11.47 -25.60 54.24
CA LEU A 456 -11.66 -24.18 54.07
C LEU A 456 -10.85 -23.46 55.11
N THR A 457 -11.15 -23.75 56.36
CA THR A 457 -10.69 -22.98 57.48
C THR A 457 -10.18 -23.96 58.53
N ALA A 458 -9.19 -23.53 59.29
CA ALA A 458 -8.86 -24.23 60.53
C ALA A 458 -8.45 -23.19 61.55
N ALA A 459 -8.49 -23.55 62.81
CA ALA A 459 -8.11 -22.64 63.84
C ALA A 459 -7.34 -23.45 64.85
N VAL A 460 -6.44 -22.79 65.53
CA VAL A 460 -5.58 -23.43 66.48
C VAL A 460 -5.44 -22.50 67.66
N PHE A 461 -5.52 -23.03 68.87
CA PHE A 461 -5.27 -22.25 70.09
C PHE A 461 -4.18 -22.89 70.91
N THR A 462 -3.08 -22.16 71.08
CA THR A 462 -1.97 -22.58 71.89
C THR A 462 -1.02 -21.44 72.13
N LYS A 463 -0.25 -21.55 73.20
CA LYS A 463 0.78 -20.58 73.48
C LYS A 463 2.12 -21.04 72.94
N ASN A 464 2.22 -22.27 72.46
CA ASN A 464 3.50 -22.84 72.03
C ASN A 464 3.87 -22.45 70.58
N LEU A 465 4.99 -21.74 70.44
CA LEU A 465 5.48 -21.31 69.12
C LEU A 465 5.65 -22.45 68.15
N ASP A 466 6.28 -23.52 68.61
CA ASP A 466 6.49 -24.72 67.81
C ASP A 466 5.19 -25.43 67.46
N LYS A 467 4.30 -25.64 68.43
CA LYS A 467 3.05 -26.35 68.11
C LYS A 467 2.30 -25.57 67.07
N ALA A 468 2.26 -24.25 67.25
CA ALA A 468 1.43 -23.40 66.44
C ALA A 468 1.87 -23.45 64.99
N LEU A 469 3.17 -23.49 64.76
CA LEU A 469 3.64 -23.47 63.39
C LEU A 469 3.65 -24.85 62.79
N LYS A 470 3.74 -25.87 63.63
CA LYS A 470 3.62 -27.23 63.17
C LYS A 470 2.22 -27.42 62.63
N LEU A 471 1.23 -27.19 63.49
CA LEU A 471 -0.15 -27.34 63.09
C LEU A 471 -0.43 -26.56 61.81
N ALA A 472 -0.09 -25.27 61.82
CA ALA A 472 -0.30 -24.41 60.67
C ALA A 472 0.26 -24.99 59.38
N SER A 473 1.41 -25.64 59.46
CA SER A 473 1.99 -26.27 58.26
C SER A 473 1.19 -27.49 57.88
N ALA A 474 0.72 -28.25 58.89
CA ALA A 474 0.12 -29.56 58.67
C ALA A 474 -1.30 -29.53 58.24
N LEU A 475 -2.05 -28.56 58.70
CA LEU A 475 -3.47 -28.55 58.45
C LEU A 475 -3.73 -28.21 57.00
N GLU A 476 -4.56 -29.03 56.36
CA GLU A 476 -4.92 -28.89 54.94
C GLU A 476 -6.17 -28.05 54.83
N SER A 477 -6.00 -26.78 55.14
CA SER A 477 -7.05 -25.76 55.10
C SER A 477 -6.46 -24.56 54.38
N GLY A 478 -7.28 -23.81 53.67
CA GLY A 478 -6.81 -22.60 52.98
C GLY A 478 -6.47 -21.44 53.90
N THR A 479 -7.16 -21.33 55.04
CA THR A 479 -6.83 -20.38 56.08
C THR A 479 -6.68 -21.10 57.41
N VAL A 480 -5.55 -20.88 58.07
CA VAL A 480 -5.34 -21.38 59.41
C VAL A 480 -5.28 -20.19 60.34
N TRP A 481 -6.10 -20.18 61.37
CA TRP A 481 -6.09 -19.11 62.35
C TRP A 481 -5.38 -19.62 63.59
N ILE A 482 -4.66 -18.72 64.26
CA ILE A 482 -3.94 -19.03 65.50
C ILE A 482 -4.29 -17.98 66.55
N ASN A 483 -4.76 -18.44 67.70
CA ASN A 483 -5.29 -17.56 68.74
C ASN A 483 -6.25 -16.51 68.17
N CYS A 484 -7.05 -16.89 67.17
CA CYS A 484 -8.13 -16.02 66.69
C CYS A 484 -9.08 -16.80 65.82
N TYR A 485 -10.23 -16.22 65.52
CA TYR A 485 -11.21 -16.90 64.68
C TYR A 485 -12.05 -15.94 63.88
N ASN A 486 -12.26 -16.26 62.62
CA ASN A 486 -12.99 -15.40 61.69
C ASN A 486 -12.29 -14.05 61.42
N ALA A 487 -10.98 -14.00 61.62
CA ALA A 487 -10.17 -12.85 61.20
C ALA A 487 -9.92 -12.83 59.66
N LEU A 488 -10.73 -12.10 58.92
CA LEU A 488 -10.50 -12.04 57.48
C LEU A 488 -10.15 -10.60 57.10
N TYR A 489 -9.35 -10.46 56.04
CA TYR A 489 -8.94 -9.14 55.52
C TYR A 489 -9.01 -9.09 54.01
N ALA A 490 -9.36 -7.95 53.46
CA ALA A 490 -9.53 -7.88 52.02
C ALA A 490 -8.23 -8.16 51.31
N GLN A 491 -7.12 -7.98 52.05
CA GLN A 491 -5.78 -8.12 51.49
C GLN A 491 -5.24 -9.52 51.64
N ALA A 492 -5.92 -10.31 52.48
CA ALA A 492 -5.59 -11.70 52.69
C ALA A 492 -6.55 -12.63 51.94
N PRO A 493 -5.99 -13.58 51.16
CA PRO A 493 -6.80 -14.40 50.28
C PRO A 493 -7.55 -15.45 51.02
N PHE A 494 -8.62 -15.93 50.40
CA PHE A 494 -9.60 -16.83 51.02
C PHE A 494 -10.13 -17.82 50.00
N GLY A 495 -10.13 -19.09 50.39
CA GLY A 495 -10.63 -20.17 49.53
C GLY A 495 -10.18 -21.51 50.07
N GLY A 496 -10.47 -22.57 49.32
CA GLY A 496 -10.31 -23.92 49.85
C GLY A 496 -9.37 -24.94 49.22
N PHE A 497 -8.91 -25.84 50.09
CA PHE A 497 -8.14 -27.02 49.71
C PHE A 497 -9.12 -28.08 49.33
N LYS A 498 -8.71 -28.97 48.44
CA LYS A 498 -9.53 -30.08 48.11
C LYS A 498 -10.98 -29.64 47.68
N MET A 499 -11.99 -30.21 48.32
CA MET A 499 -13.37 -30.04 47.87
C MET A 499 -14.12 -28.87 48.52
N SER A 500 -13.36 -27.97 49.15
CA SER A 500 -13.91 -26.74 49.61
C SER A 500 -13.73 -25.63 48.59
N GLY A 501 -13.15 -25.91 47.42
CA GLY A 501 -13.16 -24.93 46.31
C GLY A 501 -11.86 -24.80 45.54
N ASN A 502 -11.81 -23.94 44.54
CA ASN A 502 -10.74 -23.93 43.58
C ASN A 502 -9.79 -22.71 43.56
N GLY A 503 -10.32 -21.51 43.33
CA GLY A 503 -9.45 -20.34 43.15
C GLY A 503 -9.12 -19.74 44.48
N ARG A 504 -8.89 -18.42 44.52
CA ARG A 504 -8.96 -17.66 45.77
C ARG A 504 -9.71 -16.35 45.61
N GLU A 505 -10.17 -15.83 46.73
CA GLU A 505 -10.88 -14.55 46.75
C GLU A 505 -10.24 -13.64 47.76
N LEU A 506 -10.41 -12.32 47.58
CA LEU A 506 -9.63 -11.37 48.38
C LEU A 506 -8.13 -11.51 48.06
N GLY A 507 -7.37 -10.47 48.43
CA GLY A 507 -5.93 -10.40 48.16
C GLY A 507 -5.52 -10.14 46.73
N GLU A 508 -4.20 -10.02 46.56
CA GLU A 508 -3.56 -9.86 45.25
C GLU A 508 -3.79 -11.10 44.41
N TYR A 509 -3.98 -12.20 45.12
CA TYR A 509 -4.32 -13.50 44.56
C TYR A 509 -5.61 -13.46 43.76
N ALA A 510 -6.61 -12.81 44.31
CA ALA A 510 -7.86 -12.60 43.62
C ALA A 510 -7.79 -12.00 42.19
N LEU A 511 -6.78 -11.20 41.88
CA LEU A 511 -6.66 -10.67 40.54
C LEU A 511 -6.24 -11.72 39.46
N ALA A 512 -5.82 -12.90 39.91
CA ALA A 512 -5.39 -13.95 38.99
C ALA A 512 -6.59 -14.59 38.36
N GLU A 513 -7.70 -14.57 39.09
CA GLU A 513 -8.94 -15.21 38.63
C GLU A 513 -9.71 -14.31 37.64
N TYR A 514 -9.35 -13.01 37.60
CA TYR A 514 -9.99 -12.05 36.69
C TYR A 514 -9.07 -11.52 35.57
N THR A 515 -7.98 -12.22 35.33
CA THR A 515 -7.01 -11.81 34.32
C THR A 515 -6.57 -13.00 33.52
N GLU A 516 -6.22 -12.72 32.28
CA GLU A 516 -5.75 -13.71 31.32
C GLU A 516 -4.39 -13.26 30.91
N VAL A 517 -3.43 -14.17 31.02
CA VAL A 517 -2.07 -13.79 30.71
C VAL A 517 -1.81 -13.89 29.21
N LYS A 518 -1.39 -12.77 28.62
CA LYS A 518 -1.07 -12.74 27.23
C LYS A 518 0.37 -12.49 27.20
N THR A 519 1.10 -13.32 26.48
CA THR A 519 2.53 -13.19 26.22
C THR A 519 2.81 -12.55 24.86
N VAL A 520 3.52 -11.43 24.85
CA VAL A 520 3.89 -10.83 23.59
C VAL A 520 5.37 -11.01 23.42
N THR A 521 5.77 -11.53 22.28
CA THR A 521 7.19 -11.85 21.97
C THR A 521 7.53 -11.25 20.61
N ILE A 522 8.57 -10.41 20.61
CA ILE A 522 8.95 -9.60 19.46
C ILE A 522 10.39 -9.92 19.12
N LYS A 523 10.63 -10.25 17.86
CA LYS A 523 11.96 -10.46 17.39
C LYS A 523 12.31 -9.28 16.51
N LEU A 524 13.40 -8.60 16.85
CA LEU A 524 13.89 -7.45 16.11
C LEU A 524 14.79 -7.90 14.98
N ARG B 39 25.61 -40.03 14.13
CA ARG B 39 24.51 -39.58 15.06
C ARG B 39 23.35 -40.55 14.96
N PRO B 40 22.68 -40.64 13.77
CA PRO B 40 21.49 -41.50 13.79
C PRO B 40 21.78 -42.88 14.38
N ILE B 41 20.85 -43.39 15.17
CA ILE B 41 20.92 -44.75 15.69
C ILE B 41 19.69 -45.45 15.13
N ARG B 42 19.84 -46.04 13.94
CA ARG B 42 18.65 -46.50 13.20
C ARG B 42 17.99 -47.77 13.72
N ASN B 43 18.78 -48.68 14.30
CA ASN B 43 18.28 -50.00 14.75
C ASN B 43 18.07 -50.11 16.26
N LEU B 44 17.71 -49.00 16.90
CA LEU B 44 17.79 -48.88 18.36
C LEU B 44 16.85 -49.81 19.09
N GLU B 45 17.40 -50.57 20.03
CA GLU B 45 16.60 -51.46 20.87
C GLU B 45 15.82 -50.66 21.94
N VAL B 46 14.57 -51.06 22.15
CA VAL B 46 13.75 -50.45 23.18
C VAL B 46 13.93 -51.22 24.46
N LYS B 47 14.42 -50.53 25.48
CA LYS B 47 14.77 -51.16 26.75
C LYS B 47 13.66 -51.13 27.81
N PHE B 48 12.71 -50.22 27.65
CA PHE B 48 11.69 -49.94 28.67
C PHE B 48 10.26 -49.95 28.09
N THR B 49 9.43 -50.82 28.63
CA THR B 49 8.12 -51.12 28.03
C THR B 49 7.08 -51.43 29.08
N LYS B 50 7.41 -51.18 30.35
CA LYS B 50 6.60 -51.61 31.48
C LYS B 50 6.12 -50.39 32.26
N ILE B 51 5.35 -50.65 33.32
CA ILE B 51 4.78 -49.59 34.12
C ILE B 51 5.76 -49.17 35.24
N PHE B 52 6.11 -47.89 35.24
CA PHE B 52 7.03 -47.31 36.22
C PHE B 52 6.21 -46.86 37.39
N ILE B 53 6.37 -47.49 38.52
CA ILE B 53 5.70 -47.04 39.73
C ILE B 53 6.63 -47.42 40.85
N ASN B 54 6.97 -46.47 41.70
CA ASN B 54 7.93 -46.68 42.77
C ASN B 54 9.30 -47.11 42.29
N ASN B 55 9.74 -46.51 41.20
CA ASN B 55 11.10 -46.71 40.72
C ASN B 55 11.39 -48.20 40.48
N GLU B 56 10.33 -48.92 40.12
CA GLU B 56 10.42 -50.35 39.88
C GLU B 56 9.57 -50.68 38.65
N TRP B 57 9.90 -51.73 37.94
CA TRP B 57 9.20 -52.00 36.71
C TRP B 57 8.14 -53.10 36.82
N HIS B 58 7.00 -52.83 36.20
CA HIS B 58 5.81 -53.56 36.50
C HIS B 58 5.06 -53.96 35.30
N GLU B 59 4.32 -55.05 35.48
CA GLU B 59 3.50 -55.65 34.48
C GLU B 59 2.10 -55.26 34.79
N SER B 60 1.23 -55.33 33.79
CA SER B 60 -0.17 -54.91 33.93
C SER B 60 -0.74 -55.73 35.02
N LYS B 61 -1.81 -55.28 35.67
CA LYS B 61 -2.53 -56.20 36.58
C LYS B 61 -3.32 -57.24 35.78
N SER B 62 -3.91 -56.80 34.68
CA SER B 62 -4.51 -57.70 33.71
C SER B 62 -3.51 -58.64 33.05
N GLY B 63 -2.31 -58.18 32.80
CA GLY B 63 -1.41 -58.90 31.92
C GLY B 63 -1.52 -58.45 30.48
N LYS B 64 -2.42 -57.53 30.17
CA LYS B 64 -2.55 -57.06 28.79
C LYS B 64 -1.37 -56.23 28.36
N LYS B 65 -1.14 -56.25 27.05
CA LYS B 65 -0.22 -55.33 26.38
C LYS B 65 -0.93 -54.77 25.18
N PHE B 66 -0.40 -53.68 24.67
CA PHE B 66 -0.79 -53.14 23.36
C PHE B 66 0.52 -52.87 22.68
N ALA B 67 0.48 -52.43 21.44
CA ALA B 67 1.67 -52.51 20.63
C ALA B 67 1.89 -51.28 19.82
N THR B 68 3.00 -50.58 20.06
CA THR B 68 3.31 -49.36 19.27
C THR B 68 4.18 -49.57 18.06
N CYS B 69 3.98 -48.70 17.08
CA CYS B 69 4.44 -48.90 15.71
C CYS B 69 5.17 -47.71 15.14
N ASN B 70 6.21 -47.97 14.36
CA ASN B 70 6.92 -46.90 13.68
C ASN B 70 6.07 -46.37 12.54
N PRO B 71 5.44 -45.20 12.70
CA PRO B 71 4.63 -44.63 11.63
C PRO B 71 5.31 -44.65 10.30
N SER B 72 6.62 -44.43 10.29
CA SER B 72 7.36 -44.41 9.04
C SER B 72 7.40 -45.80 8.35
N THR B 73 7.73 -46.85 9.10
CA THR B 73 7.72 -48.19 8.55
C THR B 73 6.33 -48.87 8.52
N ARG B 74 5.36 -48.34 9.24
CA ARG B 74 4.09 -49.05 9.51
C ARG B 74 4.26 -50.36 10.32
N GLU B 75 5.48 -50.68 10.71
CA GLU B 75 5.75 -51.94 11.34
C GLU B 75 5.89 -51.80 12.85
N GLN B 76 5.35 -52.78 13.56
CA GLN B 76 5.41 -52.85 15.01
C GLN B 76 6.84 -52.74 15.52
N ILE B 77 6.99 -52.04 16.64
CA ILE B 77 8.27 -51.85 17.31
C ILE B 77 8.34 -52.86 18.40
N CYS B 78 7.47 -52.74 19.40
CA CYS B 78 7.39 -53.67 20.51
C CYS B 78 6.01 -53.56 21.16
N GLU B 79 5.74 -54.48 22.09
CA GLU B 79 4.55 -54.42 22.94
C GLU B 79 4.96 -53.70 24.21
N VAL B 80 4.13 -52.77 24.66
CA VAL B 80 4.35 -52.17 25.96
C VAL B 80 3.12 -52.51 26.81
N GLU B 81 3.29 -52.49 28.13
CA GLU B 81 2.22 -52.90 29.03
C GLU B 81 0.99 -51.96 28.97
N GLU B 82 -0.21 -52.53 28.94
CA GLU B 82 -1.46 -51.74 28.83
C GLU B 82 -2.05 -51.62 30.21
N GLY B 83 -2.03 -50.42 30.77
CA GLY B 83 -2.52 -50.20 32.12
C GLY B 83 -4.00 -49.96 32.03
N ASP B 84 -4.68 -50.20 33.14
CA ASP B 84 -6.10 -49.86 33.31
C ASP B 84 -6.33 -49.45 34.78
N LYS B 85 -7.60 -49.28 35.16
CA LYS B 85 -7.94 -48.69 36.44
C LYS B 85 -7.00 -49.14 37.56
N PRO B 86 -6.91 -50.47 37.84
CA PRO B 86 -6.10 -50.94 39.00
C PRO B 86 -4.64 -50.51 38.96
N ASP B 87 -4.08 -50.43 37.77
CA ASP B 87 -2.72 -49.92 37.59
C ASP B 87 -2.60 -48.44 38.05
N VAL B 88 -3.57 -47.63 37.65
CA VAL B 88 -3.64 -46.26 38.11
C VAL B 88 -3.77 -46.16 39.62
N ASP B 89 -4.60 -46.99 40.24
CA ASP B 89 -4.74 -46.92 41.71
C ASP B 89 -3.44 -47.18 42.43
N LYS B 90 -2.67 -48.10 41.85
CA LYS B 90 -1.40 -48.53 42.43
C LYS B 90 -0.46 -47.36 42.41
N ALA B 91 -0.43 -46.70 41.26
CA ALA B 91 0.46 -45.56 41.01
C ALA B 91 0.09 -44.37 41.90
N VAL B 92 -1.19 -44.04 41.95
CA VAL B 92 -1.68 -42.98 42.81
C VAL B 92 -1.42 -43.25 44.30
N GLU B 93 -1.53 -44.49 44.75
CA GLU B 93 -1.18 -44.75 46.13
C GLU B 93 0.31 -44.58 46.31
N ALA B 94 1.11 -44.89 45.30
CA ALA B 94 2.55 -44.61 45.44
C ALA B 94 2.79 -43.12 45.61
N ALA B 95 2.21 -42.35 44.70
CA ALA B 95 2.32 -40.90 44.68
C ALA B 95 1.96 -40.29 46.04
N GLN B 96 0.87 -40.78 46.64
CA GLN B 96 0.40 -40.27 47.94
C GLN B 96 1.36 -40.54 49.10
N VAL B 97 2.01 -41.70 49.06
CA VAL B 97 2.97 -42.10 50.09
C VAL B 97 4.23 -41.24 50.02
N ALA B 98 4.66 -41.00 48.78
CA ALA B 98 5.82 -40.16 48.51
C ALA B 98 5.54 -38.72 48.93
N PHE B 99 4.31 -38.28 48.68
CA PHE B 99 3.86 -36.97 49.12
C PHE B 99 3.39 -36.83 50.58
N GLN B 100 3.32 -37.91 51.33
CA GLN B 100 2.95 -37.79 52.74
C GLN B 100 3.90 -36.94 53.54
N ARG B 101 3.37 -36.32 54.57
CA ARG B 101 4.19 -35.49 55.41
C ARG B 101 5.15 -36.42 56.11
N GLY B 102 6.38 -35.97 56.30
CA GLY B 102 7.46 -36.81 56.80
C GLY B 102 8.18 -37.57 55.68
N SER B 103 7.54 -37.74 54.53
CA SER B 103 8.18 -38.40 53.40
C SER B 103 9.58 -37.84 53.14
N PRO B 104 10.47 -38.66 52.57
CA PRO B 104 11.78 -38.18 52.14
C PRO B 104 11.73 -37.03 51.12
N TRP B 105 10.97 -37.20 50.06
CA TRP B 105 10.77 -36.13 49.06
C TRP B 105 10.30 -34.81 49.64
N ARG B 106 9.55 -34.87 50.74
CA ARG B 106 9.02 -33.68 51.34
C ARG B 106 9.97 -33.06 52.29
N ARG B 107 10.91 -33.82 52.79
CA ARG B 107 11.84 -33.28 53.76
C ARG B 107 12.98 -32.61 53.06
N LEU B 108 13.21 -32.99 51.82
CA LEU B 108 14.19 -32.32 51.01
C LEU B 108 14.00 -30.83 51.15
N ASP B 109 15.11 -30.13 51.36
CA ASP B 109 15.15 -28.69 51.32
C ASP B 109 14.99 -28.20 49.86
N ALA B 110 14.89 -26.91 49.67
CA ALA B 110 14.36 -26.38 48.42
C ALA B 110 15.40 -26.46 47.32
N LEU B 111 16.64 -26.16 47.66
CA LEU B 111 17.68 -26.19 46.65
C LEU B 111 17.87 -27.60 46.12
N SER B 112 17.57 -28.57 46.96
CA SER B 112 17.80 -29.96 46.64
C SER B 112 16.80 -30.49 45.64
N ARG B 113 15.53 -30.06 45.73
CA ARG B 113 14.55 -30.34 44.66
C ARG B 113 15.09 -29.78 43.36
N GLY B 114 15.77 -28.66 43.45
CA GLY B 114 16.40 -28.07 42.27
C GLY B 114 17.59 -28.85 41.72
N ARG B 115 18.40 -29.43 42.62
CA ARG B 115 19.59 -30.21 42.23
C ARG B 115 19.13 -31.42 41.47
N LEU B 116 18.09 -32.06 41.97
CA LEU B 116 17.58 -33.29 41.35
C LEU B 116 17.21 -33.06 39.91
N LEU B 117 16.43 -32.01 39.66
CA LEU B 117 16.05 -31.62 38.31
C LEU B 117 17.27 -31.30 37.47
N HIS B 118 18.25 -30.63 38.06
CA HIS B 118 19.43 -30.25 37.28
C HIS B 118 20.05 -31.54 36.85
N GLN B 119 20.09 -32.48 37.79
CA GLN B 119 20.66 -33.78 37.49
C GLN B 119 19.91 -34.47 36.36
N LEU B 120 18.59 -34.38 36.42
CA LEU B 120 17.74 -35.08 35.48
C LEU B 120 17.90 -34.49 34.08
N ALA B 121 18.01 -33.17 34.01
CA ALA B 121 18.31 -32.55 32.73
C ALA B 121 19.64 -33.10 32.17
N ASP B 122 20.69 -33.08 32.97
CA ASP B 122 22.00 -33.61 32.58
C ASP B 122 21.93 -34.98 31.98
N LEU B 123 21.12 -35.85 32.57
CA LEU B 123 21.01 -37.19 32.06
C LEU B 123 20.24 -37.18 30.75
N VAL B 124 19.19 -36.35 30.63
CA VAL B 124 18.47 -36.26 29.33
C VAL B 124 19.48 -35.85 28.25
N GLU B 125 20.35 -34.92 28.62
CA GLU B 125 21.36 -34.38 27.73
C GLU B 125 22.35 -35.47 27.42
N ARG B 126 22.77 -36.20 28.44
CA ARG B 126 23.70 -37.32 28.22
C ARG B 126 23.11 -38.29 27.22
N ASP B 127 21.88 -38.73 27.50
CA ASP B 127 21.15 -39.70 26.70
C ASP B 127 20.26 -39.04 25.64
N ARG B 128 20.68 -37.86 25.21
CA ARG B 128 19.92 -37.04 24.28
C ARG B 128 19.59 -37.73 22.97
N ALA B 129 20.60 -38.37 22.39
CA ALA B 129 20.50 -38.96 21.06
C ALA B 129 19.58 -40.17 21.03
N THR B 130 19.61 -40.94 22.11
CA THR B 130 18.69 -42.06 22.31
C THR B 130 17.23 -41.58 22.31
N LEU B 131 16.92 -40.67 23.23
CA LEU B 131 15.61 -40.08 23.36
C LEU B 131 15.19 -39.48 22.06
N ALA B 132 16.12 -38.83 21.41
CA ALA B 132 15.84 -38.29 20.10
C ALA B 132 15.47 -39.44 19.16
N ALA B 133 16.28 -40.49 19.17
CA ALA B 133 16.04 -41.64 18.28
C ALA B 133 14.70 -42.37 18.59
N LEU B 134 14.39 -42.56 19.88
CA LEU B 134 13.14 -43.18 20.29
C LEU B 134 11.98 -42.29 19.90
N GLU B 135 12.12 -40.98 20.02
CA GLU B 135 11.01 -40.12 19.66
C GLU B 135 10.69 -40.30 18.19
N THR B 136 11.75 -40.31 17.36
CA THR B 136 11.58 -40.50 15.92
C THR B 136 10.93 -41.86 15.63
N MET B 137 11.36 -42.86 16.36
CA MET B 137 10.80 -44.17 16.18
C MET B 137 9.28 -44.24 16.41
N ASP B 138 8.73 -43.56 17.43
CA ASP B 138 7.26 -43.64 17.59
C ASP B 138 6.41 -42.56 16.92
N THR B 139 7.01 -41.40 16.64
CA THR B 139 6.28 -40.30 16.02
C THR B 139 6.43 -40.23 14.51
N GLY B 140 7.63 -40.50 14.00
CA GLY B 140 7.95 -40.21 12.59
C GLY B 140 8.64 -38.86 12.40
N LYS B 141 8.64 -38.07 13.46
CA LYS B 141 9.44 -36.84 13.53
C LYS B 141 10.86 -37.09 12.98
N PRO B 142 11.39 -36.16 12.17
CA PRO B 142 12.81 -36.25 11.83
C PRO B 142 13.72 -36.20 13.07
N PHE B 143 14.65 -37.14 13.18
CA PHE B 143 15.59 -37.21 14.30
C PHE B 143 16.32 -35.89 14.66
N LEU B 144 16.71 -35.13 13.65
CA LEU B 144 17.43 -33.87 13.90
C LEU B 144 16.53 -32.89 14.63
N HIS B 145 15.27 -32.89 14.19
CA HIS B 145 14.22 -32.06 14.77
C HIS B 145 13.99 -32.44 16.23
N ALA B 146 13.74 -33.73 16.48
CA ALA B 146 13.54 -34.23 17.84
C ALA B 146 14.72 -33.86 18.70
N PHE B 147 15.89 -34.05 18.13
CA PHE B 147 17.15 -33.79 18.80
C PHE B 147 17.31 -32.32 19.13
N PHE B 148 17.14 -31.46 18.13
CA PHE B 148 17.36 -30.02 18.32
C PHE B 148 16.16 -29.19 18.82
N ILE B 149 14.95 -29.75 18.74
CA ILE B 149 13.72 -29.03 19.09
C ILE B 149 13.08 -29.68 20.32
N ASP B 150 12.51 -30.85 20.16
CA ASP B 150 11.81 -31.55 21.27
C ASP B 150 12.70 -31.76 22.52
N LEU B 151 13.95 -32.16 22.27
CA LEU B 151 14.89 -32.49 23.34
C LEU B 151 15.56 -31.26 23.88
N GLU B 152 15.84 -30.28 23.00
CA GLU B 152 16.42 -29.01 23.44
C GLU B 152 15.45 -28.39 24.40
N GLY B 153 14.19 -28.42 24.01
CA GLY B 153 13.15 -27.89 24.84
C GLY B 153 13.06 -28.54 26.21
N CYS B 154 13.06 -29.87 26.24
CA CYS B 154 12.93 -30.62 27.50
C CYS B 154 14.02 -30.22 28.49
N ILE B 155 15.20 -29.94 27.98
CA ILE B 155 16.35 -29.68 28.82
C ILE B 155 16.23 -28.29 29.42
N ARG B 156 15.99 -27.33 28.55
CA ARG B 156 15.92 -25.95 28.93
C ARG B 156 14.83 -25.81 29.95
N THR B 157 13.67 -26.35 29.64
CA THR B 157 12.52 -26.33 30.54
C THR B 157 12.90 -26.93 31.89
N LEU B 158 13.52 -28.09 31.88
CA LEU B 158 13.98 -28.72 33.13
C LEU B 158 14.98 -27.86 33.93
N ARG B 159 15.89 -27.19 33.25
CA ARG B 159 16.79 -26.33 33.99
C ARG B 159 16.13 -24.99 34.40
N TYR B 160 15.36 -24.40 33.50
CA TYR B 160 14.56 -23.27 33.88
C TYR B 160 13.88 -23.47 35.21
N PHE B 161 13.18 -24.57 35.37
CA PHE B 161 12.34 -24.76 36.53
C PHE B 161 13.09 -25.37 37.69
N ALA B 162 14.37 -25.69 37.53
CA ALA B 162 15.20 -26.07 38.67
C ALA B 162 15.48 -24.82 39.47
N GLY B 163 15.73 -23.74 38.75
CA GLY B 163 15.89 -22.40 39.30
C GLY B 163 14.75 -21.76 40.10
N TRP B 164 13.51 -22.20 39.89
CA TRP B 164 12.36 -21.75 40.71
C TRP B 164 12.21 -22.45 42.08
N ALA B 165 12.87 -23.57 42.29
CA ALA B 165 12.56 -24.39 43.46
C ALA B 165 12.78 -23.66 44.79
N ASP B 166 13.87 -22.93 44.90
CA ASP B 166 14.19 -22.11 46.08
C ASP B 166 13.71 -20.65 45.95
N LYS B 167 12.98 -20.36 44.89
CA LYS B 167 12.40 -19.04 44.64
C LYS B 167 10.86 -19.09 44.52
N ILE B 168 10.23 -19.99 45.27
CA ILE B 168 8.78 -20.09 45.37
C ILE B 168 8.35 -19.39 46.64
N GLN B 169 7.90 -18.15 46.49
CA GLN B 169 7.73 -17.31 47.64
C GLN B 169 6.25 -16.99 47.85
N GLY B 170 5.86 -17.01 49.12
CA GLY B 170 4.55 -16.54 49.50
C GLY B 170 4.73 -15.09 49.81
N LYS B 171 3.93 -14.58 50.72
CA LYS B 171 3.94 -13.17 51.08
C LYS B 171 3.66 -12.93 52.57
N THR B 172 4.17 -11.81 53.05
CA THR B 172 3.83 -11.28 54.36
C THR B 172 2.93 -10.09 54.09
N ILE B 173 1.73 -10.15 54.66
CA ILE B 173 0.68 -9.22 54.34
C ILE B 173 0.46 -8.32 55.53
N PRO B 174 0.61 -7.02 55.33
CA PRO B 174 0.26 -6.10 56.38
C PRO B 174 -1.24 -6.13 56.62
N THR B 175 -1.64 -6.05 57.89
CA THR B 175 -3.04 -6.00 58.30
C THR B 175 -3.27 -5.06 59.46
N ASP B 176 -3.27 -5.61 60.67
CA ASP B 176 -3.51 -4.87 61.91
C ASP B 176 -2.22 -4.89 62.72
N ASP B 177 -2.10 -3.97 63.65
CA ASP B 177 -0.90 -3.89 64.45
C ASP B 177 -0.68 -5.17 65.22
N ASN B 178 -1.75 -5.84 65.66
CA ASN B 178 -1.60 -6.94 66.64
C ASN B 178 -1.56 -8.31 65.97
N VAL B 179 -1.37 -8.27 64.64
CA VAL B 179 -1.48 -9.45 63.74
C VAL B 179 -0.30 -9.73 62.79
N VAL B 180 -0.02 -11.02 62.62
CA VAL B 180 0.97 -11.51 61.68
C VAL B 180 0.30 -12.46 60.72
N CYS B 181 0.11 -11.98 59.49
CA CYS B 181 -0.55 -12.71 58.43
C CYS B 181 0.40 -12.91 57.24
N PHE B 182 0.53 -14.15 56.79
CA PHE B 182 1.32 -14.48 55.61
C PHE B 182 0.69 -15.61 54.79
N THR B 183 1.19 -15.82 53.57
CA THR B 183 0.76 -16.93 52.73
C THR B 183 1.91 -17.91 52.47
N ARG B 184 1.59 -19.19 52.45
CA ARG B 184 2.52 -20.21 52.05
C ARG B 184 2.04 -20.71 50.72
N HIS B 185 2.98 -20.90 49.79
CA HIS B 185 2.67 -21.50 48.51
C HIS B 185 2.94 -22.98 48.62
N GLU B 186 1.96 -23.72 49.08
CA GLU B 186 2.20 -25.13 49.32
C GLU B 186 2.13 -25.90 47.99
N PRO B 187 2.76 -27.10 47.92
CA PRO B 187 2.45 -27.99 46.79
C PRO B 187 1.02 -28.54 46.89
N ILE B 188 0.40 -28.81 45.76
CA ILE B 188 -0.99 -29.24 45.71
C ILE B 188 -1.13 -30.66 46.24
N GLY B 189 -0.26 -31.55 45.78
CA GLY B 189 -0.36 -32.99 46.00
C GLY B 189 -0.15 -33.83 44.75
N VAL B 190 -0.95 -34.87 44.60
CA VAL B 190 -0.77 -35.78 43.50
C VAL B 190 -1.31 -35.17 42.22
N CYS B 191 -0.47 -35.06 41.19
CA CYS B 191 -0.80 -34.39 39.94
C CYS B 191 -0.73 -35.36 38.83
N GLY B 192 -1.64 -35.30 37.88
CA GLY B 192 -1.59 -36.20 36.75
C GLY B 192 -1.32 -35.46 35.44
N ALA B 193 -0.59 -36.10 34.55
CA ALA B 193 -0.32 -35.52 33.26
C ALA B 193 -0.84 -36.46 32.20
N ILE B 194 -1.53 -35.89 31.22
CA ILE B 194 -2.08 -36.63 30.09
C ILE B 194 -1.71 -35.83 28.84
N THR B 195 -0.97 -36.44 27.92
CA THR B 195 -0.32 -35.70 26.86
C THR B 195 -0.59 -36.28 25.52
N PRO B 196 -0.43 -35.51 24.45
CA PRO B 196 -0.82 -35.99 23.13
C PRO B 196 0.34 -36.67 22.41
N TRP B 197 0.09 -37.16 21.20
CA TRP B 197 1.15 -37.83 20.44
C TRP B 197 2.14 -36.98 19.64
N ASN B 198 1.89 -35.69 19.42
CA ASN B 198 2.81 -34.96 18.52
C ASN B 198 4.12 -34.54 19.17
N PHE B 199 4.07 -34.05 20.40
CA PHE B 199 5.30 -33.67 21.14
C PHE B 199 5.35 -34.36 22.47
N PRO B 200 5.29 -35.69 22.45
CA PRO B 200 5.13 -36.50 23.65
C PRO B 200 6.03 -36.10 24.81
N LEU B 201 7.34 -36.11 24.61
CA LEU B 201 8.26 -35.94 25.74
C LEU B 201 8.20 -34.50 26.22
N LEU B 202 8.45 -33.58 25.29
CA LEU B 202 8.30 -32.16 25.55
C LEU B 202 7.04 -31.86 26.34
N MET B 203 5.89 -32.30 25.82
CA MET B 203 4.60 -31.91 26.41
C MET B 203 4.51 -32.48 27.80
N LEU B 204 5.14 -33.63 27.98
CA LEU B 204 5.13 -34.28 29.24
C LEU B 204 6.01 -33.49 30.16
N VAL B 205 7.14 -33.02 29.61
CA VAL B 205 8.13 -32.37 30.43
C VAL B 205 7.65 -31.03 30.91
N TRP B 206 6.74 -30.40 30.15
CA TRP B 206 6.22 -29.08 30.51
C TRP B 206 5.48 -29.14 31.81
N LYS B 207 4.81 -30.26 32.05
CA LYS B 207 4.13 -30.43 33.33
C LYS B 207 5.11 -30.81 34.42
N LEU B 208 5.88 -31.85 34.13
CA LEU B 208 6.80 -32.43 35.09
C LEU B 208 7.76 -31.42 35.75
N ALA B 209 8.25 -30.48 34.96
CA ALA B 209 9.30 -29.63 35.42
C ALA B 209 8.76 -28.78 36.58
N PRO B 210 7.74 -27.94 36.35
CA PRO B 210 7.18 -27.16 37.41
C PRO B 210 6.52 -27.98 38.54
N ALA B 211 5.81 -29.04 38.20
CA ALA B 211 5.11 -29.81 39.20
C ALA B 211 6.05 -30.21 40.35
N LEU B 212 7.20 -30.73 39.93
CA LEU B 212 8.18 -31.34 40.83
C LEU B 212 8.93 -30.23 41.51
N CYS B 213 9.28 -29.21 40.77
CA CYS B 213 9.86 -27.96 41.34
C CYS B 213 9.14 -27.52 42.65
N CYS B 214 7.80 -27.60 42.64
CA CYS B 214 6.96 -27.20 43.75
C CYS B 214 6.72 -28.30 44.80
N GLY B 215 7.37 -29.44 44.65
CA GLY B 215 7.25 -30.51 45.65
C GLY B 215 6.07 -31.43 45.47
N ASN B 216 5.46 -31.43 44.27
CA ASN B 216 4.33 -32.32 44.01
C ASN B 216 4.88 -33.70 43.65
N THR B 217 3.97 -34.68 43.56
CA THR B 217 4.30 -36.02 43.04
C THR B 217 3.31 -36.29 41.93
N MET B 218 3.69 -37.08 40.95
CA MET B 218 2.92 -37.17 39.70
C MET B 218 2.48 -38.60 39.31
N VAL B 219 1.55 -38.65 38.36
CA VAL B 219 1.09 -39.88 37.72
C VAL B 219 0.94 -39.61 36.22
N LEU B 220 1.91 -40.01 35.42
CA LEU B 220 1.91 -39.64 34.00
C LEU B 220 1.20 -40.66 33.09
N LYS B 221 0.59 -40.17 32.02
CA LYS B 221 0.08 -41.03 30.97
C LYS B 221 0.45 -40.46 29.60
N PRO B 222 1.44 -41.07 28.90
CA PRO B 222 1.63 -40.67 27.52
C PRO B 222 0.60 -41.33 26.64
N ALA B 223 0.43 -40.80 25.44
CA ALA B 223 -0.51 -41.30 24.50
C ALA B 223 -0.24 -42.77 24.30
N GLU B 224 -1.27 -43.48 23.86
CA GLU B 224 -1.14 -44.85 23.45
C GLU B 224 -0.21 -44.95 22.25
N GLN B 225 -0.25 -43.95 21.37
CA GLN B 225 0.53 -44.02 20.14
C GLN B 225 1.99 -43.89 20.38
N THR B 226 2.38 -43.20 21.45
CA THR B 226 3.80 -42.84 21.70
C THR B 226 4.12 -42.88 23.20
N PRO B 227 4.34 -44.06 23.76
CA PRO B 227 4.69 -44.20 25.17
C PRO B 227 6.19 -44.48 25.45
N LEU B 228 7.04 -44.51 24.41
CA LEU B 228 8.48 -44.82 24.59
C LEU B 228 9.34 -43.77 25.32
N THR B 229 9.49 -42.59 24.78
CA THR B 229 10.30 -41.65 25.52
C THR B 229 9.82 -41.36 26.93
N ALA B 230 8.52 -41.36 27.20
CA ALA B 230 8.07 -41.16 28.58
C ALA B 230 8.69 -42.20 29.46
N LEU B 231 8.52 -43.43 29.03
CA LEU B 231 8.93 -44.58 29.85
C LEU B 231 10.41 -44.56 30.06
N TYR B 232 11.15 -44.08 29.07
CA TYR B 232 12.61 -43.97 29.18
C TYR B 232 12.96 -43.00 30.29
N LEU B 233 12.30 -41.85 30.25
CA LEU B 233 12.55 -40.80 31.17
C LEU B 233 12.42 -41.31 32.60
N GLY B 234 11.44 -42.16 32.83
CA GLY B 234 11.24 -42.75 34.16
C GLY B 234 12.50 -43.43 34.70
N SER B 235 13.25 -44.06 33.80
CA SER B 235 14.52 -44.65 34.18
C SER B 235 15.41 -43.54 34.66
N LEU B 236 15.53 -42.51 33.80
CA LEU B 236 16.36 -41.34 34.09
C LEU B 236 15.94 -40.69 35.43
N ILE B 237 14.65 -40.65 35.74
CA ILE B 237 14.11 -40.14 37.03
C ILE B 237 14.56 -40.99 38.21
N LYS B 238 14.85 -42.27 37.96
CA LYS B 238 15.36 -43.13 39.02
C LYS B 238 16.86 -42.91 39.20
N GLU B 239 17.57 -42.83 38.08
CA GLU B 239 19.00 -42.57 38.09
C GLU B 239 19.37 -41.23 38.69
N ALA B 240 18.51 -40.25 38.47
CA ALA B 240 18.78 -38.92 38.92
C ALA B 240 18.67 -38.85 40.44
N GLY B 241 17.94 -39.78 41.04
CA GLY B 241 17.83 -39.84 42.50
C GLY B 241 16.52 -39.41 43.16
N PHE B 242 15.51 -39.06 42.36
CA PHE B 242 14.17 -38.81 42.92
C PHE B 242 13.72 -40.02 43.69
N PRO B 243 13.10 -39.82 44.86
CA PRO B 243 12.62 -40.93 45.63
C PRO B 243 11.52 -41.69 44.92
N PRO B 244 11.21 -42.89 45.41
CA PRO B 244 10.18 -43.71 44.80
C PRO B 244 8.79 -43.08 44.80
N GLY B 245 8.11 -43.15 43.66
CA GLY B 245 6.72 -42.72 43.59
C GLY B 245 6.48 -41.23 43.47
N VAL B 246 7.54 -40.44 43.47
CA VAL B 246 7.44 -39.05 43.11
C VAL B 246 7.02 -38.91 41.65
N VAL B 247 7.58 -39.72 40.75
CA VAL B 247 7.01 -39.90 39.40
C VAL B 247 6.67 -41.38 39.13
N ASN B 248 5.42 -41.61 38.73
CA ASN B 248 4.96 -42.92 38.30
C ASN B 248 4.36 -42.79 36.89
N ILE B 249 4.58 -43.82 36.06
CA ILE B 249 4.06 -43.83 34.69
C ILE B 249 3.23 -45.08 34.31
N VAL B 250 2.02 -44.87 33.80
CA VAL B 250 1.11 -45.91 33.39
C VAL B 250 0.70 -45.63 31.95
N PRO B 251 1.32 -46.33 30.98
CA PRO B 251 0.83 -46.19 29.62
C PRO B 251 -0.45 -46.99 29.42
N GLY B 252 -1.15 -46.68 28.34
CA GLY B 252 -2.50 -47.21 28.07
C GLY B 252 -3.33 -46.34 27.13
N PHE B 253 -4.64 -46.40 27.29
CA PHE B 253 -5.58 -45.66 26.47
C PHE B 253 -6.31 -44.54 27.21
N GLY B 254 -6.90 -43.63 26.45
CA GLY B 254 -7.60 -42.53 27.07
C GLY B 254 -8.77 -42.94 27.97
N PRO B 255 -9.67 -43.76 27.42
CA PRO B 255 -10.86 -44.07 28.17
C PRO B 255 -10.63 -45.06 29.29
N THR B 256 -9.50 -45.73 29.27
CA THR B 256 -9.19 -46.66 30.31
C THR B 256 -8.29 -45.96 31.28
N VAL B 257 -7.06 -45.72 30.85
CA VAL B 257 -6.07 -45.21 31.79
C VAL B 257 -6.33 -43.76 32.11
N GLY B 258 -6.43 -42.96 31.06
CA GLY B 258 -6.76 -41.54 31.21
C GLY B 258 -7.98 -41.32 32.09
N ALA B 259 -9.06 -41.99 31.76
CA ALA B 259 -10.29 -41.72 32.41
C ALA B 259 -10.18 -42.18 33.85
N ALA B 260 -9.31 -43.13 34.11
CA ALA B 260 -9.11 -43.55 35.49
C ALA B 260 -8.52 -42.42 36.35
N ILE B 261 -7.69 -41.58 35.71
CA ILE B 261 -6.96 -40.47 36.35
C ILE B 261 -7.92 -39.32 36.66
N SER B 262 -8.56 -38.83 35.61
CA SER B 262 -9.45 -37.69 35.71
C SER B 262 -10.59 -37.93 36.66
N SER B 263 -10.98 -39.19 36.82
CA SER B 263 -12.04 -39.58 37.75
C SER B 263 -11.50 -39.95 39.12
N HIS B 264 -10.19 -39.80 39.34
CA HIS B 264 -9.64 -40.45 40.49
C HIS B 264 -9.82 -39.54 41.69
N PRO B 265 -10.37 -40.08 42.80
CA PRO B 265 -10.74 -39.33 44.01
C PRO B 265 -9.60 -38.83 44.86
N GLN B 266 -8.39 -39.35 44.61
CA GLN B 266 -7.15 -38.97 45.30
C GLN B 266 -6.11 -38.38 44.41
N ILE B 267 -6.46 -37.95 43.20
CA ILE B 267 -5.54 -37.18 42.40
C ILE B 267 -5.98 -35.76 42.64
N ASN B 268 -5.05 -34.87 42.95
CA ASN B 268 -5.41 -33.50 43.33
C ASN B 268 -5.49 -32.50 42.19
N LYS B 269 -4.76 -32.76 41.14
CA LYS B 269 -4.62 -31.75 40.13
C LYS B 269 -4.35 -32.49 38.87
N ILE B 270 -4.67 -31.91 37.73
CA ILE B 270 -4.34 -32.53 36.47
C ILE B 270 -4.02 -31.52 35.38
N ALA B 271 -3.18 -31.91 34.44
CA ALA B 271 -2.84 -31.08 33.32
C ALA B 271 -2.91 -31.94 32.09
N PHE B 272 -3.70 -31.51 31.14
CA PHE B 272 -3.93 -32.25 29.91
C PHE B 272 -3.45 -31.41 28.75
N THR B 273 -2.83 -32.04 27.79
CA THR B 273 -2.69 -31.42 26.49
C THR B 273 -3.10 -32.40 25.41
N GLY B 274 -3.89 -31.91 24.48
CA GLY B 274 -4.59 -32.78 23.57
C GLY B 274 -5.74 -32.03 22.99
N SER B 275 -6.84 -32.74 22.74
CA SER B 275 -7.93 -32.21 21.94
C SER B 275 -9.03 -31.50 22.74
N THR B 276 -9.68 -30.56 22.07
CA THR B 276 -10.78 -29.82 22.65
C THR B 276 -11.86 -30.75 23.15
N GLU B 277 -12.15 -31.77 22.35
CA GLU B 277 -13.23 -32.72 22.67
C GLU B 277 -12.94 -33.50 23.95
N VAL B 278 -11.71 -33.96 24.09
CA VAL B 278 -11.27 -34.74 25.27
C VAL B 278 -11.02 -33.86 26.53
N GLY B 279 -10.49 -32.66 26.36
CA GLY B 279 -10.26 -31.81 27.51
C GLY B 279 -11.51 -31.53 28.32
N LYS B 280 -12.60 -31.24 27.63
CA LYS B 280 -13.88 -31.04 28.29
C LYS B 280 -14.20 -32.22 29.20
N LEU B 281 -14.04 -33.43 28.65
CA LEU B 281 -14.31 -34.63 29.41
C LEU B 281 -13.50 -34.68 30.69
N VAL B 282 -12.23 -34.28 30.58
CA VAL B 282 -11.34 -34.25 31.73
C VAL B 282 -11.89 -33.30 32.78
N LYS B 283 -12.28 -32.11 32.35
CA LYS B 283 -12.88 -31.18 33.31
C LYS B 283 -14.20 -31.73 33.86
N GLU B 284 -15.02 -32.27 32.97
CA GLU B 284 -16.30 -32.80 33.39
C GLU B 284 -16.05 -33.88 34.42
N ALA B 285 -15.02 -34.70 34.18
CA ALA B 285 -14.69 -35.82 35.08
C ALA B 285 -14.12 -35.37 36.44
N ALA B 286 -13.26 -34.36 36.40
CA ALA B 286 -12.71 -33.77 37.62
C ALA B 286 -13.79 -33.21 38.52
N SER B 287 -14.71 -32.46 37.91
CA SER B 287 -15.86 -31.90 38.64
C SER B 287 -16.82 -32.94 39.26
N ARG B 288 -17.05 -34.08 38.61
CA ARG B 288 -17.92 -35.09 39.21
C ARG B 288 -17.25 -35.82 40.37
N SER B 289 -15.92 -35.83 40.37
CA SER B 289 -15.13 -36.69 41.24
C SER B 289 -14.74 -36.07 42.59
N ASN B 290 -13.70 -35.24 42.58
CA ASN B 290 -13.21 -34.59 43.78
C ASN B 290 -12.90 -33.12 43.58
N LEU B 291 -13.49 -32.53 42.53
CA LEU B 291 -13.17 -31.17 42.12
C LEU B 291 -11.66 -30.90 41.95
N LYS B 292 -10.94 -31.90 41.49
CA LYS B 292 -9.52 -31.74 41.28
C LYS B 292 -9.28 -30.59 40.37
N ARG B 293 -8.11 -30.03 40.49
CA ARG B 293 -7.78 -28.86 39.71
C ARG B 293 -7.36 -29.23 38.31
N VAL B 294 -7.83 -28.50 37.32
CA VAL B 294 -7.47 -28.85 35.98
C VAL B 294 -6.84 -27.69 35.28
N THR B 295 -5.72 -27.93 34.59
CA THR B 295 -5.22 -27.03 33.57
C THR B 295 -5.29 -27.74 32.23
N LEU B 296 -5.68 -27.01 31.19
CA LEU B 296 -5.90 -27.58 29.87
C LEU B 296 -5.17 -26.74 28.83
N GLU B 297 -4.55 -27.40 27.86
CA GLU B 297 -3.88 -26.75 26.73
C GLU B 297 -4.39 -27.49 25.50
N LEU B 298 -5.35 -26.91 24.80
CA LEU B 298 -6.02 -27.56 23.69
C LEU B 298 -5.54 -26.85 22.44
N GLY B 299 -6.27 -26.98 21.35
CA GLY B 299 -5.78 -26.45 20.07
C GLY B 299 -6.27 -25.07 19.71
N GLY B 300 -6.18 -24.70 18.44
CA GLY B 300 -6.71 -23.43 18.00
C GLY B 300 -6.67 -23.11 16.52
N LYS B 301 -7.41 -22.07 16.14
CA LYS B 301 -7.48 -21.60 14.75
C LYS B 301 -6.66 -20.34 14.65
N ASN B 302 -5.35 -20.52 14.78
CA ASN B 302 -4.44 -19.41 15.00
C ASN B 302 -4.22 -18.60 13.74
N PRO B 303 -4.37 -17.27 13.84
CA PRO B 303 -4.14 -16.41 12.69
C PRO B 303 -2.72 -15.92 12.60
N CYS B 304 -2.27 -15.67 11.38
CA CYS B 304 -1.14 -14.79 11.04
C CYS B 304 -1.71 -13.55 10.36
N ILE B 305 -1.24 -12.36 10.74
CA ILE B 305 -1.76 -11.12 10.13
C ILE B 305 -0.64 -10.33 9.47
N VAL B 306 -0.63 -10.36 8.14
CA VAL B 306 0.42 -9.69 7.38
C VAL B 306 -0.05 -8.34 6.84
N CYS B 307 0.65 -7.27 7.21
CA CYS B 307 0.30 -5.93 6.71
C CYS B 307 1.09 -5.57 5.47
N ALA B 308 0.57 -4.61 4.71
CA ALA B 308 1.26 -4.11 3.51
C ALA B 308 2.71 -3.71 3.79
N ASP B 309 2.91 -2.97 4.89
CA ASP B 309 4.24 -2.52 5.36
C ASP B 309 5.10 -3.60 6.08
N ALA B 310 4.70 -4.86 6.00
CA ALA B 310 5.53 -5.94 6.57
C ALA B 310 6.80 -6.15 5.75
N ASP B 311 7.80 -6.78 6.37
CA ASP B 311 8.92 -7.39 5.62
C ASP B 311 8.37 -8.63 4.94
N LEU B 312 7.89 -8.46 3.72
CA LEU B 312 7.09 -9.48 3.03
C LEU B 312 7.74 -10.88 2.97
N ASP B 313 9.05 -10.91 2.69
CA ASP B 313 9.78 -12.16 2.56
C ASP B 313 9.70 -12.96 3.84
N LEU B 314 10.13 -12.32 4.92
CA LEU B 314 10.08 -12.90 6.25
C LEU B 314 8.66 -13.41 6.56
N ALA B 315 7.65 -12.62 6.24
CA ALA B 315 6.25 -13.00 6.47
C ALA B 315 5.87 -14.27 5.74
N VAL B 316 6.22 -14.31 4.47
CA VAL B 316 6.02 -15.53 3.71
C VAL B 316 6.84 -16.67 4.34
N GLU B 317 8.08 -16.41 4.70
CA GLU B 317 8.90 -17.46 5.31
C GLU B 317 8.29 -18.00 6.60
N CYS B 318 8.07 -17.12 7.56
CA CYS B 318 7.63 -17.50 8.88
C CYS B 318 6.30 -18.14 8.79
N ALA B 319 5.37 -17.48 8.13
CA ALA B 319 4.01 -18.01 8.00
C ALA B 319 4.01 -19.41 7.40
N HIS B 320 4.92 -19.66 6.47
CA HIS B 320 5.11 -20.98 5.90
C HIS B 320 5.66 -21.93 6.97
N GLN B 321 6.57 -21.47 7.81
CA GLN B 321 7.01 -22.34 8.89
C GLN B 321 5.86 -22.53 9.85
N GLY B 322 4.95 -21.56 9.91
CA GLY B 322 3.81 -21.65 10.79
C GLY B 322 2.77 -22.70 10.41
N VAL B 323 2.41 -22.73 9.14
CA VAL B 323 1.33 -23.59 8.66
C VAL B 323 1.77 -25.04 8.47
N PHE B 324 3.01 -25.22 8.05
CA PHE B 324 3.49 -26.50 7.51
C PHE B 324 4.42 -27.26 8.45
N PHE B 325 4.90 -26.63 9.51
CA PHE B 325 5.85 -27.29 10.39
C PHE B 325 5.20 -28.51 10.96
N ASN B 326 5.90 -29.65 10.88
CA ASN B 326 5.43 -30.93 11.42
C ASN B 326 4.19 -31.38 10.73
N GLN B 327 4.08 -31.07 9.44
CA GLN B 327 2.87 -31.31 8.63
C GLN B 327 1.60 -30.59 9.11
N GLY B 328 1.78 -29.51 9.84
CA GLY B 328 0.66 -28.83 10.46
C GLY B 328 0.12 -29.56 11.67
N GLN B 329 0.98 -30.38 12.29
CA GLN B 329 0.62 -31.19 13.45
C GLN B 329 1.22 -30.64 14.73
N CYS B 330 1.05 -29.33 14.88
CA CYS B 330 1.50 -28.60 16.03
C CYS B 330 0.38 -27.63 16.43
N CYS B 331 0.04 -27.58 17.72
CA CYS B 331 -1.00 -26.67 18.23
C CYS B 331 -0.75 -25.19 17.91
N THR B 332 0.51 -24.83 17.72
CA THR B 332 0.86 -23.46 17.38
C THR B 332 0.63 -23.23 15.88
N ALA B 333 0.07 -24.22 15.20
CA ALA B 333 0.01 -24.17 13.75
C ALA B 333 -0.70 -22.90 13.26
N ALA B 334 -0.18 -22.31 12.18
CA ALA B 334 -0.85 -21.21 11.54
C ALA B 334 -1.91 -21.78 10.63
N SER B 335 -3.17 -21.61 10.99
CA SER B 335 -4.30 -22.09 10.17
C SER B 335 -5.00 -21.00 9.35
N ARG B 336 -4.86 -19.72 9.73
CA ARG B 336 -5.49 -18.60 9.02
C ARG B 336 -4.50 -17.51 8.71
N VAL B 337 -4.17 -17.34 7.44
CA VAL B 337 -3.21 -16.31 7.05
C VAL B 337 -3.94 -15.16 6.37
N PHE B 338 -3.91 -14.02 7.05
CA PHE B 338 -4.51 -12.78 6.57
C PHE B 338 -3.44 -11.90 5.96
N VAL B 339 -3.75 -11.32 4.79
CA VAL B 339 -2.85 -10.42 4.10
C VAL B 339 -3.59 -9.21 3.53
N GLU B 340 -2.92 -8.04 3.57
CA GLU B 340 -3.55 -6.81 3.10
C GLU B 340 -3.57 -6.70 1.56
N GLU B 341 -4.73 -6.30 1.04
CA GLU B 341 -4.96 -6.16 -0.41
C GLU B 341 -3.75 -5.80 -1.26
N GLN B 342 -3.06 -4.77 -0.84
CA GLN B 342 -1.92 -4.26 -1.57
C GLN B 342 -0.86 -5.34 -1.78
N VAL B 343 -0.77 -6.27 -0.84
CA VAL B 343 0.25 -7.31 -0.90
C VAL B 343 -0.31 -8.72 -1.03
N TYR B 344 -1.62 -8.84 -1.24
CA TYR B 344 -2.25 -10.16 -1.31
C TYR B 344 -1.69 -11.08 -2.42
N SER B 345 -1.78 -10.66 -3.67
CA SER B 345 -1.35 -11.48 -4.82
C SER B 345 0.14 -11.79 -4.82
N GLU B 346 0.93 -10.79 -4.44
CA GLU B 346 2.35 -10.97 -4.24
C GLU B 346 2.62 -12.08 -3.20
N PHE B 347 2.04 -11.92 -2.01
CA PHE B 347 2.25 -12.88 -0.92
C PHE B 347 1.94 -14.29 -1.34
N VAL B 348 0.82 -14.47 -2.03
CA VAL B 348 0.40 -15.82 -2.38
C VAL B 348 1.43 -16.47 -3.30
N ARG B 349 1.85 -15.73 -4.34
CA ARG B 349 2.83 -16.25 -5.28
C ARG B 349 4.02 -16.78 -4.52
N ARG B 350 4.56 -15.93 -3.66
CA ARG B 350 5.74 -16.26 -2.88
C ARG B 350 5.54 -17.51 -2.04
N SER B 351 4.34 -17.66 -1.46
CA SER B 351 4.01 -18.82 -0.62
C SER B 351 3.84 -20.11 -1.43
N VAL B 352 3.27 -19.98 -2.62
CA VAL B 352 3.16 -21.09 -3.56
C VAL B 352 4.54 -21.52 -4.00
N GLU B 353 5.41 -20.53 -4.14
CA GLU B 353 6.80 -20.78 -4.42
C GLU B 353 7.45 -21.57 -3.28
N TYR B 354 7.14 -21.21 -2.03
CA TYR B 354 7.76 -21.87 -0.84
C TYR B 354 7.42 -23.36 -0.66
N ALA B 355 6.16 -23.71 -0.94
CA ALA B 355 5.60 -25.03 -0.68
C ALA B 355 6.40 -26.17 -1.33
N LYS B 356 6.65 -26.01 -2.62
CA LYS B 356 7.19 -27.07 -3.47
C LYS B 356 8.68 -27.32 -3.24
N LYS B 357 9.41 -26.28 -2.84
CA LYS B 357 10.87 -26.24 -2.96
C LYS B 357 11.70 -26.98 -1.90
N ARG B 358 11.15 -27.24 -0.71
CA ARG B 358 11.91 -27.89 0.37
C ARG B 358 11.89 -29.41 0.22
N PRO B 359 12.86 -30.12 0.83
CA PRO B 359 12.96 -31.56 0.59
C PRO B 359 11.94 -32.45 1.34
N VAL B 360 11.76 -33.66 0.80
CA VAL B 360 10.84 -34.67 1.35
C VAL B 360 11.56 -35.57 2.36
N PHE B 364 15.34 -39.80 9.65
CA PHE B 364 16.71 -40.15 10.06
C PHE B 364 17.84 -39.63 9.16
N ASP B 365 17.56 -39.32 7.90
CA ASP B 365 18.56 -38.70 7.03
C ASP B 365 18.85 -37.26 7.49
N VAL B 366 20.04 -36.77 7.17
CA VAL B 366 20.48 -35.40 7.56
C VAL B 366 19.65 -34.30 6.89
N LYS B 367 19.00 -34.65 5.77
CA LYS B 367 18.32 -33.67 4.90
C LYS B 367 16.78 -33.72 4.97
N THR B 368 16.24 -34.66 5.75
CA THR B 368 14.79 -34.84 5.84
C THR B 368 14.15 -33.79 6.70
N GLU B 369 13.11 -33.15 6.17
CA GLU B 369 12.49 -32.01 6.82
C GLU B 369 11.10 -32.33 7.36
N GLN B 370 10.41 -33.29 6.76
CA GLN B 370 9.07 -33.65 7.23
C GLN B 370 8.91 -35.17 7.27
N GLY B 371 8.27 -35.67 8.33
CA GLY B 371 8.03 -37.10 8.51
C GLY B 371 6.54 -37.42 8.35
N PRO B 372 6.18 -38.72 8.37
CA PRO B 372 4.81 -39.20 8.06
C PRO B 372 3.73 -38.92 9.09
N GLN B 373 2.48 -38.92 8.60
CA GLN B 373 1.29 -38.71 9.42
C GLN B 373 0.93 -39.97 10.18
N ILE B 374 0.92 -39.82 11.49
CA ILE B 374 0.76 -40.93 12.43
C ILE B 374 -0.35 -41.94 12.07
N GLU B 384 -13.32 -34.31 2.30
CA GLU B 384 -12.18 -33.63 2.91
C GLU B 384 -12.47 -32.15 3.11
N LEU B 385 -11.63 -31.50 3.89
CA LEU B 385 -11.66 -30.05 4.01
C LEU B 385 -11.23 -29.40 2.70
N ILE B 386 -10.21 -29.99 2.06
CA ILE B 386 -9.66 -29.50 0.78
C ILE B 386 -10.73 -29.41 -0.31
N GLU B 387 -11.73 -30.29 -0.23
CA GLU B 387 -12.82 -30.32 -1.20
C GLU B 387 -13.81 -29.21 -0.89
N SER B 388 -14.26 -29.17 0.37
CA SER B 388 -15.23 -28.17 0.82
C SER B 388 -14.72 -26.74 0.57
N GLY B 389 -13.40 -26.55 0.57
CA GLY B 389 -12.80 -25.34 0.06
C GLY B 389 -13.07 -25.13 -1.44
N LYS B 390 -12.98 -26.20 -2.23
CA LYS B 390 -13.29 -26.12 -3.66
C LYS B 390 -14.77 -25.87 -3.91
N LYS B 391 -15.63 -26.61 -3.21
CA LYS B 391 -17.09 -26.44 -3.33
C LYS B 391 -17.60 -25.08 -2.88
N GLU B 392 -16.91 -24.45 -1.94
CA GLU B 392 -17.33 -23.17 -1.41
C GLU B 392 -16.70 -21.97 -2.17
N GLY B 393 -15.84 -22.27 -3.15
CA GLY B 393 -15.31 -21.27 -4.10
C GLY B 393 -13.88 -20.80 -3.95
N ALA B 394 -13.15 -21.27 -2.94
CA ALA B 394 -11.76 -20.84 -2.76
C ALA B 394 -10.95 -21.38 -3.94
N LYS B 395 -9.84 -20.71 -4.26
CA LYS B 395 -8.96 -21.09 -5.37
C LYS B 395 -7.73 -21.72 -4.77
N LEU B 396 -7.28 -22.83 -5.37
CA LEU B 396 -6.07 -23.56 -4.93
C LEU B 396 -4.91 -23.31 -5.89
N GLU B 397 -3.79 -22.84 -5.38
CA GLU B 397 -2.63 -22.58 -6.23
C GLU B 397 -1.60 -23.70 -6.24
N CYS B 398 -1.65 -24.63 -5.31
CA CYS B 398 -0.73 -25.78 -5.35
C CYS B 398 -1.19 -26.92 -4.45
N GLY B 399 -0.75 -28.14 -4.79
CA GLY B 399 -1.17 -29.36 -4.08
C GLY B 399 -2.64 -29.68 -4.33
N GLY B 400 -3.25 -30.39 -3.38
CA GLY B 400 -4.68 -30.71 -3.41
C GLY B 400 -5.00 -32.19 -3.41
N SER B 401 -3.95 -33.00 -3.19
CA SER B 401 -4.03 -34.46 -3.22
C SER B 401 -2.88 -35.05 -2.38
N ALA B 402 -2.76 -36.38 -2.34
CA ALA B 402 -1.67 -37.03 -1.60
C ALA B 402 -0.42 -37.17 -2.46
N MET B 403 0.69 -37.49 -1.79
CA MET B 403 1.95 -37.73 -2.47
C MET B 403 1.92 -39.15 -3.04
N GLU B 404 3.08 -39.79 -3.21
CA GLU B 404 3.15 -41.10 -3.85
C GLU B 404 3.16 -42.25 -2.86
N ASP B 405 1.99 -42.88 -2.72
CA ASP B 405 1.83 -44.30 -2.36
C ASP B 405 2.86 -44.88 -1.35
N LYS B 406 3.18 -44.10 -0.32
CA LYS B 406 4.25 -44.46 0.64
C LYS B 406 3.92 -44.19 2.12
N GLY B 407 2.68 -43.83 2.41
CA GLY B 407 2.31 -43.32 3.72
C GLY B 407 1.35 -42.17 3.56
N LEU B 408 0.81 -41.70 4.68
CA LEU B 408 -0.26 -40.70 4.65
C LEU B 408 0.30 -39.27 4.53
N PHE B 409 0.88 -38.95 3.37
CA PHE B 409 1.49 -37.64 3.15
C PHE B 409 0.60 -36.81 2.25
N ILE B 410 0.36 -35.57 2.63
CA ILE B 410 -0.36 -34.66 1.75
C ILE B 410 0.66 -33.70 1.11
N LYS B 411 0.38 -33.32 -0.12
CA LYS B 411 1.16 -32.29 -0.78
C LYS B 411 0.88 -30.98 -0.03
N PRO B 412 1.85 -30.08 0.05
CA PRO B 412 1.57 -28.75 0.56
C PRO B 412 0.50 -28.00 -0.26
N THR B 413 -0.63 -27.67 0.37
CA THR B 413 -1.76 -27.06 -0.35
C THR B 413 -2.13 -25.64 0.13
N VAL B 414 -2.21 -24.72 -0.82
CA VAL B 414 -2.36 -23.30 -0.54
C VAL B 414 -3.61 -22.80 -1.18
N PHE B 415 -4.54 -22.30 -0.39
CA PHE B 415 -5.74 -21.70 -0.93
C PHE B 415 -5.63 -20.19 -0.96
N SER B 416 -6.23 -19.59 -1.98
CA SER B 416 -6.37 -18.15 -2.04
C SER B 416 -7.84 -17.85 -2.21
N GLU B 417 -8.22 -16.59 -2.11
CA GLU B 417 -9.62 -16.17 -2.16
C GLU B 417 -10.45 -16.78 -1.04
N VAL B 418 -9.83 -17.08 0.09
CA VAL B 418 -10.54 -17.73 1.18
C VAL B 418 -11.36 -16.65 1.91
N THR B 419 -12.39 -17.07 2.65
CA THR B 419 -13.22 -16.16 3.48
C THR B 419 -13.66 -16.82 4.81
N ASP B 420 -14.08 -15.98 5.74
CA ASP B 420 -14.48 -16.39 7.10
C ASP B 420 -15.49 -17.52 7.14
N ASN B 421 -16.53 -17.39 6.31
CA ASN B 421 -17.64 -18.38 6.22
C ASN B 421 -17.21 -19.81 5.82
N MET B 422 -16.05 -19.93 5.23
CA MET B 422 -15.54 -21.21 4.80
C MET B 422 -15.08 -22.06 5.98
N ARG B 423 -15.15 -23.37 5.80
CA ARG B 423 -14.77 -24.36 6.81
C ARG B 423 -13.24 -24.42 6.98
N ILE B 424 -12.51 -24.24 5.88
CA ILE B 424 -11.04 -24.17 5.95
C ILE B 424 -10.54 -22.99 6.79
N ALA B 425 -11.45 -22.08 7.13
CA ALA B 425 -11.17 -21.00 8.04
C ALA B 425 -11.86 -21.21 9.40
N LYS B 426 -12.81 -22.14 9.46
CA LYS B 426 -13.57 -22.43 10.69
C LYS B 426 -13.14 -23.70 11.43
N GLU B 427 -12.57 -24.66 10.72
CA GLU B 427 -12.36 -25.97 11.29
C GLU B 427 -10.87 -26.31 11.35
N GLU B 428 -10.44 -26.82 12.52
CA GLU B 428 -9.06 -27.26 12.78
C GLU B 428 -8.63 -28.29 11.73
N ILE B 429 -7.71 -27.90 10.86
CA ILE B 429 -7.32 -28.76 9.75
C ILE B 429 -6.39 -29.87 10.22
N PHE B 430 -5.61 -29.61 11.26
CA PHE B 430 -4.61 -30.57 11.69
C PHE B 430 -3.77 -31.02 10.49
N GLY B 431 -3.58 -30.17 9.49
CA GLY B 431 -2.84 -30.58 8.29
C GLY B 431 -2.35 -29.47 7.38
N PRO B 432 -1.44 -29.80 6.46
CA PRO B 432 -0.69 -28.82 5.67
C PRO B 432 -1.54 -28.07 4.64
N VAL B 433 -2.43 -27.24 5.14
CA VAL B 433 -3.27 -26.41 4.28
C VAL B 433 -3.11 -24.95 4.69
N GLN B 434 -2.80 -24.10 3.71
CA GLN B 434 -2.54 -22.70 3.96
C GLN B 434 -3.66 -21.81 3.38
N PRO B 435 -4.66 -21.48 4.19
CA PRO B 435 -5.73 -20.61 3.70
C PRO B 435 -5.37 -19.14 3.85
N ILE B 436 -5.18 -18.46 2.71
CA ILE B 436 -4.82 -17.05 2.73
C ILE B 436 -6.10 -16.28 2.59
N LEU B 437 -6.36 -15.34 3.49
CA LEU B 437 -7.53 -14.49 3.42
C LEU B 437 -7.10 -13.07 3.28
N LYS B 438 -8.01 -12.24 2.76
CA LYS B 438 -7.71 -10.88 2.40
C LYS B 438 -8.42 -9.98 3.37
N PHE B 439 -7.86 -8.81 3.65
CA PHE B 439 -8.50 -7.81 4.53
C PHE B 439 -8.03 -6.43 4.11
N LYS B 440 -8.75 -5.39 4.49
CA LYS B 440 -8.33 -4.02 4.19
C LYS B 440 -7.95 -3.20 5.44
N SER B 441 -8.83 -3.24 6.42
CA SER B 441 -8.72 -2.42 7.60
C SER B 441 -8.08 -3.20 8.74
N ILE B 442 -7.10 -2.58 9.40
CA ILE B 442 -6.60 -3.14 10.63
C ILE B 442 -7.76 -3.41 11.60
N GLU B 443 -8.80 -2.59 11.60
CA GLU B 443 -10.00 -2.87 12.44
C GLU B 443 -10.75 -4.12 12.01
N GLU B 444 -10.84 -4.34 10.71
CA GLU B 444 -11.54 -5.48 10.16
C GLU B 444 -10.86 -6.74 10.63
N VAL B 445 -9.57 -6.84 10.29
CA VAL B 445 -8.80 -8.02 10.65
C VAL B 445 -8.82 -8.32 12.15
N ILE B 446 -8.87 -7.31 13.01
CA ILE B 446 -8.93 -7.57 14.44
C ILE B 446 -10.22 -8.33 14.78
N LYS B 447 -11.33 -7.93 14.19
CA LYS B 447 -12.60 -8.58 14.49
C LYS B 447 -12.61 -9.98 13.89
N ARG B 448 -12.27 -10.05 12.61
CA ARG B 448 -12.26 -11.35 11.94
C ARG B 448 -11.37 -12.31 12.72
N ALA B 449 -10.14 -11.89 12.99
CA ALA B 449 -9.20 -12.70 13.79
C ALA B 449 -9.78 -13.22 15.10
N ASN B 450 -10.54 -12.40 15.79
CA ASN B 450 -11.09 -12.81 17.05
C ASN B 450 -12.40 -13.57 16.93
N SER B 451 -12.83 -13.90 15.72
CA SER B 451 -14.17 -14.50 15.52
C SER B 451 -14.30 -16.02 15.84
N THR B 452 -13.23 -16.70 16.21
CA THR B 452 -13.33 -18.13 16.59
C THR B 452 -13.52 -18.29 18.10
N ASP B 453 -13.83 -19.47 18.57
CA ASP B 453 -13.90 -19.71 20.00
C ASP B 453 -12.52 -20.01 20.58
N TYR B 454 -11.47 -19.74 19.80
CA TYR B 454 -10.10 -20.03 20.20
C TYR B 454 -9.18 -18.82 20.38
N GLY B 455 -8.06 -19.08 21.03
CA GLY B 455 -7.04 -18.07 21.16
C GLY B 455 -5.79 -18.61 21.78
N LEU B 456 -5.08 -19.45 21.05
CA LEU B 456 -3.83 -19.99 21.55
C LEU B 456 -2.68 -19.12 21.16
N THR B 457 -2.68 -18.68 19.90
CA THR B 457 -1.51 -18.05 19.30
C THR B 457 -2.00 -17.00 18.31
N ALA B 458 -1.12 -16.07 17.97
CA ALA B 458 -1.30 -15.14 16.85
C ALA B 458 0.06 -14.53 16.50
N ALA B 459 0.24 -14.20 15.23
CA ALA B 459 1.49 -13.62 14.74
C ALA B 459 1.10 -12.49 13.84
N VAL B 460 1.89 -11.43 13.87
CA VAL B 460 1.53 -10.17 13.28
C VAL B 460 2.78 -9.69 12.62
N PHE B 461 2.77 -9.45 11.31
CA PHE B 461 4.01 -9.01 10.62
C PHE B 461 3.81 -7.60 10.18
N THR B 462 4.72 -6.75 10.62
CA THR B 462 4.63 -5.33 10.32
C THR B 462 5.89 -4.60 10.73
N LYS B 463 6.18 -3.51 10.01
CA LYS B 463 7.27 -2.64 10.41
C LYS B 463 6.79 -1.46 11.27
N ASN B 464 5.47 -1.29 11.33
CA ASN B 464 4.88 -0.18 12.06
C ASN B 464 4.71 -0.42 13.55
N LEU B 465 5.45 0.36 14.35
CA LEU B 465 5.44 0.28 15.82
C LEU B 465 4.04 0.37 16.36
N ASP B 466 3.28 1.35 15.86
CA ASP B 466 1.91 1.56 16.34
C ASP B 466 0.98 0.41 15.94
N LYS B 467 1.15 -0.15 14.74
CA LYS B 467 0.33 -1.28 14.36
C LYS B 467 0.73 -2.51 15.16
N ALA B 468 2.03 -2.63 15.43
CA ALA B 468 2.50 -3.82 16.08
C ALA B 468 1.83 -3.95 17.46
N LEU B 469 1.97 -2.89 18.23
CA LEU B 469 1.39 -2.84 19.58
C LEU B 469 -0.14 -2.75 19.52
N LYS B 470 -0.72 -2.14 18.51
CA LYS B 470 -2.19 -2.08 18.46
C LYS B 470 -2.73 -3.50 18.43
N LEU B 471 -2.37 -4.21 17.36
CA LEU B 471 -2.83 -5.56 17.12
C LEU B 471 -2.51 -6.43 18.33
N ALA B 472 -1.31 -6.25 18.86
CA ALA B 472 -0.87 -7.01 20.00
C ALA B 472 -1.83 -6.90 21.17
N SER B 473 -2.31 -5.68 21.46
CA SER B 473 -3.28 -5.50 22.54
C SER B 473 -4.66 -6.03 22.18
N ALA B 474 -5.02 -5.92 20.90
CA ALA B 474 -6.37 -6.24 20.42
C ALA B 474 -6.62 -7.71 20.24
N LEU B 475 -5.64 -8.43 19.69
CA LEU B 475 -5.81 -9.87 19.44
C LEU B 475 -6.08 -10.63 20.71
N GLU B 476 -7.00 -11.59 20.63
CA GLU B 476 -7.32 -12.47 21.75
C GLU B 476 -6.60 -13.80 21.60
N SER B 477 -5.34 -13.84 22.04
CA SER B 477 -4.48 -15.02 21.97
C SER B 477 -3.44 -15.07 23.08
N GLY B 478 -3.26 -16.24 23.65
CA GLY B 478 -2.32 -16.39 24.76
C GLY B 478 -0.93 -15.91 24.41
N THR B 479 -0.60 -15.96 23.13
CA THR B 479 0.71 -15.55 22.66
C THR B 479 0.59 -14.76 21.38
N VAL B 480 1.16 -13.58 21.36
CA VAL B 480 1.22 -12.81 20.15
C VAL B 480 2.67 -12.61 19.73
N TRP B 481 3.03 -13.26 18.64
CA TRP B 481 4.32 -13.06 17.98
C TRP B 481 4.28 -11.85 17.05
N ILE B 482 5.39 -11.16 16.95
CA ILE B 482 5.41 -9.95 16.15
C ILE B 482 6.20 -10.14 14.88
N ASN B 483 7.51 -10.14 14.89
CA ASN B 483 8.12 -10.49 13.58
C ASN B 483 8.84 -11.81 13.67
N CYS B 484 8.08 -12.78 14.15
CA CYS B 484 8.54 -14.13 14.27
C CYS B 484 7.34 -15.07 14.30
N TYR B 485 7.61 -16.37 14.38
CA TYR B 485 6.60 -17.43 14.62
C TYR B 485 7.28 -18.58 15.38
N ASN B 486 6.51 -19.28 16.21
CA ASN B 486 7.03 -20.39 17.04
C ASN B 486 8.21 -20.10 17.97
N ALA B 487 8.32 -18.87 18.44
CA ALA B 487 9.34 -18.49 19.40
C ALA B 487 8.88 -18.77 20.82
N LEU B 488 9.35 -19.84 21.41
CA LEU B 488 8.86 -20.15 22.76
C LEU B 488 10.03 -20.23 23.75
N TYR B 489 9.76 -19.94 25.01
CA TYR B 489 10.86 -19.99 25.95
C TYR B 489 10.42 -20.60 27.24
N ALA B 490 11.32 -21.36 27.85
CA ALA B 490 11.06 -21.90 29.15
C ALA B 490 10.56 -20.85 30.10
N GLN B 491 10.92 -19.59 29.85
CA GLN B 491 10.59 -18.51 30.79
C GLN B 491 9.42 -17.62 30.39
N ALA B 492 8.91 -17.82 29.18
CA ALA B 492 7.75 -17.08 28.71
C ALA B 492 6.55 -18.01 28.81
N PRO B 493 5.44 -17.53 29.40
CA PRO B 493 4.27 -18.39 29.57
C PRO B 493 3.56 -18.64 28.27
N PHE B 494 2.87 -19.75 28.21
CA PHE B 494 2.26 -20.22 27.00
C PHE B 494 0.93 -20.74 27.42
N GLY B 495 -0.07 -20.48 26.62
CA GLY B 495 -1.41 -20.97 26.95
C GLY B 495 -2.42 -20.37 26.05
N GLY B 496 -3.68 -20.53 26.42
CA GLY B 496 -4.77 -20.20 25.53
C GLY B 496 -5.79 -19.30 26.17
N PHE B 497 -6.40 -18.49 25.33
CA PHE B 497 -7.61 -17.75 25.71
C PHE B 497 -8.81 -18.63 25.41
N LYS B 498 -9.93 -18.32 26.03
CA LYS B 498 -11.17 -18.85 25.57
C LYS B 498 -11.10 -20.37 25.57
N MET B 499 -11.40 -20.99 24.43
CA MET B 499 -11.62 -22.44 24.39
C MET B 499 -10.38 -23.17 23.96
N SER B 500 -9.25 -22.46 23.91
CA SER B 500 -7.98 -23.10 23.63
C SER B 500 -7.37 -23.60 24.89
N GLY B 501 -7.92 -23.27 26.05
CA GLY B 501 -7.45 -23.80 27.32
C GLY B 501 -7.67 -22.92 28.55
N ASN B 502 -7.27 -23.46 29.70
CA ASN B 502 -7.25 -22.80 30.98
C ASN B 502 -5.87 -22.97 31.56
N GLY B 503 -5.40 -21.97 32.28
CA GLY B 503 -4.11 -22.04 32.95
C GLY B 503 -3.00 -21.65 31.99
N ARG B 504 -1.76 -21.60 32.48
CA ARG B 504 -0.58 -21.36 31.66
C ARG B 504 0.51 -22.33 31.98
N GLU B 505 1.39 -22.54 31.02
CA GLU B 505 2.52 -23.46 31.18
C GLU B 505 3.78 -22.69 30.83
N LEU B 506 4.89 -22.99 31.51
CA LEU B 506 6.16 -22.25 31.33
C LEU B 506 6.12 -20.92 32.03
N GLY B 507 7.28 -20.32 32.22
CA GLY B 507 7.39 -19.09 32.96
C GLY B 507 7.04 -19.18 34.43
N GLU B 508 7.02 -18.04 35.07
CA GLU B 508 6.70 -18.03 36.48
C GLU B 508 5.25 -18.45 36.70
N TYR B 509 4.41 -18.15 35.71
CA TYR B 509 2.94 -18.30 35.79
C TYR B 509 2.51 -19.74 35.94
N ALA B 510 3.25 -20.59 35.28
CA ALA B 510 3.21 -22.00 35.57
C ALA B 510 3.15 -22.38 37.06
N LEU B 511 3.81 -21.65 37.95
CA LEU B 511 3.96 -22.12 39.35
C LEU B 511 2.68 -22.01 40.15
N ALA B 512 1.79 -21.15 39.67
CA ALA B 512 0.52 -20.93 40.29
C ALA B 512 -0.39 -22.18 40.13
N GLU B 513 -0.25 -22.85 38.97
CA GLU B 513 -1.01 -24.04 38.61
C GLU B 513 -0.59 -25.28 39.39
N TYR B 514 0.56 -25.25 40.05
CA TYR B 514 1.04 -26.39 40.81
C TYR B 514 1.26 -26.03 42.28
N THR B 515 0.49 -25.07 42.79
CA THR B 515 0.60 -24.65 44.18
C THR B 515 -0.75 -24.32 44.75
N GLU B 516 -0.91 -24.60 46.05
CA GLU B 516 -2.11 -24.27 46.85
C GLU B 516 -1.79 -23.21 47.87
N VAL B 517 -2.39 -22.03 47.70
CA VAL B 517 -2.08 -20.88 48.51
C VAL B 517 -2.75 -21.00 49.85
N LYS B 518 -1.97 -21.21 50.91
CA LYS B 518 -2.52 -21.22 52.26
C LYS B 518 -2.20 -19.93 52.99
N THR B 519 -3.20 -19.39 53.66
CA THR B 519 -3.08 -18.23 54.56
C THR B 519 -2.94 -18.63 56.05
N VAL B 520 -1.93 -18.08 56.70
CA VAL B 520 -1.75 -18.24 58.13
C VAL B 520 -1.90 -16.85 58.75
N THR B 521 -2.91 -16.64 59.60
CA THR B 521 -3.22 -15.37 60.22
C THR B 521 -3.14 -15.56 61.74
N ILE B 522 -2.20 -14.86 62.37
CA ILE B 522 -1.89 -15.02 63.79
C ILE B 522 -2.18 -13.72 64.54
N LYS B 523 -2.93 -13.84 65.61
CA LYS B 523 -3.16 -12.71 66.48
C LYS B 523 -2.25 -12.81 67.71
N LEU B 524 -1.67 -11.67 68.09
CA LEU B 524 -0.79 -11.62 69.24
C LEU B 524 -1.51 -10.98 70.43
N GLY B 525 -1.24 -11.47 71.64
CA GLY B 525 -1.93 -11.05 72.86
C GLY B 525 -1.83 -9.58 73.29
N LEU C 37 -10.75 27.02 32.84
CA LEU C 37 -12.06 27.10 33.58
C LEU C 37 -11.98 27.82 34.95
N PRO C 38 -11.16 27.31 35.92
CA PRO C 38 -11.18 27.93 37.27
C PRO C 38 -10.61 29.37 37.28
N ARG C 39 -11.18 30.18 38.17
CA ARG C 39 -10.97 31.62 38.09
C ARG C 39 -9.77 32.00 38.96
N PRO C 40 -8.80 32.72 38.37
CA PRO C 40 -7.62 33.14 39.12
C PRO C 40 -7.97 33.83 40.44
N ILE C 41 -7.14 33.62 41.44
CA ILE C 41 -7.16 34.40 42.63
C ILE C 41 -5.90 35.22 42.46
N ARG C 42 -6.05 36.50 42.10
CA ARG C 42 -4.89 37.37 41.79
C ARG C 42 -4.18 37.87 43.04
N ASN C 43 -4.95 38.31 44.04
CA ASN C 43 -4.36 38.69 45.33
C ASN C 43 -4.84 37.80 46.49
N LEU C 44 -4.13 36.70 46.70
CA LEU C 44 -4.48 35.80 47.78
C LEU C 44 -3.61 36.08 48.96
N GLU C 45 -4.20 36.20 50.15
CA GLU C 45 -3.40 36.39 51.37
C GLU C 45 -2.85 35.03 51.89
N VAL C 46 -1.59 35.08 52.31
CA VAL C 46 -0.89 33.94 52.85
C VAL C 46 -1.26 33.76 54.32
N LYS C 47 -1.80 32.61 54.69
CA LYS C 47 -2.21 32.35 56.07
C LYS C 47 -1.15 31.68 56.81
N PHE C 48 -0.47 30.76 56.14
CA PHE C 48 0.53 29.90 56.77
C PHE C 48 1.99 30.29 56.42
N THR C 49 2.72 30.79 57.43
CA THR C 49 4.09 31.32 57.25
C THR C 49 5.06 30.80 58.31
N LYS C 50 4.62 29.90 59.16
CA LYS C 50 5.40 29.49 60.30
C LYS C 50 5.78 28.00 60.33
N ILE C 51 6.65 27.64 61.26
CA ILE C 51 7.23 26.30 61.31
C ILE C 51 6.18 25.33 61.77
N PHE C 52 5.94 24.28 60.99
CA PHE C 52 4.99 23.25 61.32
C PHE C 52 5.61 22.11 62.06
N ILE C 53 5.28 21.94 63.33
CA ILE C 53 5.81 20.86 64.11
C ILE C 53 4.75 20.36 65.11
N ASN C 54 4.46 19.06 65.08
CA ASN C 54 3.38 18.49 65.89
C ASN C 54 2.04 19.10 65.63
N ASN C 55 1.77 19.40 64.36
CA ASN C 55 0.49 20.00 63.93
C ASN C 55 0.15 21.32 64.64
N GLU C 56 1.21 22.01 65.06
CA GLU C 56 1.09 23.31 65.70
C GLU C 56 2.04 24.23 64.94
N TRP C 57 1.71 25.51 64.88
CA TRP C 57 2.53 26.43 64.18
C TRP C 57 3.44 27.20 65.13
N HIS C 58 4.72 27.24 64.77
CA HIS C 58 5.73 27.78 65.61
C HIS C 58 6.49 28.79 64.79
N GLU C 59 7.18 29.68 65.49
CA GLU C 59 8.04 30.66 64.87
C GLU C 59 9.44 30.21 65.23
N SER C 60 10.44 30.75 64.55
CA SER C 60 11.83 30.31 64.73
C SER C 60 12.27 30.48 66.16
N LYS C 61 13.21 29.65 66.60
CA LYS C 61 13.80 29.84 67.92
C LYS C 61 14.65 31.12 68.02
N SER C 62 15.44 31.37 66.99
CA SER C 62 16.19 32.61 66.81
C SER C 62 15.29 33.82 66.67
N GLY C 63 14.12 33.64 66.07
CA GLY C 63 13.21 34.75 65.82
C GLY C 63 13.33 35.28 64.40
N LYS C 64 14.37 34.89 63.70
CA LYS C 64 14.57 35.42 62.36
C LYS C 64 13.43 35.07 61.43
N LYS C 65 13.32 35.83 60.36
CA LYS C 65 12.44 35.51 59.25
C LYS C 65 13.15 35.80 57.96
N PHE C 66 12.49 35.46 56.87
CA PHE C 66 13.03 35.72 55.54
C PHE C 66 11.82 35.90 54.67
N ALA C 67 11.98 36.39 53.45
CA ALA C 67 10.82 36.85 52.74
C ALA C 67 10.84 36.40 51.31
N THR C 68 9.72 35.87 50.81
CA THR C 68 9.70 35.36 49.46
C THR C 68 8.97 36.29 48.54
N CYS C 69 9.38 36.33 47.27
CA CYS C 69 8.95 37.35 46.30
C CYS C 69 8.40 36.74 45.03
N ASN C 70 7.56 37.50 44.37
CA ASN C 70 6.81 37.06 43.19
C ASN C 70 7.51 37.49 41.87
N PRO C 71 7.98 36.54 41.06
CA PRO C 71 8.62 36.79 39.76
C PRO C 71 7.79 37.59 38.76
N SER C 72 6.49 37.38 38.76
CA SER C 72 5.60 38.07 37.81
C SER C 72 5.40 39.54 38.13
N THR C 73 5.15 39.84 39.40
CA THR C 73 5.06 41.21 39.93
C THR C 73 6.09 41.30 41.05
N ARG C 74 7.28 41.76 40.72
CA ARG C 74 8.42 41.63 41.63
C ARG C 74 8.23 42.00 43.10
N GLU C 75 6.99 42.19 43.53
CA GLU C 75 6.73 42.55 44.91
C GLU C 75 6.89 41.37 45.87
N GLN C 76 7.68 41.61 46.91
CA GLN C 76 7.64 40.75 48.09
C GLN C 76 6.21 40.39 48.52
N ILE C 77 6.06 39.15 48.93
CA ILE C 77 4.76 38.59 49.25
C ILE C 77 4.55 38.70 50.73
N CYS C 78 5.39 38.02 51.49
CA CYS C 78 5.24 37.98 52.91
C CYS C 78 6.57 37.59 53.52
N GLU C 79 6.60 37.56 54.83
CA GLU C 79 7.78 37.10 55.49
C GLU C 79 7.39 35.75 56.03
N VAL C 80 8.34 34.82 55.99
CA VAL C 80 8.17 33.41 56.38
C VAL C 80 9.25 33.13 57.41
N GLU C 81 8.95 32.28 58.39
CA GLU C 81 9.90 32.10 59.48
C GLU C 81 11.17 31.33 59.04
N GLU C 82 12.33 31.88 59.38
CA GLU C 82 13.60 31.27 59.04
C GLU C 82 14.04 30.43 60.24
N GLY C 83 14.13 29.12 60.00
CA GLY C 83 14.61 28.19 60.99
C GLY C 83 16.06 27.78 60.75
N ASP C 84 16.60 27.10 61.73
CA ASP C 84 17.99 26.71 61.70
C ASP C 84 18.15 25.43 62.55
N LYS C 85 19.39 25.00 62.73
CA LYS C 85 19.65 23.74 63.41
C LYS C 85 18.63 23.43 64.56
N PRO C 86 18.40 24.37 65.50
CA PRO C 86 17.52 24.09 66.67
C PRO C 86 16.03 23.86 66.34
N ASP C 87 15.55 24.50 65.28
CA ASP C 87 14.23 24.22 64.74
C ASP C 87 14.12 22.80 64.14
N VAL C 88 15.17 22.41 63.43
CA VAL C 88 15.30 21.06 62.93
C VAL C 88 15.33 20.05 64.07
N ASP C 89 16.16 20.29 65.09
CA ASP C 89 16.26 19.40 66.25
C ASP C 89 14.91 19.08 66.83
N LYS C 90 14.06 20.11 66.83
CA LYS C 90 12.73 20.02 67.41
C LYS C 90 11.78 19.13 66.57
N ALA C 91 11.81 19.34 65.26
CA ALA C 91 11.01 18.52 64.35
C ALA C 91 11.43 17.03 64.36
N VAL C 92 12.74 16.79 64.30
CA VAL C 92 13.22 15.42 64.25
C VAL C 92 12.83 14.65 65.50
N GLU C 93 12.71 15.30 66.65
CA GLU C 93 12.21 14.66 67.86
C GLU C 93 10.71 14.47 67.79
N ALA C 94 10.00 15.42 67.21
CA ALA C 94 8.59 15.18 66.92
C ALA C 94 8.46 13.92 66.09
N ALA C 95 9.20 13.90 64.98
CA ALA C 95 9.15 12.80 64.04
C ALA C 95 9.53 11.48 64.71
N GLN C 96 10.52 11.50 65.59
CA GLN C 96 10.86 10.28 66.34
C GLN C 96 9.76 9.81 67.29
N VAL C 97 9.24 10.71 68.10
CA VAL C 97 8.17 10.38 69.07
C VAL C 97 6.93 9.85 68.34
N ALA C 98 6.75 10.39 67.13
CA ALA C 98 5.64 10.00 66.28
C ALA C 98 5.90 8.60 65.70
N PHE C 99 7.14 8.30 65.34
CA PHE C 99 7.49 6.94 64.88
C PHE C 99 7.75 5.93 65.99
N GLN C 100 7.72 6.39 67.23
CA GLN C 100 7.98 5.52 68.37
C GLN C 100 6.92 4.43 68.43
N ARG C 101 7.30 3.29 68.97
CA ARG C 101 6.42 2.12 69.04
C ARG C 101 5.32 2.39 70.06
N GLY C 102 4.09 2.08 69.70
CA GLY C 102 2.94 2.34 70.56
C GLY C 102 2.17 3.57 70.12
N SER C 103 2.81 4.41 69.32
CA SER C 103 2.19 5.65 68.89
C SER C 103 0.95 5.41 68.03
N PRO C 104 0.05 6.37 67.99
CA PRO C 104 -1.20 6.20 67.23
C PRO C 104 -0.98 5.93 65.76
N TRP C 105 0.04 6.55 65.19
CA TRP C 105 0.41 6.34 63.79
C TRP C 105 0.78 4.88 63.62
N ARG C 106 1.73 4.45 64.42
CA ARG C 106 2.28 3.12 64.33
C ARG C 106 1.27 2.06 64.51
N ARG C 107 0.30 2.29 65.37
CA ARG C 107 -0.75 1.31 65.64
C ARG C 107 -1.86 1.25 64.57
N LEU C 108 -1.93 2.24 63.68
CA LEU C 108 -2.91 2.21 62.60
C LEU C 108 -2.75 0.98 61.73
N ASP C 109 -3.89 0.42 61.34
CA ASP C 109 -4.06 -0.60 60.31
C ASP C 109 -3.45 -0.11 59.03
N ALA C 110 -3.12 -1.01 58.13
CA ALA C 110 -2.61 -0.60 56.85
C ALA C 110 -3.67 0.29 56.22
N LEU C 111 -4.89 -0.24 56.11
CA LEU C 111 -5.92 0.42 55.33
C LEU C 111 -6.19 1.85 55.84
N SER C 112 -5.98 2.04 57.15
CA SER C 112 -6.26 3.32 57.79
C SER C 112 -5.23 4.33 57.40
N ARG C 113 -4.01 3.86 57.24
CA ARG C 113 -2.94 4.70 56.74
C ARG C 113 -3.24 5.19 55.33
N GLY C 114 -3.84 4.32 54.53
CA GLY C 114 -4.25 4.71 53.21
C GLY C 114 -5.47 5.61 53.21
N ARG C 115 -6.32 5.50 54.22
CA ARG C 115 -7.49 6.37 54.29
C ARG C 115 -7.05 7.77 54.54
N LEU C 116 -6.02 7.91 55.39
CA LEU C 116 -5.44 9.22 55.72
C LEU C 116 -4.84 9.92 54.52
N LEU C 117 -4.07 9.17 53.74
CA LEU C 117 -3.60 9.68 52.46
C LEU C 117 -4.76 10.04 51.51
N HIS C 118 -5.78 9.19 51.48
CA HIS C 118 -6.91 9.44 50.60
C HIS C 118 -7.62 10.71 50.95
N GLN C 119 -7.83 10.93 52.23
CA GLN C 119 -8.46 12.17 52.67
C GLN C 119 -7.58 13.40 52.30
N LEU C 120 -6.27 13.30 52.50
CA LEU C 120 -5.35 14.39 52.19
C LEU C 120 -5.41 14.78 50.70
N ALA C 121 -5.68 13.83 49.81
CA ALA C 121 -5.88 14.16 48.40
C ALA C 121 -7.25 14.76 48.16
N ASP C 122 -8.20 14.48 49.02
CA ASP C 122 -9.51 15.13 48.95
C ASP C 122 -9.43 16.62 49.30
N LEU C 123 -8.72 16.94 50.38
CA LEU C 123 -8.56 18.34 50.82
C LEU C 123 -7.68 19.11 49.86
N VAL C 124 -6.71 18.41 49.26
CA VAL C 124 -5.86 19.05 48.26
C VAL C 124 -6.69 19.41 47.03
N GLU C 125 -7.68 18.57 46.71
CA GLU C 125 -8.62 18.87 45.62
C GLU C 125 -9.50 20.07 45.96
N ARG C 126 -10.01 20.09 47.18
CA ARG C 126 -10.92 21.16 47.59
C ARG C 126 -10.23 22.52 47.50
N ASP C 127 -9.03 22.61 48.06
CA ASP C 127 -8.23 23.84 48.12
C ASP C 127 -7.28 23.94 46.92
N ARG C 128 -7.54 23.15 45.89
CA ARG C 128 -6.65 23.02 44.75
C ARG C 128 -6.32 24.36 44.10
N ALA C 129 -7.35 25.16 43.87
CA ALA C 129 -7.19 26.48 43.26
C ALA C 129 -6.33 27.41 44.14
N THR C 130 -6.57 27.40 45.45
CA THR C 130 -5.74 28.14 46.41
C THR C 130 -4.27 27.78 46.21
N LEU C 131 -3.98 26.48 46.27
CA LEU C 131 -2.61 25.96 46.17
C LEU C 131 -2.02 26.37 44.85
N ALA C 132 -2.78 26.17 43.78
CA ALA C 132 -2.32 26.53 42.46
C ALA C 132 -1.90 27.98 42.54
N ALA C 133 -2.75 28.80 43.12
CA ALA C 133 -2.44 30.23 43.19
C ALA C 133 -1.12 30.49 43.92
N LEU C 134 -0.94 30.00 45.14
CA LEU C 134 0.31 30.23 45.91
C LEU C 134 1.55 29.77 45.13
N GLU C 135 1.50 28.56 44.59
CA GLU C 135 2.55 28.11 43.69
C GLU C 135 2.75 29.10 42.55
N THR C 136 1.64 29.56 41.94
CA THR C 136 1.67 30.47 40.77
C THR C 136 2.24 31.79 41.17
N MET C 137 1.96 32.17 42.40
CA MET C 137 2.52 33.36 42.98
C MET C 137 4.00 33.11 43.12
N ASP C 138 4.38 32.15 43.94
CA ASP C 138 5.77 32.04 44.37
C ASP C 138 6.79 31.71 43.30
N THR C 139 6.36 31.09 42.21
CA THR C 139 7.25 30.53 41.17
C THR C 139 7.14 31.17 39.78
N GLY C 140 5.98 31.75 39.48
CA GLY C 140 5.75 32.39 38.18
C GLY C 140 5.12 31.47 37.14
N LYS C 141 4.86 30.22 37.50
CA LYS C 141 4.19 29.31 36.60
C LYS C 141 2.88 29.88 36.15
N PRO C 142 2.49 29.65 34.91
CA PRO C 142 1.13 29.99 34.59
C PRO C 142 0.18 29.34 35.59
N PHE C 143 -0.75 30.13 36.10
CA PHE C 143 -1.70 29.63 37.06
C PHE C 143 -2.34 28.31 36.65
N LEU C 144 -2.57 28.14 35.35
CA LEU C 144 -3.28 26.96 34.86
C LEU C 144 -2.36 25.76 34.79
N HIS C 145 -1.07 26.00 34.58
CA HIS C 145 -0.09 24.95 34.63
C HIS C 145 0.05 24.47 36.10
N ALA C 146 -0.06 25.37 37.05
CA ALA C 146 -0.03 24.97 38.44
C ALA C 146 -1.28 24.18 38.81
N PHE C 147 -2.37 24.49 38.13
CA PHE C 147 -3.65 23.86 38.42
C PHE C 147 -3.90 22.49 37.77
N PHE C 148 -3.60 22.36 36.48
CA PHE C 148 -3.77 21.10 35.72
C PHE C 148 -2.53 20.18 35.64
N ILE C 149 -1.37 20.66 36.09
CA ILE C 149 -0.15 19.83 36.08
C ILE C 149 0.39 19.56 37.50
N ASP C 150 1.04 20.55 38.10
CA ASP C 150 1.53 20.39 39.46
C ASP C 150 0.52 19.74 40.47
N LEU C 151 -0.63 20.36 40.61
CA LEU C 151 -1.59 19.93 41.58
C LEU C 151 -2.38 18.71 41.13
N GLU C 152 -2.67 18.61 39.83
CA GLU C 152 -3.16 17.34 39.30
C GLU C 152 -2.24 16.22 39.76
N GLY C 153 -0.94 16.50 39.64
CA GLY C 153 0.10 15.52 39.92
C GLY C 153 0.17 15.08 41.37
N CYS C 154 0.16 16.04 42.27
CA CYS C 154 0.18 15.78 43.68
C CYS C 154 -1.00 14.90 44.07
N ILE C 155 -2.15 15.14 43.45
CA ILE C 155 -3.38 14.47 43.83
C ILE C 155 -3.37 13.00 43.38
N ARG C 156 -2.95 12.77 42.14
CA ARG C 156 -2.86 11.44 41.60
C ARG C 156 -1.78 10.64 42.31
N THR C 157 -0.70 11.30 42.67
CA THR C 157 0.39 10.65 43.34
C THR C 157 -0.06 10.30 44.74
N LEU C 158 -0.76 11.21 45.39
CA LEU C 158 -1.26 10.94 46.76
C LEU C 158 -2.26 9.81 46.79
N ARG C 159 -3.07 9.74 45.75
CA ARG C 159 -4.09 8.72 45.66
C ARG C 159 -3.52 7.34 45.25
N TYR C 160 -2.59 7.34 44.30
CA TYR C 160 -1.82 6.14 43.98
C TYR C 160 -1.19 5.45 45.16
N PHE C 161 -0.50 6.18 46.05
CA PHE C 161 0.20 5.52 47.18
C PHE C 161 -0.70 5.19 48.35
N ALA C 162 -1.83 5.88 48.47
CA ALA C 162 -2.85 5.45 49.41
C ALA C 162 -3.23 4.02 49.12
N GLY C 163 -3.25 3.73 47.83
CA GLY C 163 -3.49 2.39 47.28
C GLY C 163 -2.42 1.34 47.51
N TRP C 164 -1.16 1.73 47.79
CA TRP C 164 -0.08 0.77 48.16
C TRP C 164 -0.12 0.44 49.62
N ALA C 165 -0.76 1.25 50.42
CA ALA C 165 -0.58 1.17 51.87
C ALA C 165 -0.85 -0.20 52.48
N ASP C 166 -1.80 -0.95 51.93
CA ASP C 166 -2.12 -2.31 52.44
C ASP C 166 -1.68 -3.41 51.47
N LYS C 167 -0.76 -3.04 50.58
CA LYS C 167 -0.23 -3.91 49.56
C LYS C 167 1.28 -3.84 49.59
N ILE C 168 1.85 -3.64 50.77
CA ILE C 168 3.30 -3.49 50.89
C ILE C 168 3.79 -4.77 51.47
N GLN C 169 4.10 -5.72 50.61
CA GLN C 169 4.22 -7.10 51.04
C GLN C 169 5.66 -7.63 51.01
N GLY C 170 6.00 -8.36 52.05
CA GLY C 170 7.24 -9.10 52.11
C GLY C 170 7.04 -10.46 51.50
N LYS C 171 7.93 -11.36 51.88
CA LYS C 171 8.02 -12.68 51.29
C LYS C 171 8.09 -13.79 52.38
N THR C 172 7.51 -14.95 52.07
CA THR C 172 7.80 -16.17 52.78
C THR C 172 8.73 -16.94 51.84
N ILE C 173 9.82 -17.45 52.41
CA ILE C 173 10.92 -17.95 51.64
C ILE C 173 11.06 -19.42 51.97
N PRO C 174 11.10 -20.28 50.95
CA PRO C 174 11.39 -21.68 51.18
C PRO C 174 12.86 -21.89 51.50
N THR C 175 13.14 -22.44 52.68
CA THR C 175 14.52 -22.81 53.04
C THR C 175 14.58 -24.32 53.34
N ASP C 176 14.54 -24.64 54.62
CA ASP C 176 14.64 -26.00 55.12
C ASP C 176 13.26 -26.39 55.61
N ASP C 177 13.10 -27.67 55.88
CA ASP C 177 11.81 -28.22 56.18
C ASP C 177 11.43 -27.88 57.59
N ASN C 178 12.43 -27.61 58.43
CA ASN C 178 12.22 -27.39 59.87
C ASN C 178 12.11 -25.89 60.22
N VAL C 179 12.08 -25.05 59.17
CA VAL C 179 12.28 -23.60 59.31
C VAL C 179 11.22 -22.79 58.59
N VAL C 180 10.79 -21.73 59.26
CA VAL C 180 9.91 -20.71 58.72
C VAL C 180 10.72 -19.45 58.54
N CYS C 181 10.90 -19.07 57.31
CA CYS C 181 11.68 -17.90 56.98
C CYS C 181 10.78 -16.93 56.23
N PHE C 182 10.70 -15.69 56.70
CA PHE C 182 9.99 -14.63 56.01
C PHE C 182 10.64 -13.27 56.19
N THR C 183 10.42 -12.36 55.23
CA THR C 183 10.91 -10.99 55.31
C THR C 183 9.76 -10.10 55.65
N ARG C 184 10.02 -9.06 56.41
CA ARG C 184 9.04 -8.01 56.69
C ARG C 184 9.55 -6.72 56.09
N HIS C 185 8.70 -6.03 55.34
CA HIS C 185 9.03 -4.70 54.77
C HIS C 185 8.61 -3.57 55.71
N GLU C 186 9.58 -3.07 56.46
CA GLU C 186 9.33 -2.19 57.59
C GLU C 186 9.61 -0.80 57.18
N PRO C 187 9.04 0.15 57.90
CA PRO C 187 9.33 1.56 57.67
C PRO C 187 10.72 1.91 58.21
N ILE C 188 11.46 2.77 57.50
CA ILE C 188 12.83 3.15 57.87
C ILE C 188 12.81 3.97 59.16
N GLY C 189 11.96 4.98 59.18
CA GLY C 189 11.80 5.91 60.33
C GLY C 189 11.64 7.37 59.91
N VAL C 190 12.37 8.25 60.58
CA VAL C 190 12.26 9.66 60.32
C VAL C 190 12.95 9.91 59.01
N CYS C 191 12.19 10.38 58.02
CA CYS C 191 12.71 10.65 56.68
C CYS C 191 12.65 12.12 56.41
N GLY C 192 13.71 12.64 55.82
CA GLY C 192 13.77 14.04 55.48
C GLY C 192 13.63 14.24 53.99
N ALA C 193 12.95 15.32 53.62
CA ALA C 193 12.71 15.61 52.23
C ALA C 193 13.15 17.02 51.95
N ILE C 194 14.06 17.17 51.00
CA ILE C 194 14.64 18.46 50.62
C ILE C 194 14.43 18.63 49.10
N THR C 195 13.75 19.73 48.74
CA THR C 195 13.24 19.95 47.41
C THR C 195 13.63 21.30 46.85
N PRO C 196 13.51 21.47 45.53
CA PRO C 196 13.95 22.64 44.82
C PRO C 196 12.76 23.61 44.64
N TRP C 197 12.97 24.70 43.88
CA TRP C 197 11.91 25.69 43.57
C TRP C 197 11.15 25.42 42.28
N ASN C 198 11.63 24.53 41.42
CA ASN C 198 10.95 24.41 40.12
C ASN C 198 9.58 23.75 40.23
N PHE C 199 9.45 22.71 41.05
CA PHE C 199 8.12 22.14 41.32
C PHE C 199 7.96 21.88 42.79
N PRO C 200 7.72 22.95 43.54
CA PRO C 200 7.81 22.92 44.98
C PRO C 200 6.96 21.87 45.69
N LEU C 201 5.67 21.81 45.36
CA LEU C 201 4.74 20.89 46.05
C LEU C 201 4.80 19.49 45.45
N LEU C 202 4.90 19.43 44.13
CA LEU C 202 4.97 18.15 43.42
C LEU C 202 6.13 17.30 43.94
N MET C 203 7.34 17.87 43.96
CA MET C 203 8.54 17.14 44.37
C MET C 203 8.46 16.72 45.79
N LEU C 204 7.67 17.44 46.55
CA LEU C 204 7.49 17.21 47.95
C LEU C 204 6.46 16.14 48.08
N VAL C 205 5.50 16.11 47.17
CA VAL C 205 4.50 15.03 47.23
C VAL C 205 5.06 13.66 46.83
N TRP C 206 5.92 13.63 45.82
CA TRP C 206 6.57 12.41 45.34
C TRP C 206 7.19 11.64 46.49
N LYS C 207 7.66 12.38 47.48
CA LYS C 207 8.34 11.79 48.61
C LYS C 207 7.41 11.56 49.79
N LEU C 208 6.54 12.53 50.06
CA LEU C 208 5.60 12.40 51.15
C LEU C 208 4.63 11.23 50.94
N ALA C 209 4.20 11.01 49.72
CA ALA C 209 3.16 10.02 49.49
C ALA C 209 3.67 8.61 49.84
N PRO C 210 4.76 8.13 49.21
CA PRO C 210 5.21 6.78 49.51
C PRO C 210 5.77 6.65 50.92
N ALA C 211 6.36 7.72 51.44
CA ALA C 211 6.94 7.71 52.77
C ALA C 211 5.92 7.41 53.85
N LEU C 212 4.79 8.09 53.72
CA LEU C 212 3.71 7.99 54.73
C LEU C 212 2.92 6.70 54.50
N CYS C 213 2.93 6.25 53.27
CA CYS C 213 2.26 5.03 52.85
C CYS C 213 2.85 3.78 53.54
N CYS C 214 4.18 3.78 53.69
CA CYS C 214 4.93 2.69 54.32
C CYS C 214 5.08 2.89 55.83
N GLY C 215 4.64 4.04 56.35
CA GLY C 215 4.48 4.26 57.82
C GLY C 215 5.55 5.08 58.53
N ASN C 216 6.41 5.74 57.77
CA ASN C 216 7.49 6.56 58.32
C ASN C 216 6.87 7.88 58.80
N THR C 217 7.70 8.71 59.45
CA THR C 217 7.34 10.08 59.84
C THR C 217 8.34 11.00 59.16
N MET C 218 7.96 12.23 58.89
CA MET C 218 8.77 13.02 58.02
C MET C 218 9.18 14.35 58.65
N VAL C 219 10.34 14.88 58.20
CA VAL C 219 10.68 16.28 58.38
C VAL C 219 10.88 16.87 57.01
N LEU C 220 10.14 17.92 56.67
CA LEU C 220 10.16 18.50 55.32
C LEU C 220 10.88 19.84 55.32
N LYS C 221 11.38 20.20 54.15
CA LYS C 221 12.25 21.35 54.00
C LYS C 221 12.24 21.81 52.55
N PRO C 222 11.30 22.72 52.24
CA PRO C 222 11.22 23.30 50.93
C PRO C 222 12.31 24.29 50.68
N ALA C 223 12.42 24.66 49.41
CA ALA C 223 13.40 25.63 48.97
C ALA C 223 13.10 26.97 49.63
N GLU C 224 14.13 27.80 49.80
CA GLU C 224 13.96 29.12 50.40
C GLU C 224 13.22 30.08 49.46
N GLN C 225 13.32 29.85 48.16
CA GLN C 225 12.65 30.69 47.19
C GLN C 225 11.15 30.43 47.19
N THR C 226 10.76 29.26 47.68
CA THR C 226 9.39 28.80 47.53
C THR C 226 8.95 28.01 48.75
N PRO C 227 8.68 28.68 49.88
CA PRO C 227 8.19 27.91 51.01
C PRO C 227 6.65 27.92 51.17
N LEU C 228 5.91 28.59 50.27
CA LEU C 228 4.46 28.84 50.52
C LEU C 228 3.58 27.60 50.51
N THR C 229 3.59 26.86 49.41
CA THR C 229 2.68 25.73 49.26
C THR C 229 2.89 24.68 50.29
N ALA C 230 4.13 24.30 50.53
CA ALA C 230 4.39 23.30 51.56
C ALA C 230 3.70 23.64 52.89
N LEU C 231 3.92 24.87 53.33
CA LEU C 231 3.43 25.30 54.62
C LEU C 231 1.92 25.19 54.62
N TYR C 232 1.32 25.47 53.47
CA TYR C 232 -0.12 25.28 53.33
C TYR C 232 -0.47 23.83 53.59
N LEU C 233 0.18 22.97 52.84
CA LEU C 233 -0.10 21.55 52.88
C LEU C 233 -0.07 21.02 54.32
N GLY C 234 0.71 21.65 55.18
CA GLY C 234 0.72 21.25 56.56
C GLY C 234 -0.64 21.42 57.25
N SER C 235 -1.32 22.53 56.95
CA SER C 235 -2.64 22.73 57.48
C SER C 235 -3.50 21.53 57.07
N LEU C 236 -3.41 21.13 55.79
CA LEU C 236 -4.19 20.01 55.23
C LEU C 236 -3.84 18.65 55.88
N ILE C 237 -2.56 18.36 56.04
CA ILE C 237 -2.11 17.22 56.81
C ILE C 237 -2.74 17.17 58.20
N LYS C 238 -2.87 18.34 58.86
CA LYS C 238 -3.54 18.46 60.16
C LYS C 238 -5.06 18.22 60.11
N GLU C 239 -5.71 18.86 59.14
CA GLU C 239 -7.14 18.69 58.91
C GLU C 239 -7.46 17.24 58.57
N ALA C 240 -6.67 16.68 57.67
CA ALA C 240 -6.97 15.37 57.16
C ALA C 240 -6.86 14.33 58.26
N GLY C 241 -6.19 14.67 59.35
CA GLY C 241 -6.19 13.81 60.53
C GLY C 241 -4.98 12.93 60.82
N PHE C 242 -3.84 13.14 60.16
CA PHE C 242 -2.62 12.43 60.55
C PHE C 242 -2.25 12.90 61.94
N PRO C 243 -1.79 11.98 62.80
CA PRO C 243 -1.44 12.38 64.15
C PRO C 243 -0.29 13.36 64.18
N PRO C 244 -0.13 14.06 65.30
CA PRO C 244 0.94 15.09 65.44
C PRO C 244 2.34 14.51 65.43
N GLY C 245 3.22 15.14 64.66
CA GLY C 245 4.58 14.66 64.54
C GLY C 245 4.89 13.81 63.32
N VAL C 246 3.87 13.22 62.71
CA VAL C 246 4.07 12.44 61.51
C VAL C 246 4.74 13.31 60.44
N VAL C 247 4.22 14.48 60.11
CA VAL C 247 4.88 15.35 59.11
C VAL C 247 5.22 16.72 59.71
N ASN C 248 6.51 17.10 59.63
CA ASN C 248 6.93 18.41 60.09
C ASN C 248 7.60 19.15 58.97
N ILE C 249 7.39 20.45 58.93
CA ILE C 249 8.02 21.23 57.95
C ILE C 249 8.84 22.26 58.71
N VAL C 250 9.98 22.63 58.14
CA VAL C 250 10.88 23.57 58.75
C VAL C 250 11.42 24.28 57.54
N PRO C 251 10.83 25.44 57.19
CA PRO C 251 11.42 26.13 56.04
C PRO C 251 12.68 26.79 56.50
N GLY C 252 13.45 27.29 55.53
CA GLY C 252 14.72 27.94 55.80
C GLY C 252 15.66 27.92 54.61
N PHE C 253 16.95 28.07 54.90
CA PHE C 253 18.00 28.01 53.91
C PHE C 253 18.74 26.66 53.87
N GLY C 254 19.29 26.40 52.69
CA GLY C 254 20.01 25.15 52.40
C GLY C 254 21.22 24.90 53.27
N PRO C 255 22.22 25.81 53.21
CA PRO C 255 23.40 25.63 54.04
C PRO C 255 23.11 25.65 55.53
N THR C 256 21.93 26.14 55.90
CA THR C 256 21.48 26.14 57.30
C THR C 256 20.63 24.90 57.63
N VAL C 257 19.39 24.89 57.15
CA VAL C 257 18.44 23.88 57.58
C VAL C 257 18.73 22.59 56.88
N GLY C 258 18.77 22.64 55.56
CA GLY C 258 19.14 21.46 54.75
C GLY C 258 20.36 20.67 55.26
N ALA C 259 21.45 21.40 55.51
CA ALA C 259 22.62 20.84 56.14
C ALA C 259 22.36 20.26 57.53
N ALA C 260 21.43 20.81 58.28
CA ALA C 260 21.13 20.27 59.60
C ALA C 260 20.39 18.97 59.53
N ILE C 261 19.71 18.78 58.39
CA ILE C 261 18.97 17.55 58.10
C ILE C 261 19.94 16.46 57.63
N SER C 262 20.61 16.73 56.52
CA SER C 262 21.58 15.81 55.97
C SER C 262 22.61 15.35 56.98
N SER C 263 22.88 16.16 57.99
CA SER C 263 23.89 15.85 59.03
C SER C 263 23.28 15.20 60.24
N HIS C 264 21.97 14.94 60.20
CA HIS C 264 21.25 14.72 61.43
C HIS C 264 21.34 13.28 61.89
N PRO C 265 21.89 13.10 63.10
CA PRO C 265 22.11 11.79 63.70
C PRO C 265 20.89 10.92 63.81
N GLN C 266 19.75 11.53 64.12
CA GLN C 266 18.47 10.83 64.25
C GLN C 266 17.48 10.93 63.06
N ILE C 267 18.00 11.29 61.89
CA ILE C 267 17.26 11.13 60.64
C ILE C 267 17.80 9.86 59.99
N ASN C 268 16.90 8.99 59.51
CA ASN C 268 17.28 7.66 59.00
C ASN C 268 17.29 7.52 57.48
N LYS C 269 16.56 8.38 56.78
CA LYS C 269 16.66 8.40 55.34
C LYS C 269 16.55 9.80 54.85
N ILE C 270 17.03 10.08 53.65
CA ILE C 270 16.75 11.35 53.00
C ILE C 270 16.48 11.18 51.53
N ALA C 271 15.45 11.88 51.05
CA ALA C 271 15.32 12.11 49.63
C ALA C 271 15.63 13.57 49.37
N PHE C 272 16.52 13.81 48.40
CA PHE C 272 16.82 15.16 47.91
C PHE C 272 16.54 15.26 46.38
N THR C 273 15.81 16.28 45.97
CA THR C 273 15.80 16.70 44.57
C THR C 273 16.37 18.08 44.45
N GLY C 274 17.20 18.29 43.44
CA GLY C 274 17.92 19.55 43.30
C GLY C 274 19.06 19.40 42.34
N SER C 275 20.11 20.17 42.56
CA SER C 275 21.26 20.22 41.69
C SER C 275 22.29 19.18 42.12
N THR C 276 23.11 18.71 41.18
CA THR C 276 24.14 17.71 41.47
C THR C 276 25.05 18.09 42.62
N GLU C 277 25.64 19.27 42.53
CA GLU C 277 26.64 19.68 43.52
C GLU C 277 26.11 19.65 44.95
N VAL C 278 24.88 20.11 45.13
CA VAL C 278 24.24 20.01 46.44
C VAL C 278 24.01 18.54 46.76
N GLY C 279 23.70 17.76 45.73
CA GLY C 279 23.45 16.36 45.94
C GLY C 279 24.61 15.71 46.68
N LYS C 280 25.79 15.83 46.05
CA LYS C 280 26.98 15.13 46.52
C LYS C 280 27.26 15.51 47.95
N LEU C 281 27.00 16.78 48.27
CA LEU C 281 27.15 17.28 49.62
C LEU C 281 26.27 16.56 50.59
N VAL C 282 25.01 16.37 50.22
CA VAL C 282 24.07 15.67 51.10
C VAL C 282 24.51 14.23 51.27
N LYS C 283 24.95 13.60 50.19
CA LYS C 283 25.48 12.25 50.34
C LYS C 283 26.68 12.25 51.30
N GLU C 284 27.63 13.14 51.09
CA GLU C 284 28.81 13.19 51.95
C GLU C 284 28.36 13.33 53.38
N ALA C 285 27.53 14.35 53.63
CA ALA C 285 27.00 14.66 54.97
C ALA C 285 26.41 13.44 55.65
N ALA C 286 25.66 12.68 54.86
CA ALA C 286 25.03 11.47 55.34
C ALA C 286 26.06 10.41 55.79
N SER C 287 27.07 10.21 54.95
CA SER C 287 28.09 9.19 55.20
C SER C 287 28.82 9.43 56.51
N ARG C 288 29.11 10.70 56.80
CA ARG C 288 29.89 11.08 58.01
C ARG C 288 29.09 10.88 59.29
N SER C 289 27.77 11.00 59.18
CA SER C 289 26.91 11.28 60.31
C SER C 289 26.21 10.09 60.95
N ASN C 290 25.50 9.31 60.13
CA ASN C 290 24.93 8.09 60.64
C ASN C 290 24.55 7.13 59.54
N LEU C 291 25.16 7.29 58.38
CA LEU C 291 24.90 6.42 57.21
C LEU C 291 23.40 6.25 56.91
N LYS C 292 22.65 7.29 57.25
CA LYS C 292 21.32 7.42 56.79
C LYS C 292 21.26 7.18 55.28
N ARG C 293 20.08 6.75 54.85
CA ARG C 293 19.86 6.34 53.49
C ARG C 293 19.48 7.45 52.53
N VAL C 294 19.99 7.43 51.32
CA VAL C 294 19.83 8.57 50.46
C VAL C 294 19.46 8.20 49.04
N THR C 295 18.43 8.89 48.54
CA THR C 295 18.07 8.81 47.14
C THR C 295 18.12 10.18 46.56
N LEU C 296 18.58 10.29 45.34
CA LEU C 296 18.77 11.59 44.73
C LEU C 296 18.20 11.70 43.31
N GLU C 297 17.47 12.77 43.09
CA GLU C 297 17.11 13.20 41.74
C GLU C 297 17.93 14.44 41.39
N LEU C 298 18.86 14.29 40.47
CA LEU C 298 19.66 15.43 40.06
C LEU C 298 19.31 15.74 38.63
N GLY C 299 19.97 16.69 38.00
CA GLY C 299 19.56 17.02 36.66
C GLY C 299 19.93 15.95 35.66
N GLY C 300 19.90 16.32 34.40
CA GLY C 300 20.44 15.52 33.33
C GLY C 300 20.54 16.42 32.13
N LYS C 301 21.35 16.02 31.16
CA LYS C 301 21.34 16.65 29.86
C LYS C 301 20.61 15.70 28.92
N ASN C 302 19.30 15.87 28.83
CA ASN C 302 18.41 14.88 28.28
C ASN C 302 18.16 15.00 26.77
N PRO C 303 18.60 14.01 25.99
CA PRO C 303 18.44 14.14 24.56
C PRO C 303 17.06 13.78 24.07
N CYS C 304 16.59 14.49 23.02
CA CYS C 304 15.53 14.01 22.09
C CYS C 304 16.22 13.52 20.83
N ILE C 305 15.82 12.37 20.31
CA ILE C 305 16.34 11.89 19.04
C ILE C 305 15.20 11.78 18.04
N VAL C 306 15.38 12.42 16.89
CA VAL C 306 14.34 12.44 15.86
C VAL C 306 14.89 11.77 14.60
N CYS C 307 14.06 10.87 14.03
CA CYS C 307 14.41 10.10 12.85
C CYS C 307 13.47 10.47 11.71
N ALA C 308 13.99 10.35 10.49
CA ALA C 308 13.31 10.76 9.25
C ALA C 308 11.94 10.16 9.07
N ASP C 309 11.79 8.91 9.50
CA ASP C 309 10.50 8.24 9.42
C ASP C 309 9.56 8.66 10.54
N ALA C 310 9.94 9.65 11.33
CA ALA C 310 9.12 10.13 12.42
C ALA C 310 7.81 10.74 11.91
N ASP C 311 6.79 10.85 12.76
CA ASP C 311 5.64 11.71 12.46
C ASP C 311 6.17 13.08 12.74
N LEU C 312 6.41 13.84 11.68
CA LEU C 312 7.21 15.05 11.76
C LEU C 312 6.54 16.15 12.60
N ASP C 313 5.24 16.33 12.40
CA ASP C 313 4.52 17.32 13.18
C ASP C 313 4.66 16.97 14.64
N LEU C 314 4.26 15.74 14.98
CA LEU C 314 4.29 15.26 16.35
C LEU C 314 5.65 15.46 16.98
N ALA C 315 6.69 15.24 16.20
CA ALA C 315 8.05 15.34 16.70
C ALA C 315 8.45 16.77 17.05
N VAL C 316 7.94 17.76 16.33
CA VAL C 316 8.25 19.17 16.66
C VAL C 316 7.48 19.62 17.90
N GLU C 317 6.19 19.34 17.93
CA GLU C 317 5.33 19.74 19.05
C GLU C 317 5.76 19.12 20.38
N CYS C 318 6.38 17.95 20.34
CA CYS C 318 6.87 17.28 21.55
C CYS C 318 8.22 17.80 21.94
N ALA C 319 9.13 17.81 20.98
CA ALA C 319 10.40 18.43 21.21
C ALA C 319 10.19 19.86 21.75
N HIS C 320 9.18 20.56 21.24
CA HIS C 320 8.95 21.95 21.61
C HIS C 320 8.49 22.08 23.05
N GLN C 321 7.40 21.42 23.38
CA GLN C 321 6.92 21.45 24.75
C GLN C 321 8.05 20.97 25.68
N GLY C 322 8.80 19.99 25.21
CA GLY C 322 9.83 19.38 26.02
C GLY C 322 11.00 20.27 26.37
N VAL C 323 11.45 21.07 25.43
CA VAL C 323 12.52 22.01 25.71
C VAL C 323 11.97 23.12 26.62
N PHE C 324 10.80 23.63 26.26
CA PHE C 324 10.28 24.89 26.82
C PHE C 324 9.37 24.80 28.06
N PHE C 325 8.90 23.62 28.41
CA PHE C 325 7.91 23.51 29.48
C PHE C 325 8.45 24.04 30.79
N ASN C 326 7.58 24.75 31.53
CA ASN C 326 7.91 25.43 32.79
C ASN C 326 9.13 26.31 32.63
N GLN C 327 9.07 27.11 31.57
CA GLN C 327 10.14 28.01 31.16
C GLN C 327 11.51 27.32 30.98
N GLY C 328 11.49 26.05 30.57
CA GLY C 328 12.70 25.25 30.55
C GLY C 328 13.36 25.04 31.91
N GLN C 329 12.60 25.26 32.99
CA GLN C 329 13.12 25.13 34.34
C GLN C 329 12.63 23.81 34.90
N CYS C 330 12.83 22.75 34.14
CA CYS C 330 12.38 21.42 34.50
C CYS C 330 13.56 20.43 34.34
N CYS C 331 13.68 19.49 35.28
CA CYS C 331 14.74 18.50 35.21
C CYS C 331 14.61 17.59 33.99
N THR C 332 13.38 17.43 33.50
CA THR C 332 13.12 16.56 32.36
C THR C 332 13.41 17.24 31.04
N ALA C 333 13.96 18.44 31.11
CA ALA C 333 14.07 19.29 29.93
C ALA C 333 14.92 18.64 28.86
N ALA C 334 14.55 18.87 27.60
CA ALA C 334 15.34 18.40 26.50
C ALA C 334 16.41 19.43 26.19
N SER C 335 17.65 19.09 26.44
CA SER C 335 18.77 19.99 26.19
C SER C 335 19.46 19.78 24.85
N ARG C 336 19.33 18.58 24.31
CA ARG C 336 19.94 18.23 23.03
C ARG C 336 18.94 17.55 22.13
N VAL C 337 18.52 18.23 21.08
CA VAL C 337 17.62 17.66 20.11
C VAL C 337 18.42 17.18 18.91
N PHE C 338 18.35 15.90 18.60
CA PHE C 338 19.03 15.36 17.42
C PHE C 338 18.02 15.17 16.31
N VAL C 339 18.40 15.57 15.10
CA VAL C 339 17.53 15.39 13.95
C VAL C 339 18.30 14.87 12.75
N GLU C 340 17.68 13.93 12.03
CA GLU C 340 18.33 13.23 10.92
C GLU C 340 18.45 14.20 9.74
N GLU C 341 19.55 14.06 8.99
CA GLU C 341 19.90 14.99 7.92
C GLU C 341 18.78 15.23 6.93
N GLN C 342 18.09 14.17 6.53
CA GLN C 342 17.07 14.28 5.51
C GLN C 342 15.93 15.18 5.94
N VAL C 343 15.64 15.19 7.22
CA VAL C 343 14.42 15.81 7.73
C VAL C 343 14.72 17.01 8.64
N TYR C 344 15.98 17.44 8.64
CA TYR C 344 16.46 18.47 9.54
C TYR C 344 15.84 19.87 9.37
N SER C 345 16.06 20.45 8.21
CA SER C 345 15.66 21.83 7.93
C SER C 345 14.21 22.12 8.30
N GLU C 346 13.31 21.40 7.66
CA GLU C 346 11.88 21.59 7.89
C GLU C 346 11.50 21.43 9.39
N PHE C 347 12.30 20.65 10.12
CA PHE C 347 12.12 20.55 11.57
C PHE C 347 12.36 21.91 12.20
N VAL C 348 13.51 22.49 11.90
CA VAL C 348 13.89 23.78 12.47
C VAL C 348 12.81 24.84 12.23
N ARG C 349 12.27 24.88 11.02
CA ARG C 349 11.29 25.91 10.66
C ARG C 349 9.94 25.77 11.35
N ARG C 350 9.51 24.53 11.57
CA ARG C 350 8.28 24.28 12.30
C ARG C 350 8.50 24.52 13.78
N SER C 351 9.73 24.26 14.24
CA SER C 351 10.09 24.51 15.63
C SER C 351 10.00 26.01 15.96
N VAL C 352 10.49 26.85 15.05
CA VAL C 352 10.48 28.31 15.26
C VAL C 352 9.09 28.88 15.10
N GLU C 353 8.31 28.31 14.21
CA GLU C 353 6.91 28.67 14.10
C GLU C 353 6.16 28.43 15.44
N TYR C 354 6.52 27.35 16.14
CA TYR C 354 6.01 27.08 17.50
C TYR C 354 6.62 28.08 18.49
N ALA C 355 7.91 28.31 18.35
CA ALA C 355 8.69 29.17 19.27
C ALA C 355 8.29 30.65 19.27
N LYS C 356 8.31 31.28 18.09
CA LYS C 356 7.85 32.66 17.97
C LYS C 356 6.42 32.77 18.52
N LYS C 357 5.54 31.95 17.97
CA LYS C 357 4.10 32.03 18.17
C LYS C 357 3.60 31.78 19.61
N ARG C 358 4.37 31.12 20.48
CA ARG C 358 3.86 30.74 21.80
C ARG C 358 3.76 31.93 22.75
N PRO C 359 2.56 32.17 23.31
CA PRO C 359 2.28 33.38 24.07
C PRO C 359 2.92 33.38 25.44
N VAL C 360 3.65 34.46 25.70
CA VAL C 360 4.38 34.65 26.93
C VAL C 360 3.66 35.78 27.65
N GLY C 361 3.76 35.84 28.98
CA GLY C 361 3.07 36.91 29.74
C GLY C 361 2.75 36.68 31.22
N ASP C 362 1.66 37.31 31.66
CA ASP C 362 1.22 37.30 33.05
C ASP C 362 0.64 35.93 33.34
N PRO C 363 1.16 35.23 34.38
CA PRO C 363 0.72 33.89 34.74
C PRO C 363 -0.78 33.73 34.84
N PHE C 364 -1.44 34.68 35.45
CA PHE C 364 -2.82 34.52 35.79
C PHE C 364 -3.78 34.59 34.61
N ASP C 365 -3.35 35.12 33.47
CA ASP C 365 -4.16 35.12 32.25
C ASP C 365 -4.31 33.73 31.62
N VAL C 366 -5.55 33.41 31.22
CA VAL C 366 -5.90 32.06 30.71
C VAL C 366 -4.99 31.56 29.57
N LYS C 367 -4.49 32.49 28.77
CA LYS C 367 -3.91 32.21 27.46
C LYS C 367 -2.38 32.28 27.43
N THR C 368 -1.77 32.55 28.58
CA THR C 368 -0.31 32.54 28.68
C THR C 368 0.20 31.12 28.92
N GLU C 369 1.08 30.67 28.02
CA GLU C 369 1.73 29.36 28.13
C GLU C 369 3.03 29.46 28.89
N GLN C 370 3.68 30.63 28.82
CA GLN C 370 4.96 30.86 29.50
C GLN C 370 4.87 32.01 30.49
N GLY C 371 5.55 31.85 31.62
CA GLY C 371 5.53 32.83 32.69
C GLY C 371 6.90 33.46 32.85
N PRO C 372 7.12 34.24 33.91
CA PRO C 372 8.46 34.73 34.14
C PRO C 372 9.42 33.59 34.52
N GLN C 373 10.71 33.84 34.37
CA GLN C 373 11.73 32.96 34.90
C GLN C 373 11.71 33.20 36.40
N ILE C 374 12.24 32.26 37.16
CA ILE C 374 11.98 32.19 38.60
C ILE C 374 12.45 33.42 39.35
N ASP C 375 13.51 34.03 38.85
CA ASP C 375 14.00 35.22 39.50
C ASP C 375 15.00 35.91 38.59
N GLN C 376 15.51 37.06 39.05
CA GLN C 376 16.48 37.83 38.32
C GLN C 376 17.70 37.00 37.99
N LYS C 377 18.15 36.18 38.95
CA LYS C 377 19.43 35.50 38.80
C LYS C 377 19.33 34.40 37.75
N GLN C 378 18.40 33.47 37.90
CA GLN C 378 18.22 32.41 36.89
C GLN C 378 17.83 32.96 35.50
N PHE C 379 17.23 34.15 35.49
CA PHE C 379 16.93 34.91 34.26
C PHE C 379 18.19 35.43 33.52
N ASP C 380 19.27 35.71 34.24
CA ASP C 380 20.54 36.14 33.64
C ASP C 380 21.51 34.99 33.34
N LYS C 381 21.51 33.96 34.20
CA LYS C 381 22.33 32.77 34.03
C LYS C 381 22.29 32.32 32.58
N ILE C 382 21.07 32.10 32.12
CA ILE C 382 20.76 31.61 30.78
C ILE C 382 21.23 32.51 29.63
N LEU C 383 21.03 33.81 29.77
CA LEU C 383 21.38 34.81 28.73
C LEU C 383 22.88 34.79 28.44
N GLU C 384 23.69 34.52 29.47
CA GLU C 384 25.12 34.29 29.31
C GLU C 384 25.35 33.24 28.23
N LEU C 385 24.66 32.12 28.40
CA LEU C 385 24.77 30.98 27.48
C LEU C 385 24.18 31.27 26.10
N ILE C 386 23.13 32.09 26.04
CA ILE C 386 22.56 32.53 24.75
C ILE C 386 23.62 33.18 23.88
N GLU C 387 24.60 33.82 24.51
CA GLU C 387 25.77 34.33 23.79
C GLU C 387 26.74 33.19 23.42
N SER C 388 26.87 32.18 24.28
CA SER C 388 27.70 30.99 23.99
C SER C 388 27.43 30.44 22.59
N GLY C 389 26.16 30.43 22.20
CA GLY C 389 25.73 29.94 20.90
C GLY C 389 26.14 30.86 19.78
N LYS C 390 25.98 32.16 20.00
CA LYS C 390 26.42 33.21 19.06
C LYS C 390 27.93 33.29 19.00
N LYS C 391 28.58 33.08 20.13
CA LYS C 391 30.04 33.12 20.24
C LYS C 391 30.73 32.07 19.36
N GLU C 392 30.38 30.80 19.57
CA GLU C 392 31.03 29.69 18.85
C GLU C 392 30.36 29.29 17.53
N GLY C 393 29.36 30.06 17.09
CA GLY C 393 28.82 29.95 15.74
C GLY C 393 27.63 29.02 15.61
N ALA C 394 26.45 29.54 15.91
CA ALA C 394 25.21 28.77 15.84
C ALA C 394 24.07 29.64 15.40
N LYS C 395 23.36 29.18 14.37
CA LYS C 395 22.38 29.99 13.71
C LYS C 395 21.13 30.09 14.56
N LEU C 396 20.88 31.29 15.07
CA LEU C 396 19.70 31.58 15.85
C LEU C 396 18.50 31.76 14.93
N GLU C 397 17.39 31.09 15.22
CA GLU C 397 16.22 31.06 14.31
C GLU C 397 15.02 31.92 14.76
N CYS C 398 14.88 32.10 16.06
CA CYS C 398 13.96 33.08 16.62
C CYS C 398 14.39 33.41 18.04
N GLY C 399 13.89 34.54 18.57
CA GLY C 399 14.31 35.06 19.87
C GLY C 399 15.79 35.41 19.92
N GLY C 400 16.37 35.29 21.11
CA GLY C 400 17.82 35.39 21.27
C GLY C 400 18.23 36.40 22.31
N SER C 401 17.27 37.22 22.71
CA SER C 401 17.48 38.27 23.71
C SER C 401 16.39 38.19 24.75
N ALA C 402 16.67 38.75 25.92
CA ALA C 402 15.64 39.02 26.91
C ALA C 402 14.66 40.02 26.30
N MET C 403 13.37 39.74 26.41
CA MET C 403 12.33 40.63 25.88
C MET C 403 11.84 41.52 26.99
N GLU C 404 11.93 42.84 26.80
CA GLU C 404 11.63 43.79 27.86
C GLU C 404 12.54 43.45 29.05
N ASP C 405 12.83 44.42 29.92
CA ASP C 405 13.77 44.13 31.01
C ASP C 405 13.16 44.19 32.41
N LYS C 406 12.08 44.97 32.56
CA LYS C 406 11.40 45.15 33.84
C LYS C 406 10.67 43.88 34.33
N GLY C 407 10.64 42.84 33.49
CA GLY C 407 10.15 41.53 33.87
C GLY C 407 11.18 40.48 33.48
N LEU C 408 11.06 39.29 34.06
CA LEU C 408 11.99 38.19 33.80
C LEU C 408 11.51 37.33 32.63
N PHE C 409 11.49 37.91 31.44
CA PHE C 409 10.94 37.24 30.28
C PHE C 409 11.96 37.15 29.16
N ILE C 410 12.34 35.93 28.78
CA ILE C 410 13.16 35.66 27.58
C ILE C 410 12.26 35.17 26.46
N LYS C 411 12.44 35.70 25.25
CA LYS C 411 11.70 35.20 24.09
C LYS C 411 12.16 33.78 23.83
N PRO C 412 11.21 32.88 23.55
CA PRO C 412 11.60 31.53 23.18
C PRO C 412 12.71 31.55 22.11
N THR C 413 13.89 31.00 22.42
CA THR C 413 14.96 30.93 21.42
C THR C 413 15.19 29.50 20.91
N VAL C 414 15.58 29.41 19.63
CA VAL C 414 15.90 28.16 18.97
C VAL C 414 17.24 28.31 18.26
N PHE C 415 18.15 27.37 18.45
CA PHE C 415 19.41 27.40 17.73
C PHE C 415 19.44 26.26 16.77
N SER C 416 20.25 26.41 15.74
CA SER C 416 20.46 25.38 14.75
C SER C 416 21.97 25.23 14.52
N GLU C 417 22.33 24.31 13.65
CA GLU C 417 23.72 24.00 13.39
C GLU C 417 24.51 23.83 14.66
N VAL C 418 23.83 23.32 15.69
CA VAL C 418 24.45 23.06 16.98
C VAL C 418 25.31 21.82 16.85
N THR C 419 26.36 21.76 17.65
CA THR C 419 27.29 20.66 17.59
C THR C 419 27.62 20.20 19.01
N ASP C 420 28.30 19.06 19.10
CA ASP C 420 28.63 18.44 20.39
C ASP C 420 29.52 19.34 21.24
N ASN C 421 30.47 20.00 20.59
CA ASN C 421 31.46 20.80 21.28
C ASN C 421 30.87 22.02 21.99
N MET C 422 29.81 22.58 21.42
CA MET C 422 29.22 23.84 21.93
C MET C 422 28.71 23.70 23.35
N ARG C 423 28.92 24.73 24.17
CA ARG C 423 28.48 24.70 25.56
C ARG C 423 26.95 24.62 25.70
N ILE C 424 26.23 25.19 24.74
CA ILE C 424 24.76 25.13 24.73
C ILE C 424 24.16 23.73 24.70
N ALA C 425 24.87 22.78 24.11
CA ALA C 425 24.42 21.39 24.16
C ALA C 425 25.37 20.58 25.06
N LYS C 426 25.64 21.11 26.26
CA LYS C 426 26.61 20.48 27.17
C LYS C 426 26.48 20.89 28.66
N GLU C 427 26.20 22.16 28.92
CA GLU C 427 25.94 22.64 30.28
C GLU C 427 24.42 22.85 30.54
N GLU C 428 24.00 22.47 31.73
CA GLU C 428 22.59 22.61 32.11
C GLU C 428 22.13 24.03 31.83
N ILE C 429 21.38 24.25 30.77
CA ILE C 429 20.91 25.60 30.39
C ILE C 429 19.83 26.18 31.32
N PHE C 430 19.07 25.32 32.00
CA PHE C 430 18.08 25.81 32.97
C PHE C 430 17.16 26.86 32.34
N GLY C 431 16.69 26.67 31.11
CA GLY C 431 15.75 27.65 30.49
C GLY C 431 15.31 27.42 29.05
N PRO C 432 14.56 28.38 28.44
CA PRO C 432 13.97 28.21 27.11
C PRO C 432 14.92 28.42 25.92
N VAL C 433 15.68 27.37 25.61
CA VAL C 433 16.64 27.37 24.52
C VAL C 433 16.59 25.99 23.85
N GLN C 434 16.41 25.97 22.54
CA GLN C 434 16.30 24.72 21.81
C GLN C 434 17.54 24.52 20.95
N PRO C 435 18.58 23.86 21.49
CA PRO C 435 19.69 23.45 20.63
C PRO C 435 19.32 22.26 19.73
N ILE C 436 19.45 22.44 18.42
CA ILE C 436 19.12 21.39 17.46
C ILE C 436 20.41 20.94 16.79
N LEU C 437 20.68 19.64 16.86
CA LEU C 437 21.87 19.02 16.28
C LEU C 437 21.53 18.21 15.01
N LYS C 438 22.56 17.61 14.42
CA LYS C 438 22.43 16.89 13.16
C LYS C 438 23.12 15.53 13.31
N PHE C 439 22.54 14.50 12.69
CA PHE C 439 23.14 13.14 12.69
C PHE C 439 22.65 12.32 11.48
N LYS C 440 23.40 11.28 11.14
CA LYS C 440 23.06 10.42 10.01
C LYS C 440 22.51 9.09 10.47
N SER C 441 23.33 8.36 11.21
CA SER C 441 23.09 6.98 11.51
C SER C 441 22.55 6.80 12.92
N ILE C 442 21.77 5.75 13.11
CA ILE C 442 21.34 5.37 14.46
C ILE C 442 22.52 5.05 15.40
N GLU C 443 23.56 4.38 14.94
CA GLU C 443 24.69 4.11 15.84
C GLU C 443 25.38 5.36 16.34
N GLU C 444 25.48 6.34 15.45
CA GLU C 444 26.07 7.64 15.76
C GLU C 444 25.33 8.29 16.95
N VAL C 445 24.01 8.42 16.81
CA VAL C 445 23.18 9.09 17.79
C VAL C 445 23.11 8.35 19.17
N ILE C 446 23.43 7.06 19.18
CA ILE C 446 23.48 6.25 20.41
C ILE C 446 24.72 6.52 21.28
N LYS C 447 25.88 6.72 20.67
CA LYS C 447 27.10 7.03 21.46
C LYS C 447 27.09 8.49 21.97
N ARG C 448 26.78 9.41 21.07
CA ARG C 448 26.68 10.81 21.42
C ARG C 448 25.72 10.97 22.61
N ALA C 449 24.43 10.71 22.39
CA ALA C 449 23.41 10.80 23.44
C ALA C 449 23.91 10.20 24.75
N ASN C 450 24.60 9.07 24.68
CA ASN C 450 25.13 8.47 25.91
C ASN C 450 26.39 9.12 26.50
N SER C 451 27.02 10.01 25.74
CA SER C 451 28.33 10.57 26.14
C SER C 451 28.39 11.52 27.35
N THR C 452 27.27 11.82 28.03
CA THR C 452 27.31 12.59 29.29
C THR C 452 27.39 11.66 30.50
N ASP C 453 27.62 12.25 31.66
CA ASP C 453 27.62 11.51 32.94
C ASP C 453 26.24 11.46 33.55
N TYR C 454 25.25 11.66 32.70
CA TYR C 454 23.92 11.83 33.15
C TYR C 454 23.04 10.91 32.35
N GLY C 455 21.82 10.70 32.84
CA GLY C 455 20.86 9.86 32.12
C GLY C 455 19.57 9.78 32.88
N LEU C 456 18.81 10.87 32.86
CA LEU C 456 17.56 10.95 33.59
C LEU C 456 16.41 10.62 32.69
N THR C 457 16.48 11.06 31.44
CA THR C 457 15.36 11.05 30.52
C THR C 457 15.81 11.06 29.05
N ALA C 458 15.11 10.35 28.18
CA ALA C 458 15.40 10.44 26.75
C ALA C 458 14.13 10.36 25.99
N ALA C 459 14.18 10.75 24.72
CA ALA C 459 13.00 10.58 23.89
C ALA C 459 13.35 10.30 22.45
N VAL C 460 12.47 9.56 21.80
CA VAL C 460 12.70 8.98 20.52
C VAL C 460 11.44 9.13 19.71
N PHE C 461 11.62 9.59 18.47
CA PHE C 461 10.53 9.74 17.50
C PHE C 461 10.89 9.02 16.20
N THR C 462 10.12 7.98 15.94
CA THR C 462 10.19 7.20 14.72
C THR C 462 8.86 6.44 14.62
N LYS C 463 8.47 6.08 13.40
CA LYS C 463 7.34 5.19 13.17
C LYS C 463 7.77 3.72 13.13
N ASN C 464 9.09 3.49 13.16
CA ASN C 464 9.65 2.16 13.03
C ASN C 464 9.77 1.40 14.34
N LEU C 465 9.23 0.18 14.35
CA LEU C 465 9.19 -0.70 15.52
C LEU C 465 10.59 -1.10 16.02
N ASP C 466 11.42 -1.57 15.10
CA ASP C 466 12.78 -2.03 15.43
C ASP C 466 13.68 -0.88 15.88
N LYS C 467 13.57 0.25 15.20
CA LYS C 467 14.41 1.39 15.55
C LYS C 467 14.06 1.91 16.95
N ALA C 468 12.77 1.97 17.23
CA ALA C 468 12.30 2.46 18.51
C ALA C 468 12.76 1.56 19.66
N LEU C 469 12.46 0.27 19.53
CA LEU C 469 12.82 -0.67 20.56
C LEU C 469 14.33 -0.79 20.69
N LYS C 470 15.04 -0.70 19.57
CA LYS C 470 16.51 -0.73 19.62
C LYS C 470 17.01 0.40 20.54
N LEU C 471 16.61 1.62 20.18
CA LEU C 471 17.03 2.81 20.91
C LEU C 471 16.56 2.78 22.35
N ALA C 472 15.30 2.45 22.57
CA ALA C 472 14.80 2.30 23.95
C ALA C 472 15.75 1.44 24.79
N SER C 473 16.25 0.37 24.19
CA SER C 473 17.19 -0.51 24.85
C SER C 473 18.57 0.10 25.01
N ALA C 474 19.05 0.68 23.91
CA ALA C 474 20.41 1.20 23.83
C ALA C 474 20.69 2.37 24.76
N LEU C 475 19.73 3.29 24.88
CA LEU C 475 19.94 4.55 25.62
C LEU C 475 20.02 4.32 27.11
N GLU C 476 20.73 5.19 27.80
CA GLU C 476 21.02 5.02 29.20
C GLU C 476 20.34 6.10 29.96
N SER C 477 19.02 5.98 30.01
CA SER C 477 18.12 6.89 30.70
C SER C 477 17.26 6.13 31.66
N GLY C 478 16.72 6.82 32.65
CA GLY C 478 15.86 6.20 33.63
C GLY C 478 14.46 6.08 33.11
N THR C 479 14.20 6.90 32.07
CA THR C 479 12.93 6.92 31.38
C THR C 479 13.18 7.22 29.90
N VAL C 480 12.62 6.42 29.02
CA VAL C 480 12.75 6.67 27.58
C VAL C 480 11.37 6.78 27.02
N TRP C 481 11.05 7.95 26.48
CA TRP C 481 9.77 8.19 25.87
C TRP C 481 9.83 7.85 24.37
N ILE C 482 8.73 7.37 23.82
CA ILE C 482 8.67 7.06 22.40
C ILE C 482 7.46 7.71 21.81
N ASN C 483 7.69 8.62 20.85
CA ASN C 483 6.63 9.48 20.31
C ASN C 483 5.78 10.18 21.38
N CYS C 484 6.45 10.61 22.44
CA CYS C 484 5.87 11.48 23.45
C CYS C 484 6.96 12.15 24.28
N TYR C 485 6.55 13.05 25.14
CA TYR C 485 7.49 13.71 25.99
C TYR C 485 6.78 14.14 27.24
N ASN C 486 7.49 14.09 28.35
CA ASN C 486 6.95 14.45 29.65
C ASN C 486 5.70 13.65 30.01
N ALA C 487 5.61 12.45 29.46
CA ALA C 487 4.59 11.49 29.82
C ALA C 487 4.99 10.77 31.11
N LEU C 488 4.48 11.24 32.25
CA LEU C 488 4.81 10.67 33.54
C LEU C 488 3.56 10.11 34.19
N TYR C 489 3.74 9.11 35.04
CA TYR C 489 2.61 8.53 35.76
C TYR C 489 2.98 8.31 37.21
N ALA C 490 2.04 8.49 38.11
CA ALA C 490 2.29 8.12 39.49
C ALA C 490 2.63 6.66 39.58
N GLN C 491 2.25 5.88 38.57
CA GLN C 491 2.54 4.43 38.47
C GLN C 491 3.94 4.08 37.95
N ALA C 492 4.52 4.97 37.15
CA ALA C 492 5.78 4.65 36.47
C ALA C 492 6.94 5.34 37.20
N PRO C 493 7.99 4.58 37.51
CA PRO C 493 9.08 5.11 38.32
C PRO C 493 9.88 6.09 37.52
N PHE C 494 10.47 7.02 38.25
CA PHE C 494 11.21 8.10 37.65
C PHE C 494 12.46 8.24 38.47
N GLY C 495 13.60 8.43 37.83
CA GLY C 495 14.85 8.56 38.53
C GLY C 495 15.92 8.36 37.49
N GLY C 496 17.13 8.78 37.85
CA GLY C 496 18.21 8.90 36.88
C GLY C 496 19.22 7.78 36.85
N PHE C 497 20.01 7.78 35.77
CA PHE C 497 21.21 6.95 35.66
C PHE C 497 22.45 7.77 36.03
N LYS C 498 23.50 7.10 36.46
CA LYS C 498 24.80 7.68 36.46
C LYS C 498 24.72 8.82 37.44
N MET C 499 25.11 10.02 37.02
CA MET C 499 25.19 11.18 37.91
C MET C 499 23.87 11.93 38.02
N SER C 500 22.83 11.42 37.34
CA SER C 500 21.50 12.04 37.37
C SER C 500 20.77 11.67 38.63
N GLY C 501 21.36 10.77 39.42
CA GLY C 501 20.90 10.49 40.78
C GLY C 501 20.96 9.02 41.16
N ASN C 502 20.41 8.65 42.30
CA ASN C 502 20.28 7.27 42.61
C ASN C 502 18.92 7.03 43.25
N GLY C 503 18.28 5.91 42.95
CA GLY C 503 16.98 5.58 43.50
C GLY C 503 15.90 5.94 42.51
N ARG C 504 14.67 5.50 42.81
CA ARG C 504 13.50 5.81 42.00
C ARG C 504 12.35 6.39 42.87
N GLU C 505 11.69 7.39 42.34
CA GLU C 505 10.47 7.91 42.88
C GLU C 505 9.34 7.60 41.92
N LEU C 506 8.13 7.41 42.46
CA LEU C 506 6.90 6.99 41.75
C LEU C 506 6.97 5.51 41.47
N GLY C 507 5.82 4.92 41.15
CA GLY C 507 5.74 3.50 40.86
C GLY C 507 5.87 2.67 42.11
N GLU C 508 5.82 1.35 41.90
CA GLU C 508 6.05 0.43 43.00
C GLU C 508 7.49 0.54 43.55
N TYR C 509 8.42 0.94 42.68
CA TYR C 509 9.83 0.93 42.99
C TYR C 509 10.18 1.90 44.09
N ALA C 510 9.38 2.95 44.20
CA ALA C 510 9.52 3.89 45.30
C ALA C 510 9.55 3.23 46.67
N LEU C 511 8.56 2.41 46.97
CA LEU C 511 8.45 1.83 48.31
C LEU C 511 9.76 1.22 48.83
N ALA C 512 10.54 0.66 47.91
CA ALA C 512 11.84 0.09 48.22
C ALA C 512 12.65 1.10 49.03
N GLU C 513 12.57 2.38 48.62
CA GLU C 513 13.31 3.48 49.24
C GLU C 513 12.79 3.91 50.61
N TYR C 514 11.63 3.43 51.01
CA TYR C 514 11.01 3.87 52.25
C TYR C 514 10.79 2.69 53.17
N THR C 515 11.52 1.61 52.92
CA THR C 515 11.40 0.41 53.72
C THR C 515 12.76 -0.28 53.99
N GLU C 516 12.79 -1.00 55.11
CA GLU C 516 13.95 -1.74 55.56
C GLU C 516 13.54 -3.19 55.69
N VAL C 517 14.11 -3.98 54.80
CA VAL C 517 13.80 -5.37 54.71
C VAL C 517 14.35 -6.11 55.94
N LYS C 518 13.47 -6.69 56.76
CA LYS C 518 13.92 -7.49 57.90
C LYS C 518 13.61 -8.95 57.65
N THR C 519 14.60 -9.82 57.87
CA THR C 519 14.43 -11.26 57.79
C THR C 519 14.22 -11.91 59.16
N VAL C 520 13.04 -12.49 59.38
CA VAL C 520 12.78 -13.34 60.55
C VAL C 520 12.85 -14.82 60.20
N THR C 521 13.87 -15.49 60.74
CA THR C 521 14.13 -16.90 60.50
C THR C 521 13.84 -17.65 61.80
N ILE C 522 13.05 -18.71 61.72
CA ILE C 522 12.61 -19.42 62.91
C ILE C 522 12.90 -20.89 62.71
N LYS C 523 13.53 -21.52 63.69
CA LYS C 523 13.70 -22.96 63.63
C LYS C 523 12.80 -23.67 64.62
N LEU C 524 12.10 -24.68 64.13
CA LEU C 524 11.18 -25.45 64.93
C LEU C 524 11.90 -26.66 65.49
N GLY C 525 11.60 -27.05 66.73
CA GLY C 525 12.14 -28.29 67.30
C GLY C 525 11.92 -29.56 66.47
N LEU D 37 35.97 -36.10 57.07
CA LEU D 37 36.09 -36.94 55.83
C LEU D 37 37.13 -36.39 54.83
N PRO D 38 37.02 -35.11 54.43
CA PRO D 38 37.97 -34.60 53.44
C PRO D 38 39.36 -34.36 54.02
N ARG D 39 40.36 -34.67 53.20
CA ARG D 39 41.72 -34.77 53.70
C ARG D 39 42.45 -33.42 53.63
N PRO D 40 43.05 -33.00 54.75
CA PRO D 40 43.84 -31.79 54.74
C PRO D 40 44.91 -31.87 53.70
N ILE D 41 45.16 -30.76 53.02
CA ILE D 41 46.38 -30.61 52.25
C ILE D 41 47.27 -29.64 53.05
N ARG D 42 48.26 -30.17 53.77
CA ARG D 42 48.95 -29.36 54.79
C ARG D 42 50.01 -28.38 54.26
N ASN D 43 50.88 -28.85 53.36
CA ASN D 43 51.82 -27.92 52.70
C ASN D 43 51.47 -27.71 51.22
N LEU D 44 50.33 -27.09 51.00
CA LEU D 44 49.82 -26.86 49.67
C LEU D 44 50.71 -25.86 48.95
N GLU D 45 50.86 -26.04 47.65
CA GLU D 45 51.68 -25.16 46.84
C GLU D 45 50.82 -24.16 46.10
N VAL D 46 50.99 -22.89 46.42
CA VAL D 46 50.24 -21.81 45.82
C VAL D 46 50.60 -21.49 44.35
N LYS D 47 49.65 -21.58 43.44
CA LYS D 47 49.93 -21.28 42.01
C LYS D 47 49.66 -19.85 41.54
N PHE D 48 48.64 -19.23 42.10
CA PHE D 48 48.16 -17.94 41.63
C PHE D 48 48.47 -16.83 42.60
N THR D 49 49.26 -15.86 42.11
CA THR D 49 49.83 -14.81 42.94
C THR D 49 49.79 -13.42 42.31
N LYS D 50 49.31 -13.32 41.09
CA LYS D 50 49.42 -12.08 40.31
C LYS D 50 48.05 -11.36 40.10
N ILE D 51 48.07 -10.31 39.27
CA ILE D 51 46.90 -9.53 39.04
C ILE D 51 46.15 -10.07 37.83
N PHE D 52 44.85 -10.29 38.02
CA PHE D 52 43.99 -10.95 37.04
C PHE D 52 43.28 -9.90 36.24
N ILE D 53 43.56 -9.79 34.96
CA ILE D 53 42.93 -8.76 34.14
C ILE D 53 42.84 -9.30 32.72
N ASN D 54 41.67 -9.16 32.12
CA ASN D 54 41.43 -9.75 30.82
C ASN D 54 41.82 -11.23 30.81
N ASN D 55 41.44 -11.91 31.90
CA ASN D 55 41.75 -13.32 32.08
C ASN D 55 43.23 -13.67 31.86
N GLU D 56 44.09 -12.74 32.23
CA GLU D 56 45.51 -12.91 32.13
C GLU D 56 46.17 -12.50 33.43
N TRP D 57 47.22 -13.19 33.80
CA TRP D 57 47.91 -12.88 35.02
C TRP D 57 48.96 -11.87 34.74
N HIS D 58 49.07 -10.89 35.63
CA HIS D 58 49.85 -9.67 35.41
C HIS D 58 50.69 -9.34 36.64
N GLU D 59 51.80 -8.68 36.36
CA GLU D 59 52.67 -8.11 37.39
C GLU D 59 52.29 -6.65 37.67
N SER D 60 52.39 -6.27 38.93
CA SER D 60 52.26 -4.86 39.30
C SER D 60 53.11 -3.97 38.39
N LYS D 61 52.58 -2.79 38.10
CA LYS D 61 53.29 -1.75 37.36
C LYS D 61 54.56 -1.33 38.11
N SER D 62 54.47 -1.34 39.43
CA SER D 62 55.63 -1.16 40.31
C SER D 62 56.57 -2.36 40.34
N GLY D 63 56.03 -3.56 40.20
CA GLY D 63 56.85 -4.75 40.32
C GLY D 63 56.88 -5.17 41.76
N LYS D 64 56.47 -4.28 42.65
CA LYS D 64 56.43 -4.56 44.07
C LYS D 64 55.48 -5.70 44.41
N LYS D 65 55.75 -6.34 45.53
CA LYS D 65 54.91 -7.41 46.05
C LYS D 65 54.69 -7.17 47.53
N PHE D 66 53.76 -7.92 48.09
CA PHE D 66 53.52 -7.88 49.54
C PHE D 66 53.29 -9.31 49.99
N ALA D 67 53.52 -9.59 51.25
CA ALA D 67 53.68 -10.98 51.63
C ALA D 67 52.51 -11.42 52.38
N THR D 68 52.01 -12.64 52.10
CA THR D 68 50.95 -13.23 52.92
C THR D 68 51.45 -14.26 53.93
N CYS D 69 50.89 -14.26 55.14
CA CYS D 69 51.33 -15.14 56.24
C CYS D 69 50.24 -16.00 56.85
N ASN D 70 50.64 -17.11 57.44
CA ASN D 70 49.74 -18.07 58.06
C ASN D 70 49.63 -17.81 59.56
N PRO D 71 48.47 -17.37 60.01
CA PRO D 71 48.21 -17.08 61.42
C PRO D 71 48.60 -18.16 62.45
N SER D 72 48.55 -19.43 62.05
CA SER D 72 48.88 -20.56 62.96
C SER D 72 50.36 -21.01 62.94
N THR D 73 50.98 -21.02 61.76
CA THR D 73 52.43 -21.24 61.58
C THR D 73 53.10 -19.91 61.20
N ARG D 74 53.46 -19.09 62.17
CA ARG D 74 53.66 -17.65 61.86
C ARG D 74 54.63 -17.36 60.72
N GLU D 75 54.63 -18.20 59.70
CA GLU D 75 55.59 -18.18 58.63
C GLU D 75 54.92 -17.62 57.39
N GLN D 76 55.72 -16.97 56.57
CA GLN D 76 55.24 -16.39 55.35
C GLN D 76 54.88 -17.46 54.36
N ILE D 77 53.70 -17.35 53.76
CA ILE D 77 53.18 -18.33 52.79
C ILE D 77 53.77 -18.07 51.41
N CYS D 78 53.52 -16.87 50.89
CA CYS D 78 54.08 -16.47 49.61
C CYS D 78 53.98 -14.96 49.52
N GLU D 79 54.47 -14.47 48.39
CA GLU D 79 54.40 -13.06 47.99
C GLU D 79 53.35 -12.95 46.88
N VAL D 80 52.57 -11.86 46.94
CA VAL D 80 51.55 -11.52 45.96
C VAL D 80 51.87 -10.15 45.35
N GLU D 81 51.57 -10.01 44.07
CA GLU D 81 51.74 -8.76 43.38
C GLU D 81 50.93 -7.73 44.11
N GLU D 82 51.46 -6.53 44.28
CA GLU D 82 50.79 -5.44 45.04
C GLU D 82 50.32 -4.35 44.09
N GLY D 83 49.00 -4.19 43.97
CA GLY D 83 48.42 -3.22 43.02
C GLY D 83 48.32 -1.78 43.53
N ASP D 84 48.21 -0.85 42.60
CA ASP D 84 47.93 0.53 42.95
C ASP D 84 47.03 1.12 41.86
N LYS D 85 46.65 2.38 42.03
CA LYS D 85 45.84 3.08 41.06
C LYS D 85 46.11 2.75 39.59
N PRO D 86 47.39 2.61 39.18
CA PRO D 86 47.60 2.35 37.76
C PRO D 86 47.10 0.96 37.33
N ASP D 87 47.25 -0.01 38.21
CA ASP D 87 46.64 -1.33 38.04
C ASP D 87 45.09 -1.33 38.02
N VAL D 88 44.52 -0.61 38.98
CA VAL D 88 43.09 -0.50 39.06
C VAL D 88 42.58 0.11 37.76
N ASP D 89 43.23 1.13 37.24
CA ASP D 89 42.80 1.78 35.96
C ASP D 89 42.86 0.77 34.82
N LYS D 90 43.86 -0.09 34.88
CA LYS D 90 44.00 -1.13 33.91
C LYS D 90 42.80 -2.05 34.01
N ALA D 91 42.43 -2.40 35.24
CA ALA D 91 41.31 -3.32 35.46
C ALA D 91 39.92 -2.71 35.11
N VAL D 92 39.64 -1.55 35.64
CA VAL D 92 38.40 -0.89 35.33
C VAL D 92 38.31 -0.79 33.83
N GLU D 93 39.40 -0.48 33.16
CA GLU D 93 39.35 -0.33 31.73
C GLU D 93 38.88 -1.64 31.11
N ALA D 94 39.44 -2.76 31.54
CA ALA D 94 39.05 -4.04 30.97
C ALA D 94 37.57 -4.26 31.13
N ALA D 95 37.11 -4.18 32.37
CA ALA D 95 35.69 -4.34 32.70
C ALA D 95 34.74 -3.35 31.97
N GLN D 96 35.13 -2.10 31.76
CA GLN D 96 34.32 -1.21 30.91
C GLN D 96 34.13 -1.84 29.56
N VAL D 97 35.22 -2.32 28.97
CA VAL D 97 35.17 -2.84 27.62
C VAL D 97 34.31 -4.08 27.52
N ALA D 98 34.40 -4.94 28.52
CA ALA D 98 33.64 -6.18 28.53
C ALA D 98 32.20 -5.86 28.69
N PHE D 99 31.90 -4.78 29.41
CA PHE D 99 30.52 -4.34 29.57
C PHE D 99 29.98 -3.65 28.34
N GLN D 100 30.89 -3.24 27.49
CA GLN D 100 30.57 -2.46 26.30
C GLN D 100 29.46 -3.07 25.46
N ARG D 101 28.67 -2.21 24.86
CA ARG D 101 27.53 -2.68 24.09
C ARG D 101 28.01 -3.43 22.87
N GLY D 102 27.48 -4.62 22.70
CA GLY D 102 27.90 -5.50 21.62
C GLY D 102 28.99 -6.44 22.03
N SER D 103 29.47 -6.30 23.26
CA SER D 103 30.51 -7.18 23.75
C SER D 103 29.88 -8.53 23.91
N PRO D 104 30.68 -9.61 23.74
CA PRO D 104 30.25 -10.98 24.02
C PRO D 104 29.44 -11.13 25.29
N TRP D 105 29.84 -10.45 26.37
CA TRP D 105 29.19 -10.66 27.66
C TRP D 105 27.84 -10.04 27.73
N ARG D 106 27.66 -8.99 26.96
CA ARG D 106 26.37 -8.33 26.82
C ARG D 106 25.41 -9.07 25.90
N ARG D 107 25.96 -9.87 25.02
CA ARG D 107 25.14 -10.60 24.07
C ARG D 107 24.74 -11.99 24.53
N LEU D 108 25.40 -12.54 25.55
CA LEU D 108 24.94 -13.82 26.08
C LEU D 108 23.48 -13.74 26.44
N ASP D 109 22.75 -14.78 26.10
CA ASP D 109 21.35 -14.87 26.48
C ASP D 109 21.17 -15.08 28.00
N ALA D 110 19.95 -14.84 28.46
CA ALA D 110 19.64 -14.97 29.85
C ALA D 110 20.23 -16.26 30.42
N LEU D 111 19.82 -17.37 29.85
CA LEU D 111 20.06 -18.64 30.48
C LEU D 111 21.55 -18.94 30.51
N SER D 112 22.24 -18.57 29.43
CA SER D 112 23.68 -18.81 29.30
C SER D 112 24.47 -18.16 30.43
N ARG D 113 24.10 -16.94 30.83
CA ARG D 113 24.78 -16.32 31.96
C ARG D 113 24.63 -17.15 33.20
N GLY D 114 23.43 -17.68 33.39
CA GLY D 114 23.21 -18.62 34.46
C GLY D 114 23.90 -19.96 34.24
N ARG D 115 24.20 -20.34 33.01
CA ARG D 115 24.99 -21.57 32.77
C ARG D 115 26.44 -21.42 33.24
N LEU D 116 27.08 -20.33 32.84
CA LEU D 116 28.45 -20.02 33.26
C LEU D 116 28.54 -19.98 34.76
N LEU D 117 27.51 -19.47 35.42
CA LEU D 117 27.53 -19.37 36.85
C LEU D 117 27.50 -20.75 37.45
N HIS D 118 26.61 -21.58 36.94
CA HIS D 118 26.53 -22.96 37.40
C HIS D 118 27.86 -23.65 37.20
N GLN D 119 28.46 -23.42 36.03
CA GLN D 119 29.76 -24.00 35.70
C GLN D 119 30.79 -23.69 36.79
N LEU D 120 30.90 -22.42 37.11
CA LEU D 120 31.80 -21.97 38.15
C LEU D 120 31.48 -22.66 39.50
N ALA D 121 30.22 -22.77 39.85
CA ALA D 121 29.90 -23.49 41.07
C ALA D 121 30.33 -24.94 40.89
N ASP D 122 30.29 -25.42 39.65
CA ASP D 122 30.86 -26.76 39.42
C ASP D 122 32.37 -26.78 39.79
N LEU D 123 33.15 -25.86 39.22
CA LEU D 123 34.64 -25.85 39.43
C LEU D 123 35.00 -25.62 40.90
N VAL D 124 34.27 -24.75 41.56
CA VAL D 124 34.51 -24.48 42.95
C VAL D 124 34.32 -25.76 43.79
N GLU D 125 33.30 -26.54 43.41
CA GLU D 125 33.01 -27.84 44.05
C GLU D 125 34.18 -28.79 43.76
N ARG D 126 34.57 -28.90 42.50
CA ARG D 126 35.65 -29.83 42.15
C ARG D 126 36.91 -29.53 42.95
N ASP D 127 37.30 -28.24 42.99
CA ASP D 127 38.52 -27.75 43.67
C ASP D 127 38.25 -27.28 45.10
N ARG D 128 37.15 -27.72 45.65
CA ARG D 128 36.71 -27.35 46.97
C ARG D 128 37.78 -27.54 48.01
N ALA D 129 38.52 -28.63 47.97
CA ALA D 129 39.51 -28.90 49.01
C ALA D 129 40.76 -28.05 48.88
N THR D 130 41.23 -27.82 47.66
CA THR D 130 42.34 -26.86 47.44
C THR D 130 41.97 -25.49 48.07
N LEU D 131 40.84 -24.93 47.65
CA LEU D 131 40.33 -23.64 48.14
C LEU D 131 40.12 -23.60 49.65
N ALA D 132 39.39 -24.55 50.19
CA ALA D 132 39.20 -24.58 51.63
C ALA D 132 40.54 -24.59 52.36
N ALA D 133 41.54 -25.27 51.80
CA ALA D 133 42.90 -25.25 52.41
C ALA D 133 43.55 -23.87 52.31
N LEU D 134 43.49 -23.23 51.14
CA LEU D 134 44.04 -21.89 50.99
C LEU D 134 43.41 -20.95 52.04
N GLU D 135 42.11 -21.02 52.19
CA GLU D 135 41.43 -20.12 53.10
C GLU D 135 41.89 -20.30 54.56
N THR D 136 42.14 -21.56 54.95
CA THR D 136 42.68 -21.85 56.27
C THR D 136 44.12 -21.38 56.44
N MET D 137 44.94 -21.61 55.44
CA MET D 137 46.28 -21.12 55.46
C MET D 137 46.30 -19.62 55.57
N ASP D 138 45.48 -18.97 54.74
CA ASP D 138 45.38 -17.50 54.67
C ASP D 138 44.86 -16.88 55.98
N THR D 139 43.85 -17.52 56.57
CA THR D 139 43.02 -16.93 57.61
C THR D 139 43.10 -17.55 58.99
N GLY D 140 43.51 -18.80 59.05
CA GLY D 140 43.62 -19.48 60.33
C GLY D 140 42.36 -20.21 60.66
N LYS D 141 41.47 -20.36 59.67
CA LYS D 141 40.16 -21.02 59.86
C LYS D 141 40.25 -22.53 59.84
N PRO D 142 39.64 -23.22 60.82
CA PRO D 142 39.70 -24.67 60.80
C PRO D 142 39.31 -25.21 59.43
N PHE D 143 40.23 -25.94 58.80
CA PHE D 143 39.98 -26.57 57.51
C PHE D 143 38.57 -27.09 57.33
N LEU D 144 38.08 -27.92 58.26
CA LEU D 144 36.72 -28.51 58.16
C LEU D 144 35.62 -27.46 58.14
N HIS D 145 35.78 -26.40 58.96
CA HIS D 145 34.88 -25.24 59.02
C HIS D 145 34.90 -24.47 57.74
N ALA D 146 36.08 -24.18 57.19
CA ALA D 146 36.14 -23.54 55.87
C ALA D 146 35.58 -24.43 54.82
N PHE D 147 35.67 -25.74 55.01
CA PHE D 147 35.25 -26.66 53.96
C PHE D 147 33.71 -26.78 53.86
N PHE D 148 33.10 -27.04 55.00
CA PHE D 148 31.67 -27.33 55.08
C PHE D 148 30.80 -26.11 55.35
N ILE D 149 31.44 -24.94 55.48
CA ILE D 149 30.70 -23.66 55.66
C ILE D 149 31.09 -22.63 54.59
N ASP D 150 32.31 -22.14 54.62
CA ASP D 150 32.69 -21.09 53.70
C ASP D 150 32.47 -21.56 52.27
N LEU D 151 32.98 -22.75 51.93
CA LEU D 151 32.95 -23.22 50.55
C LEU D 151 31.58 -23.72 50.20
N GLU D 152 30.86 -24.23 51.19
CA GLU D 152 29.46 -24.62 50.99
C GLU D 152 28.62 -23.43 50.56
N GLY D 153 28.80 -22.33 51.28
CA GLY D 153 28.09 -21.10 51.00
C GLY D 153 28.35 -20.59 49.61
N CYS D 154 29.62 -20.55 49.24
CA CYS D 154 29.97 -20.00 47.95
C CYS D 154 29.21 -20.74 46.83
N ILE D 155 29.17 -22.07 46.92
CA ILE D 155 28.61 -22.87 45.85
C ILE D 155 27.11 -22.67 45.86
N ARG D 156 26.49 -22.74 47.02
CA ARG D 156 25.02 -22.54 47.04
C ARG D 156 24.63 -21.16 46.60
N THR D 157 25.48 -20.17 46.89
CA THR D 157 25.20 -18.82 46.50
C THR D 157 25.31 -18.73 44.97
N LEU D 158 26.43 -19.21 44.46
CA LEU D 158 26.62 -19.25 43.00
C LEU D 158 25.45 -19.92 42.29
N ARG D 159 25.05 -21.05 42.83
CA ARG D 159 23.93 -21.79 42.27
C ARG D 159 22.62 -21.11 42.40
N TYR D 160 22.33 -20.58 43.58
CA TYR D 160 21.12 -19.82 43.75
C TYR D 160 20.97 -18.77 42.68
N PHE D 161 21.99 -17.97 42.41
CA PHE D 161 21.80 -16.81 41.52
C PHE D 161 21.89 -17.19 40.08
N ALA D 162 22.64 -18.27 39.80
CA ALA D 162 22.64 -18.84 38.46
C ALA D 162 21.19 -19.02 38.03
N GLY D 163 20.38 -19.39 39.02
CA GLY D 163 18.95 -19.54 38.87
C GLY D 163 18.14 -18.29 38.60
N TRP D 164 18.55 -17.13 39.12
CA TRP D 164 17.78 -15.89 38.88
C TRP D 164 18.01 -15.31 37.49
N ALA D 165 19.03 -15.75 36.81
CA ALA D 165 19.51 -15.04 35.63
C ALA D 165 18.44 -14.83 34.56
N ASP D 166 17.67 -15.87 34.28
CA ASP D 166 16.58 -15.79 33.29
C ASP D 166 15.19 -15.49 33.94
N LYS D 167 15.23 -15.04 35.19
CA LYS D 167 14.05 -14.70 35.94
C LYS D 167 14.12 -13.28 36.48
N ILE D 168 15.01 -12.44 35.95
CA ILE D 168 15.10 -11.06 36.41
C ILE D 168 14.09 -10.30 35.60
N GLN D 169 12.96 -9.98 36.23
CA GLN D 169 11.79 -9.44 35.54
C GLN D 169 11.49 -7.96 35.93
N GLY D 170 11.16 -7.16 34.93
CA GLY D 170 10.58 -5.85 35.14
C GLY D 170 9.08 -6.00 35.06
N LYS D 171 8.35 -4.90 34.85
CA LYS D 171 6.89 -4.96 34.87
C LYS D 171 6.33 -4.23 33.68
N THR D 172 5.15 -4.65 33.28
CA THR D 172 4.28 -3.90 32.39
C THR D 172 3.23 -3.16 33.28
N ILE D 173 3.24 -1.84 33.17
CA ILE D 173 2.49 -0.95 34.04
C ILE D 173 1.35 -0.39 33.22
N PRO D 174 0.09 -0.58 33.68
CA PRO D 174 -1.06 0.05 33.04
C PRO D 174 -1.18 1.56 33.33
N THR D 175 -1.40 2.32 32.26
CA THR D 175 -1.50 3.74 32.35
C THR D 175 -2.79 4.16 31.62
N ASP D 176 -2.65 4.53 30.36
CA ASP D 176 -3.81 4.94 29.56
C ASP D 176 -4.07 3.93 28.45
N ASP D 177 -5.28 3.93 27.92
CA ASP D 177 -5.62 3.15 26.69
C ASP D 177 -4.61 3.41 25.60
N ASN D 178 -4.02 4.58 25.68
CA ASN D 178 -3.25 5.20 24.63
C ASN D 178 -1.79 4.72 24.62
N VAL D 179 -1.42 4.08 25.75
CA VAL D 179 -0.02 3.99 26.16
C VAL D 179 0.36 2.60 26.65
N VAL D 180 1.58 2.22 26.30
CA VAL D 180 2.25 0.99 26.68
C VAL D 180 3.45 1.40 27.54
N CYS D 181 3.41 0.99 28.81
CA CYS D 181 4.45 1.32 29.78
C CYS D 181 5.01 0.05 30.42
N PHE D 182 6.33 -0.04 30.43
CA PHE D 182 7.03 -1.16 31.00
C PHE D 182 8.37 -0.72 31.57
N THR D 183 8.88 -1.49 32.53
CA THR D 183 10.20 -1.27 33.05
C THR D 183 11.20 -2.34 32.57
N ARG D 184 12.46 -1.99 32.57
CA ARG D 184 13.55 -2.96 32.37
C ARG D 184 14.49 -2.93 33.55
N HIS D 185 15.04 -4.07 33.95
CA HIS D 185 16.07 -4.13 35.03
C HIS D 185 17.44 -4.35 34.46
N GLU D 186 18.17 -3.27 34.19
CA GLU D 186 19.40 -3.38 33.42
C GLU D 186 20.55 -3.47 34.37
N PRO D 187 21.63 -4.15 33.97
CA PRO D 187 22.83 -4.08 34.77
C PRO D 187 23.26 -2.64 34.96
N ILE D 188 23.96 -2.36 36.05
CA ILE D 188 24.35 -1.02 36.38
C ILE D 188 25.55 -0.61 35.56
N GLY D 189 26.55 -1.47 35.58
CA GLY D 189 27.80 -1.29 34.82
C GLY D 189 28.96 -2.00 35.52
N VAL D 190 30.09 -1.32 35.64
CA VAL D 190 31.19 -1.90 36.37
C VAL D 190 30.96 -1.83 37.87
N CYS D 191 31.09 -2.96 38.55
CA CYS D 191 30.89 -3.03 39.98
C CYS D 191 32.17 -3.31 40.65
N GLY D 192 32.49 -2.62 41.74
CA GLY D 192 33.63 -2.97 42.56
C GLY D 192 33.19 -3.72 43.79
N ALA D 193 34.05 -4.61 44.26
CA ALA D 193 33.81 -5.27 45.55
C ALA D 193 35.04 -5.18 46.42
N ILE D 194 34.84 -4.73 47.65
CA ILE D 194 35.90 -4.60 48.61
C ILE D 194 35.42 -5.46 49.79
N THR D 195 36.27 -6.39 50.23
CA THR D 195 35.88 -7.42 51.20
C THR D 195 36.87 -7.57 52.35
N PRO D 196 36.42 -8.10 53.48
CA PRO D 196 37.24 -8.21 54.66
C PRO D 196 38.01 -9.52 54.71
N TRP D 197 38.82 -9.67 55.77
CA TRP D 197 39.65 -10.87 55.94
C TRP D 197 38.94 -12.05 56.58
N ASN D 198 37.81 -11.85 57.24
CA ASN D 198 37.16 -12.96 57.97
C ASN D 198 36.47 -14.01 57.12
N PHE D 199 35.93 -13.61 55.98
CA PHE D 199 35.32 -14.54 55.03
C PHE D 199 35.64 -14.09 53.59
N PRO D 200 36.91 -14.17 53.22
CA PRO D 200 37.43 -13.60 52.00
C PRO D 200 36.74 -14.10 50.74
N LEU D 201 36.61 -15.42 50.65
CA LEU D 201 35.96 -16.02 49.49
C LEU D 201 34.46 -15.87 49.63
N LEU D 202 33.92 -16.12 50.83
CA LEU D 202 32.46 -16.06 50.95
C LEU D 202 31.90 -14.68 50.57
N MET D 203 32.39 -13.63 51.23
CA MET D 203 31.92 -12.26 51.01
C MET D 203 32.16 -11.75 49.58
N LEU D 204 33.16 -12.32 48.93
CA LEU D 204 33.43 -11.93 47.59
C LEU D 204 32.31 -12.54 46.70
N VAL D 205 31.94 -13.79 46.96
CA VAL D 205 30.94 -14.50 46.17
C VAL D 205 29.54 -13.90 46.35
N TRP D 206 29.16 -13.57 47.59
CA TRP D 206 27.92 -12.79 47.85
C TRP D 206 27.81 -11.59 46.89
N LYS D 207 28.92 -10.98 46.51
CA LYS D 207 28.91 -9.88 45.52
C LYS D 207 28.98 -10.30 44.06
N LEU D 208 29.86 -11.25 43.75
CA LEU D 208 30.04 -11.68 42.38
C LEU D 208 28.84 -12.42 41.81
N ALA D 209 28.25 -13.27 42.64
CA ALA D 209 27.12 -14.08 42.21
C ALA D 209 25.97 -13.23 41.61
N PRO D 210 25.42 -12.28 42.39
CA PRO D 210 24.30 -11.48 41.85
C PRO D 210 24.77 -10.48 40.80
N ALA D 211 25.97 -9.99 40.97
CA ALA D 211 26.46 -9.02 40.01
C ALA D 211 26.55 -9.64 38.63
N LEU D 212 27.09 -10.85 38.56
CA LEU D 212 27.29 -11.55 37.27
C LEU D 212 26.02 -12.07 36.69
N CYS D 213 25.07 -12.51 37.50
CA CYS D 213 23.81 -12.95 36.94
C CYS D 213 22.97 -11.78 36.44
N CYS D 214 23.21 -10.56 36.93
CA CYS D 214 22.49 -9.39 36.39
C CYS D 214 23.19 -8.75 35.21
N GLY D 215 24.28 -9.34 34.75
CA GLY D 215 24.91 -8.87 33.52
C GLY D 215 26.01 -7.86 33.67
N ASN D 216 26.52 -7.71 34.88
CA ASN D 216 27.58 -6.77 35.14
C ASN D 216 29.03 -7.26 34.79
N THR D 217 29.99 -6.35 34.93
CA THR D 217 31.43 -6.66 34.95
C THR D 217 32.00 -6.11 36.26
N MET D 218 33.09 -6.68 36.74
CA MET D 218 33.52 -6.41 38.10
C MET D 218 35.00 -6.15 38.24
N VAL D 219 35.33 -5.40 39.28
CA VAL D 219 36.69 -5.30 39.77
C VAL D 219 36.72 -5.68 41.23
N LEU D 220 37.42 -6.77 41.56
CA LEU D 220 37.44 -7.30 42.93
C LEU D 220 38.67 -6.83 43.67
N LYS D 221 38.54 -6.66 44.97
CA LYS D 221 39.68 -6.30 45.74
C LYS D 221 39.61 -6.95 47.08
N PRO D 222 40.20 -8.14 47.22
CA PRO D 222 40.18 -8.76 48.52
C PRO D 222 41.09 -8.05 49.51
N ALA D 223 40.89 -8.38 50.78
CA ALA D 223 41.72 -7.90 51.87
C ALA D 223 43.21 -8.19 51.59
N GLU D 224 44.09 -7.26 51.94
CA GLU D 224 45.52 -7.48 51.76
C GLU D 224 46.00 -8.67 52.57
N GLN D 225 45.29 -8.95 53.68
CA GLN D 225 45.64 -10.03 54.58
C GLN D 225 45.20 -11.42 54.10
N THR D 226 44.33 -11.48 53.09
CA THR D 226 43.80 -12.75 52.64
C THR D 226 43.51 -12.75 51.15
N PRO D 227 44.54 -12.56 50.31
CA PRO D 227 44.31 -12.45 48.85
C PRO D 227 44.14 -13.78 48.08
N LEU D 228 44.50 -14.90 48.70
CA LEU D 228 44.79 -16.13 47.95
C LEU D 228 43.58 -16.79 47.28
N THR D 229 42.45 -16.82 48.00
CA THR D 229 41.27 -17.50 47.47
C THR D 229 40.72 -16.69 46.33
N ALA D 230 40.60 -15.39 46.51
CA ALA D 230 40.16 -14.53 45.40
C ALA D 230 41.04 -14.71 44.15
N LEU D 231 42.33 -14.95 44.35
CA LEU D 231 43.24 -15.14 43.22
C LEU D 231 43.07 -16.51 42.59
N TYR D 232 42.73 -17.51 43.40
CA TYR D 232 42.45 -18.82 42.84
C TYR D 232 41.16 -18.80 42.02
N LEU D 233 40.16 -18.08 42.52
CA LEU D 233 38.85 -18.01 41.87
C LEU D 233 38.95 -17.44 40.47
N GLY D 234 40.05 -16.77 40.16
CA GLY D 234 40.28 -16.22 38.83
C GLY D 234 40.53 -17.30 37.80
N SER D 235 41.22 -18.35 38.23
CA SER D 235 41.52 -19.44 37.32
C SER D 235 40.23 -20.15 36.99
N LEU D 236 39.38 -20.32 38.00
CA LEU D 236 38.07 -20.98 37.80
C LEU D 236 37.17 -20.09 36.93
N ILE D 237 37.09 -18.80 37.23
CA ILE D 237 36.36 -17.84 36.38
C ILE D 237 36.81 -17.91 34.93
N LYS D 238 38.10 -18.16 34.75
CA LYS D 238 38.67 -18.35 33.42
C LYS D 238 38.32 -19.72 32.86
N GLU D 239 38.54 -20.73 33.66
CA GLU D 239 38.35 -22.11 33.23
C GLU D 239 36.89 -22.34 32.85
N ALA D 240 35.98 -21.68 33.55
CA ALA D 240 34.58 -21.90 33.39
C ALA D 240 34.06 -21.24 32.13
N GLY D 241 34.81 -20.31 31.58
CA GLY D 241 34.48 -19.75 30.27
C GLY D 241 33.91 -18.35 30.23
N PHE D 242 33.89 -17.62 31.36
CA PHE D 242 33.54 -16.18 31.35
C PHE D 242 34.43 -15.41 30.42
N PRO D 243 33.88 -14.49 29.65
CA PRO D 243 34.77 -13.73 28.75
C PRO D 243 35.84 -12.90 29.47
N PRO D 244 36.95 -12.60 28.80
CA PRO D 244 37.99 -11.78 29.41
C PRO D 244 37.52 -10.38 29.80
N GLY D 245 37.83 -9.98 31.02
CA GLY D 245 37.43 -8.69 31.50
C GLY D 245 36.12 -8.71 32.24
N VAL D 246 35.41 -9.82 32.28
CA VAL D 246 34.20 -9.82 33.05
C VAL D 246 34.55 -9.69 34.55
N VAL D 247 35.53 -10.44 35.04
CA VAL D 247 35.95 -10.29 36.41
C VAL D 247 37.41 -9.98 36.44
N ASN D 248 37.80 -9.01 37.28
CA ASN D 248 39.19 -8.65 37.43
C ASN D 248 39.54 -8.56 38.87
N ILE D 249 40.74 -8.97 39.22
CA ILE D 249 41.13 -9.00 40.64
C ILE D 249 42.47 -8.27 40.82
N VAL D 250 42.47 -7.34 41.78
CA VAL D 250 43.64 -6.54 42.09
C VAL D 250 43.91 -6.62 43.59
N PRO D 251 44.77 -7.56 43.99
CA PRO D 251 45.18 -7.64 45.39
C PRO D 251 45.98 -6.43 45.76
N GLY D 252 45.93 -6.06 47.03
CA GLY D 252 46.61 -4.88 47.46
C GLY D 252 46.10 -4.32 48.76
N PHE D 253 46.38 -3.03 48.96
CA PHE D 253 46.10 -2.32 50.21
C PHE D 253 44.90 -1.37 50.15
N GLY D 254 44.20 -1.20 51.27
CA GLY D 254 43.04 -0.33 51.31
C GLY D 254 43.22 1.07 50.70
N PRO D 255 44.00 1.94 51.34
CA PRO D 255 44.18 3.32 50.90
C PRO D 255 44.70 3.50 49.47
N THR D 256 45.27 2.45 48.88
CA THR D 256 45.78 2.53 47.51
C THR D 256 44.69 2.03 46.56
N VAL D 257 44.55 0.71 46.44
CA VAL D 257 43.60 0.06 45.51
C VAL D 257 42.11 0.21 45.85
N GLY D 258 41.76 0.13 47.14
CA GLY D 258 40.39 0.38 47.53
C GLY D 258 40.00 1.77 47.11
N ALA D 259 40.79 2.73 47.58
CA ALA D 259 40.63 4.13 47.26
C ALA D 259 40.66 4.43 45.76
N ALA D 260 41.41 3.67 44.99
CA ALA D 260 41.38 3.80 43.53
C ALA D 260 40.10 3.24 42.93
N ILE D 261 39.43 2.37 43.66
CA ILE D 261 38.21 1.76 43.15
C ILE D 261 37.06 2.68 43.55
N SER D 262 36.93 2.84 44.87
CA SER D 262 35.90 3.68 45.47
C SER D 262 35.78 5.07 44.82
N SER D 263 36.89 5.63 44.36
CA SER D 263 36.89 6.98 43.76
C SER D 263 36.80 6.96 42.23
N HIS D 264 36.68 5.79 41.63
CA HIS D 264 36.93 5.71 40.21
C HIS D 264 35.78 6.36 39.47
N PRO D 265 36.09 7.22 38.52
CA PRO D 265 35.02 7.91 37.81
C PRO D 265 34.29 7.05 36.82
N GLN D 266 34.80 5.85 36.53
CA GLN D 266 34.19 4.91 35.59
C GLN D 266 33.92 3.56 36.20
N ILE D 267 33.63 3.51 37.50
CA ILE D 267 33.10 2.32 38.18
C ILE D 267 31.73 2.72 38.69
N ASN D 268 30.72 1.92 38.36
CA ASN D 268 29.31 2.31 38.55
C ASN D 268 28.66 1.94 39.83
N LYS D 269 29.20 0.95 40.54
CA LYS D 269 28.65 0.54 41.80
C LYS D 269 29.72 -0.07 42.66
N ILE D 270 29.64 0.05 43.97
CA ILE D 270 30.64 -0.53 44.86
C ILE D 270 29.98 -1.30 45.94
N ALA D 271 30.40 -2.53 46.13
CA ALA D 271 29.91 -3.35 47.23
C ALA D 271 30.98 -3.50 48.26
N PHE D 272 30.76 -2.98 49.45
CA PHE D 272 31.77 -3.04 50.48
C PHE D 272 31.35 -3.88 51.65
N THR D 273 32.20 -4.74 52.13
CA THR D 273 31.97 -5.38 53.43
C THR D 273 33.22 -5.21 54.32
N GLY D 274 33.04 -4.67 55.51
CA GLY D 274 34.20 -4.32 56.32
C GLY D 274 33.85 -3.46 57.51
N SER D 275 34.77 -2.57 57.88
CA SER D 275 34.58 -1.70 59.04
C SER D 275 33.76 -0.46 58.73
N THR D 276 32.95 -0.05 59.71
CA THR D 276 32.13 1.15 59.64
C THR D 276 32.94 2.35 59.13
N GLU D 277 34.16 2.47 59.63
CA GLU D 277 35.02 3.60 59.35
C GLU D 277 35.42 3.67 57.89
N VAL D 278 35.77 2.52 57.34
CA VAL D 278 36.14 2.42 55.94
C VAL D 278 34.88 2.49 55.07
N GLY D 279 33.78 1.98 55.60
CA GLY D 279 32.49 2.12 54.94
C GLY D 279 32.20 3.57 54.64
N LYS D 280 32.16 4.37 55.71
CA LYS D 280 31.96 5.82 55.59
C LYS D 280 32.84 6.45 54.51
N LEU D 281 34.10 6.02 54.49
CA LEU D 281 35.08 6.58 53.58
C LEU D 281 34.76 6.22 52.16
N VAL D 282 34.37 4.96 51.97
CA VAL D 282 34.06 4.47 50.66
C VAL D 282 32.86 5.24 50.16
N LYS D 283 31.88 5.41 51.02
CA LYS D 283 30.67 6.13 50.68
C LYS D 283 30.93 7.60 50.29
N GLU D 284 31.72 8.31 51.10
CA GLU D 284 32.08 9.72 50.79
C GLU D 284 32.73 9.86 49.43
N ALA D 285 33.65 8.95 49.16
CA ALA D 285 34.42 8.94 47.93
C ALA D 285 33.54 8.69 46.73
N ALA D 286 32.56 7.81 46.93
CA ALA D 286 31.56 7.49 45.92
C ALA D 286 30.81 8.73 45.52
N SER D 287 30.33 9.40 46.57
CA SER D 287 29.65 10.69 46.48
C SER D 287 30.47 11.78 45.81
N ARG D 288 31.75 11.85 46.17
CA ARG D 288 32.60 12.91 45.67
C ARG D 288 32.93 12.74 44.21
N SER D 289 32.95 11.50 43.74
CA SER D 289 33.54 11.20 42.44
C SER D 289 32.49 11.24 41.38
N ASN D 290 31.71 10.17 41.27
CA ASN D 290 30.71 10.06 40.22
C ASN D 290 29.36 9.69 40.74
N LEU D 291 29.17 9.83 42.04
CA LEU D 291 27.91 9.45 42.65
C LEU D 291 27.60 8.01 42.38
N LYS D 292 28.62 7.16 42.46
CA LYS D 292 28.40 5.73 42.26
C LYS D 292 27.52 5.21 43.35
N ARG D 293 26.95 4.07 43.09
CA ARG D 293 25.97 3.51 43.98
C ARG D 293 26.68 2.64 44.99
N VAL D 294 26.17 2.57 46.22
CA VAL D 294 26.93 1.92 47.26
C VAL D 294 26.07 1.03 48.12
N THR D 295 26.49 -0.22 48.23
CA THR D 295 25.97 -1.14 49.22
C THR D 295 27.06 -1.31 50.25
N LEU D 296 26.68 -1.42 51.51
CA LEU D 296 27.62 -1.56 52.64
C LEU D 296 27.12 -2.60 53.58
N GLU D 297 28.03 -3.38 54.09
CA GLU D 297 27.68 -4.32 55.11
C GLU D 297 28.76 -4.26 56.14
N LEU D 298 28.38 -3.72 57.28
CA LEU D 298 29.32 -3.37 58.33
C LEU D 298 29.10 -4.29 59.53
N GLY D 299 29.59 -3.88 60.68
CA GLY D 299 29.54 -4.75 61.82
C GLY D 299 28.26 -4.56 62.54
N GLY D 300 28.18 -5.17 63.72
CA GLY D 300 27.11 -4.90 64.62
C GLY D 300 27.51 -5.20 66.04
N LYS D 301 26.67 -4.76 66.97
CA LYS D 301 26.73 -5.22 68.34
C LYS D 301 25.46 -6.01 68.60
N ASN D 302 25.45 -7.19 67.99
CA ASN D 302 24.26 -8.03 67.95
C ASN D 302 23.90 -8.62 69.29
N PRO D 303 22.61 -8.56 69.67
CA PRO D 303 22.08 -9.22 70.85
C PRO D 303 21.60 -10.68 70.67
N CYS D 304 21.70 -11.43 71.74
CA CYS D 304 21.20 -12.76 71.80
C CYS D 304 20.42 -12.78 73.07
N ILE D 305 19.11 -12.87 72.95
CA ILE D 305 18.22 -12.74 74.10
C ILE D 305 17.66 -14.10 74.47
N VAL D 306 17.89 -14.51 75.72
CA VAL D 306 17.48 -15.80 76.23
C VAL D 306 16.47 -15.58 77.33
N CYS D 307 15.26 -16.09 77.12
CA CYS D 307 14.18 -15.95 78.10
C CYS D 307 14.13 -17.20 78.94
N ALA D 308 13.57 -17.08 80.15
CA ALA D 308 13.48 -18.21 81.11
C ALA D 308 12.77 -19.41 80.52
N ASP D 309 11.83 -19.15 79.61
CA ASP D 309 11.07 -20.21 78.96
C ASP D 309 11.72 -20.77 77.69
N ALA D 310 13.00 -20.51 77.51
CA ALA D 310 13.73 -21.11 76.41
C ALA D 310 14.07 -22.56 76.72
N ASP D 311 14.39 -23.32 75.67
CA ASP D 311 15.13 -24.56 75.81
C ASP D 311 16.55 -24.11 76.13
N LEU D 312 16.84 -24.15 77.41
CA LEU D 312 18.06 -23.56 77.91
C LEU D 312 19.27 -24.18 77.20
N ASP D 313 19.27 -25.51 77.11
CA ASP D 313 20.35 -26.27 76.48
C ASP D 313 20.58 -25.76 75.07
N LEU D 314 19.47 -25.59 74.33
CA LEU D 314 19.52 -25.08 72.94
C LEU D 314 20.11 -23.69 72.85
N ALA D 315 19.65 -22.82 73.74
CA ALA D 315 20.14 -21.43 73.87
C ALA D 315 21.62 -21.36 74.16
N VAL D 316 22.10 -22.23 75.05
CA VAL D 316 23.50 -22.20 75.49
C VAL D 316 24.41 -22.57 74.34
N GLU D 317 24.05 -23.61 73.61
CA GLU D 317 24.87 -24.04 72.49
C GLU D 317 24.84 -23.08 71.31
N CYS D 318 23.68 -22.50 71.02
CA CYS D 318 23.58 -21.55 69.92
C CYS D 318 24.29 -20.23 70.24
N ALA D 319 24.04 -19.70 71.43
CA ALA D 319 24.80 -18.56 71.89
C ALA D 319 26.30 -18.88 71.87
N HIS D 320 26.69 -20.08 72.29
CA HIS D 320 28.09 -20.44 72.30
C HIS D 320 28.69 -20.47 70.92
N GLN D 321 27.99 -21.06 69.96
CA GLN D 321 28.56 -21.13 68.61
C GLN D 321 28.47 -19.77 67.95
N GLY D 322 27.49 -18.95 68.39
CA GLY D 322 27.32 -17.58 67.92
C GLY D 322 28.47 -16.66 68.28
N VAL D 323 29.02 -16.82 69.48
CA VAL D 323 30.05 -15.93 69.96
C VAL D 323 31.43 -16.37 69.47
N PHE D 324 31.64 -17.68 69.40
CA PHE D 324 32.98 -18.23 69.16
C PHE D 324 33.21 -18.70 67.73
N PHE D 325 32.15 -18.87 66.94
CA PHE D 325 32.33 -19.27 65.55
C PHE D 325 33.31 -18.34 64.88
N ASN D 326 34.23 -18.92 64.12
CA ASN D 326 35.31 -18.20 63.43
C ASN D 326 36.25 -17.41 64.34
N GLN D 327 36.58 -18.03 65.49
CA GLN D 327 37.37 -17.40 66.53
C GLN D 327 36.81 -16.05 66.97
N GLY D 328 35.48 -15.95 66.96
CA GLY D 328 34.77 -14.71 67.25
C GLY D 328 34.76 -13.68 66.14
N GLN D 329 35.35 -13.99 65.00
CA GLN D 329 35.66 -12.99 63.98
C GLN D 329 34.64 -12.98 62.85
N CYS D 330 33.39 -12.77 63.22
CA CYS D 330 32.33 -12.77 62.25
C CYS D 330 31.36 -11.66 62.61
N CYS D 331 30.83 -10.98 61.59
CA CYS D 331 29.94 -9.84 61.81
C CYS D 331 28.62 -10.26 62.40
N THR D 332 28.23 -11.51 62.25
CA THR D 332 27.01 -11.99 62.91
C THR D 332 27.23 -12.33 64.38
N ALA D 333 28.44 -12.12 64.88
CA ALA D 333 28.82 -12.57 66.21
C ALA D 333 27.95 -12.03 67.36
N ALA D 334 27.49 -12.92 68.25
CA ALA D 334 26.60 -12.53 69.34
C ALA D 334 27.33 -11.85 70.49
N SER D 335 27.50 -10.54 70.41
CA SER D 335 28.34 -9.77 71.35
C SER D 335 27.69 -9.25 72.63
N ARG D 336 26.38 -9.47 72.79
CA ARG D 336 25.70 -9.19 74.05
C ARG D 336 24.68 -10.26 74.22
N VAL D 337 24.87 -11.09 75.24
CA VAL D 337 23.96 -12.19 75.52
C VAL D 337 23.15 -11.75 76.69
N PHE D 338 21.86 -11.52 76.46
CA PHE D 338 20.96 -11.14 77.54
C PHE D 338 20.32 -12.40 78.04
N VAL D 339 20.33 -12.62 79.35
CA VAL D 339 19.65 -13.79 79.93
C VAL D 339 18.80 -13.39 81.14
N GLU D 340 17.58 -13.92 81.17
CA GLU D 340 16.59 -13.55 82.17
C GLU D 340 17.06 -14.10 83.51
N GLU D 341 16.67 -13.41 84.59
CA GLU D 341 17.24 -13.65 85.92
C GLU D 341 17.20 -15.12 86.37
N GLN D 342 16.06 -15.79 86.21
CA GLN D 342 15.87 -17.13 86.75
C GLN D 342 16.95 -18.09 86.21
N VAL D 343 17.08 -18.06 84.91
CA VAL D 343 17.96 -18.99 84.23
C VAL D 343 19.36 -18.42 84.06
N TYR D 344 19.59 -17.23 84.61
CA TYR D 344 20.86 -16.50 84.41
C TYR D 344 22.06 -17.26 84.93
N SER D 345 22.06 -17.58 86.22
CA SER D 345 23.19 -18.26 86.84
C SER D 345 23.43 -19.61 86.17
N GLU D 346 22.35 -20.37 85.98
CA GLU D 346 22.44 -21.69 85.33
C GLU D 346 23.05 -21.57 83.92
N PHE D 347 22.53 -20.63 83.14
CA PHE D 347 23.03 -20.34 81.79
C PHE D 347 24.52 -20.12 81.71
N VAL D 348 25.05 -19.34 82.66
CA VAL D 348 26.48 -19.03 82.71
C VAL D 348 27.29 -20.30 82.97
N ARG D 349 26.82 -21.13 83.89
CA ARG D 349 27.54 -22.36 84.19
C ARG D 349 27.73 -23.28 82.98
N ARG D 350 26.67 -23.43 82.20
CA ARG D 350 26.74 -24.27 81.00
C ARG D 350 27.62 -23.62 79.90
N SER D 351 27.57 -22.29 79.82
CA SER D 351 28.34 -21.53 78.84
C SER D 351 29.86 -21.68 79.06
N VAL D 352 30.31 -21.72 80.32
CA VAL D 352 31.75 -21.99 80.62
C VAL D 352 32.16 -23.43 80.30
N GLU D 353 31.26 -24.38 80.55
CA GLU D 353 31.50 -25.78 80.18
C GLU D 353 31.79 -25.95 78.69
N TYR D 354 30.91 -25.44 77.85
CA TYR D 354 31.22 -25.36 76.42
C TYR D 354 32.51 -24.58 76.17
N ALA D 355 32.68 -23.45 76.86
CA ALA D 355 33.86 -22.58 76.66
C ALA D 355 35.20 -23.26 76.86
N LYS D 356 35.32 -24.06 77.92
CA LYS D 356 36.57 -24.76 78.26
C LYS D 356 36.78 -26.02 77.41
N LYS D 357 35.69 -26.72 77.11
CA LYS D 357 35.72 -27.96 76.32
C LYS D 357 35.74 -27.74 74.80
N ARG D 358 35.95 -26.50 74.35
CA ARG D 358 36.10 -26.21 72.93
C ARG D 358 37.54 -26.45 72.55
N PRO D 359 37.78 -27.33 71.56
CA PRO D 359 39.16 -27.59 71.15
C PRO D 359 39.76 -26.44 70.36
N VAL D 360 40.86 -25.88 70.88
CA VAL D 360 41.63 -24.84 70.19
C VAL D 360 42.96 -25.41 69.75
N GLY D 361 43.39 -25.12 68.53
CA GLY D 361 44.56 -25.78 67.96
C GLY D 361 44.85 -25.60 66.48
N ASP D 362 45.65 -26.52 65.94
CA ASP D 362 46.04 -26.46 64.55
C ASP D 362 44.72 -26.57 63.81
N PRO D 363 44.44 -25.60 62.91
CA PRO D 363 43.25 -25.58 62.04
C PRO D 363 43.02 -26.89 61.34
N PHE D 364 44.12 -27.48 60.86
CA PHE D 364 44.08 -28.67 60.04
C PHE D 364 43.75 -29.94 60.78
N ASP D 365 43.92 -29.96 62.10
CA ASP D 365 43.53 -31.18 62.86
C ASP D 365 42.03 -31.29 62.83
N VAL D 366 41.54 -32.51 62.71
CA VAL D 366 40.11 -32.71 62.61
C VAL D 366 39.42 -32.21 63.88
N LYS D 367 39.99 -32.49 65.05
CA LYS D 367 39.32 -32.16 66.32
C LYS D 367 39.14 -30.64 66.60
N THR D 368 39.96 -29.81 65.96
CA THR D 368 40.07 -28.40 66.35
C THR D 368 38.87 -27.56 65.88
N GLU D 369 38.24 -26.87 66.82
CA GLU D 369 37.10 -26.02 66.51
C GLU D 369 37.47 -24.50 66.48
N GLN D 370 38.52 -24.15 67.21
CA GLN D 370 39.04 -22.78 67.21
C GLN D 370 40.47 -22.77 66.75
N GLY D 371 40.84 -21.71 66.06
CA GLY D 371 42.16 -21.57 65.45
C GLY D 371 42.81 -20.31 65.97
N PRO D 372 43.79 -19.81 65.24
CA PRO D 372 44.44 -18.55 65.59
C PRO D 372 43.63 -17.30 65.20
N GLN D 373 43.76 -16.25 65.99
CA GLN D 373 43.17 -14.96 65.65
C GLN D 373 43.90 -14.43 64.44
N ILE D 374 43.21 -13.74 63.56
CA ILE D 374 43.72 -13.53 62.21
C ILE D 374 45.19 -13.13 62.14
N ASP D 375 45.64 -12.24 63.02
CA ASP D 375 47.02 -11.77 63.02
C ASP D 375 47.34 -11.04 64.33
N GLN D 376 48.45 -10.29 64.35
CA GLN D 376 48.97 -9.64 65.58
C GLN D 376 48.13 -8.43 66.03
N LYS D 377 47.78 -7.54 65.11
CA LYS D 377 46.95 -6.38 65.45
C LYS D 377 45.66 -6.77 66.16
N GLN D 378 44.93 -7.72 65.59
CA GLN D 378 43.69 -8.19 66.20
C GLN D 378 43.96 -8.93 67.49
N PHE D 379 45.01 -9.73 67.48
CA PHE D 379 45.39 -10.48 68.66
C PHE D 379 45.63 -9.55 69.85
N ASP D 380 46.36 -8.48 69.61
CA ASP D 380 46.62 -7.47 70.63
C ASP D 380 45.33 -6.75 70.99
N LYS D 381 44.55 -6.39 69.97
CA LYS D 381 43.33 -5.60 70.16
C LYS D 381 42.37 -6.37 71.05
N ILE D 382 42.22 -7.66 70.77
CA ILE D 382 41.30 -8.48 71.54
C ILE D 382 41.66 -8.49 73.02
N LEU D 383 42.95 -8.68 73.30
CA LEU D 383 43.43 -8.88 74.67
C LEU D 383 43.30 -7.62 75.52
N GLU D 384 43.43 -6.45 74.92
CA GLU D 384 43.20 -5.22 75.66
C GLU D 384 41.76 -5.16 76.16
N LEU D 385 40.82 -5.46 75.29
CA LEU D 385 39.40 -5.38 75.64
C LEU D 385 39.03 -6.39 76.71
N ILE D 386 39.75 -7.50 76.76
CA ILE D 386 39.56 -8.48 77.81
C ILE D 386 39.97 -7.86 79.15
N GLU D 387 41.10 -7.16 79.13
CA GLU D 387 41.56 -6.46 80.32
C GLU D 387 40.56 -5.36 80.68
N SER D 388 40.01 -4.67 79.68
CA SER D 388 38.93 -3.69 79.92
C SER D 388 37.73 -4.25 80.71
N GLY D 389 37.33 -5.47 80.40
CA GLY D 389 36.31 -6.14 81.18
C GLY D 389 36.75 -6.31 82.62
N LYS D 390 38.03 -6.68 82.78
CA LYS D 390 38.62 -6.90 84.10
C LYS D 390 38.63 -5.59 84.88
N LYS D 391 39.23 -4.56 84.28
CA LYS D 391 39.31 -3.23 84.88
C LYS D 391 37.94 -2.62 85.23
N GLU D 392 36.86 -3.01 84.55
CA GLU D 392 35.52 -2.45 84.81
C GLU D 392 34.60 -3.35 85.67
N GLY D 393 35.13 -4.45 86.17
CA GLY D 393 34.43 -5.23 87.21
C GLY D 393 33.53 -6.37 86.76
N ALA D 394 33.82 -6.93 85.59
CA ALA D 394 33.07 -8.07 85.11
C ALA D 394 33.67 -9.33 85.69
N LYS D 395 32.84 -10.24 86.18
CA LYS D 395 33.31 -11.48 86.77
C LYS D 395 33.77 -12.37 85.61
N LEU D 396 35.05 -12.74 85.65
CA LEU D 396 35.66 -13.58 84.64
C LEU D 396 35.45 -15.05 84.97
N GLU D 397 34.81 -15.80 84.09
CA GLU D 397 34.42 -17.18 84.38
C GLU D 397 35.34 -18.22 83.72
N CYS D 398 36.04 -17.80 82.67
CA CYS D 398 37.12 -18.61 82.13
C CYS D 398 37.95 -17.79 81.14
N GLY D 399 39.17 -18.25 80.90
CA GLY D 399 40.14 -17.52 80.09
C GLY D 399 40.42 -16.15 80.65
N GLY D 400 40.79 -15.23 79.76
CA GLY D 400 41.22 -13.89 80.17
C GLY D 400 42.62 -13.60 79.70
N SER D 401 43.21 -14.57 78.99
CA SER D 401 44.58 -14.48 78.51
C SER D 401 44.75 -15.11 77.16
N ALA D 402 45.90 -14.84 76.56
CA ALA D 402 46.36 -15.62 75.44
C ALA D 402 46.59 -17.00 76.00
N MET D 403 46.92 -17.94 75.11
CA MET D 403 47.07 -19.35 75.48
C MET D 403 48.52 -19.75 75.33
N GLU D 404 48.81 -20.40 74.21
CA GLU D 404 50.13 -20.92 73.95
C GLU D 404 50.97 -19.65 73.79
N ASP D 405 52.08 -19.60 74.52
CA ASP D 405 52.79 -18.37 74.84
C ASP D 405 52.87 -17.35 73.70
N LYS D 406 53.39 -17.79 72.55
CA LYS D 406 53.59 -16.88 71.41
C LYS D 406 53.05 -17.40 70.08
N GLY D 407 51.80 -17.87 70.14
CA GLY D 407 50.98 -18.04 68.96
C GLY D 407 49.94 -16.93 68.98
N LEU D 408 49.02 -16.95 68.03
CA LEU D 408 47.93 -15.98 68.00
C LEU D 408 46.66 -16.62 68.50
N PHE D 409 46.75 -17.35 69.60
CA PHE D 409 45.63 -18.13 70.12
C PHE D 409 45.18 -17.55 71.44
N ILE D 410 43.89 -17.28 71.55
CA ILE D 410 43.28 -16.78 72.79
C ILE D 410 42.36 -17.84 73.39
N LYS D 411 42.52 -18.09 74.68
CA LYS D 411 41.63 -19.02 75.38
C LYS D 411 40.20 -18.46 75.31
N PRO D 412 39.22 -19.32 75.00
CA PRO D 412 37.82 -18.93 75.11
C PRO D 412 37.47 -18.29 76.48
N THR D 413 36.83 -17.14 76.43
CA THR D 413 36.71 -16.29 77.56
C THR D 413 35.25 -15.94 77.75
N VAL D 414 34.76 -16.08 78.98
CA VAL D 414 33.40 -15.73 79.32
C VAL D 414 33.40 -14.70 80.44
N PHE D 415 32.66 -13.63 80.22
CA PHE D 415 32.45 -12.66 81.26
C PHE D 415 31.05 -12.79 81.76
N SER D 416 30.85 -12.38 83.00
CA SER D 416 29.57 -12.50 83.67
C SER D 416 29.23 -11.18 84.38
N GLU D 417 28.04 -11.08 84.98
CA GLU D 417 27.56 -9.84 85.61
C GLU D 417 27.93 -8.60 84.80
N VAL D 418 27.79 -8.71 83.48
CA VAL D 418 28.13 -7.63 82.56
C VAL D 418 27.00 -6.61 82.59
N THR D 419 27.35 -5.37 82.26
CA THR D 419 26.38 -4.27 82.22
C THR D 419 26.57 -3.51 80.93
N ASP D 420 25.56 -2.71 80.59
CA ASP D 420 25.51 -2.02 79.30
C ASP D 420 26.64 -1.04 79.07
N ASN D 421 27.13 -0.46 80.17
CA ASN D 421 28.06 0.66 80.08
C ASN D 421 29.50 0.21 79.82
N MET D 422 29.84 -1.03 80.19
CA MET D 422 31.23 -1.55 80.06
C MET D 422 31.70 -1.58 78.61
N ARG D 423 33.01 -1.55 78.38
CA ARG D 423 33.55 -1.54 77.02
C ARG D 423 33.34 -2.84 76.24
N ILE D 424 33.31 -3.97 76.97
CA ILE D 424 32.95 -5.28 76.38
C ILE D 424 31.47 -5.43 76.00
N ALA D 425 30.60 -4.60 76.56
CA ALA D 425 29.23 -4.59 76.10
C ALA D 425 28.99 -3.59 74.99
N LYS D 426 29.97 -2.76 74.69
CA LYS D 426 29.80 -1.64 73.73
C LYS D 426 30.52 -1.84 72.41
N GLU D 427 31.79 -2.22 72.45
CA GLU D 427 32.61 -2.21 71.25
C GLU D 427 32.72 -3.62 70.63
N GLU D 428 32.66 -3.70 69.31
CA GLU D 428 32.89 -4.98 68.65
C GLU D 428 34.24 -5.54 69.12
N ILE D 429 34.20 -6.68 69.82
CA ILE D 429 35.41 -7.38 70.28
C ILE D 429 36.14 -8.03 69.09
N PHE D 430 35.37 -8.83 68.33
CA PHE D 430 35.87 -9.63 67.22
C PHE D 430 36.85 -10.70 67.71
N GLY D 431 36.47 -11.37 68.78
CA GLY D 431 37.30 -12.39 69.40
C GLY D 431 36.51 -13.28 70.32
N PRO D 432 37.11 -14.38 70.76
CA PRO D 432 36.36 -15.36 71.54
C PRO D 432 36.02 -14.86 72.94
N VAL D 433 35.16 -13.86 73.03
CA VAL D 433 34.72 -13.33 74.33
C VAL D 433 33.20 -13.28 74.37
N GLN D 434 32.62 -13.79 75.45
CA GLN D 434 31.19 -13.93 75.58
C GLN D 434 30.72 -13.09 76.76
N PRO D 435 30.35 -11.83 76.52
CA PRO D 435 29.82 -10.98 77.58
C PRO D 435 28.38 -11.29 77.88
N ILE D 436 28.07 -11.64 79.14
CA ILE D 436 26.72 -12.05 79.51
C ILE D 436 26.04 -11.07 80.47
N LEU D 437 24.90 -10.56 80.03
CA LEU D 437 24.11 -9.57 80.76
C LEU D 437 22.87 -10.23 81.29
N LYS D 438 22.21 -9.54 82.21
CA LYS D 438 21.04 -10.06 82.85
C LYS D 438 19.95 -9.08 82.61
N PHE D 439 18.72 -9.56 82.48
CA PHE D 439 17.54 -8.70 82.40
C PHE D 439 16.35 -9.28 83.15
N LYS D 440 15.33 -8.44 83.29
CA LYS D 440 14.10 -8.78 84.00
C LYS D 440 12.97 -8.85 83.01
N SER D 441 12.68 -7.68 82.42
CA SER D 441 11.48 -7.47 81.62
C SER D 441 11.79 -7.49 80.12
N ILE D 442 10.81 -7.96 79.35
CA ILE D 442 10.92 -7.96 77.89
C ILE D 442 11.17 -6.54 77.38
N GLU D 443 10.32 -5.57 77.77
CA GLU D 443 10.44 -4.20 77.24
C GLU D 443 11.83 -3.60 77.55
N GLU D 444 12.37 -3.99 78.70
CA GLU D 444 13.70 -3.58 79.11
C GLU D 444 14.73 -4.15 78.18
N VAL D 445 14.57 -5.42 77.82
CA VAL D 445 15.54 -6.07 76.95
C VAL D 445 15.43 -5.52 75.53
N ILE D 446 14.21 -5.13 75.13
CA ILE D 446 13.97 -4.55 73.81
C ILE D 446 14.74 -3.24 73.67
N LYS D 447 14.67 -2.43 74.73
CA LYS D 447 15.29 -1.12 74.78
C LYS D 447 16.81 -1.19 74.77
N ARG D 448 17.34 -2.04 75.65
CA ARG D 448 18.76 -2.34 75.77
C ARG D 448 19.38 -2.91 74.50
N ALA D 449 18.68 -3.82 73.84
CA ALA D 449 19.08 -4.42 72.55
C ALA D 449 19.18 -3.40 71.44
N ASN D 450 18.22 -2.49 71.42
CA ASN D 450 18.14 -1.47 70.37
C ASN D 450 18.97 -0.22 70.66
N SER D 451 19.64 -0.17 71.82
CA SER D 451 20.42 1.02 72.27
C SER D 451 21.67 1.34 71.51
N THR D 452 22.19 0.40 70.74
CA THR D 452 23.39 0.62 69.91
C THR D 452 23.03 1.26 68.55
N ASP D 453 24.02 1.80 67.84
CA ASP D 453 23.80 2.41 66.51
C ASP D 453 23.77 1.40 65.38
N TYR D 454 23.83 0.14 65.79
CA TYR D 454 23.93 -0.99 64.91
C TYR D 454 22.68 -1.85 64.96
N GLY D 455 22.45 -2.55 63.85
CA GLY D 455 21.35 -3.50 63.72
C GLY D 455 21.60 -4.49 62.58
N LEU D 456 22.63 -5.32 62.71
CA LEU D 456 22.91 -6.35 61.70
C LEU D 456 22.07 -7.61 61.93
N THR D 457 22.17 -8.24 63.12
CA THR D 457 21.41 -9.43 63.50
C THR D 457 20.93 -9.38 64.95
N ALA D 458 19.94 -10.20 65.26
CA ALA D 458 19.57 -10.49 66.63
C ALA D 458 19.05 -11.92 66.65
N ALA D 459 18.87 -12.45 67.86
CA ALA D 459 18.38 -13.81 68.02
C ALA D 459 17.59 -13.89 69.30
N VAL D 460 16.60 -14.75 69.30
CA VAL D 460 15.67 -14.85 70.41
C VAL D 460 15.40 -16.31 70.70
N PHE D 461 15.49 -16.67 71.99
CA PHE D 461 15.21 -18.03 72.48
C PHE D 461 14.04 -17.96 73.43
N THR D 462 12.97 -18.61 73.02
CA THR D 462 11.74 -18.73 73.79
C THR D 462 10.86 -19.79 73.15
N LYS D 463 9.98 -20.36 73.97
CA LYS D 463 8.99 -21.33 73.49
C LYS D 463 7.67 -20.65 73.23
N ASN D 464 7.58 -19.39 73.64
CA ASN D 464 6.34 -18.61 73.67
C ASN D 464 6.02 -17.87 72.34
N LEU D 465 4.92 -18.28 71.70
CA LEU D 465 4.51 -17.75 70.38
C LEU D 465 4.43 -16.24 70.36
N ASP D 466 3.75 -15.67 71.36
CA ASP D 466 3.62 -14.21 71.40
C ASP D 466 4.98 -13.52 71.65
N LYS D 467 5.74 -14.07 72.59
CA LYS D 467 6.94 -13.40 73.05
C LYS D 467 7.99 -13.36 71.93
N ALA D 468 8.07 -14.44 71.16
CA ALA D 468 8.92 -14.52 69.96
C ALA D 468 8.51 -13.51 68.91
N LEU D 469 7.24 -13.49 68.54
CA LEU D 469 6.82 -12.63 67.44
C LEU D 469 6.80 -11.15 67.79
N LYS D 470 6.56 -10.83 69.06
CA LYS D 470 6.67 -9.44 69.53
C LYS D 470 8.10 -8.93 69.47
N LEU D 471 9.05 -9.76 69.89
CA LEU D 471 10.46 -9.36 69.84
C LEU D 471 10.92 -9.24 68.38
N ALA D 472 10.50 -10.19 67.54
CA ALA D 472 10.86 -10.19 66.12
C ALA D 472 10.46 -8.87 65.47
N SER D 473 9.28 -8.37 65.85
CA SER D 473 8.85 -7.07 65.38
C SER D 473 9.69 -5.96 65.94
N ALA D 474 9.97 -6.00 67.23
CA ALA D 474 10.58 -4.88 67.94
C ALA D 474 12.10 -4.74 67.76
N LEU D 475 12.78 -5.84 67.53
CA LEU D 475 14.22 -5.76 67.50
C LEU D 475 14.64 -5.14 66.18
N GLU D 476 15.41 -4.05 66.28
CA GLU D 476 15.84 -3.30 65.09
C GLU D 476 17.06 -3.90 64.45
N SER D 477 16.84 -5.02 63.76
CA SER D 477 17.94 -5.78 63.16
C SER D 477 17.52 -6.23 61.80
N GLY D 478 18.48 -6.33 60.89
CA GLY D 478 18.19 -6.88 59.57
C GLY D 478 17.77 -8.33 59.58
N THR D 479 18.25 -9.11 60.56
CA THR D 479 17.93 -10.53 60.65
C THR D 479 17.66 -10.93 62.07
N VAL D 480 16.53 -11.53 62.32
CA VAL D 480 16.21 -11.99 63.64
C VAL D 480 16.17 -13.48 63.52
N TRP D 481 16.90 -14.18 64.38
CA TRP D 481 16.80 -15.64 64.49
C TRP D 481 15.98 -15.96 65.71
N ILE D 482 15.27 -17.06 65.66
CA ILE D 482 14.47 -17.48 66.77
C ILE D 482 14.75 -18.96 66.96
N ASN D 483 15.14 -19.33 68.17
CA ASN D 483 15.61 -20.68 68.49
C ASN D 483 16.61 -21.22 67.48
N CYS D 484 17.46 -20.35 66.98
CA CYS D 484 18.67 -20.73 66.25
C CYS D 484 19.71 -19.59 66.24
N TYR D 485 20.82 -19.83 65.59
CA TYR D 485 21.80 -18.77 65.38
C TYR D 485 22.65 -19.05 64.16
N ASN D 486 23.02 -17.99 63.47
CA ASN D 486 23.85 -18.04 62.27
C ASN D 486 23.27 -18.83 61.13
N ALA D 487 21.94 -18.89 61.06
CA ALA D 487 21.21 -19.62 60.01
C ALA D 487 20.98 -18.74 58.78
N LEU D 488 21.85 -18.83 57.81
CA LEU D 488 21.75 -18.02 56.61
C LEU D 488 21.45 -18.91 55.40
N TYR D 489 20.67 -18.37 54.47
CA TYR D 489 20.43 -19.09 53.23
C TYR D 489 20.69 -18.17 52.04
N ALA D 490 21.15 -18.70 50.94
CA ALA D 490 21.38 -17.87 49.79
C ALA D 490 20.10 -17.27 49.24
N GLN D 491 18.96 -17.54 49.89
CA GLN D 491 17.65 -17.02 49.44
C GLN D 491 17.07 -16.02 50.42
N ALA D 492 17.68 -15.90 51.58
CA ALA D 492 17.18 -14.99 52.53
C ALA D 492 18.09 -13.77 52.52
N PRO D 493 17.53 -12.58 52.29
CA PRO D 493 18.41 -11.41 52.32
C PRO D 493 19.08 -11.20 53.68
N PHE D 494 20.22 -10.53 53.65
CA PHE D 494 21.01 -10.23 54.83
C PHE D 494 21.58 -8.83 54.65
N GLY D 495 21.62 -8.07 55.72
CA GLY D 495 22.11 -6.70 55.65
C GLY D 495 21.71 -5.98 56.92
N GLY D 496 22.14 -4.72 57.02
CA GLY D 496 21.98 -3.91 58.23
C GLY D 496 20.90 -2.84 58.28
N PHE D 497 20.35 -2.68 59.48
CA PHE D 497 19.59 -1.50 59.87
C PHE D 497 20.63 -0.49 60.28
N LYS D 498 20.23 0.77 60.37
CA LYS D 498 21.02 1.78 61.03
C LYS D 498 22.48 1.75 60.55
N MET D 499 23.44 1.87 61.44
CA MET D 499 24.84 1.98 61.01
C MET D 499 25.53 0.63 60.75
N SER D 500 24.76 -0.45 60.70
CA SER D 500 25.31 -1.72 60.33
C SER D 500 25.34 -1.89 58.85
N GLY D 501 24.69 -0.98 58.11
CA GLY D 501 24.90 -0.91 56.63
C GLY D 501 23.67 -0.52 55.85
N ASN D 502 23.79 -0.41 54.55
CA ASN D 502 22.60 -0.16 53.73
C ASN D 502 22.53 -1.02 52.50
N GLY D 503 21.34 -1.59 52.27
CA GLY D 503 21.14 -2.50 51.17
C GLY D 503 21.22 -3.92 51.63
N ARG D 504 21.05 -4.82 50.69
CA ARG D 504 20.90 -6.22 51.04
C ARG D 504 21.69 -7.17 50.17
N GLU D 505 22.06 -8.29 50.75
CA GLU D 505 22.73 -9.32 50.00
C GLU D 505 21.97 -10.61 50.22
N LEU D 506 22.03 -11.49 49.21
CA LEU D 506 21.29 -12.77 49.21
C LEU D 506 19.81 -12.48 48.93
N GLY D 507 19.09 -13.48 48.42
CA GLY D 507 17.66 -13.39 48.17
C GLY D 507 17.38 -12.63 46.89
N GLU D 508 16.10 -12.56 46.52
CA GLU D 508 15.69 -11.76 45.34
C GLU D 508 16.16 -10.32 45.52
N TYR D 509 16.23 -9.89 46.78
CA TYR D 509 16.54 -8.52 47.16
C TYR D 509 17.88 -8.06 46.66
N ALA D 510 18.77 -9.00 46.42
CA ALA D 510 20.10 -8.67 45.94
C ALA D 510 20.09 -8.19 44.47
N LEU D 511 19.17 -8.67 43.68
CA LEU D 511 19.17 -8.32 42.28
C LEU D 511 18.88 -6.83 42.09
N ALA D 512 18.14 -6.23 43.01
CA ALA D 512 17.86 -4.80 42.93
C ALA D 512 19.14 -3.96 43.05
N GLU D 513 20.06 -4.42 43.89
CA GLU D 513 21.32 -3.71 44.13
C GLU D 513 22.25 -3.78 42.92
N TYR D 514 22.08 -4.80 42.06
CA TYR D 514 22.94 -5.01 40.87
C TYR D 514 22.23 -4.62 39.56
N THR D 515 21.09 -3.93 39.68
CA THR D 515 20.35 -3.44 38.55
C THR D 515 19.86 -1.99 38.72
N GLU D 516 19.58 -1.39 37.55
CA GLU D 516 19.11 -0.02 37.32
C GLU D 516 17.77 -0.08 36.61
N VAL D 517 16.76 0.49 37.23
CA VAL D 517 15.42 0.44 36.68
C VAL D 517 15.24 1.45 35.52
N LYS D 518 14.82 0.97 34.37
CA LYS D 518 14.54 1.89 33.29
C LYS D 518 13.08 1.79 32.94
N THR D 519 12.42 2.93 32.78
CA THR D 519 11.05 2.98 32.36
C THR D 519 11.00 3.26 30.86
N VAL D 520 10.30 2.44 30.10
CA VAL D 520 10.01 2.77 28.73
C VAL D 520 8.51 3.06 28.58
N THR D 521 8.17 4.21 27.99
CA THR D 521 6.77 4.67 27.80
C THR D 521 6.49 5.09 26.35
N ILE D 522 5.56 4.37 25.72
CA ILE D 522 5.25 4.51 24.33
C ILE D 522 3.84 5.07 24.19
N LYS D 523 3.69 6.10 23.35
CA LYS D 523 2.41 6.64 23.03
C LYS D 523 2.05 6.28 21.60
N LEU D 524 0.86 5.69 21.43
CA LEU D 524 0.34 5.26 20.13
C LEU D 524 -0.70 6.26 19.59
N PRO E 40 -44.14 21.65 -23.95
CA PRO E 40 -44.78 20.78 -24.95
C PRO E 40 -46.04 21.37 -25.57
N ILE E 41 -46.48 20.81 -26.70
CA ILE E 41 -47.74 21.22 -27.32
C ILE E 41 -48.57 19.97 -27.63
N ARG E 42 -49.62 19.76 -26.84
CA ARG E 42 -50.49 18.60 -26.97
C ARG E 42 -51.68 18.89 -27.88
N ASN E 43 -51.85 20.15 -28.28
CA ASN E 43 -53.02 20.59 -29.03
C ASN E 43 -52.75 20.71 -30.52
N LEU E 44 -51.80 19.93 -31.01
CA LEU E 44 -51.21 20.24 -32.29
C LEU E 44 -51.92 19.57 -33.45
N GLU E 45 -52.23 20.38 -34.47
CA GLU E 45 -52.83 19.90 -35.70
C GLU E 45 -51.74 19.66 -36.76
N VAL E 46 -51.80 18.49 -37.37
CA VAL E 46 -50.88 18.09 -38.42
C VAL E 46 -51.21 18.89 -39.68
N LYS E 47 -50.20 19.40 -40.37
CA LYS E 47 -50.42 20.12 -41.62
C LYS E 47 -49.93 19.41 -42.87
N PHE E 48 -48.87 18.62 -42.72
CA PHE E 48 -48.30 17.89 -43.87
C PHE E 48 -48.67 16.40 -43.83
N THR E 49 -49.50 16.01 -44.80
CA THR E 49 -50.12 14.68 -44.86
C THR E 49 -50.03 14.01 -46.24
N LYS E 50 -49.27 14.59 -47.16
CA LYS E 50 -49.28 14.14 -48.54
C LYS E 50 -47.90 13.67 -49.00
N ILE E 51 -47.79 13.36 -50.30
CA ILE E 51 -46.53 12.94 -50.91
C ILE E 51 -45.74 14.15 -51.39
N PHE E 52 -44.51 14.24 -50.94
CA PHE E 52 -43.63 15.33 -51.33
C PHE E 52 -42.73 14.98 -52.53
N ILE E 53 -43.01 15.60 -53.68
CA ILE E 53 -42.27 15.38 -54.93
C ILE E 53 -42.04 16.71 -55.67
N ASN E 54 -40.81 16.99 -56.09
CA ASN E 54 -40.49 18.27 -56.73
C ASN E 54 -40.90 19.45 -55.84
N ASN E 55 -40.67 19.34 -54.54
CA ASN E 55 -41.04 20.42 -53.61
C ASN E 55 -42.52 20.85 -53.69
N GLU E 56 -43.40 19.94 -54.09
CA GLU E 56 -44.85 20.18 -54.12
C GLU E 56 -45.52 19.15 -53.23
N TRP E 57 -46.84 19.21 -53.20
CA TRP E 57 -47.66 18.21 -52.51
C TRP E 57 -48.61 17.53 -53.49
N HIS E 58 -48.62 16.20 -53.46
CA HIS E 58 -49.33 15.43 -54.48
C HIS E 58 -50.28 14.46 -53.81
N GLU E 59 -51.39 14.19 -54.51
CA GLU E 59 -52.30 13.17 -54.07
C GLU E 59 -51.75 11.84 -54.58
N SER E 60 -52.19 10.75 -53.96
CA SER E 60 -51.85 9.42 -54.43
C SER E 60 -52.72 9.03 -55.63
N LYS E 61 -52.14 8.30 -56.58
CA LYS E 61 -52.92 7.62 -57.61
C LYS E 61 -53.90 6.76 -56.89
N SER E 62 -55.14 6.76 -57.36
CA SER E 62 -56.23 6.03 -56.71
C SER E 62 -56.97 6.94 -55.72
N GLY E 63 -56.25 7.86 -55.10
CA GLY E 63 -56.80 8.73 -54.06
C GLY E 63 -56.80 8.09 -52.67
N LYS E 64 -56.12 6.95 -52.54
CA LYS E 64 -56.19 6.16 -51.31
C LYS E 64 -55.29 6.73 -50.25
N LYS E 65 -55.72 6.52 -49.01
CA LYS E 65 -55.05 7.04 -47.83
C LYS E 65 -55.04 5.97 -46.78
N PHE E 66 -54.07 6.02 -45.87
CA PHE E 66 -54.06 5.16 -44.69
C PHE E 66 -53.95 6.08 -43.50
N ALA E 67 -54.02 5.52 -42.28
CA ALA E 67 -54.10 6.34 -41.08
C ALA E 67 -53.03 5.95 -40.08
N THR E 68 -52.41 6.96 -39.48
CA THR E 68 -51.49 6.72 -38.36
C THR E 68 -52.24 6.99 -37.08
N CYS E 69 -51.80 6.33 -36.02
CA CYS E 69 -52.46 6.46 -34.73
C CYS E 69 -51.43 6.74 -33.65
N ASN E 70 -51.89 7.42 -32.60
CA ASN E 70 -51.08 7.70 -31.44
C ASN E 70 -51.18 6.52 -30.48
N PRO E 71 -50.04 5.87 -30.19
CA PRO E 71 -50.00 4.82 -29.17
C PRO E 71 -50.45 5.27 -27.80
N SER E 72 -50.07 6.47 -27.40
CA SER E 72 -50.46 7.01 -26.09
C SER E 72 -51.97 7.02 -25.93
N THR E 73 -52.65 7.82 -26.74
CA THR E 73 -54.12 7.82 -26.84
C THR E 73 -54.53 7.15 -28.16
N ARG E 74 -55.10 5.96 -28.07
CA ARG E 74 -55.42 5.15 -29.26
C ARG E 74 -56.36 5.81 -30.28
N GLU E 75 -56.70 7.07 -30.07
CA GLU E 75 -57.39 7.88 -31.07
C GLU E 75 -56.53 8.02 -32.34
N GLN E 76 -57.19 8.08 -33.49
CA GLN E 76 -56.54 8.38 -34.75
C GLN E 76 -56.06 9.83 -34.75
N ILE E 77 -54.94 10.09 -35.42
CA ILE E 77 -54.42 11.45 -35.61
C ILE E 77 -54.94 12.05 -36.92
N CYS E 78 -54.61 11.38 -38.03
CA CYS E 78 -54.97 11.82 -39.38
C CYS E 78 -54.73 10.71 -40.41
N GLU E 79 -55.21 10.97 -41.62
CA GLU E 79 -54.94 10.10 -42.76
C GLU E 79 -53.82 10.69 -43.61
N VAL E 80 -52.93 9.84 -44.11
CA VAL E 80 -51.88 10.26 -45.03
C VAL E 80 -52.01 9.44 -46.31
N GLU E 81 -51.46 9.97 -47.40
CA GLU E 81 -51.64 9.37 -48.72
C GLU E 81 -50.87 8.07 -48.81
N GLU E 82 -51.56 7.02 -49.24
CA GLU E 82 -50.94 5.72 -49.44
C GLU E 82 -50.39 5.73 -50.86
N GLY E 83 -49.07 5.67 -50.99
CA GLY E 83 -48.45 5.63 -52.30
C GLY E 83 -48.29 4.21 -52.81
N ASP E 84 -48.03 4.10 -54.11
CA ASP E 84 -47.78 2.82 -54.75
C ASP E 84 -46.86 2.99 -55.94
N LYS E 85 -46.62 1.89 -56.66
CA LYS E 85 -45.64 1.85 -57.73
C LYS E 85 -45.69 3.11 -58.61
N PRO E 86 -46.88 3.45 -59.13
CA PRO E 86 -46.97 4.62 -60.01
C PRO E 86 -46.44 5.90 -59.37
N ASP E 87 -46.89 6.20 -58.16
CA ASP E 87 -46.40 7.39 -57.45
C ASP E 87 -44.89 7.36 -57.34
N VAL E 88 -44.37 6.27 -56.82
CA VAL E 88 -42.93 6.12 -56.62
C VAL E 88 -42.19 6.43 -57.91
N ASP E 89 -42.71 5.95 -59.04
CA ASP E 89 -42.09 6.21 -60.35
C ASP E 89 -41.90 7.71 -60.53
N LYS E 90 -42.95 8.46 -60.24
CA LYS E 90 -42.86 9.92 -60.29
C LYS E 90 -41.69 10.44 -59.45
N ALA E 91 -41.64 10.06 -58.17
CA ALA E 91 -40.61 10.58 -57.26
C ALA E 91 -39.26 10.34 -57.87
N VAL E 92 -39.05 9.11 -58.32
CA VAL E 92 -37.79 8.73 -58.90
C VAL E 92 -37.55 9.57 -60.15
N GLU E 93 -38.59 9.77 -60.98
CA GLU E 93 -38.47 10.64 -62.16
C GLU E 93 -37.99 12.01 -61.77
N ALA E 94 -38.59 12.56 -60.73
CA ALA E 94 -38.22 13.89 -60.27
C ALA E 94 -36.78 13.88 -59.75
N ALA E 95 -36.43 12.82 -59.02
CA ALA E 95 -35.07 12.66 -58.49
C ALA E 95 -34.03 12.49 -59.59
N GLN E 96 -34.38 11.78 -60.66
CA GLN E 96 -33.44 11.53 -61.75
C GLN E 96 -33.00 12.83 -62.41
N VAL E 97 -33.96 13.71 -62.71
CA VAL E 97 -33.67 14.97 -63.42
C VAL E 97 -32.94 15.99 -62.55
N ALA E 98 -33.24 15.97 -61.25
CA ALA E 98 -32.58 16.85 -60.28
C ALA E 98 -31.10 16.47 -60.13
N PHE E 99 -30.78 15.21 -60.41
CA PHE E 99 -29.40 14.75 -60.44
C PHE E 99 -28.76 14.90 -61.82
N GLN E 100 -29.58 15.08 -62.85
CA GLN E 100 -29.12 15.25 -64.23
C GLN E 100 -28.02 16.33 -64.34
N ARG E 101 -27.17 16.22 -65.37
CA ARG E 101 -26.08 17.20 -65.61
C ARG E 101 -26.58 18.61 -65.90
N GLY E 102 -25.96 19.61 -65.26
CA GLY E 102 -26.38 21.01 -65.41
C GLY E 102 -27.55 21.39 -64.54
N SER E 103 -27.98 20.46 -63.70
CA SER E 103 -29.04 20.76 -62.74
C SER E 103 -28.49 21.75 -61.72
N PRO E 104 -29.33 22.65 -61.22
CA PRO E 104 -28.84 23.52 -60.17
C PRO E 104 -28.06 22.73 -59.14
N TRP E 105 -28.64 21.61 -58.68
CA TRP E 105 -28.07 20.77 -57.61
C TRP E 105 -26.67 20.29 -57.94
N ARG E 106 -26.44 20.06 -59.22
CA ARG E 106 -25.19 19.54 -59.72
C ARG E 106 -24.18 20.64 -60.06
N ARG E 107 -24.68 21.84 -60.36
CA ARG E 107 -23.83 22.98 -60.68
C ARG E 107 -23.40 23.79 -59.46
N LEU E 108 -24.04 23.60 -58.32
CA LEU E 108 -23.63 24.27 -57.09
C LEU E 108 -22.20 23.92 -56.73
N ASP E 109 -21.51 24.87 -56.11
CA ASP E 109 -20.18 24.59 -55.59
C ASP E 109 -20.31 23.65 -54.41
N ALA E 110 -19.20 23.09 -53.95
CA ALA E 110 -19.22 22.14 -52.83
C ALA E 110 -19.77 22.77 -51.56
N LEU E 111 -19.31 23.96 -51.23
CA LEU E 111 -19.66 24.63 -49.97
C LEU E 111 -21.14 25.07 -49.92
N SER E 112 -21.69 25.50 -51.05
CA SER E 112 -23.10 25.84 -51.10
C SER E 112 -23.97 24.66 -50.70
N ARG E 113 -23.50 23.44 -50.95
CA ARG E 113 -24.18 22.21 -50.50
C ARG E 113 -24.08 22.08 -49.00
N GLY E 114 -22.89 22.36 -48.46
CA GLY E 114 -22.69 22.34 -47.03
C GLY E 114 -23.47 23.44 -46.37
N ARG E 115 -23.73 24.52 -47.12
CA ARG E 115 -24.49 25.68 -46.64
C ARG E 115 -25.99 25.41 -46.52
N LEU E 116 -26.56 24.67 -47.47
CA LEU E 116 -27.97 24.29 -47.41
C LEU E 116 -28.27 23.33 -46.27
N LEU E 117 -27.31 22.44 -46.00
CA LEU E 117 -27.42 21.48 -44.90
C LEU E 117 -27.37 22.17 -43.54
N HIS E 118 -26.60 23.24 -43.44
CA HIS E 118 -26.62 24.07 -42.24
C HIS E 118 -27.97 24.74 -42.13
N GLN E 119 -28.47 25.20 -43.26
CA GLN E 119 -29.73 25.90 -43.31
C GLN E 119 -30.89 24.96 -42.92
N LEU E 120 -30.88 23.75 -43.46
CA LEU E 120 -31.90 22.76 -43.11
C LEU E 120 -31.88 22.47 -41.62
N ALA E 121 -30.70 22.29 -41.06
CA ALA E 121 -30.55 22.07 -39.60
C ALA E 121 -31.02 23.28 -38.80
N ASP E 122 -30.80 24.48 -39.32
CA ASP E 122 -31.26 25.70 -38.65
C ASP E 122 -32.77 25.67 -38.47
N LEU E 123 -33.47 25.29 -39.53
CA LEU E 123 -34.94 25.22 -39.51
C LEU E 123 -35.42 24.05 -38.64
N VAL E 124 -34.61 23.01 -38.52
CA VAL E 124 -34.88 21.92 -37.59
C VAL E 124 -34.70 22.42 -36.17
N GLU E 125 -33.67 23.24 -35.96
CA GLU E 125 -33.46 23.87 -34.67
C GLU E 125 -34.63 24.81 -34.33
N ARG E 126 -35.04 25.65 -35.28
CA ARG E 126 -36.17 26.57 -35.08
C ARG E 126 -37.45 25.86 -34.74
N ASP E 127 -37.74 24.80 -35.50
CA ASP E 127 -38.97 24.01 -35.38
C ASP E 127 -38.79 22.72 -34.57
N ARG E 128 -37.84 22.72 -33.63
CA ARG E 128 -37.49 21.52 -32.83
C ARG E 128 -38.57 20.96 -31.91
N ALA E 129 -39.53 21.80 -31.54
CA ALA E 129 -40.64 21.41 -30.69
C ALA E 129 -41.77 20.74 -31.46
N THR E 130 -42.05 21.22 -32.68
CA THR E 130 -43.11 20.67 -33.53
C THR E 130 -42.76 19.27 -34.02
N LEU E 131 -41.62 19.16 -34.67
CA LEU E 131 -41.12 17.88 -35.11
C LEU E 131 -41.11 16.90 -33.94
N ALA E 132 -40.64 17.34 -32.77
CA ALA E 132 -40.61 16.48 -31.58
C ALA E 132 -42.01 16.00 -31.19
N ALA E 133 -42.98 16.91 -31.32
CA ALA E 133 -44.39 16.65 -30.96
C ALA E 133 -45.03 15.62 -31.88
N LEU E 134 -44.95 15.83 -33.19
CA LEU E 134 -45.39 14.79 -34.12
C LEU E 134 -44.67 13.47 -33.79
N GLU E 135 -43.37 13.53 -33.56
CA GLU E 135 -42.59 12.32 -33.27
C GLU E 135 -43.20 11.61 -32.09
N THR E 136 -43.42 12.37 -31.01
CA THR E 136 -44.04 11.82 -29.81
C THR E 136 -45.49 11.32 -30.05
N MET E 137 -46.26 12.05 -30.86
CA MET E 137 -47.59 11.60 -31.26
C MET E 137 -47.50 10.30 -32.03
N ASP E 138 -46.63 10.29 -33.02
CA ASP E 138 -46.49 9.14 -33.92
C ASP E 138 -45.88 7.94 -33.24
N THR E 139 -44.90 8.19 -32.36
CA THR E 139 -44.06 7.12 -31.80
C THR E 139 -44.47 6.65 -30.41
N GLY E 140 -44.90 7.58 -29.57
CA GLY E 140 -45.18 7.27 -28.17
C GLY E 140 -43.98 7.53 -27.28
N LYS E 141 -42.87 7.96 -27.85
CA LYS E 141 -41.68 8.33 -27.07
C LYS E 141 -41.99 9.45 -26.13
N PRO E 142 -41.41 9.41 -24.92
CA PRO E 142 -41.50 10.63 -24.15
C PRO E 142 -41.04 11.84 -24.99
N PHE E 143 -41.77 12.94 -24.86
CA PHE E 143 -41.47 14.19 -25.55
C PHE E 143 -40.04 14.68 -25.24
N LEU E 144 -39.64 14.58 -23.97
CA LEU E 144 -38.27 14.97 -23.57
C LEU E 144 -37.19 14.10 -24.21
N HIS E 145 -37.48 12.82 -24.38
CA HIS E 145 -36.58 11.92 -25.12
C HIS E 145 -36.63 12.22 -26.60
N ALA E 146 -37.72 12.82 -27.07
CA ALA E 146 -37.84 13.22 -28.47
C ALA E 146 -37.14 14.54 -28.79
N PHE E 147 -37.02 15.42 -27.80
CA PHE E 147 -36.41 16.75 -27.98
C PHE E 147 -34.88 16.75 -27.81
N PHE E 148 -34.45 16.23 -26.66
CA PHE E 148 -33.06 16.28 -26.22
C PHE E 148 -32.16 15.18 -26.80
N ILE E 149 -32.76 14.12 -27.33
CA ILE E 149 -32.01 13.01 -27.93
C ILE E 149 -32.29 12.94 -29.43
N ASP E 150 -33.42 12.37 -29.82
CA ASP E 150 -33.75 12.17 -31.23
C ASP E 150 -33.37 13.35 -32.13
N LEU E 151 -33.97 14.51 -31.85
CA LEU E 151 -33.87 15.65 -32.76
C LEU E 151 -32.52 16.31 -32.68
N GLU E 152 -31.94 16.35 -31.49
CA GLU E 152 -30.58 16.80 -31.32
C GLU E 152 -29.67 16.02 -32.29
N GLY E 153 -29.85 14.71 -32.33
CA GLY E 153 -29.03 13.87 -33.19
C GLY E 153 -29.13 14.31 -34.64
N CYS E 154 -30.35 14.56 -35.08
CA CYS E 154 -30.58 14.98 -36.46
C CYS E 154 -29.83 16.25 -36.73
N ILE E 155 -29.99 17.20 -35.82
CA ILE E 155 -29.41 18.54 -35.97
C ILE E 155 -27.90 18.42 -36.04
N ARG E 156 -27.31 17.73 -35.05
CA ARG E 156 -25.87 17.51 -35.01
C ARG E 156 -25.37 16.76 -36.24
N THR E 157 -26.16 15.76 -36.65
CA THR E 157 -25.82 14.90 -37.78
C THR E 157 -25.83 15.71 -39.07
N LEU E 158 -26.92 16.46 -39.26
CA LEU E 158 -27.05 17.38 -40.38
C LEU E 158 -25.92 18.42 -40.47
N ARG E 159 -25.49 18.88 -39.30
CA ARG E 159 -24.44 19.89 -39.18
C ARG E 159 -23.04 19.29 -39.43
N TYR E 160 -22.84 18.06 -38.95
CA TYR E 160 -21.59 17.32 -39.15
C TYR E 160 -21.28 17.05 -40.61
N PHE E 161 -22.28 16.68 -41.40
CA PHE E 161 -22.07 16.40 -42.84
C PHE E 161 -22.11 17.64 -43.71
N ALA E 162 -22.65 18.73 -43.16
CA ALA E 162 -22.46 20.04 -43.77
C ALA E 162 -20.96 20.29 -43.89
N GLY E 163 -20.27 19.91 -42.83
CA GLY E 163 -18.83 20.07 -42.73
C GLY E 163 -18.10 19.31 -43.81
N TRP E 164 -18.45 18.04 -43.98
CA TRP E 164 -17.75 17.19 -44.96
C TRP E 164 -17.89 17.68 -46.40
N ALA E 165 -18.92 18.46 -46.66
CA ALA E 165 -19.30 18.87 -48.03
C ALA E 165 -18.13 19.21 -48.96
N ASP E 166 -17.32 20.18 -48.53
CA ASP E 166 -16.21 20.69 -49.34
C ASP E 166 -14.91 19.96 -49.02
N LYS E 167 -15.03 18.86 -48.27
CA LYS E 167 -13.91 18.01 -47.83
C LYS E 167 -14.06 16.54 -48.27
N ILE E 168 -15.00 16.27 -49.19
CA ILE E 168 -15.07 14.96 -49.83
C ILE E 168 -13.92 14.93 -50.86
N GLN E 169 -12.81 14.32 -50.48
CA GLN E 169 -11.56 14.39 -51.25
C GLN E 169 -11.06 13.03 -51.72
N GLY E 170 -10.83 12.96 -53.03
CA GLY E 170 -10.21 11.81 -53.69
C GLY E 170 -8.70 11.90 -53.59
N LYS E 171 -8.02 11.17 -54.48
CA LYS E 171 -6.59 10.95 -54.35
C LYS E 171 -5.87 11.15 -55.66
N THR E 172 -4.64 11.65 -55.55
CA THR E 172 -3.67 11.65 -56.66
C THR E 172 -2.57 10.61 -56.44
N ILE E 173 -2.53 9.64 -57.33
CA ILE E 173 -1.65 8.48 -57.19
C ILE E 173 -0.44 8.59 -58.11
N PRO E 174 0.76 8.38 -57.55
CA PRO E 174 1.94 8.22 -58.37
C PRO E 174 1.97 6.82 -58.96
N THR E 175 2.33 6.72 -60.24
CA THR E 175 2.37 5.45 -60.94
C THR E 175 3.58 5.38 -61.87
N ASP E 176 3.49 6.07 -63.00
CA ASP E 176 4.58 6.17 -63.96
C ASP E 176 4.99 7.63 -64.14
N ASP E 177 6.19 7.83 -64.68
CA ASP E 177 6.71 9.16 -64.97
C ASP E 177 5.83 9.84 -66.01
N ASN E 178 5.26 9.03 -66.91
CA ASN E 178 4.48 9.52 -68.06
C ASN E 178 2.99 9.70 -67.79
N VAL E 179 2.57 9.67 -66.53
CA VAL E 179 1.16 9.53 -66.22
C VAL E 179 0.68 10.52 -65.15
N VAL E 180 -0.55 10.97 -65.35
CA VAL E 180 -1.33 11.58 -64.29
C VAL E 180 -2.46 10.60 -63.94
N CYS E 181 -2.45 10.10 -62.71
CA CYS E 181 -3.50 9.20 -62.23
C CYS E 181 -4.15 9.74 -60.97
N PHE E 182 -5.44 10.04 -61.04
CA PHE E 182 -6.16 10.44 -59.84
C PHE E 182 -7.53 9.78 -59.78
N THR E 183 -8.16 9.84 -58.60
CA THR E 183 -9.55 9.36 -58.43
C THR E 183 -10.49 10.50 -58.10
N ARG E 184 -11.76 10.33 -58.47
CA ARG E 184 -12.82 11.29 -58.16
C ARG E 184 -13.84 10.53 -57.32
N HIS E 185 -14.27 11.13 -56.20
CA HIS E 185 -15.35 10.58 -55.39
C HIS E 185 -16.64 11.22 -55.84
N GLU E 186 -17.24 10.60 -56.84
CA GLU E 186 -18.41 11.14 -57.52
C GLU E 186 -19.67 10.81 -56.77
N PRO E 187 -20.68 11.68 -56.82
CA PRO E 187 -21.97 11.28 -56.24
C PRO E 187 -22.57 10.07 -56.98
N ILE E 188 -23.29 9.21 -56.26
CA ILE E 188 -23.83 7.99 -56.86
C ILE E 188 -25.00 8.28 -57.79
N GLY E 189 -25.91 9.12 -57.34
CA GLY E 189 -27.10 9.44 -58.10
C GLY E 189 -28.33 9.36 -57.22
N VAL E 190 -29.33 8.61 -57.69
CA VAL E 190 -30.60 8.52 -56.99
C VAL E 190 -30.52 7.46 -55.88
N CYS E 191 -30.60 7.93 -54.63
CA CYS E 191 -30.55 7.08 -53.46
C CYS E 191 -31.91 6.99 -52.80
N GLY E 192 -32.38 5.77 -52.60
CA GLY E 192 -33.57 5.54 -51.79
C GLY E 192 -33.17 5.32 -50.34
N ALA E 193 -34.07 5.63 -49.42
CA ALA E 193 -33.81 5.40 -48.01
C ALA E 193 -35.06 4.76 -47.45
N ILE E 194 -34.91 3.70 -46.66
CA ILE E 194 -36.09 3.02 -46.12
C ILE E 194 -35.86 2.76 -44.64
N THR E 195 -36.78 3.28 -43.85
CA THR E 195 -36.53 3.62 -42.45
C THR E 195 -37.54 2.89 -41.54
N PRO E 196 -37.18 2.63 -40.26
CA PRO E 196 -38.14 2.04 -39.33
C PRO E 196 -38.94 3.08 -38.53
N TRP E 197 -39.71 2.57 -37.58
CA TRP E 197 -40.52 3.41 -36.71
C TRP E 197 -39.89 3.72 -35.34
N ASN E 198 -38.74 3.10 -35.06
CA ASN E 198 -38.10 3.31 -33.75
C ASN E 198 -37.65 4.74 -33.63
N PHE E 199 -36.90 5.20 -34.62
CA PHE E 199 -36.38 6.56 -34.69
C PHE E 199 -36.69 7.15 -36.06
N PRO E 200 -37.99 7.45 -36.31
CA PRO E 200 -38.50 7.78 -37.64
C PRO E 200 -37.75 8.90 -38.33
N LEU E 201 -37.56 10.01 -37.66
CA LEU E 201 -36.81 11.10 -38.25
C LEU E 201 -35.32 10.79 -38.27
N LEU E 202 -34.78 10.35 -37.13
CA LEU E 202 -33.33 10.24 -36.94
C LEU E 202 -32.69 9.21 -37.86
N MET E 203 -33.31 8.04 -37.99
CA MET E 203 -32.77 7.02 -38.91
C MET E 203 -32.90 7.47 -40.37
N LEU E 204 -33.89 8.31 -40.63
CA LEU E 204 -34.00 9.03 -41.91
C LEU E 204 -32.81 9.98 -42.22
N VAL E 205 -32.39 10.75 -41.22
CA VAL E 205 -31.33 11.77 -41.35
C VAL E 205 -29.95 11.15 -41.47
N TRP E 206 -29.73 10.05 -40.77
CA TRP E 206 -28.45 9.33 -40.88
C TRP E 206 -28.08 9.04 -42.33
N LYS E 207 -29.11 8.88 -43.16
CA LYS E 207 -28.95 8.62 -44.58
C LYS E 207 -28.94 9.94 -45.34
N LEU E 208 -29.86 10.84 -45.01
CA LEU E 208 -30.00 12.14 -45.71
C LEU E 208 -28.80 13.05 -45.64
N ALA E 209 -28.26 13.19 -44.44
CA ALA E 209 -27.09 14.01 -44.20
C ALA E 209 -25.91 13.62 -45.11
N PRO E 210 -25.46 12.35 -45.07
CA PRO E 210 -24.36 11.97 -45.95
C PRO E 210 -24.74 11.89 -47.43
N ALA E 211 -26.00 11.59 -47.71
CA ALA E 211 -26.47 11.46 -49.10
C ALA E 211 -26.44 12.79 -49.83
N LEU E 212 -27.16 13.76 -49.29
CA LEU E 212 -27.18 15.10 -49.88
C LEU E 212 -25.80 15.75 -49.81
N CYS E 213 -25.04 15.41 -48.76
CA CYS E 213 -23.70 15.96 -48.56
C CYS E 213 -22.79 15.67 -49.75
N CYS E 214 -22.88 14.46 -50.29
CA CYS E 214 -22.03 14.03 -51.40
C CYS E 214 -22.55 14.47 -52.78
N GLY E 215 -23.73 15.07 -52.82
CA GLY E 215 -24.29 15.65 -54.04
C GLY E 215 -25.43 14.86 -54.66
N ASN E 216 -25.93 13.88 -53.91
CA ASN E 216 -26.95 12.98 -54.42
C ASN E 216 -28.35 13.59 -54.24
N THR E 217 -29.33 13.01 -54.95
CA THR E 217 -30.76 13.25 -54.72
C THR E 217 -31.41 11.95 -54.23
N MET E 218 -32.58 12.06 -53.62
CA MET E 218 -33.10 10.94 -52.86
C MET E 218 -34.58 10.69 -53.06
N VAL E 219 -34.97 9.45 -52.80
CA VAL E 219 -36.37 9.12 -52.63
C VAL E 219 -36.47 8.49 -51.25
N LEU E 220 -37.31 9.06 -50.40
CA LEU E 220 -37.45 8.59 -49.05
C LEU E 220 -38.76 7.82 -48.88
N LYS E 221 -38.77 6.95 -47.88
CA LYS E 221 -39.98 6.25 -47.47
C LYS E 221 -39.88 5.89 -46.00
N PRO E 222 -40.64 6.58 -45.14
CA PRO E 222 -40.76 6.18 -43.75
C PRO E 222 -41.81 5.07 -43.59
N ALA E 223 -41.65 4.27 -42.54
CA ALA E 223 -42.61 3.23 -42.19
C ALA E 223 -44.04 3.80 -42.17
N GLU E 224 -44.99 2.90 -42.07
CA GLU E 224 -46.40 3.25 -42.20
C GLU E 224 -46.96 3.71 -40.86
N GLN E 225 -46.40 3.17 -39.78
CA GLN E 225 -46.88 3.48 -38.43
C GLN E 225 -46.47 4.89 -38.03
N THR E 226 -45.46 5.42 -38.72
CA THR E 226 -44.76 6.64 -38.30
C THR E 226 -44.32 7.55 -39.47
N PRO E 227 -45.28 8.14 -40.20
CA PRO E 227 -44.95 8.91 -41.41
C PRO E 227 -44.96 10.44 -41.27
N LEU E 228 -45.32 10.97 -40.11
CA LEU E 228 -45.61 12.41 -40.04
C LEU E 228 -44.41 13.36 -40.01
N THR E 229 -43.34 12.98 -39.31
CA THR E 229 -42.12 13.81 -39.22
C THR E 229 -41.25 13.71 -40.46
N ALA E 230 -41.23 12.54 -41.06
CA ALA E 230 -40.59 12.35 -42.36
C ALA E 230 -41.17 13.30 -43.40
N LEU E 231 -42.48 13.55 -43.32
CA LEU E 231 -43.16 14.48 -44.22
C LEU E 231 -43.06 15.95 -43.81
N TYR E 232 -42.80 16.23 -42.54
CA TYR E 232 -42.51 17.59 -42.09
C TYR E 232 -41.15 18.08 -42.60
N LEU E 233 -40.17 17.18 -42.61
CA LEU E 233 -38.83 17.50 -43.09
C LEU E 233 -38.87 18.01 -44.54
N GLY E 234 -39.61 17.32 -45.41
CA GLY E 234 -39.80 17.76 -46.78
C GLY E 234 -40.32 19.18 -46.92
N SER E 235 -41.03 19.67 -45.91
CA SER E 235 -41.52 21.05 -45.84
C SER E 235 -40.39 22.05 -45.61
N LEU E 236 -39.55 21.72 -44.64
CA LEU E 236 -38.36 22.51 -44.34
C LEU E 236 -37.31 22.38 -45.45
N ILE E 237 -37.12 21.17 -45.95
CA ILE E 237 -36.26 20.95 -47.09
C ILE E 237 -36.58 21.94 -48.23
N LYS E 238 -37.86 22.11 -48.52
CA LYS E 238 -38.29 23.09 -49.52
C LYS E 238 -37.91 24.50 -49.11
N GLU E 239 -38.34 24.88 -47.91
CA GLU E 239 -38.10 26.20 -47.37
C GLU E 239 -36.60 26.55 -47.34
N ALA E 240 -35.74 25.57 -47.07
CA ALA E 240 -34.29 25.79 -47.01
C ALA E 240 -33.69 26.30 -48.35
N GLY E 241 -34.36 26.01 -49.46
CA GLY E 241 -33.89 26.47 -50.77
C GLY E 241 -33.18 25.39 -51.59
N PHE E 242 -33.25 24.14 -51.10
CA PHE E 242 -32.91 22.97 -51.91
C PHE E 242 -33.80 22.94 -53.13
N PRO E 243 -33.24 22.60 -54.30
CA PRO E 243 -34.02 22.47 -55.53
C PRO E 243 -35.12 21.42 -55.50
N PRO E 244 -36.12 21.55 -56.38
CA PRO E 244 -37.10 20.50 -56.60
C PRO E 244 -36.48 19.24 -57.20
N GLY E 245 -36.82 18.10 -56.59
CA GLY E 245 -36.37 16.80 -57.06
C GLY E 245 -35.15 16.27 -56.34
N VAL E 246 -34.48 17.12 -55.55
CA VAL E 246 -33.33 16.65 -54.78
C VAL E 246 -33.84 15.72 -53.67
N VAL E 247 -34.96 16.09 -53.03
CA VAL E 247 -35.56 15.24 -51.99
C VAL E 247 -37.03 15.00 -52.27
N ASN E 248 -37.44 13.74 -52.19
CA ASN E 248 -38.82 13.35 -52.40
C ASN E 248 -39.16 12.21 -51.46
N ILE E 249 -40.29 12.32 -50.75
CA ILE E 249 -40.72 11.33 -49.74
C ILE E 249 -42.10 10.78 -50.08
N VAL E 250 -42.19 9.49 -50.36
CA VAL E 250 -43.47 8.88 -50.74
C VAL E 250 -43.87 7.88 -49.66
N PRO E 251 -44.73 8.29 -48.72
CA PRO E 251 -45.15 7.42 -47.63
C PRO E 251 -46.23 6.40 -48.03
N GLY E 252 -46.29 5.30 -47.31
CA GLY E 252 -47.08 4.16 -47.73
C GLY E 252 -46.49 2.89 -47.15
N PHE E 253 -46.90 1.74 -47.66
CA PHE E 253 -46.57 0.47 -47.03
C PHE E 253 -45.30 -0.16 -47.57
N GLY E 254 -44.61 -0.90 -46.69
CA GLY E 254 -43.36 -1.58 -46.99
C GLY E 254 -43.38 -2.45 -48.22
N PRO E 255 -44.35 -3.40 -48.31
CA PRO E 255 -44.49 -4.30 -49.47
C PRO E 255 -44.95 -3.64 -50.76
N THR E 256 -45.37 -2.38 -50.67
CA THR E 256 -45.72 -1.65 -51.87
C THR E 256 -44.64 -0.65 -52.27
N VAL E 257 -44.48 0.42 -51.49
CA VAL E 257 -43.53 1.48 -51.88
C VAL E 257 -42.08 1.01 -51.68
N GLY E 258 -41.80 0.42 -50.53
CA GLY E 258 -40.46 -0.07 -50.22
C GLY E 258 -39.95 -1.00 -51.30
N ALA E 259 -40.81 -1.94 -51.68
CA ALA E 259 -40.50 -2.92 -52.72
C ALA E 259 -40.41 -2.29 -54.11
N ALA E 260 -41.20 -1.26 -54.38
CA ALA E 260 -41.08 -0.47 -55.61
C ALA E 260 -39.76 0.33 -55.63
N ILE E 261 -39.31 0.76 -54.46
CA ILE E 261 -38.02 1.47 -54.31
C ILE E 261 -36.81 0.54 -54.35
N SER E 262 -36.92 -0.62 -53.71
CA SER E 262 -35.83 -1.57 -53.66
C SER E 262 -35.50 -2.19 -55.03
N SER E 263 -36.51 -2.42 -55.85
CA SER E 263 -36.32 -3.05 -57.16
C SER E 263 -36.25 -2.07 -58.36
N HIS E 264 -36.31 -0.76 -58.12
CA HIS E 264 -36.33 0.25 -59.20
C HIS E 264 -35.01 0.31 -59.95
N PRO E 265 -35.03 0.22 -61.31
CA PRO E 265 -33.83 0.21 -62.15
C PRO E 265 -33.12 1.57 -62.37
N GLN E 266 -33.63 2.64 -61.76
CA GLN E 266 -32.97 3.94 -61.81
C GLN E 266 -32.71 4.49 -60.40
N ILE E 267 -32.63 3.59 -59.43
CA ILE E 267 -32.12 3.92 -58.11
C ILE E 267 -30.76 3.25 -58.00
N ASN E 268 -29.74 4.03 -57.68
CA ASN E 268 -28.37 3.53 -57.74
C ASN E 268 -27.85 3.00 -56.41
N LYS E 269 -28.32 3.57 -55.31
CA LYS E 269 -27.92 3.17 -53.98
C LYS E 269 -29.15 3.16 -53.11
N ILE E 270 -29.25 2.17 -52.24
CA ILE E 270 -30.33 2.09 -51.27
C ILE E 270 -29.79 1.93 -49.84
N ALA E 271 -30.34 2.70 -48.90
CA ALA E 271 -30.01 2.56 -47.47
C ALA E 271 -31.28 2.16 -46.69
N PHE E 272 -31.15 1.14 -45.86
CA PHE E 272 -32.28 0.53 -45.17
C PHE E 272 -31.93 0.31 -43.73
N THR E 273 -32.88 0.60 -42.86
CA THR E 273 -32.77 0.24 -41.46
C THR E 273 -34.08 -0.44 -41.04
N GLY E 274 -33.96 -1.53 -40.29
CA GLY E 274 -35.10 -2.35 -39.88
C GLY E 274 -34.74 -3.79 -39.53
N SER E 275 -35.67 -4.70 -39.82
CA SER E 275 -35.50 -6.14 -39.51
C SER E 275 -34.66 -6.88 -40.55
N THR E 276 -33.93 -7.89 -40.08
CA THR E 276 -33.08 -8.74 -40.94
C THR E 276 -33.86 -9.35 -42.10
N GLU E 277 -35.08 -9.80 -41.81
CA GLU E 277 -35.93 -10.44 -42.81
C GLU E 277 -36.14 -9.52 -44.03
N VAL E 278 -36.47 -8.27 -43.76
CA VAL E 278 -36.72 -7.31 -44.85
C VAL E 278 -35.42 -6.85 -45.51
N GLY E 279 -34.36 -6.73 -44.72
CA GLY E 279 -33.03 -6.38 -45.24
C GLY E 279 -32.54 -7.37 -46.26
N LYS E 280 -32.62 -8.65 -45.92
CA LYS E 280 -32.33 -9.75 -46.86
C LYS E 280 -33.26 -9.69 -48.09
N LEU E 281 -34.49 -9.28 -47.86
CA LEU E 281 -35.46 -9.10 -48.94
C LEU E 281 -35.14 -7.91 -49.85
N VAL E 282 -34.62 -6.83 -49.28
CA VAL E 282 -34.25 -5.65 -50.06
C VAL E 282 -33.02 -5.94 -50.93
N LYS E 283 -31.95 -6.40 -50.28
CA LYS E 283 -30.69 -6.71 -50.97
C LYS E 283 -30.91 -7.61 -52.19
N GLU E 284 -31.77 -8.60 -52.01
CA GLU E 284 -32.24 -9.45 -53.11
C GLU E 284 -32.89 -8.62 -54.21
N ALA E 285 -33.79 -7.72 -53.82
CA ALA E 285 -34.46 -6.85 -54.79
C ALA E 285 -33.44 -6.01 -55.53
N ALA E 286 -32.42 -5.55 -54.81
CA ALA E 286 -31.29 -4.82 -55.39
C ALA E 286 -30.61 -5.67 -56.44
N SER E 287 -30.27 -6.88 -56.03
CA SER E 287 -29.53 -7.85 -56.84
C SER E 287 -30.23 -8.29 -58.13
N ARG E 288 -31.58 -8.30 -58.10
CA ARG E 288 -32.36 -8.75 -59.25
C ARG E 288 -32.43 -7.67 -60.31
N SER E 289 -32.44 -6.42 -59.87
CA SER E 289 -32.65 -5.27 -60.77
C SER E 289 -31.38 -4.73 -61.47
N ASN E 290 -30.55 -3.98 -60.74
CA ASN E 290 -29.34 -3.37 -61.29
C ASN E 290 -28.10 -3.54 -60.41
N LEU E 291 -28.17 -4.47 -59.46
CA LEU E 291 -27.11 -4.61 -58.46
C LEU E 291 -26.79 -3.21 -57.91
N LYS E 292 -27.84 -2.44 -57.64
CA LYS E 292 -27.68 -1.20 -56.95
C LYS E 292 -27.05 -1.54 -55.62
N ARG E 293 -26.47 -0.54 -55.01
CA ARG E 293 -25.67 -0.78 -53.83
C ARG E 293 -26.60 -0.71 -52.62
N VAL E 294 -26.26 -1.44 -51.58
CA VAL E 294 -27.09 -1.49 -50.39
C VAL E 294 -26.26 -1.41 -49.13
N THR E 295 -26.67 -0.51 -48.23
CA THR E 295 -26.14 -0.47 -46.88
C THR E 295 -27.27 -0.93 -45.97
N LEU E 296 -26.94 -1.77 -44.99
CA LEU E 296 -27.93 -2.28 -44.03
C LEU E 296 -27.44 -2.10 -42.61
N GLU E 297 -28.32 -1.58 -41.78
CA GLU E 297 -28.07 -1.48 -40.35
C GLU E 297 -29.34 -2.03 -39.76
N LEU E 298 -29.20 -3.20 -39.18
CA LEU E 298 -30.35 -3.94 -38.75
C LEU E 298 -30.20 -4.03 -37.26
N GLY E 299 -30.75 -5.08 -36.67
CA GLY E 299 -30.67 -5.27 -35.25
C GLY E 299 -29.48 -6.07 -34.83
N GLY E 300 -29.46 -6.37 -33.54
CA GLY E 300 -28.45 -7.21 -32.93
C GLY E 300 -29.01 -7.84 -31.68
N LYS E 301 -28.33 -8.87 -31.18
CA LYS E 301 -28.53 -9.35 -29.82
C LYS E 301 -27.35 -8.84 -28.99
N ASN E 302 -27.47 -7.59 -28.59
CA ASN E 302 -26.36 -6.81 -28.08
C ASN E 302 -26.03 -7.13 -26.63
N PRO E 303 -24.79 -7.61 -26.36
CA PRO E 303 -24.38 -7.92 -25.00
C PRO E 303 -23.93 -6.71 -24.19
N CYS E 304 -24.11 -6.82 -22.89
CA CYS E 304 -23.64 -5.84 -21.96
C CYS E 304 -22.87 -6.65 -20.93
N ILE E 305 -21.56 -6.46 -20.86
CA ILE E 305 -20.73 -7.26 -19.98
C ILE E 305 -20.26 -6.43 -18.79
N VAL E 306 -20.54 -6.92 -17.59
CA VAL E 306 -20.19 -6.25 -16.33
C VAL E 306 -19.28 -7.18 -15.53
N CYS E 307 -18.04 -6.76 -15.30
CA CYS E 307 -17.08 -7.55 -14.53
C CYS E 307 -17.02 -7.11 -13.07
N ALA E 308 -16.42 -7.98 -12.24
CA ALA E 308 -16.30 -7.73 -10.80
C ALA E 308 -15.53 -6.44 -10.48
N ASP E 309 -14.63 -6.06 -11.38
CA ASP E 309 -13.74 -4.92 -11.17
C ASP E 309 -14.43 -3.59 -11.46
N ALA E 310 -15.65 -3.66 -11.99
CA ALA E 310 -16.39 -2.49 -12.49
C ALA E 310 -16.97 -1.59 -11.40
N ASP E 311 -17.11 -0.30 -11.71
CA ASP E 311 -17.83 0.66 -10.85
C ASP E 311 -19.29 0.24 -10.85
N LEU E 312 -19.62 -0.71 -9.98
CA LEU E 312 -20.90 -1.40 -10.03
C LEU E 312 -22.09 -0.49 -10.25
N ASP E 313 -22.11 0.65 -9.56
CA ASP E 313 -23.22 1.59 -9.66
C ASP E 313 -23.31 2.20 -11.04
N LEU E 314 -22.15 2.46 -11.63
CA LEU E 314 -22.07 2.94 -13.02
C LEU E 314 -22.58 1.91 -14.03
N ALA E 315 -22.14 0.66 -13.85
CA ALA E 315 -22.58 -0.45 -14.72
C ALA E 315 -24.10 -0.61 -14.74
N VAL E 316 -24.71 -0.56 -13.55
CA VAL E 316 -26.15 -0.75 -13.39
C VAL E 316 -26.96 0.32 -14.10
N GLU E 317 -26.57 1.58 -13.91
CA GLU E 317 -27.29 2.70 -14.51
C GLU E 317 -27.29 2.60 -16.03
N CYS E 318 -26.13 2.32 -16.62
CA CYS E 318 -25.99 2.22 -18.07
C CYS E 318 -26.72 1.00 -18.61
N ALA E 319 -26.53 -0.13 -17.92
CA ALA E 319 -27.19 -1.39 -18.25
C ALA E 319 -28.71 -1.26 -18.16
N HIS E 320 -29.19 -0.44 -17.23
CA HIS E 320 -30.61 -0.12 -17.12
C HIS E 320 -31.05 0.82 -18.25
N GLN E 321 -30.29 1.87 -18.48
CA GLN E 321 -30.63 2.85 -19.49
C GLN E 321 -30.55 2.23 -20.89
N GLY E 322 -29.59 1.34 -21.07
CA GLY E 322 -29.38 0.69 -22.36
C GLY E 322 -30.53 -0.16 -22.82
N VAL E 323 -31.11 -0.92 -21.89
CA VAL E 323 -32.23 -1.81 -22.22
C VAL E 323 -33.54 -1.05 -22.42
N PHE E 324 -33.86 -0.17 -21.48
CA PHE E 324 -35.20 0.43 -21.41
C PHE E 324 -35.34 1.73 -22.17
N PHE E 325 -34.24 2.27 -22.70
CA PHE E 325 -34.33 3.52 -23.47
C PHE E 325 -35.22 3.28 -24.67
N ASN E 326 -36.24 4.13 -24.79
CA ASN E 326 -37.22 3.99 -25.83
C ASN E 326 -38.03 2.70 -25.72
N GLN E 327 -38.55 2.43 -24.52
CA GLN E 327 -39.37 1.25 -24.27
C GLN E 327 -38.68 -0.04 -24.74
N GLY E 328 -37.35 -0.08 -24.63
CA GLY E 328 -36.55 -1.18 -25.15
C GLY E 328 -36.66 -1.45 -26.64
N GLN E 329 -37.23 -0.51 -27.39
CA GLN E 329 -37.49 -0.67 -28.82
C GLN E 329 -36.36 -0.05 -29.62
N CYS E 330 -35.12 -0.33 -29.21
CA CYS E 330 -33.94 0.28 -29.81
C CYS E 330 -32.97 -0.76 -30.37
N CYS E 331 -32.43 -0.48 -31.56
CA CYS E 331 -31.51 -1.39 -32.26
C CYS E 331 -30.26 -1.68 -31.43
N THR E 332 -29.82 -0.68 -30.66
CA THR E 332 -28.64 -0.82 -29.82
C THR E 332 -28.96 -1.35 -28.43
N ALA E 333 -30.21 -1.74 -28.19
CA ALA E 333 -30.66 -2.15 -26.86
C ALA E 333 -29.97 -3.42 -26.37
N ALA E 334 -29.63 -3.43 -25.08
CA ALA E 334 -28.93 -4.56 -24.46
C ALA E 334 -29.91 -5.69 -24.16
N SER E 335 -29.90 -6.74 -24.97
CA SER E 335 -30.81 -7.87 -24.77
C SER E 335 -30.20 -8.95 -23.88
N ARG E 336 -28.94 -8.76 -23.53
CA ARG E 336 -28.23 -9.69 -22.68
C ARG E 336 -27.27 -8.92 -21.78
N VAL E 337 -27.34 -9.19 -20.48
CA VAL E 337 -26.46 -8.56 -19.51
C VAL E 337 -25.67 -9.67 -18.81
N PHE E 338 -24.36 -9.67 -19.01
CA PHE E 338 -23.48 -10.66 -18.38
C PHE E 338 -22.83 -10.09 -17.13
N VAL E 339 -23.02 -10.75 -16.00
CA VAL E 339 -22.46 -10.28 -14.75
C VAL E 339 -21.60 -11.39 -14.15
N GLU E 340 -20.39 -11.02 -13.74
CA GLU E 340 -19.49 -11.99 -13.13
C GLU E 340 -20.11 -12.42 -11.81
N GLU E 341 -19.90 -13.69 -11.47
CA GLU E 341 -20.52 -14.29 -10.30
C GLU E 341 -20.45 -13.43 -9.03
N GLN E 342 -19.26 -12.90 -8.67
CA GLN E 342 -19.09 -12.16 -7.41
C GLN E 342 -20.22 -11.15 -7.18
N VAL E 343 -20.53 -10.39 -8.22
CA VAL E 343 -21.42 -9.23 -8.10
C VAL E 343 -22.80 -9.47 -8.71
N TYR E 344 -23.04 -10.70 -9.15
CA TYR E 344 -24.32 -11.07 -9.72
C TYR E 344 -25.44 -10.63 -8.76
N SER E 345 -25.49 -11.25 -7.59
CA SER E 345 -26.59 -11.06 -6.63
C SER E 345 -26.91 -9.58 -6.40
N GLU E 346 -25.87 -8.80 -6.13
CA GLU E 346 -26.01 -7.37 -5.86
C GLU E 346 -26.51 -6.61 -7.10
N PHE E 347 -25.86 -6.85 -8.24
CA PHE E 347 -26.23 -6.25 -9.54
C PHE E 347 -27.73 -6.26 -9.80
N VAL E 348 -28.35 -7.41 -9.54
CA VAL E 348 -29.78 -7.61 -9.79
C VAL E 348 -30.60 -6.72 -8.88
N ARG E 349 -30.26 -6.66 -7.60
CA ARG E 349 -31.02 -5.86 -6.66
C ARG E 349 -31.18 -4.42 -7.12
N ARG E 350 -30.09 -3.86 -7.63
CA ARG E 350 -30.09 -2.47 -8.10
C ARG E 350 -30.83 -2.34 -9.43
N SER E 351 -30.65 -3.32 -10.31
CA SER E 351 -31.37 -3.39 -11.59
C SER E 351 -32.89 -3.48 -11.39
N VAL E 352 -33.29 -4.28 -10.40
CA VAL E 352 -34.68 -4.39 -9.95
C VAL E 352 -35.16 -3.04 -9.44
N GLU E 353 -34.39 -2.49 -8.51
CA GLU E 353 -34.71 -1.21 -7.89
C GLU E 353 -34.78 -0.07 -8.90
N TYR E 354 -33.89 -0.07 -9.89
CA TYR E 354 -33.92 0.91 -10.98
C TYR E 354 -35.16 0.76 -11.85
N ALA E 355 -35.54 -0.48 -12.12
CA ALA E 355 -36.72 -0.78 -12.92
C ALA E 355 -38.04 -0.33 -12.26
N LYS E 356 -38.11 -0.44 -10.93
CA LYS E 356 -39.29 0.03 -10.17
C LYS E 356 -39.38 1.55 -10.19
N LYS E 357 -38.28 2.23 -9.88
CA LYS E 357 -38.28 3.69 -9.77
C LYS E 357 -38.29 4.43 -11.12
N ARG E 358 -38.68 3.74 -12.21
CA ARG E 358 -38.81 4.39 -13.51
C ARG E 358 -40.27 4.61 -13.93
N PRO E 359 -40.70 5.90 -13.99
CA PRO E 359 -42.10 6.27 -14.20
C PRO E 359 -42.64 6.06 -15.61
N VAL E 360 -43.71 5.28 -15.73
CA VAL E 360 -44.43 5.08 -17.00
C VAL E 360 -45.60 6.05 -17.02
N GLY E 361 -45.97 6.55 -18.21
CA GLY E 361 -47.09 7.52 -18.32
C GLY E 361 -47.22 8.30 -19.61
N ASP E 362 -48.06 9.34 -19.56
CA ASP E 362 -48.34 10.20 -20.71
C ASP E 362 -47.00 10.67 -21.29
N PRO E 363 -46.75 10.39 -22.58
CA PRO E 363 -45.50 10.82 -23.21
C PRO E 363 -45.19 12.26 -22.88
N PHE E 364 -46.23 13.09 -22.91
CA PHE E 364 -46.07 14.53 -22.72
C PHE E 364 -45.92 14.98 -21.27
N ASP E 365 -46.08 14.07 -20.30
CA ASP E 365 -45.85 14.39 -18.88
C ASP E 365 -44.36 14.58 -18.63
N VAL E 366 -44.01 15.62 -17.87
CA VAL E 366 -42.62 16.02 -17.63
C VAL E 366 -41.82 14.86 -16.98
N LYS E 367 -42.47 14.13 -16.08
CA LYS E 367 -41.85 13.06 -15.30
C LYS E 367 -41.89 11.67 -15.99
N THR E 368 -42.26 11.65 -17.27
CA THR E 368 -42.36 10.42 -18.03
C THR E 368 -41.04 10.05 -18.68
N GLU E 369 -40.45 8.94 -18.26
CA GLU E 369 -39.29 8.36 -18.94
C GLU E 369 -39.64 7.06 -19.70
N GLN E 370 -40.83 6.52 -19.46
CA GLN E 370 -41.33 5.33 -20.15
C GLN E 370 -42.65 5.68 -20.80
N GLY E 371 -42.88 5.19 -22.00
CA GLY E 371 -44.13 5.45 -22.70
C GLY E 371 -44.81 4.18 -23.16
N PRO E 372 -45.69 4.31 -24.16
CA PRO E 372 -46.37 3.15 -24.72
C PRO E 372 -45.53 2.38 -25.73
N GLN E 373 -45.88 1.12 -25.91
CA GLN E 373 -45.34 0.30 -26.99
C GLN E 373 -46.00 0.79 -28.25
N ILE E 374 -45.48 0.35 -29.37
CA ILE E 374 -45.81 0.99 -30.62
C ILE E 374 -47.16 0.64 -31.20
N ASP E 375 -47.60 -0.58 -30.96
CA ASP E 375 -48.92 -0.99 -31.42
C ASP E 375 -49.36 -2.26 -30.68
N GLN E 376 -50.51 -2.78 -31.09
CA GLN E 376 -51.02 -4.03 -30.55
C GLN E 376 -50.16 -5.22 -30.96
N LYS E 377 -49.60 -5.16 -32.16
CA LYS E 377 -48.75 -6.22 -32.68
C LYS E 377 -47.51 -6.44 -31.83
N GLN E 378 -46.70 -5.39 -31.70
CA GLN E 378 -45.52 -5.43 -30.86
C GLN E 378 -45.92 -5.74 -29.42
N PHE E 379 -46.92 -5.02 -28.92
CA PHE E 379 -47.46 -5.23 -27.57
C PHE E 379 -47.55 -6.73 -27.28
N ASP E 380 -48.32 -7.43 -28.13
CA ASP E 380 -48.54 -8.87 -27.95
C ASP E 380 -47.24 -9.66 -28.01
N LYS E 381 -46.39 -9.32 -28.97
CA LYS E 381 -45.14 -10.05 -29.18
C LYS E 381 -44.23 -10.06 -27.95
N ILE E 382 -44.13 -8.93 -27.26
CA ILE E 382 -43.22 -8.86 -26.11
C ILE E 382 -43.75 -9.72 -24.94
N LEU E 383 -45.06 -9.68 -24.73
CA LEU E 383 -45.68 -10.43 -23.66
C LEU E 383 -45.55 -11.92 -23.93
N GLU E 384 -45.62 -12.28 -25.21
CA GLU E 384 -45.37 -13.66 -25.64
C GLU E 384 -44.00 -14.12 -25.19
N LEU E 385 -42.98 -13.30 -25.41
CA LEU E 385 -41.62 -13.66 -25.00
C LEU E 385 -41.53 -13.97 -23.51
N ILE E 386 -42.34 -13.26 -22.72
CA ILE E 386 -42.47 -13.51 -21.29
C ILE E 386 -43.50 -14.61 -21.05
N GLU E 392 -39.83 -21.14 -19.62
CA GLU E 392 -38.56 -21.84 -19.69
C GLU E 392 -37.79 -21.82 -18.38
N GLY E 393 -38.43 -21.32 -17.33
CA GLY E 393 -37.83 -21.33 -16.02
C GLY E 393 -36.82 -20.21 -15.90
N ALA E 394 -37.25 -19.10 -15.32
CA ALA E 394 -36.34 -18.02 -14.93
C ALA E 394 -37.01 -17.26 -13.80
N LYS E 395 -36.22 -16.84 -12.83
CA LYS E 395 -36.75 -16.12 -11.67
C LYS E 395 -37.04 -14.66 -12.05
N LEU E 396 -38.33 -14.32 -12.12
CA LEU E 396 -38.77 -12.99 -12.51
C LEU E 396 -38.82 -12.05 -11.31
N GLU E 397 -38.16 -10.89 -11.42
CA GLU E 397 -38.12 -9.93 -10.31
C GLU E 397 -39.18 -8.82 -10.42
N CYS E 398 -39.50 -8.34 -11.63
CA CYS E 398 -40.47 -7.26 -11.77
C CYS E 398 -41.38 -7.42 -12.97
N GLY E 399 -42.59 -6.89 -12.84
CA GLY E 399 -43.51 -6.83 -13.96
C GLY E 399 -44.00 -8.17 -14.47
N GLY E 400 -44.02 -8.31 -15.79
CA GLY E 400 -44.73 -9.38 -16.47
C GLY E 400 -45.99 -8.83 -17.12
N SER E 401 -46.26 -7.54 -16.89
CA SER E 401 -47.23 -6.70 -17.64
C SER E 401 -48.40 -6.19 -16.82
N ALA E 402 -48.93 -5.04 -17.24
CA ALA E 402 -50.01 -4.33 -16.54
C ALA E 402 -51.16 -4.07 -17.51
N ASP E 405 -54.85 -1.97 -18.61
CA ASP E 405 -55.07 -3.13 -19.46
C ASP E 405 -55.28 -2.76 -20.94
N LYS E 406 -56.04 -1.70 -21.20
CA LYS E 406 -56.45 -1.36 -22.58
C LYS E 406 -55.61 -0.24 -23.22
N GLY E 407 -54.67 0.31 -22.45
CA GLY E 407 -53.60 1.17 -22.98
C GLY E 407 -52.32 0.34 -23.11
N LEU E 408 -51.44 0.73 -24.02
CA LEU E 408 -50.26 -0.08 -24.36
C LEU E 408 -49.01 0.11 -23.48
N PHE E 409 -49.15 0.16 -22.15
CA PHE E 409 -47.97 0.34 -21.29
C PHE E 409 -47.54 -0.97 -20.60
N ILE E 410 -46.30 -1.37 -20.84
CA ILE E 410 -45.76 -2.58 -20.25
C ILE E 410 -44.72 -2.24 -19.20
N LYS E 411 -44.76 -2.99 -18.10
CA LYS E 411 -43.97 -2.74 -16.91
C LYS E 411 -42.49 -3.13 -17.14
N PRO E 412 -41.57 -2.34 -16.58
CA PRO E 412 -40.16 -2.69 -16.58
C PRO E 412 -39.88 -4.02 -15.89
N THR E 413 -39.40 -5.01 -16.64
CA THR E 413 -39.19 -6.35 -16.11
C THR E 413 -37.72 -6.74 -16.06
N VAL E 414 -37.34 -7.45 -15.00
CA VAL E 414 -35.98 -7.95 -14.82
C VAL E 414 -36.03 -9.44 -14.54
N PHE E 415 -35.10 -10.18 -15.13
CA PHE E 415 -34.95 -11.61 -14.89
C PHE E 415 -33.59 -11.90 -14.30
N SER E 416 -33.50 -13.00 -13.57
CA SER E 416 -32.23 -13.50 -13.08
C SER E 416 -32.12 -14.97 -13.43
N GLU E 417 -30.91 -15.48 -13.36
CA GLU E 417 -30.65 -16.89 -13.59
C GLU E 417 -31.18 -17.27 -14.97
N VAL E 418 -30.71 -16.54 -15.99
CA VAL E 418 -31.08 -16.76 -17.38
C VAL E 418 -30.00 -17.60 -18.07
N THR E 419 -30.40 -18.43 -19.03
CA THR E 419 -29.42 -19.23 -19.83
C THR E 419 -29.57 -19.01 -21.35
N ASP E 420 -28.48 -19.28 -22.08
CA ASP E 420 -28.34 -18.89 -23.49
C ASP E 420 -29.40 -19.45 -24.44
N ASN E 421 -29.83 -20.71 -24.24
CA ASN E 421 -30.82 -21.32 -25.13
C ASN E 421 -32.25 -20.82 -24.92
N MET E 422 -32.49 -20.18 -23.77
CA MET E 422 -33.81 -19.66 -23.42
C MET E 422 -34.30 -18.65 -24.48
N ARG E 423 -35.60 -18.37 -24.45
CA ARG E 423 -36.29 -17.58 -25.46
C ARG E 423 -35.86 -16.11 -25.36
N ILE E 424 -35.64 -15.68 -24.12
CA ILE E 424 -35.28 -14.31 -23.83
C ILE E 424 -33.79 -13.98 -24.04
N ALA E 425 -32.97 -14.99 -24.35
CA ALA E 425 -31.54 -14.77 -24.68
C ALA E 425 -31.19 -14.89 -26.17
N LYS E 426 -32.09 -15.48 -26.97
CA LYS E 426 -31.85 -15.68 -28.41
C LYS E 426 -32.81 -14.92 -29.35
N GLU E 427 -33.96 -14.48 -28.85
CA GLU E 427 -34.90 -13.70 -29.67
C GLU E 427 -34.94 -12.22 -29.26
N GLU E 428 -34.95 -11.34 -30.26
CA GLU E 428 -34.91 -9.90 -30.02
C GLU E 428 -36.22 -9.41 -29.45
N ILE E 429 -36.19 -8.90 -28.22
CA ILE E 429 -37.40 -8.54 -27.51
C ILE E 429 -37.96 -7.26 -28.12
N PHE E 430 -37.10 -6.27 -28.24
CA PHE E 430 -37.49 -4.95 -28.70
C PHE E 430 -38.63 -4.42 -27.84
N GLY E 431 -38.47 -4.60 -26.54
CA GLY E 431 -39.46 -4.21 -25.55
C GLY E 431 -38.81 -4.26 -24.18
N PRO E 432 -39.32 -3.50 -23.21
CA PRO E 432 -38.63 -3.33 -21.92
C PRO E 432 -38.53 -4.63 -21.10
N VAL E 433 -37.44 -5.36 -21.31
CA VAL E 433 -37.13 -6.59 -20.55
C VAL E 433 -35.62 -6.65 -20.32
N GLN E 434 -35.20 -7.05 -19.11
CA GLN E 434 -33.77 -7.12 -18.76
C GLN E 434 -33.36 -8.55 -18.37
N PRO E 435 -33.02 -9.38 -19.36
CA PRO E 435 -32.52 -10.72 -19.04
C PRO E 435 -31.11 -10.67 -18.48
N ILE E 436 -30.90 -11.23 -17.29
CA ILE E 436 -29.59 -11.19 -16.64
C ILE E 436 -28.95 -12.56 -16.58
N LEU E 437 -27.81 -12.69 -17.25
CA LEU E 437 -27.06 -13.94 -17.28
C LEU E 437 -25.90 -13.83 -16.32
N LYS E 438 -25.19 -14.94 -16.14
CA LYS E 438 -23.97 -14.96 -15.34
C LYS E 438 -22.85 -15.60 -16.12
N PHE E 439 -21.61 -15.25 -15.79
CA PHE E 439 -20.44 -15.88 -16.37
C PHE E 439 -19.33 -15.90 -15.34
N LYS E 440 -18.29 -16.69 -15.62
CA LYS E 440 -17.19 -16.88 -14.68
C LYS E 440 -15.85 -16.46 -15.25
N SER E 441 -15.44 -17.11 -16.33
CA SER E 441 -14.19 -16.74 -16.98
C SER E 441 -14.48 -15.76 -18.09
N ILE E 442 -13.50 -14.91 -18.37
CA ILE E 442 -13.60 -13.94 -19.43
C ILE E 442 -13.54 -14.65 -20.79
N GLU E 443 -12.63 -15.62 -20.93
CA GLU E 443 -12.51 -16.36 -22.19
C GLU E 443 -13.82 -17.09 -22.60
N GLU E 444 -14.64 -17.40 -21.60
CA GLU E 444 -15.97 -17.98 -21.79
C GLU E 444 -16.94 -16.93 -22.32
N VAL E 445 -17.04 -15.80 -21.63
CA VAL E 445 -18.01 -14.76 -21.95
C VAL E 445 -17.87 -14.22 -23.36
N ILE E 446 -16.65 -14.27 -23.91
CA ILE E 446 -16.41 -13.84 -25.28
C ILE E 446 -17.08 -14.77 -26.26
N LYS E 447 -16.93 -16.07 -26.04
CA LYS E 447 -17.57 -17.07 -26.87
C LYS E 447 -19.07 -16.95 -26.71
N ARG E 448 -19.49 -16.66 -25.48
CA ARG E 448 -20.91 -16.50 -25.18
C ARG E 448 -21.53 -15.30 -25.92
N ALA E 449 -20.91 -14.13 -25.76
CA ALA E 449 -21.32 -12.92 -26.47
C ALA E 449 -21.28 -13.06 -28.01
N ASN E 450 -20.28 -13.77 -28.51
CA ASN E 450 -20.06 -13.93 -29.96
C ASN E 450 -20.81 -15.09 -30.61
N SER E 451 -21.63 -15.80 -29.83
CA SER E 451 -22.34 -16.99 -30.31
C SER E 451 -23.51 -16.67 -31.24
N THR E 452 -23.89 -15.40 -31.27
CA THR E 452 -25.00 -14.93 -32.09
C THR E 452 -24.55 -14.67 -33.54
N ASP E 453 -25.52 -14.66 -34.45
CA ASP E 453 -25.26 -14.32 -35.85
C ASP E 453 -25.14 -12.81 -36.04
N TYR E 454 -25.43 -12.06 -34.99
CA TYR E 454 -25.42 -10.61 -35.00
C TYR E 454 -24.13 -10.03 -34.39
N GLY E 455 -23.97 -8.72 -34.53
CA GLY E 455 -22.89 -7.99 -33.88
C GLY E 455 -23.00 -6.50 -34.11
N LEU E 456 -24.13 -5.91 -33.73
CA LEU E 456 -24.33 -4.48 -33.91
C LEU E 456 -23.60 -3.69 -32.84
N THR E 457 -23.98 -3.94 -31.58
CA THR E 457 -23.55 -3.15 -30.42
C THR E 457 -23.00 -4.03 -29.30
N ALA E 458 -22.03 -3.53 -28.56
CA ALA E 458 -21.57 -4.18 -27.33
C ALA E 458 -21.25 -3.15 -26.26
N ALA E 459 -21.07 -3.62 -25.03
CA ALA E 459 -20.65 -2.74 -23.94
C ALA E 459 -19.89 -3.52 -22.87
N VAL E 460 -18.84 -2.90 -22.33
CA VAL E 460 -17.99 -3.52 -21.32
C VAL E 460 -17.79 -2.54 -20.18
N PHE E 461 -17.85 -3.06 -18.96
CA PHE E 461 -17.59 -2.31 -17.73
C PHE E 461 -16.53 -3.04 -16.95
N THR E 462 -15.43 -2.34 -16.70
CA THR E 462 -14.32 -2.83 -15.90
C THR E 462 -13.34 -1.69 -15.64
N LYS E 463 -12.69 -1.70 -14.49
CA LYS E 463 -11.62 -0.73 -14.20
C LYS E 463 -10.25 -1.23 -14.67
N ASN E 464 -10.21 -2.46 -15.19
CA ASN E 464 -8.96 -3.06 -15.64
C ASN E 464 -8.56 -2.70 -17.06
N LEU E 465 -7.43 -1.99 -17.21
CA LEU E 465 -6.93 -1.54 -18.52
C LEU E 465 -6.70 -2.70 -19.49
N ASP E 466 -5.98 -3.71 -19.02
CA ASP E 466 -5.46 -4.77 -19.87
C ASP E 466 -6.56 -5.63 -20.49
N LYS E 467 -7.66 -5.78 -19.75
CA LYS E 467 -8.79 -6.57 -20.24
C LYS E 467 -9.97 -5.74 -20.70
N ALA E 468 -9.92 -4.42 -20.52
CA ALA E 468 -10.90 -3.56 -21.18
C ALA E 468 -10.68 -3.64 -22.68
N LEU E 469 -9.40 -3.70 -23.07
CA LEU E 469 -9.00 -3.72 -24.48
C LEU E 469 -9.06 -5.11 -25.10
N LYS E 470 -8.91 -6.16 -24.31
CA LYS E 470 -9.04 -7.52 -24.84
C LYS E 470 -10.44 -7.76 -25.37
N LEU E 471 -11.43 -7.33 -24.60
CA LEU E 471 -12.85 -7.38 -25.03
C LEU E 471 -13.08 -6.53 -26.28
N ALA E 472 -12.37 -5.40 -26.38
CA ALA E 472 -12.40 -4.57 -27.58
C ALA E 472 -11.90 -5.29 -28.82
N SER E 473 -10.81 -6.05 -28.71
CA SER E 473 -10.33 -6.85 -29.86
C SER E 473 -11.19 -8.05 -30.10
N ALA E 474 -11.70 -8.59 -29.00
CA ALA E 474 -12.39 -9.86 -28.97
C ALA E 474 -13.82 -9.83 -29.51
N LEU E 475 -14.61 -8.89 -29.00
CA LEU E 475 -16.03 -8.84 -29.33
C LEU E 475 -16.29 -8.56 -30.82
N GLU E 476 -17.08 -9.41 -31.44
CA GLU E 476 -17.48 -9.24 -32.83
C GLU E 476 -18.69 -8.31 -32.92
N SER E 477 -18.45 -7.05 -32.61
CA SER E 477 -19.46 -6.03 -32.73
C SER E 477 -18.90 -4.85 -33.51
N GLY E 478 -19.78 -4.16 -34.21
CA GLY E 478 -19.40 -2.97 -34.97
C GLY E 478 -19.11 -1.81 -34.05
N THR E 479 -19.73 -1.84 -32.86
CA THR E 479 -19.49 -0.85 -31.80
C THR E 479 -19.28 -1.59 -30.44
N VAL E 480 -18.22 -1.19 -29.74
CA VAL E 480 -17.92 -1.65 -28.37
C VAL E 480 -17.84 -0.43 -27.46
N TRP E 481 -18.69 -0.41 -26.46
CA TRP E 481 -18.65 0.62 -25.44
C TRP E 481 -17.87 0.18 -24.20
N ILE E 482 -17.08 1.07 -23.64
CA ILE E 482 -16.36 0.76 -22.40
C ILE E 482 -16.72 1.81 -21.36
N ASN E 483 -17.24 1.35 -20.23
CA ASN E 483 -17.74 2.22 -19.17
C ASN E 483 -18.78 3.24 -19.66
N CYS E 484 -19.59 2.81 -20.63
CA CYS E 484 -20.71 3.59 -21.12
C CYS E 484 -21.65 2.73 -21.97
N TYR E 485 -22.82 3.28 -22.29
CA TYR E 485 -23.79 2.68 -23.20
C TYR E 485 -24.56 3.80 -23.93
N ASN E 486 -24.89 3.57 -25.20
CA ASN E 486 -25.62 4.53 -26.06
C ASN E 486 -24.93 5.86 -26.34
N ALA E 487 -23.61 5.90 -26.22
CA ALA E 487 -22.82 7.09 -26.57
C ALA E 487 -22.44 7.11 -28.09
N LEU E 488 -23.27 7.78 -28.89
CA LEU E 488 -23.07 7.87 -30.34
C LEU E 488 -22.65 9.28 -30.68
N TYR E 489 -21.94 9.43 -31.80
CA TYR E 489 -21.56 10.75 -32.26
C TYR E 489 -21.63 10.77 -33.77
N ALA E 490 -21.99 11.93 -34.33
CA ALA E 490 -22.08 12.07 -35.78
C ALA E 490 -20.76 11.72 -36.45
N GLN E 491 -19.67 11.90 -35.70
CA GLN E 491 -18.29 11.63 -36.17
C GLN E 491 -17.86 10.20 -36.05
N ALA E 492 -18.56 9.41 -35.22
CA ALA E 492 -18.24 7.98 -34.99
C ALA E 492 -19.10 7.03 -35.84
N PRO E 493 -18.47 6.10 -36.57
CA PRO E 493 -19.26 5.20 -37.39
C PRO E 493 -20.11 4.26 -36.56
N PHE E 494 -21.24 3.87 -37.14
CA PHE E 494 -22.13 2.88 -36.55
C PHE E 494 -22.53 1.89 -37.60
N GLY E 495 -22.54 0.61 -37.23
CA GLY E 495 -22.97 -0.45 -38.14
C GLY E 495 -22.65 -1.81 -37.60
N GLY E 496 -23.01 -2.85 -38.36
CA GLY E 496 -23.01 -4.21 -37.84
C GLY E 496 -22.04 -5.19 -38.46
N PHE E 497 -21.59 -6.14 -37.64
CA PHE E 497 -20.81 -7.29 -38.08
C PHE E 497 -21.77 -8.41 -38.45
N LYS E 498 -21.34 -9.26 -39.39
CA LYS E 498 -22.09 -10.47 -39.78
C LYS E 498 -23.49 -10.15 -40.30
N MET E 499 -24.53 -10.46 -39.50
CA MET E 499 -25.90 -10.28 -39.92
C MET E 499 -26.60 -9.11 -39.24
N SER E 500 -25.83 -8.20 -38.65
CA SER E 500 -26.38 -6.95 -38.14
C SER E 500 -26.40 -5.84 -39.20
N GLY E 501 -25.69 -6.05 -40.32
CA GLY E 501 -25.74 -5.14 -41.47
C GLY E 501 -24.47 -4.95 -42.27
N ASN E 502 -24.59 -4.28 -43.42
CA ASN E 502 -23.47 -3.96 -44.32
C ASN E 502 -23.29 -2.47 -44.43
N GLY E 503 -22.06 -2.04 -44.70
CA GLY E 503 -21.72 -0.62 -44.78
C GLY E 503 -21.87 0.07 -43.43
N ARG E 504 -21.35 1.28 -43.34
CA ARG E 504 -21.47 2.08 -42.12
C ARG E 504 -22.22 3.39 -42.33
N GLU E 505 -22.66 3.96 -41.22
CA GLU E 505 -23.28 5.27 -41.22
C GLU E 505 -22.66 6.10 -40.12
N LEU E 506 -22.67 7.42 -40.33
CA LEU E 506 -21.95 8.40 -39.50
C LEU E 506 -20.43 8.37 -39.74
N GLY E 507 -19.79 9.49 -39.45
CA GLY E 507 -18.34 9.59 -39.61
C GLY E 507 -17.91 9.77 -41.06
N GLU E 508 -16.60 9.85 -41.22
CA GLU E 508 -15.98 9.96 -42.52
C GLU E 508 -16.44 8.79 -43.38
N TYR E 509 -16.61 7.66 -42.72
CA TYR E 509 -16.90 6.38 -43.35
C TYR E 509 -18.23 6.36 -44.11
N ALA E 510 -19.16 7.20 -43.68
CA ALA E 510 -20.46 7.29 -44.32
C ALA E 510 -20.34 7.68 -45.80
N LEU E 511 -19.40 8.58 -46.08
CA LEU E 511 -19.22 9.13 -47.42
C LEU E 511 -18.92 8.06 -48.45
N ALA E 512 -18.23 7.00 -48.02
CA ALA E 512 -17.92 5.92 -48.93
C ALA E 512 -19.20 5.30 -49.52
N GLU E 513 -20.26 5.16 -48.71
CA GLU E 513 -21.49 4.48 -49.17
C GLU E 513 -22.22 5.28 -50.22
N TYR E 514 -22.09 6.62 -50.12
CA TYR E 514 -22.81 7.57 -50.98
C TYR E 514 -21.93 8.21 -52.06
N THR E 515 -20.91 7.50 -52.49
CA THR E 515 -20.08 7.97 -53.61
C THR E 515 -19.54 6.78 -54.42
N GLU E 516 -19.21 7.04 -55.69
CA GLU E 516 -18.67 6.05 -56.63
C GLU E 516 -17.26 6.47 -56.97
N VAL E 517 -16.34 5.53 -56.88
CA VAL E 517 -14.93 5.83 -57.12
C VAL E 517 -14.52 5.76 -58.60
N LYS E 518 -14.23 6.92 -59.16
CA LYS E 518 -13.80 7.04 -60.55
C LYS E 518 -12.31 7.29 -60.63
N THR E 519 -11.59 6.33 -61.22
CA THR E 519 -10.18 6.50 -61.54
C THR E 519 -10.05 7.26 -62.86
N VAL E 520 -9.07 8.16 -62.92
CA VAL E 520 -8.79 8.88 -64.14
C VAL E 520 -7.30 8.77 -64.37
N THR E 521 -6.91 8.16 -65.49
CA THR E 521 -5.52 7.91 -65.83
C THR E 521 -5.22 8.63 -67.15
N ILE E 522 -4.20 9.50 -67.15
CA ILE E 522 -3.82 10.29 -68.34
C ILE E 522 -2.35 10.06 -68.69
N LYS E 523 -2.09 9.73 -69.96
CA LYS E 523 -0.73 9.55 -70.46
C LYS E 523 -0.31 10.69 -71.39
N LEU E 524 0.94 11.11 -71.22
CA LEU E 524 1.56 12.18 -72.00
C LEU E 524 2.56 11.56 -73.01
N GLU F 45 3.73 -32.37 -68.24
CA GLU F 45 4.40 -31.31 -67.43
C GLU F 45 3.67 -30.94 -66.13
N VAL F 46 2.40 -31.34 -66.00
CA VAL F 46 1.56 -30.89 -64.87
C VAL F 46 1.86 -31.73 -63.62
N LYS F 47 1.77 -31.10 -62.45
CA LYS F 47 2.03 -31.75 -61.15
C LYS F 47 0.84 -31.64 -60.19
N PHE F 48 0.15 -30.50 -60.24
CA PHE F 48 -0.89 -30.18 -59.25
C PHE F 48 -2.27 -30.22 -59.89
N THR F 49 -3.05 -31.23 -59.52
CA THR F 49 -4.36 -31.49 -60.12
C THR F 49 -5.47 -31.68 -59.08
N LYS F 50 -5.18 -31.37 -57.82
CA LYS F 50 -6.03 -31.82 -56.70
C LYS F 50 -6.56 -30.66 -55.84
N ILE F 51 -7.29 -30.99 -54.78
CA ILE F 51 -7.88 -30.01 -53.87
C ILE F 51 -6.87 -29.53 -52.81
N PHE F 52 -6.73 -28.22 -52.67
CA PHE F 52 -5.79 -27.66 -51.71
C PHE F 52 -6.54 -27.17 -50.48
N ILE F 53 -6.39 -27.90 -49.38
CA ILE F 53 -7.02 -27.57 -48.11
C ILE F 53 -6.05 -27.87 -46.98
N ASN F 54 -5.70 -26.85 -46.20
CA ASN F 54 -4.72 -26.96 -45.10
C ASN F 54 -3.30 -27.32 -45.56
N ASN F 55 -2.84 -26.64 -46.59
CA ASN F 55 -1.49 -26.85 -47.10
C ASN F 55 -1.17 -28.33 -47.37
N GLU F 56 -2.20 -29.09 -47.70
CA GLU F 56 -2.09 -30.52 -48.05
C GLU F 56 -3.09 -30.82 -49.18
N TRP F 57 -2.79 -31.82 -49.99
CA TRP F 57 -3.61 -32.12 -51.18
C TRP F 57 -4.65 -33.21 -50.94
N HIS F 58 -5.87 -32.97 -51.40
CA HIS F 58 -6.99 -33.87 -51.14
C HIS F 58 -7.72 -34.26 -52.42
N GLU F 59 -8.52 -35.30 -52.31
CA GLU F 59 -9.32 -35.76 -53.43
C GLU F 59 -10.74 -35.34 -53.21
N SER F 60 -11.54 -35.43 -54.26
CA SER F 60 -12.94 -35.09 -54.18
C SER F 60 -13.59 -35.98 -53.12
N LYS F 61 -14.48 -35.41 -52.31
CA LYS F 61 -15.25 -36.21 -51.35
C LYS F 61 -16.08 -37.28 -52.12
N SER F 62 -16.57 -36.93 -53.31
CA SER F 62 -17.18 -37.91 -54.22
C SER F 62 -16.14 -38.86 -54.73
N GLY F 63 -14.99 -38.31 -55.11
CA GLY F 63 -13.92 -39.04 -55.80
C GLY F 63 -13.93 -38.78 -57.30
N LYS F 64 -14.93 -38.00 -57.70
CA LYS F 64 -15.21 -37.69 -59.08
C LYS F 64 -14.13 -36.80 -59.63
N LYS F 65 -14.05 -36.74 -60.96
CA LYS F 65 -13.11 -35.86 -61.61
C LYS F 65 -13.69 -35.23 -62.87
N PHE F 66 -13.28 -33.99 -63.14
CA PHE F 66 -13.50 -33.34 -64.44
C PHE F 66 -12.16 -33.13 -65.12
N ALA F 67 -12.20 -32.85 -66.42
CA ALA F 67 -10.97 -32.66 -67.19
C ALA F 67 -10.83 -31.22 -67.67
N THR F 68 -9.59 -30.77 -67.81
CA THR F 68 -9.29 -29.50 -68.47
C THR F 68 -8.63 -29.76 -69.82
N CYS F 69 -9.02 -28.96 -70.80
CA CYS F 69 -8.48 -29.07 -72.15
C CYS F 69 -7.72 -27.82 -72.51
N ASN F 70 -6.72 -27.98 -73.36
CA ASN F 70 -6.00 -26.86 -73.95
C ASN F 70 -6.79 -26.40 -75.17
N PRO F 71 -7.36 -25.19 -75.14
CA PRO F 71 -8.15 -24.68 -76.28
C PRO F 71 -7.47 -24.74 -77.66
N SER F 72 -6.13 -24.75 -77.68
CA SER F 72 -5.32 -24.86 -78.93
C SER F 72 -5.19 -26.27 -79.57
N THR F 73 -4.84 -27.30 -78.79
CA THR F 73 -4.84 -28.71 -79.27
C THR F 73 -6.25 -29.33 -79.38
N ARG F 74 -7.25 -28.68 -78.77
CA ARG F 74 -8.62 -29.22 -78.53
C ARG F 74 -8.65 -30.45 -77.63
N GLU F 75 -7.47 -30.97 -77.29
CA GLU F 75 -7.34 -32.26 -76.63
C GLU F 75 -7.11 -32.05 -75.15
N GLN F 76 -7.13 -33.13 -74.39
CA GLN F 76 -7.02 -33.07 -72.95
C GLN F 76 -5.61 -32.87 -72.43
N ILE F 77 -5.52 -32.07 -71.37
CA ILE F 77 -4.27 -31.81 -70.67
C ILE F 77 -4.15 -32.81 -69.53
N CYS F 78 -5.11 -32.79 -68.62
CA CYS F 78 -5.12 -33.72 -67.50
C CYS F 78 -6.47 -33.73 -66.84
N GLU F 79 -6.65 -34.68 -65.92
CA GLU F 79 -7.84 -34.70 -65.07
C GLU F 79 -7.48 -33.92 -63.82
N VAL F 80 -8.42 -33.07 -63.36
CA VAL F 80 -8.31 -32.46 -62.03
C VAL F 80 -9.51 -32.85 -61.20
N GLU F 81 -9.32 -32.89 -59.89
CA GLU F 81 -10.34 -33.35 -58.96
C GLU F 81 -11.51 -32.37 -58.95
N GLU F 82 -12.73 -32.90 -59.05
CA GLU F 82 -13.95 -32.07 -59.02
C GLU F 82 -14.51 -31.92 -57.61
N GLY F 83 -14.56 -30.69 -57.12
CA GLY F 83 -15.15 -30.42 -55.83
C GLY F 83 -16.66 -30.30 -55.89
N ASP F 84 -17.25 -30.30 -54.70
CA ASP F 84 -18.66 -30.00 -54.54
C ASP F 84 -18.80 -29.47 -53.13
N LYS F 85 -20.05 -29.32 -52.70
CA LYS F 85 -20.40 -28.70 -51.42
C LYS F 85 -19.59 -29.20 -50.23
N PRO F 86 -19.53 -30.53 -50.02
CA PRO F 86 -18.72 -31.04 -48.89
C PRO F 86 -17.23 -30.59 -48.90
N ASP F 87 -16.58 -30.62 -50.06
CA ASP F 87 -15.19 -30.13 -50.19
C ASP F 87 -15.06 -28.63 -49.87
N VAL F 88 -16.05 -27.86 -50.28
CA VAL F 88 -16.16 -26.45 -49.93
C VAL F 88 -16.35 -26.34 -48.41
N ASP F 89 -17.25 -27.16 -47.84
CA ASP F 89 -17.46 -27.18 -46.39
C ASP F 89 -16.15 -27.51 -45.69
N LYS F 90 -15.41 -28.45 -46.23
CA LYS F 90 -14.13 -28.82 -45.66
C LYS F 90 -13.18 -27.61 -45.65
N ALA F 91 -12.98 -27.01 -46.82
CA ALA F 91 -12.12 -25.84 -47.01
C ALA F 91 -12.51 -24.62 -46.17
N VAL F 92 -13.82 -24.39 -46.03
CA VAL F 92 -14.31 -23.27 -45.22
C VAL F 92 -13.97 -23.49 -43.75
N GLU F 93 -13.99 -24.76 -43.32
CA GLU F 93 -13.63 -25.13 -41.96
C GLU F 93 -12.15 -24.95 -41.68
N ALA F 94 -11.31 -25.20 -42.68
CA ALA F 94 -9.88 -24.93 -42.56
C ALA F 94 -9.64 -23.44 -42.36
N ALA F 95 -10.34 -22.63 -43.13
CA ALA F 95 -10.25 -21.17 -43.04
C ALA F 95 -10.70 -20.65 -41.68
N GLN F 96 -11.85 -21.14 -41.21
CA GLN F 96 -12.41 -20.75 -39.92
C GLN F 96 -11.40 -20.94 -38.79
N VAL F 97 -10.69 -22.06 -38.83
CA VAL F 97 -9.73 -22.43 -37.80
C VAL F 97 -8.46 -21.61 -37.95
N ALA F 98 -8.04 -21.36 -39.19
CA ALA F 98 -6.89 -20.48 -39.46
C ALA F 98 -7.21 -19.00 -39.14
N PHE F 99 -8.47 -18.62 -39.30
CA PHE F 99 -8.93 -17.29 -38.87
C PHE F 99 -9.27 -17.22 -37.37
N GLN F 100 -9.43 -18.37 -36.72
CA GLN F 100 -9.57 -18.43 -35.26
C GLN F 100 -8.55 -17.55 -34.54
N ARG F 101 -9.00 -16.83 -33.53
CA ARG F 101 -8.12 -16.02 -32.71
C ARG F 101 -7.14 -16.90 -31.92
N GLY F 102 -5.91 -16.45 -31.76
CA GLY F 102 -4.84 -17.28 -31.23
C GLY F 102 -4.16 -18.06 -32.33
N SER F 103 -4.78 -18.13 -33.51
CA SER F 103 -4.13 -18.71 -34.69
C SER F 103 -2.77 -18.07 -34.95
N PRO F 104 -1.76 -18.88 -35.33
CA PRO F 104 -0.48 -18.33 -35.76
C PRO F 104 -0.66 -17.17 -36.73
N TRP F 105 -1.58 -17.36 -37.67
CA TRP F 105 -1.91 -16.37 -38.69
C TRP F 105 -2.29 -15.03 -38.08
N ARG F 106 -3.20 -15.04 -37.12
CA ARG F 106 -3.69 -13.78 -36.54
C ARG F 106 -2.64 -13.08 -35.70
N ARG F 107 -1.74 -13.87 -35.12
CA ARG F 107 -0.75 -13.35 -34.17
C ARG F 107 0.50 -12.76 -34.81
N LEU F 108 0.64 -12.85 -36.14
CA LEU F 108 1.83 -12.34 -36.81
C LEU F 108 1.94 -10.81 -36.66
N ASP F 109 3.17 -10.30 -36.68
CA ASP F 109 3.42 -8.86 -36.84
C ASP F 109 2.58 -8.41 -38.02
N ALA F 110 2.27 -7.12 -38.07
CA ALA F 110 1.66 -6.54 -39.26
C ALA F 110 2.60 -6.70 -40.47
N LEU F 111 3.86 -6.35 -40.27
CA LEU F 111 4.85 -6.43 -41.32
C LEU F 111 5.06 -7.88 -41.75
N SER F 112 4.87 -8.81 -40.82
CA SER F 112 5.13 -10.24 -41.08
C SER F 112 4.09 -10.89 -41.98
N ARG F 113 2.91 -10.28 -42.07
CA ARG F 113 1.96 -10.63 -43.11
C ARG F 113 2.50 -10.15 -44.45
N GLY F 114 3.01 -8.93 -44.49
CA GLY F 114 3.56 -8.35 -45.70
C GLY F 114 4.77 -9.09 -46.26
N ARG F 115 5.55 -9.74 -45.40
CA ARG F 115 6.71 -10.50 -45.88
C ARG F 115 6.28 -11.75 -46.58
N LEU F 116 5.25 -12.40 -46.02
CA LEU F 116 4.71 -13.63 -46.62
C LEU F 116 4.19 -13.37 -48.03
N LEU F 117 3.49 -12.24 -48.17
CA LEU F 117 2.99 -11.74 -49.46
C LEU F 117 4.09 -11.31 -50.38
N HIS F 118 5.18 -10.77 -49.82
CA HIS F 118 6.36 -10.46 -50.62
C HIS F 118 7.03 -11.73 -51.11
N GLN F 119 7.14 -12.72 -50.24
CA GLN F 119 7.83 -13.95 -50.58
C GLN F 119 7.01 -14.82 -51.55
N LEU F 120 5.70 -14.81 -51.40
CA LEU F 120 4.85 -15.42 -52.41
C LEU F 120 5.16 -14.86 -53.79
N ALA F 121 5.27 -13.53 -53.86
CA ALA F 121 5.55 -12.83 -55.11
C ALA F 121 6.94 -13.15 -55.65
N ASP F 122 7.89 -13.31 -54.74
CA ASP F 122 9.23 -13.75 -55.11
C ASP F 122 9.20 -15.16 -55.71
N LEU F 123 8.44 -16.04 -55.07
CA LEU F 123 8.29 -17.42 -55.53
C LEU F 123 7.57 -17.47 -56.87
N VAL F 124 6.61 -16.58 -57.06
CA VAL F 124 5.95 -16.43 -58.34
C VAL F 124 6.98 -16.05 -59.42
N GLU F 125 7.84 -15.06 -59.14
CA GLU F 125 8.92 -14.65 -60.08
C GLU F 125 9.85 -15.83 -60.41
N ARG F 126 10.17 -16.61 -59.39
CA ARG F 126 11.06 -17.76 -59.53
C ARG F 126 10.48 -18.79 -60.48
N ASP F 127 9.21 -19.16 -60.25
CA ASP F 127 8.52 -20.13 -61.09
C ASP F 127 7.63 -19.43 -62.12
N ARG F 128 8.00 -18.20 -62.48
CA ARG F 128 7.26 -17.34 -63.41
C ARG F 128 7.11 -17.94 -64.81
N ALA F 129 8.19 -18.53 -65.32
CA ALA F 129 8.16 -19.12 -66.65
C ALA F 129 7.28 -20.35 -66.66
N THR F 130 7.24 -21.05 -65.53
CA THR F 130 6.37 -22.21 -65.41
C THR F 130 4.92 -21.79 -65.41
N LEU F 131 4.56 -20.87 -64.53
CA LEU F 131 3.18 -20.38 -64.44
C LEU F 131 2.66 -19.85 -65.78
N ALA F 132 3.37 -18.90 -66.38
CA ALA F 132 2.95 -18.36 -67.66
C ALA F 132 2.66 -19.49 -68.62
N ALA F 133 3.50 -20.52 -68.59
CA ALA F 133 3.33 -21.66 -69.49
C ALA F 133 2.03 -22.43 -69.22
N LEU F 134 1.75 -22.66 -67.95
CA LEU F 134 0.50 -23.30 -67.56
C LEU F 134 -0.71 -22.55 -68.10
N GLU F 135 -0.62 -21.21 -68.13
CA GLU F 135 -1.73 -20.36 -68.62
C GLU F 135 -1.99 -20.54 -70.12
N THR F 136 -0.92 -20.64 -70.90
CA THR F 136 -1.02 -20.97 -72.33
C THR F 136 -1.72 -22.31 -72.53
N MET F 137 -1.40 -23.25 -71.64
CA MET F 137 -2.00 -24.58 -71.68
C MET F 137 -3.47 -24.59 -71.32
N ASP F 138 -3.88 -23.71 -70.41
CA ASP F 138 -5.25 -23.73 -69.91
C ASP F 138 -6.20 -22.82 -70.69
N THR F 139 -5.71 -21.64 -71.09
CA THR F 139 -6.51 -20.60 -71.79
C THR F 139 -6.33 -20.52 -73.32
N GLY F 140 -5.13 -20.81 -73.82
CA GLY F 140 -4.79 -20.65 -75.25
C GLY F 140 -4.10 -19.33 -75.57
N LYS F 141 -3.79 -18.58 -74.52
CA LYS F 141 -3.23 -17.25 -74.66
C LYS F 141 -1.78 -17.38 -75.12
N PRO F 142 -1.28 -16.38 -75.87
CA PRO F 142 0.13 -16.40 -76.22
C PRO F 142 1.07 -16.49 -75.01
N PHE F 143 2.00 -17.45 -75.05
CA PHE F 143 2.91 -17.71 -73.93
C PHE F 143 3.49 -16.42 -73.39
N LEU F 144 3.85 -15.50 -74.28
CA LEU F 144 4.42 -14.22 -73.88
C LEU F 144 3.40 -13.29 -73.22
N HIS F 145 2.20 -13.22 -73.79
CA HIS F 145 1.14 -12.42 -73.18
C HIS F 145 0.97 -12.86 -71.75
N ALA F 146 1.07 -14.16 -71.48
CA ALA F 146 1.00 -14.63 -70.10
C ALA F 146 2.20 -14.15 -69.28
N PHE F 147 3.36 -14.08 -69.90
CA PHE F 147 4.61 -13.81 -69.20
C PHE F 147 4.80 -12.35 -68.74
N PHE F 148 4.54 -11.40 -69.64
CA PHE F 148 4.75 -9.95 -69.35
C PHE F 148 3.47 -9.13 -69.06
N ILE F 149 2.29 -9.75 -69.24
CA ILE F 149 1.00 -9.12 -68.92
C ILE F 149 0.40 -9.77 -67.67
N ASP F 150 0.09 -11.06 -67.75
CA ASP F 150 -0.67 -11.71 -66.69
C ASP F 150 0.14 -11.84 -65.42
N LEU F 151 1.29 -12.47 -65.53
CA LEU F 151 2.15 -12.66 -64.37
C LEU F 151 2.75 -11.33 -63.87
N GLU F 152 3.01 -10.40 -64.79
CA GLU F 152 3.52 -9.08 -64.43
C GLU F 152 2.62 -8.37 -63.42
N GLY F 153 1.32 -8.44 -63.67
CA GLY F 153 0.33 -7.92 -62.74
C GLY F 153 0.35 -8.67 -61.43
N CYS F 154 0.38 -10.00 -61.51
CA CYS F 154 0.40 -10.83 -60.32
C CYS F 154 1.49 -10.37 -59.36
N ILE F 155 2.67 -10.14 -59.91
CA ILE F 155 3.85 -9.88 -59.11
C ILE F 155 3.75 -8.51 -58.46
N ARG F 156 3.44 -7.52 -59.30
CA ARG F 156 3.28 -6.12 -58.87
C ARG F 156 2.10 -5.94 -57.95
N THR F 157 0.99 -6.62 -58.26
CA THR F 157 -0.22 -6.59 -57.45
C THR F 157 0.09 -7.09 -56.05
N LEU F 158 0.76 -8.24 -55.98
CA LEU F 158 1.22 -8.82 -54.72
C LEU F 158 2.10 -7.86 -53.92
N ARG F 159 3.17 -7.42 -54.56
CA ARG F 159 4.15 -6.58 -53.89
C ARG F 159 3.57 -5.23 -53.53
N TYR F 160 2.50 -4.86 -54.20
CA TYR F 160 1.78 -3.66 -53.84
C TYR F 160 1.19 -3.84 -52.46
N PHE F 161 0.36 -4.86 -52.31
CA PHE F 161 -0.44 -5.02 -51.10
C PHE F 161 0.35 -5.52 -49.90
N ALA F 162 1.50 -6.12 -50.16
CA ALA F 162 2.45 -6.39 -49.09
C ALA F 162 2.84 -5.07 -48.44
N GLY F 163 3.11 -4.07 -49.26
CA GLY F 163 3.37 -2.70 -48.80
C GLY F 163 2.27 -2.11 -47.91
N TRP F 164 1.02 -2.50 -48.18
CA TRP F 164 -0.13 -2.01 -47.42
C TRP F 164 -0.36 -2.71 -46.08
N ALA F 165 0.28 -3.86 -45.87
CA ALA F 165 0.01 -4.74 -44.72
C ALA F 165 0.11 -4.10 -43.32
N ASP F 166 1.19 -3.35 -43.09
CA ASP F 166 1.43 -2.70 -41.80
C ASP F 166 0.88 -1.29 -41.77
N LYS F 167 0.36 -0.83 -42.91
CA LYS F 167 -0.16 0.54 -43.11
C LYS F 167 -1.68 0.64 -43.13
N ILE F 168 -2.35 -0.46 -42.75
CA ILE F 168 -3.82 -0.52 -42.67
C ILE F 168 -4.27 0.17 -41.41
N GLN F 169 -4.76 1.40 -41.55
CA GLN F 169 -4.94 2.30 -40.42
C GLN F 169 -6.39 2.72 -40.14
N GLY F 170 -6.73 2.69 -38.85
CA GLY F 170 -7.97 3.26 -38.38
C GLY F 170 -7.82 4.74 -38.06
N LYS F 171 -8.85 5.30 -37.44
CA LYS F 171 -8.89 6.71 -37.07
C LYS F 171 -9.08 6.85 -35.56
N THR F 172 -8.47 7.90 -34.98
CA THR F 172 -8.76 8.32 -33.63
C THR F 172 -9.59 9.57 -33.76
N ILE F 173 -10.84 9.47 -33.31
CA ILE F 173 -11.89 10.44 -33.67
C ILE F 173 -12.21 11.40 -32.51
N PRO F 174 -12.17 12.71 -32.77
CA PRO F 174 -12.48 13.64 -31.72
C PRO F 174 -13.97 13.67 -31.41
N THR F 175 -14.31 13.57 -30.13
CA THR F 175 -15.68 13.51 -29.66
C THR F 175 -15.87 14.50 -28.49
N ASP F 176 -15.93 13.99 -27.27
CA ASP F 176 -16.15 14.81 -26.08
C ASP F 176 -14.85 14.84 -25.29
N ASP F 177 -14.79 15.74 -24.33
CA ASP F 177 -13.59 15.96 -23.55
C ASP F 177 -13.21 14.71 -22.78
N ASN F 178 -14.22 14.06 -22.21
CA ASN F 178 -14.03 12.90 -21.33
C ASN F 178 -14.05 11.57 -22.08
N VAL F 179 -13.98 11.61 -23.41
CA VAL F 179 -14.11 10.37 -24.21
C VAL F 179 -12.93 10.14 -25.16
N VAL F 180 -12.55 8.86 -25.25
CA VAL F 180 -11.58 8.34 -26.22
C VAL F 180 -12.32 7.45 -27.22
N CYS F 181 -12.48 7.98 -28.43
CA CYS F 181 -13.16 7.28 -29.49
C CYS F 181 -12.18 6.98 -30.61
N PHE F 182 -12.17 5.74 -31.06
CA PHE F 182 -11.39 5.37 -32.24
C PHE F 182 -12.03 4.19 -32.98
N THR F 183 -11.68 4.02 -34.26
CA THR F 183 -12.05 2.82 -35.00
C THR F 183 -10.82 1.97 -35.31
N ARG F 184 -11.05 0.66 -35.35
CA ARG F 184 -10.09 -0.30 -35.82
C ARG F 184 -10.58 -0.79 -37.18
N HIS F 185 -9.67 -1.00 -38.12
CA HIS F 185 -10.02 -1.59 -39.40
C HIS F 185 -9.70 -3.06 -39.32
N GLU F 186 -10.69 -3.85 -38.98
CA GLU F 186 -10.50 -5.29 -38.77
C GLU F 186 -10.63 -6.12 -40.07
N PRO F 187 -9.93 -7.27 -40.15
CA PRO F 187 -10.27 -8.21 -41.21
C PRO F 187 -11.71 -8.70 -41.04
N ILE F 188 -12.30 -9.18 -42.14
CA ILE F 188 -13.69 -9.59 -42.11
C ILE F 188 -13.81 -11.04 -41.62
N GLY F 189 -13.02 -11.92 -42.20
CA GLY F 189 -13.03 -13.34 -41.87
C GLY F 189 -12.63 -14.25 -43.03
N VAL F 190 -13.46 -15.25 -43.32
CA VAL F 190 -13.23 -16.16 -44.42
C VAL F 190 -13.80 -15.56 -45.69
N CYS F 191 -12.96 -15.31 -46.68
CA CYS F 191 -13.39 -14.65 -47.93
C CYS F 191 -13.48 -15.63 -49.09
N GLY F 192 -14.61 -15.64 -49.78
CA GLY F 192 -14.73 -16.32 -51.06
C GLY F 192 -14.18 -15.51 -52.23
N ALA F 193 -13.50 -16.21 -53.13
CA ALA F 193 -13.07 -15.61 -54.39
C ALA F 193 -13.50 -16.52 -55.53
N ILE F 194 -14.27 -15.96 -56.45
CA ILE F 194 -14.79 -16.68 -57.60
C ILE F 194 -14.29 -15.96 -58.85
N THR F 195 -13.81 -16.75 -59.82
CA THR F 195 -12.92 -16.25 -60.88
C THR F 195 -13.35 -16.76 -62.26
N PRO F 196 -13.06 -15.97 -63.32
CA PRO F 196 -13.37 -16.35 -64.68
C PRO F 196 -12.20 -16.97 -65.43
N TRP F 197 -12.50 -17.49 -66.62
CA TRP F 197 -11.51 -18.16 -67.48
C TRP F 197 -10.62 -17.21 -68.28
N ASN F 198 -11.06 -15.98 -68.47
CA ASN F 198 -10.34 -15.04 -69.32
C ASN F 198 -9.03 -14.58 -68.72
N PHE F 199 -8.99 -14.35 -67.40
CA PHE F 199 -7.74 -14.01 -66.73
C PHE F 199 -7.57 -14.80 -65.41
N PRO F 200 -7.33 -16.13 -65.52
CA PRO F 200 -7.40 -17.11 -64.43
C PRO F 200 -6.56 -16.85 -63.21
N LEU F 201 -5.32 -16.46 -63.40
CA LEU F 201 -4.45 -16.25 -62.24
C LEU F 201 -4.55 -14.81 -61.76
N LEU F 202 -4.68 -13.88 -62.71
CA LEU F 202 -4.66 -12.46 -62.38
C LEU F 202 -5.87 -12.03 -61.55
N MET F 203 -7.05 -12.58 -61.87
CA MET F 203 -8.26 -12.30 -61.10
C MET F 203 -8.19 -12.89 -59.71
N LEU F 204 -7.47 -14.00 -59.54
CA LEU F 204 -7.27 -14.64 -58.22
C LEU F 204 -6.44 -13.74 -57.34
N VAL F 205 -5.40 -13.21 -57.95
CA VAL F 205 -4.42 -12.42 -57.24
C VAL F 205 -4.95 -11.07 -56.79
N TRP F 206 -5.74 -10.43 -57.65
CA TRP F 206 -6.42 -9.17 -57.33
C TRP F 206 -7.26 -9.33 -56.07
N LYS F 207 -7.73 -10.56 -55.83
CA LYS F 207 -8.48 -10.90 -54.63
C LYS F 207 -7.47 -11.15 -53.53
N LEU F 208 -6.62 -12.13 -53.76
CA LEU F 208 -5.77 -12.68 -52.71
C LEU F 208 -4.92 -11.64 -52.01
N ALA F 209 -4.32 -10.76 -52.80
CA ALA F 209 -3.28 -9.86 -52.30
C ALA F 209 -3.78 -8.87 -51.23
N PRO F 210 -4.88 -8.15 -51.52
CA PRO F 210 -5.47 -7.36 -50.45
C PRO F 210 -6.11 -8.23 -49.35
N ALA F 211 -6.71 -9.35 -49.71
CA ALA F 211 -7.41 -10.17 -48.74
C ALA F 211 -6.47 -10.66 -47.65
N LEU F 212 -5.26 -11.06 -48.05
CA LEU F 212 -4.29 -11.59 -47.11
C LEU F 212 -3.53 -10.51 -46.36
N CYS F 213 -3.39 -9.33 -46.96
CA CYS F 213 -2.66 -8.24 -46.30
C CYS F 213 -3.46 -7.63 -45.15
N CYS F 214 -4.78 -7.76 -45.25
CA CYS F 214 -5.69 -7.32 -44.19
C CYS F 214 -5.90 -8.35 -43.06
N GLY F 215 -5.43 -9.58 -43.26
CA GLY F 215 -5.45 -10.62 -42.23
C GLY F 215 -6.53 -11.68 -42.33
N ASN F 216 -7.16 -11.77 -43.48
CA ASN F 216 -8.24 -12.72 -43.71
C ASN F 216 -7.70 -14.07 -44.17
N THR F 217 -8.61 -15.04 -44.34
CA THR F 217 -8.32 -16.35 -44.94
C THR F 217 -9.34 -16.64 -46.03
N MET F 218 -8.99 -17.52 -46.96
CA MET F 218 -9.72 -17.60 -48.23
C MET F 218 -10.21 -19.00 -48.64
N VAL F 219 -11.24 -19.01 -49.47
CA VAL F 219 -11.68 -20.19 -50.22
C VAL F 219 -11.86 -19.83 -51.70
N LEU F 220 -10.86 -20.19 -52.50
CA LEU F 220 -10.80 -19.79 -53.90
C LEU F 220 -11.45 -20.81 -54.78
N LYS F 221 -12.18 -20.36 -55.78
CA LYS F 221 -12.81 -21.25 -56.75
C LYS F 221 -12.55 -20.77 -58.18
N PRO F 222 -11.52 -21.33 -58.84
CA PRO F 222 -11.26 -20.93 -60.22
C PRO F 222 -12.30 -21.49 -61.17
N ALA F 223 -12.44 -20.85 -62.33
CA ALA F 223 -13.29 -21.36 -63.38
C ALA F 223 -12.91 -22.80 -63.73
N GLU F 224 -13.90 -23.59 -64.10
CA GLU F 224 -13.71 -24.99 -64.46
C GLU F 224 -12.90 -25.20 -65.75
N GLN F 225 -12.87 -24.18 -66.61
CA GLN F 225 -12.13 -24.22 -67.88
C GLN F 225 -10.62 -24.10 -67.68
N THR F 226 -10.24 -23.45 -66.58
CA THR F 226 -8.86 -23.06 -66.34
C THR F 226 -8.49 -23.08 -64.84
N PRO F 227 -8.52 -24.28 -64.22
CA PRO F 227 -8.14 -24.42 -62.81
C PRO F 227 -6.66 -24.70 -62.55
N LEU F 228 -5.86 -24.92 -63.60
CA LEU F 228 -4.48 -25.45 -63.41
C LEU F 228 -3.53 -24.52 -62.67
N THR F 229 -3.46 -23.29 -63.15
CA THR F 229 -2.54 -22.29 -62.62
C THR F 229 -2.83 -21.95 -61.15
N ALA F 230 -4.12 -21.92 -60.79
CA ALA F 230 -4.55 -21.64 -59.43
C ALA F 230 -4.08 -22.70 -58.43
N LEU F 231 -4.16 -23.95 -58.85
CA LEU F 231 -3.66 -25.05 -58.04
C LEU F 231 -2.14 -24.93 -57.83
N TYR F 232 -1.45 -24.48 -58.88
CA TYR F 232 0.01 -24.30 -58.80
C TYR F 232 0.43 -23.22 -57.82
N LEU F 233 -0.37 -22.16 -57.70
CA LEU F 233 -0.11 -21.11 -56.70
C LEU F 233 -0.36 -21.62 -55.29
N GLY F 234 -1.22 -22.61 -55.17
CA GLY F 234 -1.48 -23.27 -53.89
C GLY F 234 -0.25 -23.95 -53.33
N SER F 235 0.58 -24.46 -54.24
CA SER F 235 1.84 -25.12 -53.88
C SER F 235 2.88 -24.13 -53.39
N LEU F 236 2.89 -22.94 -54.01
CA LEU F 236 3.77 -21.82 -53.64
C LEU F 236 3.39 -21.12 -52.33
N ILE F 237 2.10 -20.94 -52.11
CA ILE F 237 1.60 -20.42 -50.85
C ILE F 237 2.12 -21.26 -49.67
N LYS F 238 2.28 -22.55 -49.91
CA LYS F 238 2.78 -23.47 -48.91
C LYS F 238 4.27 -23.23 -48.69
N GLU F 239 5.02 -23.18 -49.79
CA GLU F 239 6.48 -22.96 -49.75
C GLU F 239 6.80 -21.61 -49.13
N ALA F 240 5.94 -20.63 -49.40
CA ALA F 240 6.12 -19.30 -48.87
C ALA F 240 6.09 -19.31 -47.35
N GLY F 241 5.44 -20.32 -46.78
CA GLY F 241 5.37 -20.46 -45.36
C GLY F 241 4.13 -19.83 -44.77
N PHE F 242 3.09 -19.65 -45.58
CA PHE F 242 1.78 -19.26 -45.08
C PHE F 242 1.20 -20.38 -44.21
N PRO F 243 0.68 -20.04 -43.02
CA PRO F 243 0.12 -21.12 -42.23
C PRO F 243 -1.02 -21.82 -42.94
N PRO F 244 -1.27 -23.09 -42.58
CA PRO F 244 -2.34 -23.87 -43.17
C PRO F 244 -3.76 -23.33 -42.89
N GLY F 245 -4.61 -23.43 -43.89
CA GLY F 245 -5.99 -22.94 -43.83
C GLY F 245 -6.21 -21.52 -44.36
N VAL F 246 -5.14 -20.72 -44.38
CA VAL F 246 -5.24 -19.30 -44.68
C VAL F 246 -5.71 -19.12 -46.12
N VAL F 247 -5.24 -19.99 -47.02
CA VAL F 247 -5.77 -20.06 -48.41
C VAL F 247 -6.20 -21.51 -48.70
N ASN F 248 -7.43 -21.66 -49.18
CA ASN F 248 -7.92 -22.95 -49.60
C ASN F 248 -8.48 -22.87 -51.02
N ILE F 249 -8.28 -23.93 -51.78
CA ILE F 249 -8.68 -23.96 -53.17
C ILE F 249 -9.55 -25.22 -53.43
N VAL F 250 -10.76 -24.98 -53.93
CA VAL F 250 -11.70 -26.01 -54.33
C VAL F 250 -12.11 -25.72 -55.76
N PRO F 251 -11.48 -26.40 -56.73
CA PRO F 251 -11.89 -26.26 -58.13
C PRO F 251 -13.15 -27.03 -58.43
N GLY F 252 -13.86 -26.59 -59.46
CA GLY F 252 -15.14 -27.20 -59.82
C GLY F 252 -16.06 -26.32 -60.63
N PHE F 253 -17.36 -26.64 -60.54
CA PHE F 253 -18.37 -26.03 -61.39
C PHE F 253 -19.08 -24.90 -60.66
N GLY F 254 -19.59 -23.96 -61.46
CA GLY F 254 -20.20 -22.77 -60.93
C GLY F 254 -21.37 -23.16 -60.05
N PRO F 255 -22.34 -23.88 -60.62
CA PRO F 255 -23.53 -24.26 -59.87
C PRO F 255 -23.30 -25.29 -58.77
N THR F 256 -22.12 -25.90 -58.72
CA THR F 256 -21.76 -26.81 -57.61
C THR F 256 -20.86 -26.11 -56.60
N VAL F 257 -19.59 -25.91 -56.95
CA VAL F 257 -18.61 -25.38 -55.99
C VAL F 257 -18.85 -23.90 -55.68
N GLY F 258 -19.13 -23.11 -56.72
CA GLY F 258 -19.37 -21.69 -56.55
C GLY F 258 -20.66 -21.35 -55.81
N ALA F 259 -21.72 -22.11 -56.11
CA ALA F 259 -23.01 -21.87 -55.48
C ALA F 259 -22.96 -22.19 -53.98
N ALA F 260 -22.10 -23.15 -53.61
CA ALA F 260 -21.90 -23.55 -52.23
C ALA F 260 -21.21 -22.45 -51.45
N ILE F 261 -20.28 -21.75 -52.12
CA ILE F 261 -19.60 -20.56 -51.59
C ILE F 261 -20.52 -19.35 -51.41
N SER F 262 -21.26 -19.00 -52.46
CA SER F 262 -22.23 -17.88 -52.39
C SER F 262 -23.31 -18.08 -51.32
N SER F 263 -23.63 -19.35 -51.04
CA SER F 263 -24.65 -19.72 -50.06
C SER F 263 -24.10 -20.20 -48.73
N HIS F 264 -22.78 -20.23 -48.59
CA HIS F 264 -22.20 -20.76 -47.36
C HIS F 264 -22.53 -19.83 -46.21
N PRO F 265 -22.92 -20.40 -45.05
CA PRO F 265 -23.28 -19.62 -43.86
C PRO F 265 -22.09 -19.14 -42.98
N GLN F 266 -20.91 -19.70 -43.22
CA GLN F 266 -19.67 -19.33 -42.49
C GLN F 266 -18.54 -18.74 -43.34
N ILE F 267 -18.80 -18.50 -44.62
CA ILE F 267 -17.89 -17.66 -45.42
C ILE F 267 -18.36 -16.26 -45.10
N ASN F 268 -17.42 -15.34 -44.92
CA ASN F 268 -17.74 -13.95 -44.54
C ASN F 268 -17.82 -12.97 -45.69
N LYS F 269 -17.00 -13.17 -46.72
CA LYS F 269 -17.03 -12.31 -47.89
C LYS F 269 -16.93 -13.13 -49.16
N ILE F 270 -17.46 -12.56 -50.25
CA ILE F 270 -17.17 -13.02 -51.62
C ILE F 270 -16.68 -11.85 -52.47
N ALA F 271 -15.75 -12.16 -53.38
CA ALA F 271 -15.39 -11.30 -54.50
C ALA F 271 -15.46 -12.10 -55.79
N PHE F 272 -16.27 -11.60 -56.72
CA PHE F 272 -16.63 -12.33 -57.92
C PHE F 272 -16.13 -11.58 -59.15
N THR F 273 -15.63 -12.34 -60.13
CA THR F 273 -15.34 -11.80 -61.46
C THR F 273 -15.97 -12.75 -62.50
N GLY F 274 -16.74 -12.19 -63.43
CA GLY F 274 -17.46 -13.00 -64.39
C GLY F 274 -18.58 -12.26 -65.06
N SER F 275 -19.68 -12.96 -65.31
CA SER F 275 -20.80 -12.39 -66.02
C SER F 275 -21.70 -11.65 -65.04
N THR F 276 -22.47 -10.69 -65.57
CA THR F 276 -23.49 -9.97 -64.83
C THR F 276 -24.56 -10.92 -64.35
N GLU F 277 -24.94 -11.83 -65.24
CA GLU F 277 -25.96 -12.86 -65.01
C GLU F 277 -25.62 -13.72 -63.78
N VAL F 278 -24.43 -14.30 -63.79
CA VAL F 278 -23.98 -15.11 -62.65
C VAL F 278 -23.77 -14.21 -61.42
N GLY F 279 -23.25 -13.01 -61.66
CA GLY F 279 -23.04 -12.07 -60.58
C GLY F 279 -24.29 -11.93 -59.75
N LYS F 280 -25.41 -11.74 -60.43
CA LYS F 280 -26.67 -11.50 -59.72
C LYS F 280 -27.04 -12.72 -58.89
N LEU F 281 -26.77 -13.89 -59.45
CA LEU F 281 -26.98 -15.13 -58.72
C LEU F 281 -26.21 -15.17 -57.41
N VAL F 282 -24.94 -14.76 -57.44
CA VAL F 282 -24.10 -14.76 -56.25
C VAL F 282 -24.68 -13.84 -55.15
N LYS F 283 -24.99 -12.59 -55.52
CA LYS F 283 -25.44 -11.57 -54.54
C LYS F 283 -26.81 -11.92 -53.97
N GLU F 284 -27.69 -12.47 -54.80
CA GLU F 284 -28.96 -13.00 -54.32
C GLU F 284 -28.69 -14.08 -53.29
N ALA F 285 -27.89 -15.07 -53.68
CA ALA F 285 -27.59 -16.19 -52.78
C ALA F 285 -27.01 -15.70 -51.46
N ALA F 286 -26.12 -14.71 -51.53
CA ALA F 286 -25.51 -14.11 -50.33
C ALA F 286 -26.53 -13.35 -49.50
N SER F 287 -27.50 -12.72 -50.16
CA SER F 287 -28.57 -12.05 -49.46
C SER F 287 -29.46 -13.07 -48.79
N ARG F 288 -29.73 -14.17 -49.49
CA ARG F 288 -30.61 -15.24 -48.97
C ARG F 288 -30.09 -15.92 -47.72
N SER F 289 -28.78 -15.96 -47.59
CA SER F 289 -28.13 -16.69 -46.50
C SER F 289 -27.02 -15.84 -45.93
N ASN F 290 -27.05 -15.57 -44.62
CA ASN F 290 -25.85 -15.10 -43.92
C ASN F 290 -25.47 -13.64 -44.19
N LEU F 291 -25.97 -13.02 -45.27
CA LEU F 291 -25.71 -11.60 -45.57
C LEU F 291 -24.21 -11.28 -45.69
N LYS F 292 -23.55 -11.98 -46.60
CA LYS F 292 -22.13 -11.85 -46.78
C LYS F 292 -21.93 -10.55 -47.50
N ARG F 293 -20.78 -9.91 -47.35
CA ARG F 293 -20.53 -8.73 -48.17
C ARG F 293 -20.15 -9.23 -49.54
N VAL F 294 -20.55 -8.47 -50.56
CA VAL F 294 -20.31 -8.88 -51.92
C VAL F 294 -19.70 -7.76 -52.75
N THR F 295 -18.56 -8.05 -53.36
CA THR F 295 -18.01 -7.18 -54.38
C THR F 295 -18.09 -7.90 -55.71
N LEU F 296 -18.56 -7.19 -56.74
CA LEU F 296 -18.73 -7.76 -58.06
C LEU F 296 -17.89 -7.03 -59.09
N GLU F 297 -17.34 -7.79 -60.04
CA GLU F 297 -16.66 -7.24 -61.23
C GLU F 297 -17.19 -7.92 -62.50
N LEU F 298 -18.15 -7.24 -63.13
CA LEU F 298 -18.95 -7.82 -64.20
C LEU F 298 -18.45 -7.18 -65.49
N GLY F 299 -19.23 -7.20 -66.56
CA GLY F 299 -18.78 -6.66 -67.84
C GLY F 299 -19.02 -5.17 -68.05
N GLY F 300 -19.05 -4.78 -69.32
CA GLY F 300 -19.41 -3.41 -69.70
C GLY F 300 -19.58 -3.28 -71.20
N LYS F 301 -20.01 -2.10 -71.66
CA LYS F 301 -19.94 -1.77 -73.09
C LYS F 301 -19.07 -0.56 -73.25
N ASN F 302 -17.76 -0.80 -73.29
CA ASN F 302 -16.78 0.22 -72.97
C ASN F 302 -16.46 1.12 -74.16
N PRO F 303 -16.89 2.39 -74.10
CA PRO F 303 -16.70 3.31 -75.21
C PRO F 303 -15.29 3.90 -75.32
N CYS F 304 -14.95 4.26 -76.55
CA CYS F 304 -13.81 5.09 -76.83
C CYS F 304 -14.44 6.30 -77.45
N ILE F 305 -13.89 7.48 -77.16
CA ILE F 305 -14.35 8.72 -77.80
C ILE F 305 -13.13 9.41 -78.36
N VAL F 306 -13.02 9.44 -79.69
CA VAL F 306 -11.91 10.09 -80.38
C VAL F 306 -12.39 11.32 -81.12
N CYS F 307 -11.97 12.49 -80.62
CA CYS F 307 -12.40 13.78 -81.13
C CYS F 307 -11.58 14.19 -82.34
N ALA F 308 -12.00 15.27 -82.97
CA ALA F 308 -11.37 15.73 -84.22
C ALA F 308 -9.91 16.08 -84.05
N ASP F 309 -9.56 16.61 -82.88
CA ASP F 309 -8.23 17.17 -82.63
C ASP F 309 -7.22 16.19 -81.99
N ALA F 310 -7.61 14.92 -81.89
CA ALA F 310 -6.76 13.90 -81.26
C ALA F 310 -5.49 13.60 -82.07
N ASP F 311 -4.54 12.92 -81.44
CA ASP F 311 -3.41 12.33 -82.15
C ASP F 311 -4.00 11.10 -82.81
N LEU F 312 -4.08 11.11 -84.15
CA LEU F 312 -4.92 10.12 -84.85
C LEU F 312 -4.36 8.70 -84.90
N ASP F 313 -3.06 8.56 -85.15
CA ASP F 313 -2.43 7.23 -85.18
C ASP F 313 -2.45 6.59 -83.80
N LEU F 314 -2.19 7.37 -82.76
CA LEU F 314 -2.37 6.94 -81.37
C LEU F 314 -3.83 6.57 -81.08
N ALA F 315 -4.76 7.36 -81.58
CA ALA F 315 -6.19 7.07 -81.45
C ALA F 315 -6.55 5.71 -82.02
N VAL F 316 -6.13 5.45 -83.24
CA VAL F 316 -6.35 4.15 -83.90
C VAL F 316 -5.56 3.03 -83.21
N GLU F 317 -4.29 3.27 -82.95
CA GLU F 317 -3.40 2.25 -82.41
C GLU F 317 -3.94 1.69 -81.11
N CYS F 318 -4.41 2.57 -80.24
CA CYS F 318 -4.90 2.16 -78.93
C CYS F 318 -6.23 1.45 -79.09
N ALA F 319 -7.18 2.13 -79.72
CA ALA F 319 -8.55 1.62 -79.93
C ALA F 319 -8.55 0.17 -80.35
N HIS F 320 -7.67 -0.14 -81.32
CA HIS F 320 -7.42 -1.51 -81.79
C HIS F 320 -7.01 -2.44 -80.63
N GLN F 321 -6.03 -2.02 -79.84
CA GLN F 321 -5.60 -2.81 -78.70
C GLN F 321 -6.67 -2.95 -77.61
N GLY F 322 -7.61 -2.02 -77.55
CA GLY F 322 -8.73 -2.09 -76.62
C GLY F 322 -9.71 -3.18 -76.99
N VAL F 323 -10.10 -3.19 -78.25
CA VAL F 323 -11.00 -4.22 -78.77
C VAL F 323 -10.31 -5.58 -78.85
N PHE F 324 -9.02 -5.59 -79.16
CA PHE F 324 -8.32 -6.82 -79.53
C PHE F 324 -7.28 -7.29 -78.50
N PHE F 325 -7.52 -7.03 -77.21
CA PHE F 325 -6.58 -7.47 -76.14
C PHE F 325 -6.48 -9.00 -76.10
N ASN F 326 -7.62 -9.65 -76.04
CA ASN F 326 -7.70 -11.09 -75.84
C ASN F 326 -8.89 -11.61 -76.65
N GLN F 327 -8.80 -11.41 -77.97
CA GLN F 327 -9.89 -11.73 -78.93
C GLN F 327 -11.21 -11.01 -78.57
N GLY F 328 -11.09 -9.83 -77.97
CA GLY F 328 -12.22 -9.10 -77.42
C GLY F 328 -12.86 -9.74 -76.20
N GLN F 329 -12.14 -10.64 -75.54
CA GLN F 329 -12.69 -11.40 -74.39
C GLN F 329 -12.07 -10.93 -73.08
N CYS F 330 -11.60 -9.69 -73.09
CA CYS F 330 -11.15 -9.03 -71.90
C CYS F 330 -12.29 -8.16 -71.38
N CYS F 331 -12.39 -8.02 -70.06
CA CYS F 331 -13.40 -7.12 -69.49
C CYS F 331 -13.24 -5.68 -70.00
N THR F 332 -12.02 -5.18 -70.08
CA THR F 332 -11.82 -3.80 -70.55
C THR F 332 -12.03 -3.63 -72.07
N ALA F 333 -12.45 -4.69 -72.76
CA ALA F 333 -12.61 -4.63 -74.21
C ALA F 333 -13.54 -3.50 -74.61
N ALA F 334 -13.13 -2.75 -75.63
CA ALA F 334 -13.94 -1.67 -76.16
C ALA F 334 -15.03 -2.28 -77.05
N SER F 335 -16.29 -2.13 -76.65
CA SER F 335 -17.41 -2.63 -77.45
C SER F 335 -18.06 -1.53 -78.27
N ARG F 336 -17.58 -0.30 -78.09
CA ARG F 336 -17.99 0.84 -78.92
C ARG F 336 -16.81 1.78 -79.17
N VAL F 337 -16.83 2.44 -80.32
CA VAL F 337 -15.87 3.46 -80.64
C VAL F 337 -16.66 4.61 -81.26
N PHE F 338 -16.37 5.82 -80.78
CA PHE F 338 -17.03 7.04 -81.22
C PHE F 338 -16.02 7.99 -81.87
N VAL F 339 -16.36 8.52 -83.04
CA VAL F 339 -15.47 9.42 -83.77
C VAL F 339 -16.28 10.59 -84.31
N GLU F 340 -15.67 11.77 -84.30
CA GLU F 340 -16.35 12.98 -84.75
C GLU F 340 -16.46 12.99 -86.28
N GLU F 341 -17.63 13.41 -86.77
CA GLU F 341 -17.93 13.45 -88.20
C GLU F 341 -16.71 13.72 -89.09
N GLN F 342 -15.87 14.67 -88.69
CA GLN F 342 -14.73 15.11 -89.49
C GLN F 342 -13.72 13.99 -89.74
N VAL F 343 -13.28 13.33 -88.68
CA VAL F 343 -12.21 12.33 -88.78
C VAL F 343 -12.75 10.91 -88.95
N TYR F 344 -14.07 10.77 -88.98
CA TYR F 344 -14.69 9.46 -89.13
C TYR F 344 -14.17 8.65 -90.35
N SER F 345 -14.41 9.14 -91.56
CA SER F 345 -14.01 8.44 -92.78
C SER F 345 -12.51 8.16 -92.86
N GLU F 346 -11.74 9.10 -92.34
CA GLU F 346 -10.31 8.92 -92.18
C GLU F 346 -9.99 7.86 -91.14
N PHE F 347 -10.68 7.91 -90.00
CA PHE F 347 -10.45 6.99 -88.88
C PHE F 347 -10.67 5.53 -89.27
N VAL F 348 -11.83 5.28 -89.88
CA VAL F 348 -12.20 3.93 -90.28
C VAL F 348 -11.13 3.38 -91.22
N ARG F 349 -10.66 4.21 -92.13
CA ARG F 349 -9.65 3.82 -93.10
C ARG F 349 -8.41 3.27 -92.41
N ARG F 350 -7.98 3.96 -91.35
CA ARG F 350 -6.78 3.58 -90.61
C ARG F 350 -7.00 2.35 -89.74
N SER F 351 -8.15 2.29 -89.07
CA SER F 351 -8.46 1.17 -88.17
C SER F 351 -8.65 -0.14 -88.93
N VAL F 352 -9.29 -0.06 -90.10
CA VAL F 352 -9.52 -1.24 -90.93
C VAL F 352 -8.19 -1.84 -91.33
N GLU F 353 -7.33 -1.01 -91.92
CA GLU F 353 -6.03 -1.46 -92.41
C GLU F 353 -5.34 -2.29 -91.34
N TYR F 354 -5.34 -1.78 -90.11
CA TYR F 354 -5.00 -2.58 -88.94
C TYR F 354 -5.86 -3.85 -88.87
N GLY F 361 -1.87 -19.25 -86.22
CA GLY F 361 -1.56 -18.55 -84.97
C GLY F 361 -1.19 -19.55 -83.89
N ASP F 362 -0.03 -19.36 -83.27
CA ASP F 362 0.44 -20.22 -82.21
C ASP F 362 0.66 -19.40 -80.94
N PRO F 363 0.06 -19.86 -79.80
CA PRO F 363 0.33 -19.22 -78.51
C PRO F 363 1.77 -19.42 -78.02
N PHE F 364 2.26 -20.65 -78.10
CA PHE F 364 3.66 -20.95 -77.78
C PHE F 364 4.57 -20.39 -78.89
N GLY F 371 -4.21 -16.51 -80.34
CA GLY F 371 -4.91 -17.21 -79.27
C GLY F 371 -6.34 -17.53 -79.65
N PRO F 372 -6.74 -18.80 -79.50
CA PRO F 372 -8.11 -19.15 -79.88
C PRO F 372 -9.15 -18.64 -78.89
N GLN F 373 -10.38 -18.52 -79.40
CA GLN F 373 -11.57 -18.39 -78.57
C GLN F 373 -11.78 -19.66 -77.72
N ILE F 374 -11.55 -19.52 -76.42
CA ILE F 374 -11.67 -20.62 -75.46
C ILE F 374 -13.09 -21.22 -75.40
N ASP F 375 -14.06 -20.44 -75.87
CA ASP F 375 -15.48 -20.75 -75.73
C ASP F 375 -16.10 -21.08 -77.09
N GLN F 376 -16.57 -22.33 -77.24
CA GLN F 376 -17.30 -22.77 -78.43
C GLN F 376 -18.60 -21.98 -78.62
N LYS F 377 -19.29 -21.71 -77.51
CA LYS F 377 -20.67 -21.23 -77.52
C LYS F 377 -20.84 -19.83 -78.09
N GLN F 378 -19.93 -18.93 -77.71
CA GLN F 378 -20.00 -17.50 -78.09
C GLN F 378 -19.53 -17.23 -79.51
N PHE F 379 -18.71 -18.12 -80.04
CA PHE F 379 -18.37 -18.12 -81.46
C PHE F 379 -19.65 -17.93 -82.30
N ASP F 380 -20.66 -18.75 -82.02
CA ASP F 380 -21.98 -18.64 -82.68
C ASP F 380 -22.56 -17.24 -82.52
N LYS F 381 -22.52 -16.74 -81.28
CA LYS F 381 -23.08 -15.44 -80.92
C LYS F 381 -22.37 -14.28 -81.62
N ILE F 382 -21.04 -14.27 -81.59
CA ILE F 382 -20.29 -13.21 -82.30
C ILE F 382 -20.65 -13.29 -83.79
N LEU F 383 -20.68 -14.51 -84.30
CA LEU F 383 -21.06 -14.78 -85.69
C LEU F 383 -22.55 -14.53 -85.89
N LEU F 385 -24.19 -12.16 -84.12
CA LEU F 385 -24.23 -10.70 -84.07
C LEU F 385 -23.66 -10.04 -85.34
N ILE F 386 -22.58 -10.59 -85.88
CA ILE F 386 -22.01 -10.10 -87.13
C ILE F 386 -23.09 -10.05 -88.24
N GLU F 387 -23.91 -11.09 -88.28
CA GLU F 387 -25.05 -11.20 -89.21
C GLU F 387 -26.03 -10.05 -89.06
N SER F 388 -26.22 -9.60 -87.81
CA SER F 388 -27.22 -8.59 -87.46
C SER F 388 -26.79 -7.15 -87.80
N GLY F 389 -25.48 -6.90 -87.90
CA GLY F 389 -24.99 -5.62 -88.40
C GLY F 389 -25.38 -5.41 -89.84
N LYS F 390 -25.28 -6.49 -90.62
CA LYS F 390 -25.70 -6.52 -92.02
C LYS F 390 -27.19 -6.23 -92.13
N LYS F 391 -27.99 -6.97 -91.36
CA LYS F 391 -29.47 -6.82 -91.31
C LYS F 391 -29.92 -5.43 -90.86
N GLU F 392 -29.32 -4.94 -89.79
CA GLU F 392 -29.69 -3.65 -89.21
C GLU F 392 -29.09 -2.46 -89.98
N GLY F 393 -28.14 -2.72 -90.87
CA GLY F 393 -27.59 -1.71 -91.76
C GLY F 393 -26.29 -1.11 -91.25
N ALA F 394 -25.23 -1.90 -91.36
CA ALA F 394 -23.86 -1.45 -91.08
C ALA F 394 -22.98 -1.83 -92.27
N LYS F 395 -21.87 -1.12 -92.46
CA LYS F 395 -20.90 -1.46 -93.51
C LYS F 395 -19.80 -2.37 -92.96
N LEU F 396 -19.40 -3.35 -93.77
CA LEU F 396 -18.27 -4.21 -93.45
C LEU F 396 -17.07 -3.82 -94.32
N GLU F 397 -15.96 -3.46 -93.68
CA GLU F 397 -14.68 -3.33 -94.38
C GLU F 397 -13.87 -4.63 -94.26
N CYS F 398 -14.19 -5.44 -93.25
CA CYS F 398 -13.63 -6.77 -93.12
C CYS F 398 -14.73 -7.76 -92.77
N GLY F 399 -14.45 -9.04 -93.03
CA GLY F 399 -15.46 -10.09 -92.92
C GLY F 399 -15.68 -10.63 -91.53
N GLY F 400 -16.81 -11.34 -91.35
CA GLY F 400 -17.11 -12.06 -90.10
C GLY F 400 -17.09 -13.57 -90.27
N SER F 401 -16.41 -14.04 -91.32
CA SER F 401 -16.31 -15.49 -91.59
C SER F 401 -15.41 -16.25 -90.60
N ALA F 402 -14.16 -15.82 -90.46
CA ALA F 402 -13.19 -16.46 -89.54
C ALA F 402 -11.85 -15.70 -89.52
N PRO F 412 -10.29 -10.81 -87.35
CA PRO F 412 -10.62 -9.41 -87.09
C PRO F 412 -11.85 -8.96 -87.90
N THR F 413 -12.53 -7.93 -87.42
CA THR F 413 -13.78 -7.47 -88.04
C THR F 413 -14.09 -6.02 -87.64
N VAL F 414 -14.40 -5.18 -88.64
CA VAL F 414 -14.62 -3.74 -88.43
C VAL F 414 -15.88 -3.24 -89.15
N PHE F 415 -16.72 -2.52 -88.42
CA PHE F 415 -18.00 -2.01 -88.94
C PHE F 415 -17.89 -0.51 -89.17
N SER F 416 -18.84 0.04 -89.94
CA SER F 416 -18.99 1.48 -90.16
C SER F 416 -20.46 1.84 -90.23
N GLU F 417 -20.75 3.13 -90.28
CA GLU F 417 -22.12 3.62 -90.26
C GLU F 417 -22.95 2.98 -89.16
N VAL F 418 -22.29 2.65 -88.05
CA VAL F 418 -22.98 2.02 -86.93
C VAL F 418 -23.77 3.09 -86.19
N THR F 419 -24.89 2.66 -85.62
CA THR F 419 -25.71 3.48 -84.76
C THR F 419 -25.92 2.66 -83.48
N ASP F 420 -26.73 3.16 -82.55
CA ASP F 420 -27.10 2.37 -81.38
C ASP F 420 -28.21 1.37 -81.79
N ASN F 421 -28.00 0.69 -82.93
CA ASN F 421 -28.94 -0.29 -83.47
C ASN F 421 -28.65 -1.66 -82.87
N MET F 422 -27.39 -2.07 -83.00
CA MET F 422 -26.91 -3.38 -82.61
C MET F 422 -26.61 -3.37 -81.13
N PRO F 432 -13.87 -9.92 -81.32
CA PRO F 432 -13.01 -9.14 -82.20
C PRO F 432 -13.83 -8.31 -83.15
N VAL F 433 -14.65 -7.44 -82.58
CA VAL F 433 -15.56 -6.59 -83.34
C VAL F 433 -15.33 -5.12 -82.97
N GLN F 434 -15.15 -4.28 -83.97
CA GLN F 434 -14.96 -2.85 -83.73
C GLN F 434 -16.16 -2.08 -84.30
N PRO F 435 -17.25 -1.92 -83.51
CA PRO F 435 -18.37 -1.12 -83.98
C PRO F 435 -18.05 0.38 -83.94
N ILE F 436 -18.11 1.06 -85.08
CA ILE F 436 -17.68 2.45 -85.18
C ILE F 436 -18.83 3.39 -85.48
N LEU F 437 -19.12 4.25 -84.52
CA LEU F 437 -20.24 5.17 -84.59
C LEU F 437 -19.73 6.58 -84.91
N LYS F 438 -20.67 7.47 -85.21
CA LYS F 438 -20.38 8.88 -85.52
C LYS F 438 -20.97 9.77 -84.45
N PHE F 439 -20.31 10.90 -84.20
CA PHE F 439 -20.88 11.94 -83.36
C PHE F 439 -20.45 13.32 -83.85
N LYS F 440 -21.33 14.29 -83.60
CA LYS F 440 -21.12 15.66 -84.04
C LYS F 440 -20.82 16.57 -82.86
N SER F 441 -21.65 16.47 -81.82
CA SER F 441 -21.53 17.28 -80.60
C SER F 441 -20.86 16.53 -79.41
N ILE F 442 -20.20 17.30 -78.55
CA ILE F 442 -19.61 16.76 -77.32
C ILE F 442 -20.74 16.45 -76.31
N GLU F 443 -21.74 17.32 -76.22
CA GLU F 443 -22.87 17.07 -75.31
C GLU F 443 -23.71 15.91 -75.78
N GLU F 444 -23.67 15.67 -77.08
CA GLU F 444 -24.27 14.48 -77.67
C GLU F 444 -23.54 13.23 -77.16
N VAL F 445 -22.25 13.12 -77.50
CA VAL F 445 -21.45 11.91 -77.25
C VAL F 445 -21.39 11.47 -75.78
N ILE F 446 -21.66 12.40 -74.85
CA ILE F 446 -21.68 12.08 -73.42
C ILE F 446 -22.88 11.21 -73.08
N LYS F 447 -24.08 11.73 -73.29
CA LYS F 447 -25.31 11.02 -72.89
C LYS F 447 -25.41 9.66 -73.60
N ARG F 448 -24.89 9.58 -74.81
CA ARG F 448 -24.85 8.32 -75.55
C ARG F 448 -23.93 7.31 -74.87
N ALA F 449 -22.67 7.68 -74.67
CA ALA F 449 -21.72 6.81 -73.97
C ALA F 449 -22.31 6.29 -72.65
N ASN F 450 -22.98 7.19 -71.92
CA ASN F 450 -23.56 6.88 -70.61
C ASN F 450 -24.99 6.32 -70.66
N SER F 451 -25.53 6.11 -71.86
CA SER F 451 -26.90 5.64 -72.02
C SER F 451 -27.04 4.17 -71.62
N THR F 452 -25.92 3.48 -71.47
CA THR F 452 -25.90 2.09 -71.08
C THR F 452 -26.17 1.91 -69.58
N ASP F 453 -26.54 0.69 -69.19
CA ASP F 453 -26.68 0.34 -67.78
C ASP F 453 -25.33 -0.10 -67.22
N TYR F 454 -24.26 0.07 -68.00
CA TYR F 454 -22.94 -0.37 -67.64
C TYR F 454 -22.02 0.82 -67.45
N GLY F 455 -20.90 0.61 -66.74
CA GLY F 455 -19.87 1.63 -66.64
C GLY F 455 -18.56 1.18 -66.02
N LEU F 456 -17.84 0.31 -66.71
CA LEU F 456 -16.55 -0.22 -66.25
C LEU F 456 -15.37 0.62 -66.76
N THR F 457 -15.32 0.81 -68.06
CA THR F 457 -14.21 1.47 -68.69
C THR F 457 -14.70 2.36 -69.82
N ALA F 458 -13.95 3.44 -70.03
CA ALA F 458 -14.21 4.42 -71.09
C ALA F 458 -12.91 5.14 -71.43
N ALA F 459 -12.62 5.26 -72.71
CA ALA F 459 -11.45 5.99 -73.13
C ALA F 459 -11.85 7.21 -73.93
N VAL F 460 -11.05 8.25 -73.80
CA VAL F 460 -11.25 9.50 -74.48
C VAL F 460 -9.92 9.83 -75.16
N PHE F 461 -9.98 10.32 -76.40
CA PHE F 461 -8.79 10.71 -77.15
C PHE F 461 -8.95 12.14 -77.68
N THR F 462 -8.17 13.06 -77.14
CA THR F 462 -8.25 14.48 -77.51
C THR F 462 -7.02 15.26 -77.02
N LYS F 463 -6.50 16.15 -77.87
CA LYS F 463 -5.36 16.99 -77.51
C LYS F 463 -5.76 18.14 -76.60
N ASN F 464 -7.07 18.39 -76.53
CA ASN F 464 -7.63 19.58 -75.91
C ASN F 464 -7.79 19.41 -74.40
N LEU F 465 -7.22 20.34 -73.64
CA LEU F 465 -7.22 20.29 -72.19
C LEU F 465 -8.62 20.38 -71.59
N ASP F 466 -9.37 21.40 -72.00
CA ASP F 466 -10.74 21.63 -71.50
C ASP F 466 -11.70 20.51 -71.93
N LYS F 467 -11.49 19.90 -73.11
CA LYS F 467 -12.34 18.77 -73.56
C LYS F 467 -12.02 17.44 -72.88
N ALA F 468 -10.76 17.23 -72.54
CA ALA F 468 -10.31 16.01 -71.89
C ALA F 468 -10.96 15.87 -70.50
N LEU F 469 -10.90 16.93 -69.72
CA LEU F 469 -11.46 16.92 -68.38
C LEU F 469 -12.99 16.94 -68.38
N LYS F 470 -13.61 17.66 -69.31
CA LYS F 470 -15.07 17.76 -69.34
C LYS F 470 -15.69 16.38 -69.51
N LEU F 471 -15.13 15.61 -70.44
CA LEU F 471 -15.60 14.25 -70.70
C LEU F 471 -15.28 13.36 -69.50
N ALA F 472 -14.03 13.42 -69.05
CA ALA F 472 -13.58 12.65 -67.88
C ALA F 472 -14.49 12.84 -66.66
N SER F 473 -14.83 14.10 -66.35
CA SER F 473 -15.80 14.40 -65.26
C SER F 473 -17.19 13.85 -65.54
N ALA F 474 -17.63 13.96 -66.79
CA ALA F 474 -18.99 13.60 -67.18
C ALA F 474 -19.17 12.09 -67.24
N LEU F 475 -18.23 11.41 -67.89
CA LEU F 475 -18.41 9.97 -68.19
C LEU F 475 -18.72 9.19 -66.93
N GLU F 476 -19.64 8.23 -67.03
CA GLU F 476 -20.05 7.41 -65.90
C GLU F 476 -19.30 6.09 -65.96
N SER F 477 -18.02 6.14 -65.62
CA SER F 477 -17.16 4.97 -65.66
C SER F 477 -16.21 4.99 -64.50
N GLY F 478 -15.99 3.81 -63.91
CA GLY F 478 -15.03 3.64 -62.83
C GLY F 478 -13.59 3.94 -63.22
N THR F 479 -13.25 3.72 -64.49
CA THR F 479 -11.97 4.16 -65.07
C THR F 479 -12.25 4.98 -66.35
N VAL F 480 -11.49 6.05 -66.52
CA VAL F 480 -11.51 6.84 -67.75
C VAL F 480 -10.05 7.08 -68.16
N TRP F 481 -9.69 6.51 -69.31
CA TRP F 481 -8.35 6.69 -69.88
C TRP F 481 -8.33 7.85 -70.85
N ILE F 482 -7.27 8.64 -70.79
CA ILE F 482 -7.09 9.76 -71.70
C ILE F 482 -5.79 9.55 -72.46
N ASN F 483 -5.86 9.50 -73.78
CA ASN F 483 -4.74 9.19 -74.67
C ASN F 483 -3.95 7.94 -74.29
N CYS F 484 -4.70 6.91 -73.87
CA CYS F 484 -4.15 5.58 -73.61
C CYS F 484 -5.31 4.60 -73.38
N TYR F 485 -4.97 3.32 -73.27
CA TYR F 485 -5.96 2.27 -73.00
C TYR F 485 -5.25 1.08 -72.35
N ASN F 486 -6.01 0.28 -71.62
CA ASN F 486 -5.50 -0.87 -70.84
C ASN F 486 -4.34 -0.51 -69.92
N ALA F 487 -4.34 0.74 -69.45
CA ALA F 487 -3.33 1.24 -68.54
C ALA F 487 -3.78 1.01 -67.09
N LEU F 488 -3.42 -0.16 -66.56
CA LEU F 488 -3.85 -0.58 -65.21
C LEU F 488 -2.71 -0.66 -64.21
N TYR F 489 -2.94 -0.15 -63.01
CA TYR F 489 -1.88 -0.19 -62.02
C TYR F 489 -2.43 -0.80 -60.75
N ALA F 490 -1.55 -1.48 -60.02
CA ALA F 490 -1.91 -2.06 -58.75
C ALA F 490 -2.29 -0.96 -57.76
N GLN F 491 -1.63 0.19 -57.87
CA GLN F 491 -1.88 1.31 -56.96
C GLN F 491 -3.08 2.18 -57.35
N ALA F 492 -3.64 1.92 -58.54
CA ALA F 492 -4.80 2.64 -59.04
C ALA F 492 -6.03 1.76 -59.03
N PRO F 493 -7.18 2.27 -58.51
CA PRO F 493 -8.38 1.44 -58.36
C PRO F 493 -9.03 1.02 -59.66
N PHE F 494 -9.78 -0.08 -59.56
CA PHE F 494 -10.54 -0.59 -60.69
C PHE F 494 -11.91 -1.10 -60.27
N GLY F 495 -12.94 -0.77 -61.05
CA GLY F 495 -14.27 -1.27 -60.76
C GLY F 495 -15.36 -0.66 -61.60
N GLY F 496 -16.59 -1.08 -61.32
CA GLY F 496 -17.71 -0.78 -62.20
C GLY F 496 -18.71 0.23 -61.66
N PHE F 497 -19.42 0.88 -62.58
CA PHE F 497 -20.55 1.73 -62.26
C PHE F 497 -21.79 1.00 -62.72
N LYS F 498 -22.90 1.31 -62.10
CA LYS F 498 -24.19 0.82 -62.56
C LYS F 498 -24.32 -0.73 -62.53
N MET F 499 -24.16 -1.40 -63.69
CA MET F 499 -24.31 -2.88 -63.77
C MET F 499 -22.98 -3.59 -63.93
N SER F 500 -21.90 -2.83 -63.92
CA SER F 500 -20.58 -3.39 -64.12
C SER F 500 -19.92 -3.86 -62.84
N GLY F 501 -20.57 -3.63 -61.70
CA GLY F 501 -20.15 -4.22 -60.42
C GLY F 501 -20.21 -3.32 -59.21
N ASN F 502 -19.68 -3.83 -58.10
CA ASN F 502 -19.55 -3.12 -56.83
C ASN F 502 -18.12 -3.17 -56.30
N GLY F 503 -17.79 -2.24 -55.43
CA GLY F 503 -16.48 -2.21 -54.80
C GLY F 503 -15.35 -1.87 -55.76
N ARG F 504 -14.13 -1.96 -55.25
CA ARG F 504 -12.95 -1.72 -56.07
C ARG F 504 -11.85 -2.80 -55.83
N GLU F 505 -11.07 -3.04 -56.89
CA GLU F 505 -9.83 -3.81 -56.81
C GLU F 505 -8.61 -2.96 -57.19
N LEU F 506 -7.51 -3.19 -56.47
CA LEU F 506 -6.27 -2.43 -56.59
C LEU F 506 -6.39 -1.09 -55.84
N GLY F 507 -5.26 -0.46 -55.56
CA GLY F 507 -5.27 0.80 -54.83
C GLY F 507 -5.64 0.69 -53.36
N GLU F 508 -5.63 1.85 -52.68
CA GLU F 508 -6.06 1.96 -51.28
C GLU F 508 -7.52 1.58 -51.06
N TYR F 509 -8.31 1.73 -52.12
CA TYR F 509 -9.74 1.43 -52.07
C TYR F 509 -10.04 -0.07 -51.97
N ALA F 510 -9.10 -0.89 -52.47
CA ALA F 510 -9.18 -2.34 -52.40
C ALA F 510 -9.33 -2.80 -50.97
N LEU F 511 -8.55 -2.24 -50.06
CA LEU F 511 -8.52 -2.70 -48.65
C LEU F 511 -9.88 -2.63 -47.97
N ALA F 512 -10.67 -1.63 -48.35
CA ALA F 512 -12.02 -1.41 -47.82
C ALA F 512 -12.92 -2.64 -47.98
N GLU F 513 -12.76 -3.36 -49.08
CA GLU F 513 -13.60 -4.53 -49.40
C GLU F 513 -13.36 -5.72 -48.47
N TYR F 514 -12.18 -5.77 -47.89
CA TYR F 514 -11.77 -6.90 -47.08
C TYR F 514 -11.56 -6.49 -45.63
N THR F 515 -12.29 -5.47 -45.19
CA THR F 515 -12.11 -4.96 -43.85
C THR F 515 -13.44 -4.49 -43.26
N GLU F 516 -13.57 -4.68 -41.94
CA GLU F 516 -14.78 -4.35 -41.20
C GLU F 516 -14.51 -3.31 -40.15
N VAL F 517 -15.24 -2.21 -40.23
CA VAL F 517 -15.02 -1.09 -39.32
C VAL F 517 -15.70 -1.28 -37.96
N LYS F 518 -14.86 -1.26 -36.93
CA LYS F 518 -15.27 -1.34 -35.54
C LYS F 518 -14.89 -0.04 -34.86
N THR F 519 -15.82 0.51 -34.10
CA THR F 519 -15.62 1.68 -33.27
C THR F 519 -15.49 1.29 -31.80
N VAL F 520 -14.38 1.67 -31.18
CA VAL F 520 -14.16 1.48 -29.74
C VAL F 520 -14.32 2.84 -29.05
N THR F 521 -15.36 2.96 -28.22
CA THR F 521 -15.71 4.22 -27.56
C THR F 521 -15.62 4.04 -26.04
N ILE F 522 -14.79 4.86 -25.39
CA ILE F 522 -14.48 4.75 -23.96
C ILE F 522 -14.83 6.06 -23.24
N LYS F 523 -15.44 5.94 -22.05
CA LYS F 523 -15.74 7.11 -21.23
C LYS F 523 -15.06 7.01 -19.87
N LEU F 524 -14.56 8.14 -19.39
CA LEU F 524 -13.80 8.19 -18.16
C LEU F 524 -14.58 8.98 -17.09
N VAL G 46 -14.41 55.41 -35.22
CA VAL G 46 -13.79 54.09 -34.91
C VAL G 46 -14.01 53.77 -33.43
N LYS G 47 -14.63 52.62 -33.17
CA LYS G 47 -15.00 52.21 -31.80
C LYS G 47 -13.84 51.58 -31.03
N PHE G 48 -13.10 50.71 -31.70
CA PHE G 48 -12.11 49.84 -31.05
C PHE G 48 -10.70 50.19 -31.50
N THR G 49 -9.91 50.66 -30.53
CA THR G 49 -8.55 51.14 -30.78
C THR G 49 -7.57 50.62 -29.72
N LYS G 50 -7.98 49.62 -28.95
CA LYS G 50 -7.25 49.20 -27.75
C LYS G 50 -6.69 47.79 -27.83
N ILE G 51 -5.98 47.39 -26.78
CA ILE G 51 -5.38 46.07 -26.72
C ILE G 51 -6.40 45.03 -26.19
N PHE G 52 -6.58 43.96 -26.97
CA PHE G 52 -7.52 42.91 -26.64
C PHE G 52 -6.83 41.78 -25.88
N ILE G 53 -7.11 41.67 -24.59
CA ILE G 53 -6.62 40.56 -23.78
C ILE G 53 -7.69 40.13 -22.80
N ASN G 54 -7.92 38.81 -22.69
CA ASN G 54 -8.97 38.26 -21.82
C ASN G 54 -10.35 38.87 -22.06
N ASN G 55 -10.68 39.12 -23.33
CA ASN G 55 -11.99 39.66 -23.75
C ASN G 55 -12.35 41.03 -23.11
N GLU G 56 -11.32 41.74 -22.65
CA GLU G 56 -11.46 43.10 -22.12
C GLU G 56 -10.63 44.03 -22.99
N TRP G 57 -10.90 45.33 -22.89
CA TRP G 57 -10.12 46.34 -23.61
C TRP G 57 -9.18 47.06 -22.67
N HIS G 58 -7.91 47.16 -23.07
CA HIS G 58 -6.86 47.63 -22.22
C HIS G 58 -6.09 48.74 -22.88
N GLU G 59 -5.61 49.68 -22.09
CA GLU G 59 -4.68 50.70 -22.56
C GLU G 59 -3.30 50.10 -22.47
N SER G 60 -2.38 50.63 -23.26
CA SER G 60 -0.99 50.18 -23.20
C SER G 60 -0.46 50.34 -21.77
N LYS G 61 0.47 49.48 -21.38
CA LYS G 61 1.18 49.64 -20.11
C LYS G 61 2.14 50.83 -20.18
N SER G 62 2.67 51.09 -21.38
CA SER G 62 3.50 52.26 -21.63
C SER G 62 2.65 53.53 -21.66
N GLY G 63 1.36 53.38 -21.92
CA GLY G 63 0.43 54.50 -22.02
C GLY G 63 0.48 55.09 -23.41
N LYS G 64 1.52 54.75 -24.16
CA LYS G 64 1.78 55.32 -25.48
C LYS G 64 0.70 54.95 -26.50
N LYS G 65 0.62 55.77 -27.54
CA LYS G 65 -0.30 55.55 -28.66
C LYS G 65 0.35 55.90 -30.00
N PHE G 66 -0.12 55.28 -31.08
CA PHE G 66 0.31 55.64 -32.45
C PHE G 66 -0.89 55.84 -33.38
N ALA G 67 -0.67 56.47 -34.53
CA ALA G 67 -1.77 56.90 -35.40
C ALA G 67 -1.77 56.29 -36.81
N THR G 68 -2.93 55.81 -37.25
CA THR G 68 -3.11 55.20 -38.59
C THR G 68 -3.83 56.13 -39.56
N CYS G 69 -3.28 56.25 -40.76
CA CYS G 69 -3.81 57.19 -41.75
C CYS G 69 -4.46 56.51 -42.93
N ASN G 70 -5.40 57.23 -43.54
CA ASN G 70 -6.06 56.81 -44.75
C ASN G 70 -5.21 57.25 -45.92
N PRO G 71 -4.64 56.29 -46.68
CA PRO G 71 -3.83 56.58 -47.87
C PRO G 71 -4.52 57.51 -48.87
N SER G 72 -5.85 57.35 -48.98
CA SER G 72 -6.66 58.13 -49.89
C SER G 72 -6.69 59.61 -49.47
N THR G 73 -7.05 59.86 -48.21
CA THR G 73 -7.18 61.23 -47.65
C THR G 73 -5.83 61.82 -47.20
N ARG G 74 -4.87 60.96 -46.83
CA ARG G 74 -3.60 61.36 -46.20
C ARG G 74 -3.70 61.95 -44.78
N GLU G 75 -4.94 62.15 -44.30
CA GLU G 75 -5.17 62.63 -42.94
C GLU G 75 -5.40 61.42 -42.04
N GLN G 76 -4.96 61.53 -40.78
CA GLN G 76 -5.02 60.40 -39.87
C GLN G 76 -6.48 60.00 -39.62
N ILE G 77 -6.69 58.74 -39.28
CA ILE G 77 -8.02 58.23 -38.94
C ILE G 77 -8.20 58.21 -37.43
N CYS G 78 -7.25 57.63 -36.71
CA CYS G 78 -7.38 57.51 -35.27
C CYS G 78 -6.09 57.11 -34.58
N GLU G 79 -6.10 57.26 -33.27
CA GLU G 79 -4.99 56.88 -32.41
C GLU G 79 -5.26 55.48 -31.88
N VAL G 80 -4.26 54.60 -31.98
CA VAL G 80 -4.37 53.20 -31.56
C VAL G 80 -3.37 53.00 -30.45
N GLU G 81 -3.64 52.02 -29.58
CA GLU G 81 -2.74 51.72 -28.47
C GLU G 81 -1.51 51.01 -29.01
N GLU G 82 -0.33 51.52 -28.66
CA GLU G 82 0.94 50.92 -29.07
C GLU G 82 1.39 49.88 -28.05
N GLY G 83 1.43 48.62 -28.48
CA GLY G 83 1.94 47.57 -27.62
C GLY G 83 3.45 47.59 -27.60
N ASP G 84 4.03 46.97 -26.57
CA ASP G 84 5.44 46.62 -26.53
C ASP G 84 5.56 45.25 -25.80
N LYS G 85 6.75 44.92 -25.30
CA LYS G 85 6.97 43.67 -24.55
C LYS G 85 6.01 43.42 -23.36
N PRO G 86 5.81 44.42 -22.47
CA PRO G 86 4.92 44.15 -21.31
C PRO G 86 3.49 43.74 -21.71
N ASP G 87 2.97 44.37 -22.75
CA ASP G 87 1.63 44.08 -23.30
C ASP G 87 1.50 42.69 -23.90
N VAL G 88 2.54 42.24 -24.59
CA VAL G 88 2.55 40.89 -25.12
C VAL G 88 2.57 39.86 -23.96
N ASP G 89 3.36 40.11 -22.93
CA ASP G 89 3.44 39.21 -21.76
C ASP G 89 2.06 38.89 -21.19
N LYS G 90 1.28 39.92 -20.87
CA LYS G 90 -0.06 39.75 -20.32
C LYS G 90 -0.94 38.92 -21.24
N ALA G 91 -0.84 39.22 -22.53
CA ALA G 91 -1.63 38.56 -23.58
C ALA G 91 -1.23 37.11 -23.78
N VAL G 92 0.05 36.80 -23.60
CA VAL G 92 0.52 35.41 -23.73
C VAL G 92 0.12 34.63 -22.49
N GLU G 93 0.13 35.28 -21.33
CA GLU G 93 -0.29 34.67 -20.05
C GLU G 93 -1.79 34.48 -19.99
N ALA G 94 -2.53 35.45 -20.56
CA ALA G 94 -3.93 35.26 -20.86
C ALA G 94 -4.10 33.99 -21.68
N ALA G 95 -3.39 33.91 -22.80
CA ALA G 95 -3.48 32.76 -23.70
C ALA G 95 -3.06 31.46 -23.05
N GLN G 96 -2.14 31.54 -22.09
CA GLN G 96 -1.63 30.33 -21.41
C GLN G 96 -2.61 29.67 -20.45
N VAL G 97 -3.37 30.51 -19.74
CA VAL G 97 -4.37 30.08 -18.76
C VAL G 97 -5.60 29.48 -19.46
N ALA G 98 -5.96 30.08 -20.61
CA ALA G 98 -7.10 29.65 -21.41
C ALA G 98 -6.85 28.32 -22.11
N PHE G 99 -5.59 28.00 -22.34
CA PHE G 99 -5.18 26.73 -22.96
C PHE G 99 -4.82 25.65 -21.94
N GLN G 100 -4.55 26.06 -20.70
CA GLN G 100 -4.20 25.13 -19.64
C GLN G 100 -5.38 24.19 -19.36
N ARG G 101 -5.06 22.94 -19.05
CA ARG G 101 -6.07 21.89 -19.02
C ARG G 101 -7.13 22.17 -17.96
N GLY G 102 -8.35 21.71 -18.24
CA GLY G 102 -9.49 21.95 -17.38
C GLY G 102 -10.19 23.27 -17.69
N SER G 103 -9.55 24.11 -18.52
CA SER G 103 -10.11 25.39 -18.88
C SER G 103 -11.36 25.15 -19.71
N PRO G 104 -12.35 26.06 -19.60
CA PRO G 104 -13.58 26.04 -20.41
C PRO G 104 -13.33 25.82 -21.92
N TRP G 105 -12.42 26.61 -22.48
CA TRP G 105 -12.00 26.44 -23.87
C TRP G 105 -11.56 25.00 -24.14
N ARG G 106 -10.71 24.47 -23.28
CA ARG G 106 -10.20 23.11 -23.42
C ARG G 106 -11.23 22.01 -23.17
N ARG G 107 -12.20 22.28 -22.30
CA ARG G 107 -13.22 21.28 -21.97
C ARG G 107 -14.35 21.19 -23.00
N LEU G 108 -14.42 22.16 -23.92
CA LEU G 108 -15.46 22.14 -24.95
C LEU G 108 -15.39 20.88 -25.80
N ASP G 109 -16.55 20.29 -26.09
CA ASP G 109 -16.62 19.20 -27.05
C ASP G 109 -16.17 19.73 -28.42
N ALA G 110 -16.04 18.83 -29.39
CA ALA G 110 -15.45 19.17 -30.69
C ALA G 110 -16.40 20.00 -31.54
N LEU G 111 -17.66 19.57 -31.59
CA LEU G 111 -18.65 20.24 -32.41
C LEU G 111 -18.92 21.69 -31.97
N SER G 112 -18.72 21.96 -30.68
CA SER G 112 -18.90 23.31 -30.13
C SER G 112 -17.77 24.24 -30.54
N ARG G 113 -16.60 23.69 -30.80
CA ARG G 113 -15.47 24.47 -31.34
C ARG G 113 -15.78 24.92 -32.77
N GLY G 114 -16.49 24.09 -33.51
CA GLY G 114 -17.03 24.47 -34.81
C GLY G 114 -18.11 25.53 -34.77
N ARG G 115 -18.97 25.46 -33.76
CA ARG G 115 -20.11 26.37 -33.64
C ARG G 115 -19.73 27.83 -33.38
N LEU G 116 -18.79 28.05 -32.46
CA LEU G 116 -18.23 29.37 -32.18
C LEU G 116 -17.69 30.05 -33.46
N LEU G 117 -16.77 29.38 -34.15
CA LEU G 117 -16.24 29.81 -35.46
C LEU G 117 -17.33 29.95 -36.53
N HIS G 118 -18.32 29.04 -36.51
CA HIS G 118 -19.46 29.17 -37.39
C HIS G 118 -20.18 30.49 -37.10
N GLN G 119 -20.40 30.74 -35.81
CA GLN G 119 -21.10 31.93 -35.39
C GLN G 119 -20.26 33.16 -35.66
N LEU G 120 -18.95 33.03 -35.50
CA LEU G 120 -18.01 34.12 -35.77
C LEU G 120 -18.15 34.62 -37.21
N ALA G 121 -18.18 33.69 -38.15
CA ALA G 121 -18.46 34.01 -39.55
C ALA G 121 -19.82 34.73 -39.72
N ASP G 122 -20.83 34.30 -38.95
CA ASP G 122 -22.15 34.97 -38.94
C ASP G 122 -22.03 36.43 -38.57
N LEU G 123 -21.29 36.71 -37.49
CA LEU G 123 -21.12 38.08 -37.01
C LEU G 123 -20.29 38.90 -38.02
N VAL G 124 -19.24 38.30 -38.55
CA VAL G 124 -18.50 38.91 -39.67
C VAL G 124 -19.43 39.13 -40.87
N GLU G 125 -20.36 38.19 -41.11
CA GLU G 125 -21.38 38.35 -42.14
C GLU G 125 -22.41 39.42 -41.75
N ARG G 126 -22.62 39.57 -40.44
CA ARG G 126 -23.49 40.63 -39.94
C ARG G 126 -22.85 41.99 -40.23
N ASP G 127 -21.67 42.21 -39.63
CA ASP G 127 -20.98 43.50 -39.67
C ASP G 127 -20.01 43.58 -40.84
N ARG G 128 -20.43 43.04 -41.99
CA ARG G 128 -19.61 42.93 -43.19
C ARG G 128 -19.21 44.27 -43.77
N ALA G 129 -20.20 45.10 -44.08
CA ALA G 129 -19.95 46.42 -44.64
C ALA G 129 -19.08 47.27 -43.70
N THR G 130 -19.27 47.11 -42.39
CA THR G 130 -18.47 47.86 -41.42
C THR G 130 -16.98 47.57 -41.65
N LEU G 131 -16.59 46.30 -41.47
CA LEU G 131 -15.20 45.87 -41.59
C LEU G 131 -14.63 46.28 -42.93
N ALA G 132 -15.40 46.03 -43.98
CA ALA G 132 -14.99 46.38 -45.33
C ALA G 132 -14.61 47.85 -45.38
N ALA G 133 -15.45 48.69 -44.78
CA ALA G 133 -15.15 50.13 -44.70
C ALA G 133 -13.79 50.34 -44.05
N LEU G 134 -13.63 49.80 -42.84
CA LEU G 134 -12.37 49.90 -42.10
C LEU G 134 -11.19 49.37 -42.91
N GLU G 135 -11.41 48.28 -43.66
CA GLU G 135 -10.37 47.71 -44.53
C GLU G 135 -10.02 48.71 -45.61
N THR G 136 -11.04 49.29 -46.25
CA THR G 136 -10.86 50.29 -47.31
C THR G 136 -10.28 51.61 -46.81
N MET G 137 -10.73 52.08 -45.64
CA MET G 137 -10.16 53.25 -44.98
C MET G 137 -8.68 53.08 -44.69
N ASP G 138 -8.33 51.90 -44.18
CA ASP G 138 -6.99 51.64 -43.68
C ASP G 138 -5.98 51.25 -44.77
N THR G 139 -6.48 50.72 -45.88
CA THR G 139 -5.62 50.23 -46.96
C THR G 139 -5.69 51.05 -48.26
N GLY G 140 -6.85 51.66 -48.51
CA GLY G 140 -7.09 52.34 -49.79
C GLY G 140 -7.71 51.41 -50.83
N LYS G 141 -8.08 50.22 -50.38
CA LYS G 141 -8.67 49.19 -51.23
C LYS G 141 -10.03 49.68 -51.67
N PRO G 142 -10.45 49.29 -52.88
CA PRO G 142 -11.85 49.55 -53.25
C PRO G 142 -12.86 48.83 -52.31
N PHE G 143 -13.77 49.59 -51.71
CA PHE G 143 -14.78 49.05 -50.80
C PHE G 143 -15.44 47.82 -51.38
N LEU G 144 -15.69 47.89 -52.68
CA LEU G 144 -16.29 46.79 -53.43
C LEU G 144 -15.40 45.53 -53.35
N HIS G 145 -14.12 45.71 -53.60
CA HIS G 145 -13.14 44.63 -53.54
C HIS G 145 -12.96 44.10 -52.11
N ALA G 146 -12.94 45.01 -51.14
CA ALA G 146 -12.85 44.63 -49.74
C ALA G 146 -14.07 43.88 -49.27
N PHE G 147 -15.23 44.24 -49.81
CA PHE G 147 -16.48 43.59 -49.45
C PHE G 147 -16.64 42.21 -50.06
N PHE G 148 -16.36 42.10 -51.36
CA PHE G 148 -16.59 40.86 -52.14
C PHE G 148 -15.37 39.95 -52.24
N ILE G 149 -14.20 40.48 -51.91
CA ILE G 149 -13.02 39.63 -51.86
C ILE G 149 -12.63 39.43 -50.39
N ASP G 150 -12.01 40.45 -49.78
CA ASP G 150 -11.35 40.28 -48.46
C ASP G 150 -12.25 39.58 -47.47
N LEU G 151 -13.41 40.16 -47.24
CA LEU G 151 -14.33 39.59 -46.28
C LEU G 151 -14.76 38.18 -46.67
N GLU G 152 -14.99 37.93 -47.96
CA GLU G 152 -15.49 36.62 -48.40
C GLU G 152 -14.47 35.50 -48.19
N GLY G 153 -13.22 35.77 -48.51
CA GLY G 153 -12.15 34.88 -48.11
C GLY G 153 -12.11 34.68 -46.60
N CYS G 154 -12.51 35.70 -45.84
CA CYS G 154 -12.56 35.58 -44.38
C CYS G 154 -13.68 34.66 -43.97
N ILE G 155 -14.86 34.90 -44.56
CA ILE G 155 -16.11 34.22 -44.18
C ILE G 155 -16.11 32.75 -44.55
N ARG G 156 -15.75 32.44 -45.80
CA ARG G 156 -15.70 31.07 -46.28
C ARG G 156 -14.62 30.27 -45.60
N THR G 157 -13.59 30.97 -45.12
CA THR G 157 -12.44 30.35 -44.43
C THR G 157 -12.79 30.01 -42.98
N LEU G 158 -13.47 30.92 -42.31
CA LEU G 158 -13.97 30.62 -40.99
C LEU G 158 -14.98 29.53 -41.07
N ARG G 159 -15.74 29.52 -42.16
CA ARG G 159 -16.74 28.45 -42.36
C ARG G 159 -16.10 27.14 -42.75
N TYR G 160 -15.05 27.18 -43.56
CA TYR G 160 -14.33 25.97 -43.94
C TYR G 160 -13.81 25.25 -42.73
N PHE G 161 -13.08 25.97 -41.89
CA PHE G 161 -12.35 25.39 -40.76
C PHE G 161 -13.22 25.12 -39.54
N ALA G 162 -14.39 25.74 -39.52
CA ALA G 162 -15.42 25.32 -38.60
C ALA G 162 -15.78 23.86 -38.89
N GLY G 163 -15.99 23.55 -40.17
CA GLY G 163 -16.29 22.19 -40.61
C GLY G 163 -15.24 21.16 -40.19
N TRP G 164 -13.96 21.55 -40.19
CA TRP G 164 -12.88 20.65 -39.78
C TRP G 164 -12.86 20.37 -38.28
N ALA G 165 -13.53 21.18 -37.49
CA ALA G 165 -13.33 21.17 -36.04
C ALA G 165 -13.44 19.79 -35.42
N ASP G 166 -14.47 19.04 -35.78
CA ASP G 166 -14.70 17.71 -35.23
C ASP G 166 -14.32 16.59 -36.21
N LYS G 167 -13.55 16.93 -37.23
CA LYS G 167 -12.97 15.94 -38.16
C LYS G 167 -11.45 15.92 -38.19
N ILE G 168 -10.80 16.48 -37.17
CA ILE G 168 -9.34 16.35 -37.05
C ILE G 168 -9.04 15.02 -36.39
N GLN G 169 -8.70 14.04 -37.22
CA GLN G 169 -8.60 12.65 -36.80
C GLN G 169 -7.14 12.21 -36.76
N GLY G 170 -6.82 11.36 -35.78
CA GLY G 170 -5.49 10.77 -35.67
C GLY G 170 -5.57 9.43 -36.34
N LYS G 171 -4.69 8.52 -35.95
CA LYS G 171 -4.60 7.23 -36.62
C LYS G 171 -4.46 6.09 -35.64
N THR G 172 -4.95 4.94 -36.05
CA THR G 172 -4.82 3.71 -35.30
C THR G 172 -3.87 2.85 -36.11
N ILE G 173 -2.70 2.55 -35.54
CA ILE G 173 -1.64 1.92 -36.28
C ILE G 173 -1.47 0.47 -35.87
N PRO G 174 -1.50 -0.46 -36.86
CA PRO G 174 -1.24 -1.83 -36.53
C PRO G 174 0.26 -2.04 -36.35
N THR G 175 0.59 -2.74 -35.28
CA THR G 175 1.96 -3.05 -34.91
C THR G 175 2.04 -4.55 -34.61
N ASP G 176 1.88 -4.92 -33.33
CA ASP G 176 2.06 -6.29 -32.85
C ASP G 176 0.71 -6.84 -32.39
N ASP G 177 0.68 -8.13 -32.14
CA ASP G 177 -0.54 -8.76 -31.66
C ASP G 177 -0.96 -8.21 -30.29
N ASN G 178 0.02 -8.00 -29.42
CA ASN G 178 -0.24 -7.67 -28.01
C ASN G 178 -0.33 -6.16 -27.70
N VAL G 179 -0.30 -5.32 -28.75
CA VAL G 179 -0.09 -3.88 -28.58
C VAL G 179 -1.19 -3.09 -29.28
N VAL G 180 -1.59 -1.98 -28.66
CA VAL G 180 -2.50 -1.00 -29.26
C VAL G 180 -1.79 0.32 -29.46
N CYS G 181 -1.48 0.64 -30.71
CA CYS G 181 -0.84 1.92 -31.04
C CYS G 181 -1.79 2.87 -31.76
N PHE G 182 -1.95 4.07 -31.21
CA PHE G 182 -2.67 5.13 -31.91
C PHE G 182 -1.95 6.47 -31.79
N THR G 183 -2.31 7.43 -32.63
CA THR G 183 -1.77 8.78 -32.54
C THR G 183 -2.92 9.73 -32.25
N ARG G 184 -2.62 10.80 -31.49
CA ARG G 184 -3.57 11.88 -31.20
C ARG G 184 -3.10 13.14 -31.89
N HIS G 185 -4.02 13.90 -32.48
CA HIS G 185 -3.69 15.19 -33.09
C HIS G 185 -4.11 16.28 -32.15
N GLU G 186 -3.13 16.76 -31.38
CA GLU G 186 -3.37 17.69 -30.30
C GLU G 186 -3.13 19.14 -30.70
N PRO G 187 -3.86 20.07 -30.07
CA PRO G 187 -3.50 21.49 -30.25
C PRO G 187 -2.10 21.76 -29.75
N ILE G 188 -1.42 22.71 -30.36
CA ILE G 188 -0.04 22.96 -30.01
C ILE G 188 0.00 23.77 -28.72
N GLY G 189 -0.83 24.80 -28.64
CA GLY G 189 -0.84 25.69 -27.49
C GLY G 189 -0.97 27.15 -27.89
N VAL G 190 -0.08 27.98 -27.36
CA VAL G 190 -0.10 29.42 -27.65
C VAL G 190 0.52 29.74 -29.02
N CYS G 191 -0.32 29.97 -30.00
CA CYS G 191 0.18 30.23 -31.33
C CYS G 191 0.21 31.74 -31.60
N GLY G 192 1.31 32.22 -32.19
CA GLY G 192 1.47 33.62 -32.60
C GLY G 192 1.10 33.82 -34.06
N ALA G 193 0.46 34.95 -34.37
CA ALA G 193 0.09 35.30 -35.75
C ALA G 193 0.51 36.72 -36.10
N ILE G 194 1.45 36.81 -37.04
CA ILE G 194 2.06 38.07 -37.47
C ILE G 194 1.84 38.24 -38.99
N THR G 195 1.15 39.33 -39.36
CA THR G 195 0.47 39.43 -40.65
C THR G 195 0.63 40.85 -41.22
N PRO G 196 0.75 41.01 -42.56
CA PRO G 196 1.13 42.31 -43.12
C PRO G 196 0.00 43.28 -43.44
N TRP G 197 0.35 44.42 -44.02
CA TRP G 197 -0.60 45.46 -44.37
C TRP G 197 -1.42 45.22 -45.64
N ASN G 198 -0.99 44.31 -46.50
CA ASN G 198 -1.66 44.15 -47.80
C ASN G 198 -3.09 43.60 -47.74
N PHE G 199 -3.33 42.54 -46.94
CA PHE G 199 -4.67 41.90 -46.75
C PHE G 199 -5.03 41.70 -45.27
N PRO G 200 -5.17 42.79 -44.49
CA PRO G 200 -5.12 42.76 -43.02
C PRO G 200 -6.00 41.69 -42.31
N LEU G 201 -7.31 41.72 -42.50
CA LEU G 201 -8.17 40.75 -41.83
C LEU G 201 -7.98 39.35 -42.39
N LEU G 202 -8.11 39.23 -43.71
CA LEU G 202 -8.05 37.93 -44.42
C LEU G 202 -6.82 37.14 -44.02
N MET G 203 -5.68 37.82 -44.10
CA MET G 203 -4.39 37.20 -43.87
C MET G 203 -4.24 36.82 -42.39
N LEU G 204 -5.00 37.50 -41.53
CA LEU G 204 -5.15 37.10 -40.15
C LEU G 204 -5.96 35.83 -40.02
N VAL G 205 -7.15 35.83 -40.61
CA VAL G 205 -8.09 34.70 -40.45
C VAL G 205 -7.64 33.40 -41.09
N TRP G 206 -6.80 33.48 -42.12
CA TRP G 206 -6.12 32.30 -42.66
C TRP G 206 -5.39 31.59 -41.54
N LYS G 207 -4.81 32.38 -40.65
CA LYS G 207 -4.15 31.85 -39.47
C LYS G 207 -5.16 31.54 -38.36
N LEU G 208 -6.07 32.46 -38.05
CA LEU G 208 -6.95 32.30 -36.89
C LEU G 208 -7.86 31.10 -36.95
N ALA G 209 -8.46 30.89 -38.11
CA ALA G 209 -9.48 29.84 -38.30
C ALA G 209 -9.03 28.39 -37.99
N PRO G 210 -7.96 27.89 -38.64
CA PRO G 210 -7.46 26.55 -38.32
C PRO G 210 -6.96 26.39 -36.89
N ALA G 211 -6.37 27.46 -36.36
CA ALA G 211 -5.80 27.42 -35.01
C ALA G 211 -6.85 27.13 -33.95
N LEU G 212 -8.02 27.75 -34.07
CA LEU G 212 -9.09 27.54 -33.09
C LEU G 212 -9.80 26.24 -33.37
N CYS G 213 -9.76 25.86 -34.65
CA CYS G 213 -10.32 24.61 -35.11
C CYS G 213 -9.68 23.39 -34.41
N CYS G 214 -8.37 23.42 -34.30
CA CYS G 214 -7.62 22.35 -33.66
C CYS G 214 -7.44 22.53 -32.13
N GLY G 215 -7.92 23.65 -31.56
CA GLY G 215 -7.95 23.84 -30.09
C GLY G 215 -6.87 24.69 -29.44
N ASN G 216 -6.16 25.45 -30.26
CA ASN G 216 -5.04 26.29 -29.83
C ASN G 216 -5.57 27.60 -29.19
N THR G 217 -4.68 28.41 -28.59
CA THR G 217 -4.97 29.80 -28.16
C THR G 217 -3.97 30.76 -28.81
N MET G 218 -4.39 32.00 -29.06
CA MET G 218 -3.63 32.89 -29.95
C MET G 218 -3.21 34.23 -29.38
N VAL G 219 -2.05 34.70 -29.84
CA VAL G 219 -1.65 36.08 -29.64
C VAL G 219 -1.46 36.68 -31.03
N LEU G 220 -2.46 37.43 -31.50
CA LEU G 220 -2.39 38.04 -32.83
C LEU G 220 -1.63 39.34 -32.80
N LYS G 221 -1.12 39.71 -33.96
CA LYS G 221 -0.45 40.99 -34.15
C LYS G 221 -0.59 41.46 -35.58
N PRO G 222 -1.48 42.43 -35.82
CA PRO G 222 -1.61 42.98 -37.16
C PRO G 222 -0.46 43.90 -37.52
N ALA G 223 -0.47 44.35 -38.76
CA ALA G 223 0.50 45.34 -39.22
C ALA G 223 0.24 46.68 -38.52
N GLU G 224 1.32 47.35 -38.11
CA GLU G 224 1.18 48.68 -37.52
C GLU G 224 0.43 49.62 -38.45
N GLN G 225 0.55 49.41 -39.76
CA GLN G 225 -0.12 50.24 -40.75
C GLN G 225 -1.63 49.96 -40.81
N THR G 226 -2.00 48.71 -40.52
CA THR G 226 -3.41 48.25 -40.65
C THR G 226 -3.93 47.46 -39.43
N PRO G 227 -3.96 48.12 -38.25
CA PRO G 227 -4.41 47.44 -37.06
C PRO G 227 -5.93 47.43 -36.92
N LEU G 228 -6.62 48.28 -37.69
CA LEU G 228 -7.99 48.64 -37.33
C LEU G 228 -8.94 47.47 -37.41
N THR G 229 -9.04 46.90 -38.60
CA THR G 229 -9.96 45.79 -38.80
C THR G 229 -9.57 44.62 -37.87
N ALA G 230 -8.27 44.40 -37.69
CA ALA G 230 -7.76 43.34 -36.80
C ALA G 230 -8.33 43.38 -35.39
N LEU G 231 -8.43 44.59 -34.86
CA LEU G 231 -8.97 44.80 -33.53
C LEU G 231 -10.46 44.48 -33.48
N TYR G 232 -11.19 44.99 -34.46
CA TYR G 232 -12.65 44.86 -34.51
C TYR G 232 -13.09 43.40 -34.38
N LEU G 233 -12.33 42.50 -34.98
CA LEU G 233 -12.68 41.08 -34.96
C LEU G 233 -12.77 40.51 -33.55
N GLY G 234 -11.99 41.07 -32.64
CA GLY G 234 -12.07 40.71 -31.23
C GLY G 234 -13.46 40.93 -30.66
N SER G 235 -14.04 42.09 -30.94
CA SER G 235 -15.39 42.44 -30.48
C SER G 235 -16.32 41.30 -30.83
N LEU G 236 -16.21 40.91 -32.10
CA LEU G 236 -16.98 39.81 -32.61
C LEU G 236 -16.59 38.55 -31.87
N ILE G 237 -15.29 38.31 -31.73
CA ILE G 237 -14.79 37.17 -30.98
C ILE G 237 -15.36 37.17 -29.55
N LYS G 238 -15.59 38.36 -29.01
CA LYS G 238 -16.22 38.47 -27.72
C LYS G 238 -17.69 38.06 -27.81
N GLU G 239 -18.40 38.70 -28.75
CA GLU G 239 -19.85 38.53 -28.90
C GLU G 239 -20.25 37.11 -29.25
N ALA G 240 -19.37 36.40 -29.95
CA ALA G 240 -19.61 35.02 -30.33
C ALA G 240 -19.54 34.08 -29.12
N GLY G 241 -18.81 34.49 -28.09
CA GLY G 241 -18.75 33.75 -26.82
C GLY G 241 -17.58 32.79 -26.67
N PHE G 242 -16.48 33.05 -27.36
CA PHE G 242 -15.25 32.29 -27.19
C PHE G 242 -14.76 32.62 -25.80
N PRO G 243 -14.33 31.62 -25.01
CA PRO G 243 -13.93 31.91 -23.62
C PRO G 243 -12.79 32.91 -23.54
N PRO G 244 -12.70 33.65 -22.42
CA PRO G 244 -11.66 34.67 -22.25
C PRO G 244 -10.24 34.16 -22.40
N GLY G 245 -9.45 34.83 -23.25
CA GLY G 245 -8.02 34.56 -23.43
C GLY G 245 -7.63 33.75 -24.67
N VAL G 246 -8.62 33.21 -25.37
CA VAL G 246 -8.37 32.29 -26.47
C VAL G 246 -7.86 33.05 -27.69
N VAL G 247 -8.37 34.26 -27.88
CA VAL G 247 -7.79 35.13 -28.88
C VAL G 247 -7.41 36.40 -28.15
N ASN G 248 -6.17 36.84 -28.37
CA ASN G 248 -5.67 38.13 -27.88
C ASN G 248 -4.97 38.86 -28.99
N ILE G 249 -5.12 40.18 -28.99
CA ILE G 249 -4.59 41.04 -30.06
C ILE G 249 -3.83 42.19 -29.44
N VAL G 250 -2.58 42.36 -29.86
CA VAL G 250 -1.73 43.45 -29.41
C VAL G 250 -1.18 44.19 -30.62
N PRO G 251 -1.81 45.33 -30.98
CA PRO G 251 -1.28 46.13 -32.09
C PRO G 251 -0.03 46.91 -31.70
N GLY G 252 0.66 47.41 -32.71
CA GLY G 252 1.97 48.02 -32.53
C GLY G 252 2.98 47.67 -33.60
N PHE G 253 4.25 47.82 -33.24
CA PHE G 253 5.33 47.79 -34.22
C PHE G 253 6.05 46.46 -34.25
N GLY G 254 6.77 46.23 -35.35
CA GLY G 254 7.36 44.94 -35.63
C GLY G 254 8.56 44.65 -34.76
N PRO G 255 9.55 45.55 -34.77
CA PRO G 255 10.79 45.40 -33.99
C PRO G 255 10.66 45.45 -32.47
N THR G 256 9.55 45.99 -32.00
CA THR G 256 9.20 45.92 -30.60
C THR G 256 8.35 44.67 -30.35
N VAL G 257 7.06 44.74 -30.71
CA VAL G 257 6.05 43.73 -30.36
C VAL G 257 6.20 42.43 -31.13
N GLY G 258 6.63 42.50 -32.38
CA GLY G 258 6.92 41.28 -33.13
C GLY G 258 8.06 40.48 -32.55
N ALA G 259 9.20 41.14 -32.35
CA ALA G 259 10.36 40.52 -31.72
C ALA G 259 10.03 40.00 -30.33
N ALA G 260 9.08 40.65 -29.66
CA ALA G 260 8.58 40.17 -28.38
C ALA G 260 7.89 38.83 -28.57
N ILE G 261 7.06 38.76 -29.61
CA ILE G 261 6.32 37.54 -29.98
C ILE G 261 7.25 36.42 -30.41
N SER G 262 8.10 36.70 -31.39
CA SER G 262 9.05 35.73 -31.88
C SER G 262 10.02 35.20 -30.82
N SER G 263 10.32 36.01 -29.80
CA SER G 263 11.34 35.65 -28.80
C SER G 263 10.77 35.11 -27.50
N HIS G 264 9.44 35.08 -27.41
CA HIS G 264 8.79 34.78 -26.15
C HIS G 264 8.94 33.33 -25.75
N PRO G 265 9.28 33.08 -24.47
CA PRO G 265 9.52 31.69 -24.03
C PRO G 265 8.27 30.82 -24.02
N GLN G 266 7.11 31.45 -23.84
CA GLN G 266 5.81 30.78 -23.70
C GLN G 266 4.91 30.81 -24.93
N ILE G 267 5.49 31.03 -26.12
CA ILE G 267 4.76 30.90 -27.37
C ILE G 267 5.22 29.65 -28.10
N ASN G 268 4.27 28.76 -28.37
CA ASN G 268 4.53 27.43 -28.92
C ASN G 268 4.67 27.41 -30.44
N LYS G 269 3.83 28.16 -31.14
CA LYS G 269 3.82 28.15 -32.60
C LYS G 269 3.64 29.56 -33.18
N ILE G 270 4.31 29.83 -34.31
CA ILE G 270 4.16 31.11 -35.00
C ILE G 270 3.95 30.95 -36.50
N ALA G 271 2.98 31.69 -37.03
CA ALA G 271 2.75 31.80 -38.45
C ALA G 271 2.92 33.27 -38.85
N PHE G 272 3.51 33.51 -40.01
CA PHE G 272 3.85 34.87 -40.42
C PHE G 272 3.63 35.04 -41.91
N THR G 273 2.90 36.09 -42.29
CA THR G 273 2.82 36.55 -43.67
C THR G 273 3.58 37.88 -43.81
N GLY G 274 4.37 38.06 -44.86
CA GLY G 274 5.14 39.29 -45.02
C GLY G 274 6.44 39.19 -45.79
N SER G 275 7.41 40.02 -45.42
CA SER G 275 8.67 40.10 -46.17
C SER G 275 9.70 38.99 -45.80
N THR G 276 10.54 38.66 -46.79
CA THR G 276 11.61 37.68 -46.66
C THR G 276 12.63 38.10 -45.60
N GLU G 277 13.01 39.37 -45.61
CA GLU G 277 14.00 39.88 -44.64
C GLU G 277 13.52 39.67 -43.22
N VAL G 278 12.38 40.25 -42.89
CA VAL G 278 11.74 40.05 -41.59
C VAL G 278 11.29 38.58 -41.36
N GLY G 279 10.93 37.89 -42.44
CA GLY G 279 10.50 36.49 -42.37
C GLY G 279 11.58 35.66 -41.73
N LYS G 280 12.78 35.74 -42.32
CA LYS G 280 13.95 35.04 -41.79
C LYS G 280 14.11 35.33 -40.32
N LEU G 281 13.95 36.60 -39.95
CA LEU G 281 14.13 37.08 -38.56
C LEU G 281 13.23 36.41 -37.53
N VAL G 282 11.98 36.16 -37.89
CA VAL G 282 11.09 35.44 -36.96
C VAL G 282 11.58 34.00 -36.76
N LYS G 283 12.07 33.37 -37.82
CA LYS G 283 12.59 32.00 -37.72
C LYS G 283 13.85 31.88 -36.86
N GLU G 284 14.63 32.95 -36.78
CA GLU G 284 15.85 32.97 -35.98
C GLU G 284 15.57 33.20 -34.50
N ALA G 285 14.77 34.20 -34.20
CA ALA G 285 14.35 34.42 -32.81
C ALA G 285 13.66 33.19 -32.24
N ALA G 286 12.97 32.43 -33.10
CA ALA G 286 12.33 31.21 -32.68
C ALA G 286 13.37 30.22 -32.21
N SER G 287 14.39 30.00 -33.03
CA SER G 287 15.42 29.02 -32.71
C SER G 287 16.23 29.45 -31.48
N ARG G 288 16.47 30.75 -31.37
CA ARG G 288 17.22 31.32 -30.26
C ARG G 288 16.42 31.20 -28.95
N SER G 289 15.10 31.21 -29.05
CA SER G 289 14.22 31.13 -27.91
C SER G 289 13.99 29.65 -27.53
N ASN G 290 12.73 29.23 -27.58
CA ASN G 290 12.28 27.89 -27.19
C ASN G 290 12.06 26.92 -28.36
N LEU G 291 12.84 27.07 -29.43
CA LEU G 291 12.67 26.24 -30.63
C LEU G 291 11.23 26.17 -31.11
N LYS G 292 10.65 27.33 -31.30
CA LYS G 292 9.25 27.45 -31.66
C LYS G 292 9.02 26.90 -33.05
N ARG G 293 7.77 26.60 -33.30
CA ARG G 293 7.36 26.08 -34.56
C ARG G 293 6.99 27.27 -35.41
N VAL G 294 7.44 27.28 -36.66
CA VAL G 294 7.32 28.46 -37.49
C VAL G 294 6.78 28.10 -38.87
N THR G 295 5.76 28.85 -39.29
CA THR G 295 5.28 28.80 -40.65
C THR G 295 5.36 30.21 -41.22
N LEU G 296 5.91 30.33 -42.42
CA LEU G 296 5.99 31.61 -43.06
C LEU G 296 5.25 31.62 -44.40
N GLU G 297 4.76 32.80 -44.78
CA GLU G 297 4.40 33.09 -46.16
C GLU G 297 4.99 34.41 -46.57
N LEU G 298 5.81 34.33 -47.60
CA LEU G 298 6.62 35.44 -48.02
C LEU G 298 6.19 35.83 -49.43
N GLY G 299 6.96 36.71 -50.05
CA GLY G 299 6.66 37.11 -51.41
C GLY G 299 7.16 36.09 -52.41
N GLY G 300 7.15 36.51 -53.67
CA GLY G 300 7.68 35.73 -54.76
C GLY G 300 7.77 36.59 -56.01
N LYS G 301 8.59 36.13 -56.94
CA LYS G 301 8.60 36.67 -58.28
C LYS G 301 7.80 35.66 -59.12
N ASN G 302 6.48 35.80 -59.12
CA ASN G 302 5.59 34.77 -59.68
C ASN G 302 5.31 34.88 -61.18
N PRO G 303 5.82 33.92 -61.99
CA PRO G 303 5.64 34.07 -63.41
C PRO G 303 4.24 33.73 -63.88
N CYS G 304 3.92 34.29 -65.03
CA CYS G 304 2.73 34.00 -65.79
C CYS G 304 3.18 33.61 -67.20
N ILE G 305 2.91 32.37 -67.61
CA ILE G 305 3.35 31.86 -68.92
C ILE G 305 2.15 31.84 -69.87
N VAL G 306 2.32 32.45 -71.05
CA VAL G 306 1.29 32.44 -72.10
C VAL G 306 1.83 31.78 -73.37
N CYS G 307 1.12 30.76 -73.85
CA CYS G 307 1.51 30.06 -75.06
C CYS G 307 0.64 30.46 -76.26
N ALA G 308 1.18 30.26 -77.46
CA ALA G 308 0.51 30.65 -78.71
C ALA G 308 -0.76 29.85 -79.00
N ASP G 309 -0.83 28.64 -78.47
CA ASP G 309 -2.07 27.80 -78.51
C ASP G 309 -3.16 28.18 -77.47
N ALA G 310 -2.95 29.30 -76.77
CA ALA G 310 -3.85 29.77 -75.71
C ALA G 310 -5.06 30.50 -76.24
N ASP G 311 -6.04 30.69 -75.36
CA ASP G 311 -7.16 31.61 -75.57
C ASP G 311 -6.63 33.00 -75.22
N LEU G 312 -6.21 33.76 -76.23
CA LEU G 312 -5.39 34.95 -76.02
C LEU G 312 -6.13 36.04 -75.21
N ASP G 313 -7.41 36.27 -75.50
CA ASP G 313 -8.18 37.27 -74.74
C ASP G 313 -8.19 36.93 -73.24
N LEU G 314 -8.54 35.70 -72.91
CA LEU G 314 -8.50 35.21 -71.53
C LEU G 314 -7.10 35.33 -70.90
N ALA G 315 -6.06 34.97 -71.65
CA ALA G 315 -4.69 35.12 -71.15
C ALA G 315 -4.37 36.60 -70.78
N VAL G 316 -4.94 37.54 -71.55
CA VAL G 316 -4.71 38.97 -71.33
C VAL G 316 -5.53 39.50 -70.14
N GLU G 317 -6.79 39.07 -70.05
CA GLU G 317 -7.68 39.49 -68.97
C GLU G 317 -7.25 38.97 -67.61
N CYS G 318 -6.62 37.81 -67.60
CA CYS G 318 -6.05 37.27 -66.39
C CYS G 318 -4.74 37.97 -66.12
N ALA G 319 -3.79 37.85 -67.05
CA ALA G 319 -2.44 38.39 -66.83
C ALA G 319 -2.47 39.83 -66.33
N HIS G 320 -3.48 40.58 -66.78
CA HIS G 320 -3.72 41.95 -66.36
C HIS G 320 -3.99 42.02 -64.86
N GLN G 321 -5.01 41.32 -64.39
CA GLN G 321 -5.37 41.38 -62.97
C GLN G 321 -4.32 40.70 -62.08
N GLY G 322 -3.66 39.68 -62.62
CA GLY G 322 -2.57 39.01 -61.92
C GLY G 322 -1.55 40.01 -61.42
N VAL G 323 -1.02 40.81 -62.34
CA VAL G 323 -0.07 41.88 -62.01
C VAL G 323 -0.64 43.06 -61.19
N PHE G 324 -1.85 43.52 -61.52
CA PHE G 324 -2.39 44.79 -61.02
C PHE G 324 -3.42 44.64 -59.88
N PHE G 325 -3.81 43.41 -59.52
CA PHE G 325 -4.86 43.21 -58.49
C PHE G 325 -4.39 43.65 -57.13
N ASN G 326 -5.19 44.49 -56.50
CA ASN G 326 -4.86 45.11 -55.22
C ASN G 326 -3.69 46.07 -55.39
N GLN G 327 -3.76 46.94 -56.39
CA GLN G 327 -2.72 47.95 -56.60
C GLN G 327 -1.33 47.33 -56.85
N GLY G 328 -1.29 46.08 -57.29
CA GLY G 328 -0.03 45.33 -57.45
C GLY G 328 0.66 44.96 -56.14
N GLN G 329 -0.12 44.99 -55.05
CA GLN G 329 0.38 44.79 -53.70
C GLN G 329 -0.15 43.47 -53.18
N CYS G 330 0.13 42.40 -53.92
CA CYS G 330 -0.35 41.08 -53.57
C CYS G 330 0.83 40.12 -53.50
N CYS G 331 0.83 39.24 -52.51
CA CYS G 331 1.86 38.21 -52.41
C CYS G 331 1.84 37.37 -53.68
N THR G 332 0.63 37.13 -54.20
CA THR G 332 0.42 36.31 -55.42
C THR G 332 0.49 37.07 -56.74
N ALA G 333 0.95 38.33 -56.68
CA ALA G 333 1.01 39.21 -57.84
C ALA G 333 1.97 38.69 -58.92
N ALA G 334 1.63 38.96 -60.18
CA ALA G 334 2.37 38.44 -61.30
C ALA G 334 3.58 39.33 -61.62
N SER G 335 4.78 38.77 -61.49
CA SER G 335 6.03 39.38 -61.99
C SER G 335 6.68 38.39 -62.95
N ARG G 336 7.29 38.90 -64.02
CA ARG G 336 7.87 38.04 -65.06
C ARG G 336 6.77 37.32 -65.83
N VAL G 337 6.06 38.05 -66.68
CA VAL G 337 5.07 37.47 -67.60
C VAL G 337 5.72 36.99 -68.89
N PHE G 338 5.65 35.67 -69.16
CA PHE G 338 6.29 35.07 -70.32
C PHE G 338 5.29 34.80 -71.43
N VAL G 339 5.64 35.20 -72.64
CA VAL G 339 4.75 35.03 -73.78
C VAL G 339 5.49 34.37 -74.96
N GLU G 340 4.83 33.46 -75.65
CA GLU G 340 5.44 32.78 -76.77
C GLU G 340 5.62 33.78 -77.92
N GLU G 341 6.85 33.88 -78.43
CA GLU G 341 7.20 34.84 -79.49
C GLU G 341 6.05 35.20 -80.40
N GLN G 342 5.29 34.18 -80.77
CA GLN G 342 4.25 34.32 -81.77
C GLN G 342 3.16 35.32 -81.37
N VAL G 343 2.57 35.15 -80.20
CA VAL G 343 1.45 36.03 -79.80
C VAL G 343 1.91 37.26 -79.02
N TYR G 344 3.22 37.43 -78.89
CA TYR G 344 3.81 38.53 -78.11
C TYR G 344 3.29 39.90 -78.51
N SER G 345 3.33 40.17 -79.81
CA SER G 345 2.94 41.47 -80.36
C SER G 345 1.48 41.82 -80.11
N GLU G 346 0.57 40.90 -80.39
CA GLU G 346 -0.83 41.14 -80.09
C GLU G 346 -1.05 41.19 -78.59
N PHE G 347 -0.32 40.37 -77.85
CA PHE G 347 -0.53 40.26 -76.40
C PHE G 347 -0.26 41.60 -75.72
N VAL G 348 0.82 42.25 -76.12
CA VAL G 348 1.24 43.55 -75.59
C VAL G 348 0.16 44.61 -75.90
N ARG G 349 -0.12 44.81 -77.19
CA ARG G 349 -1.08 45.83 -77.66
C ARG G 349 -2.43 45.81 -76.95
N ARG G 350 -2.97 44.62 -76.73
CA ARG G 350 -4.25 44.46 -76.01
C ARG G 350 -4.05 44.73 -74.53
N SER G 351 -3.03 44.11 -73.94
CA SER G 351 -2.73 44.28 -72.51
C SER G 351 -2.39 45.75 -72.19
N VAL G 352 -1.83 46.46 -73.17
CA VAL G 352 -1.64 47.91 -73.06
C VAL G 352 -3.01 48.57 -72.94
N GLU G 353 -3.90 48.24 -73.88
CA GLU G 353 -5.26 48.77 -73.86
C GLU G 353 -5.99 48.45 -72.56
N TYR G 354 -5.86 47.22 -72.04
CA TYR G 354 -6.47 46.83 -70.75
C TYR G 354 -5.89 47.63 -69.58
N ALA G 355 -4.58 47.84 -69.61
CA ALA G 355 -3.90 48.67 -68.62
C ALA G 355 -4.53 50.07 -68.55
N LYS G 356 -4.62 50.72 -69.72
CA LYS G 356 -5.28 52.02 -69.86
C LYS G 356 -6.79 51.95 -69.62
N LYS G 357 -7.47 50.86 -70.03
CA LYS G 357 -8.90 50.68 -69.75
C LYS G 357 -9.21 50.96 -68.26
N ARG G 358 -8.35 50.47 -67.37
CA ARG G 358 -8.61 50.48 -65.92
C ARG G 358 -8.93 51.86 -65.35
N PRO G 359 -10.10 52.00 -64.68
CA PRO G 359 -10.45 53.25 -63.99
C PRO G 359 -9.72 53.45 -62.65
N VAL G 360 -9.33 54.69 -62.38
CA VAL G 360 -8.67 55.08 -61.12
C VAL G 360 -9.39 56.27 -60.48
N GLY G 361 -9.56 56.22 -59.15
CA GLY G 361 -10.26 57.27 -58.40
C GLY G 361 -10.41 57.00 -56.90
N ASP G 362 -11.44 57.59 -56.31
CA ASP G 362 -11.77 57.39 -54.90
C ASP G 362 -12.19 55.94 -54.71
N PRO G 363 -11.59 55.25 -53.72
CA PRO G 363 -11.94 53.85 -53.44
C PRO G 363 -13.44 53.55 -53.26
N PHE G 364 -14.23 54.49 -52.73
CA PHE G 364 -15.61 54.20 -52.26
C PHE G 364 -16.77 54.20 -53.27
N ASP G 365 -16.63 54.88 -54.41
CA ASP G 365 -17.69 54.83 -55.43
C ASP G 365 -17.56 53.52 -56.23
N VAL G 366 -18.70 52.92 -56.56
CA VAL G 366 -18.75 51.55 -57.10
C VAL G 366 -17.77 51.23 -58.25
N LYS G 367 -17.41 52.26 -59.02
CA LYS G 367 -16.71 52.11 -60.30
C LYS G 367 -15.17 52.01 -60.20
N THR G 368 -14.61 52.34 -59.03
CA THR G 368 -13.15 52.35 -58.84
C THR G 368 -12.56 50.93 -58.77
N GLU G 369 -11.58 50.65 -59.63
CA GLU G 369 -10.90 49.34 -59.63
C GLU G 369 -9.49 49.34 -58.99
N GLN G 370 -8.76 50.45 -59.10
CA GLN G 370 -7.46 50.59 -58.43
C GLN G 370 -7.44 51.80 -57.47
N GLY G 371 -6.68 51.66 -56.38
CA GLY G 371 -6.53 52.71 -55.37
C GLY G 371 -5.07 53.11 -55.14
N PRO G 372 -4.79 53.78 -54.01
CA PRO G 372 -3.44 54.31 -53.76
C PRO G 372 -2.48 53.29 -53.18
N GLN G 373 -1.20 53.59 -53.33
CA GLN G 373 -0.13 52.81 -52.70
C GLN G 373 -0.14 53.15 -51.22
N ILE G 374 -0.14 52.12 -50.38
CA ILE G 374 -0.06 52.29 -48.92
C ILE G 374 1.27 52.92 -48.51
N ASP G 375 1.19 54.11 -47.89
CA ASP G 375 2.38 54.81 -47.41
C ASP G 375 3.14 55.47 -48.58
N GLN G 376 3.77 56.60 -48.29
CA GLN G 376 4.68 57.29 -49.23
C GLN G 376 5.97 56.48 -49.44
N LYS G 377 6.38 55.75 -48.40
CA LYS G 377 7.52 54.84 -48.48
C LYS G 377 7.44 53.96 -49.73
N GLN G 378 6.30 53.29 -49.89
CA GLN G 378 6.08 52.38 -51.03
C GLN G 378 6.23 53.11 -52.39
N PHE G 379 5.70 54.33 -52.45
CA PHE G 379 5.76 55.18 -53.65
C PHE G 379 7.12 55.16 -54.35
N ASP G 380 8.19 55.33 -53.56
CA ASP G 380 9.54 55.53 -54.10
C ASP G 380 10.03 54.34 -54.91
N LYS G 381 10.07 53.18 -54.26
CA LYS G 381 10.65 51.97 -54.82
C LYS G 381 10.19 51.74 -56.25
N ILE G 382 8.87 51.74 -56.41
CA ILE G 382 8.24 51.46 -57.68
C ILE G 382 8.83 52.35 -58.75
N LEU G 383 8.84 53.65 -58.48
CA LEU G 383 9.31 54.62 -59.47
C LEU G 383 10.79 54.45 -59.77
N GLU G 384 11.61 54.09 -58.78
CA GLU G 384 12.99 53.69 -59.07
C GLU G 384 12.96 52.55 -60.09
N LEU G 385 12.04 51.60 -59.87
CA LEU G 385 11.90 50.44 -60.74
C LEU G 385 11.30 50.77 -62.11
N ILE G 386 10.36 51.70 -62.17
CA ILE G 386 9.83 52.17 -63.46
C ILE G 386 10.92 52.91 -64.23
N GLU G 387 11.71 53.70 -63.51
CA GLU G 387 12.91 54.33 -64.07
C GLU G 387 13.96 53.27 -64.39
N SER G 388 14.05 52.23 -63.55
CA SER G 388 14.87 51.05 -63.88
C SER G 388 14.43 50.49 -65.22
N GLY G 389 13.12 50.46 -65.43
CA GLY G 389 12.50 49.98 -66.66
C GLY G 389 12.70 50.86 -67.90
N LYS G 390 12.75 52.18 -67.72
CA LYS G 390 13.15 53.09 -68.81
C LYS G 390 14.64 52.96 -69.10
N LYS G 391 15.43 52.81 -68.03
CA LYS G 391 16.89 52.72 -68.09
C LYS G 391 17.45 51.41 -68.66
N GLU G 392 16.81 50.28 -68.33
CA GLU G 392 17.33 48.98 -68.71
C GLU G 392 17.01 48.58 -70.16
N GLY G 393 16.20 49.39 -70.84
CA GLY G 393 15.94 49.24 -72.28
C GLY G 393 14.60 48.63 -72.64
N ALA G 394 13.63 48.79 -71.75
CA ALA G 394 12.31 48.17 -71.92
C ALA G 394 11.29 49.21 -72.40
N LYS G 395 10.50 48.87 -73.42
CA LYS G 395 9.59 49.84 -74.04
C LYS G 395 8.36 50.10 -73.15
N LEU G 396 8.16 51.35 -72.75
CA LEU G 396 7.01 51.72 -71.94
C LEU G 396 5.78 51.90 -72.80
N GLU G 397 4.73 51.15 -72.51
CA GLU G 397 3.52 51.16 -73.31
C GLU G 397 2.34 51.90 -72.67
N CYS G 398 2.42 52.21 -71.38
CA CYS G 398 1.44 53.10 -70.72
C CYS G 398 2.01 53.72 -69.44
N GLY G 399 1.26 54.66 -68.86
CA GLY G 399 1.69 55.39 -67.67
C GLY G 399 2.68 54.68 -66.77
N PHE G 409 -1.55 57.09 -55.94
CA PHE G 409 -1.94 56.71 -57.31
C PHE G 409 -0.73 56.66 -58.26
N ILE G 410 -0.38 55.45 -58.70
CA ILE G 410 0.66 55.24 -59.73
C ILE G 410 0.02 54.60 -60.96
N LYS G 411 0.14 55.27 -62.10
CA LYS G 411 -0.58 54.87 -63.31
C LYS G 411 -0.34 53.39 -63.64
N PRO G 412 -1.41 52.66 -64.03
CA PRO G 412 -1.19 51.32 -64.58
C PRO G 412 -0.11 51.37 -65.66
N THR G 413 0.87 50.50 -65.55
CA THR G 413 2.07 50.60 -66.35
C THR G 413 2.43 49.23 -66.93
N VAL G 414 2.67 49.19 -68.24
CA VAL G 414 3.00 47.95 -68.94
C VAL G 414 4.29 48.13 -69.74
N PHE G 415 5.18 47.15 -69.64
CA PHE G 415 6.48 47.21 -70.29
C PHE G 415 6.62 46.08 -71.28
N SER G 416 7.58 46.22 -72.16
CA SER G 416 7.87 45.20 -73.15
C SER G 416 9.38 45.12 -73.38
N GLU G 417 9.82 44.07 -74.05
CA GLU G 417 11.24 43.75 -74.23
C GLU G 417 11.96 43.56 -72.89
N VAL G 418 11.26 42.96 -71.92
CA VAL G 418 11.87 42.63 -70.64
C VAL G 418 12.64 41.33 -70.79
N THR G 419 13.76 41.21 -70.09
CA THR G 419 14.64 40.03 -70.19
C THR G 419 15.04 39.48 -68.80
N ASP G 420 15.50 38.23 -68.78
CA ASP G 420 15.71 37.48 -67.54
C ASP G 420 16.41 38.29 -66.48
N ILE G 429 8.51 44.10 -57.12
CA ILE G 429 8.05 45.48 -57.23
C ILE G 429 6.91 45.80 -56.27
N PHE G 430 5.94 44.88 -56.13
CA PHE G 430 4.74 45.07 -55.28
C PHE G 430 3.97 46.36 -55.63
N GLY G 431 3.72 46.57 -56.92
CA GLY G 431 2.97 47.75 -57.36
C GLY G 431 2.55 47.62 -58.81
N PRO G 432 1.70 48.54 -59.30
CA PRO G 432 1.07 48.34 -60.60
C PRO G 432 2.01 48.48 -61.82
N VAL G 433 2.71 47.40 -62.15
CA VAL G 433 3.52 47.29 -63.39
C VAL G 433 3.46 45.87 -63.98
N GLN G 434 3.27 45.79 -65.29
CA GLN G 434 3.15 44.52 -65.99
C GLN G 434 4.34 44.32 -66.94
N PRO G 435 5.46 43.76 -66.45
CA PRO G 435 6.65 43.47 -67.30
C PRO G 435 6.54 42.26 -68.24
N ILE G 436 6.51 42.50 -69.54
CA ILE G 436 6.28 41.42 -70.49
C ILE G 436 7.59 40.91 -71.10
N LEU G 437 7.77 39.60 -71.00
CA LEU G 437 8.88 38.88 -71.58
C LEU G 437 8.38 37.96 -72.69
N LYS G 438 9.32 37.35 -73.40
CA LYS G 438 9.06 36.53 -74.56
C LYS G 438 9.90 35.26 -74.48
N PHE G 439 9.41 34.19 -75.10
CA PHE G 439 10.12 32.91 -75.11
C PHE G 439 9.74 32.11 -76.34
N LYS G 440 10.62 31.18 -76.73
CA LYS G 440 10.27 30.24 -77.77
C LYS G 440 9.94 28.86 -77.18
N SER G 441 10.90 28.20 -76.53
CA SER G 441 10.71 26.81 -76.14
C SER G 441 10.02 26.66 -74.79
N ILE G 442 9.21 25.62 -74.66
CA ILE G 442 8.66 25.16 -73.37
C ILE G 442 9.79 24.83 -72.37
N GLU G 443 10.89 24.31 -72.87
CA GLU G 443 12.04 23.99 -72.02
C GLU G 443 12.70 25.24 -71.47
N GLU G 444 12.82 26.27 -72.32
CA GLU G 444 13.36 27.57 -71.92
C GLU G 444 12.57 28.23 -70.79
N VAL G 445 11.27 28.36 -70.99
CA VAL G 445 10.42 29.04 -70.03
C VAL G 445 10.37 28.31 -68.67
N ILE G 446 10.53 26.98 -68.67
CA ILE G 446 10.53 26.24 -67.40
C ILE G 446 11.74 26.62 -66.56
N LYS G 447 12.91 26.62 -67.21
CA LYS G 447 14.15 26.99 -66.54
C LYS G 447 14.16 28.47 -66.13
N ARG G 448 13.74 29.33 -67.03
CA ARG G 448 13.69 30.76 -66.74
C ARG G 448 12.66 31.09 -65.66
N ALA G 449 11.52 30.40 -65.67
CA ALA G 449 10.49 30.57 -64.62
C ALA G 449 11.01 30.19 -63.23
N ASN G 450 11.75 29.11 -63.17
CA ASN G 450 12.28 28.59 -61.91
C ASN G 450 13.65 29.15 -61.50
N SER G 451 14.17 30.11 -62.26
CA SER G 451 15.54 30.66 -62.04
C SER G 451 15.72 31.41 -60.74
N THR G 452 14.62 31.68 -60.05
CA THR G 452 14.60 32.38 -58.77
C THR G 452 14.94 31.47 -57.59
N ASP G 453 14.88 32.04 -56.39
CA ASP G 453 14.94 31.28 -55.13
C ASP G 453 13.54 31.19 -54.49
N TYR G 454 12.52 31.57 -55.26
CA TYR G 454 11.11 31.61 -54.83
C TYR G 454 10.28 30.58 -55.58
N GLY G 455 9.13 30.24 -55.01
CA GLY G 455 8.17 29.35 -55.65
C GLY G 455 6.78 29.43 -55.04
N LEU G 456 6.22 30.61 -54.96
CA LEU G 456 4.90 30.78 -54.35
C LEU G 456 3.81 30.39 -55.33
N THR G 457 3.80 31.04 -56.48
CA THR G 457 2.70 30.95 -57.44
C THR G 457 3.21 30.90 -58.91
N ALA G 458 2.45 30.19 -59.73
CA ALA G 458 2.66 30.24 -61.16
C ALA G 458 1.34 30.09 -61.92
N ALA G 459 1.39 30.40 -63.20
CA ALA G 459 0.21 30.27 -64.04
C ALA G 459 0.63 29.94 -65.45
N VAL G 460 -0.20 29.13 -66.08
CA VAL G 460 0.01 28.67 -67.44
C VAL G 460 -1.31 28.90 -68.15
N PHE G 461 -1.21 29.41 -69.38
CA PHE G 461 -2.39 29.61 -70.24
C PHE G 461 -2.23 28.84 -71.53
N THR G 462 -3.04 27.80 -71.67
CA THR G 462 -3.06 26.98 -72.88
C THR G 462 -4.28 26.10 -72.94
N LYS G 463 -4.67 25.78 -74.18
CA LYS G 463 -5.78 24.89 -74.46
C LYS G 463 -5.31 23.44 -74.64
N ASN G 464 -4.00 23.24 -74.66
CA ASN G 464 -3.43 21.94 -74.92
C ASN G 464 -3.30 21.09 -73.68
N LEU G 465 -3.81 19.86 -73.75
CA LEU G 465 -3.77 18.95 -72.60
C LEU G 465 -2.35 18.65 -72.15
N ASP G 466 -1.52 18.20 -73.08
CA ASP G 466 -0.19 17.66 -72.75
C ASP G 466 0.77 18.70 -72.15
N LYS G 467 0.91 19.86 -72.79
CA LYS G 467 1.86 20.85 -72.28
C LYS G 467 1.36 21.53 -70.99
N ALA G 468 0.05 21.57 -70.78
CA ALA G 468 -0.51 22.18 -69.56
C ALA G 468 -0.10 21.39 -68.31
N LEU G 469 -0.39 20.10 -68.34
CA LEU G 469 0.04 19.24 -67.27
C LEU G 469 1.56 19.07 -67.20
N LYS G 470 2.24 19.13 -68.34
CA LYS G 470 3.69 18.96 -68.35
C LYS G 470 4.40 20.10 -67.59
N LEU G 471 3.95 21.33 -67.82
CA LEU G 471 4.48 22.53 -67.13
C LEU G 471 4.07 22.55 -65.67
N ALA G 472 2.83 22.18 -65.40
CA ALA G 472 2.34 22.07 -64.05
C ALA G 472 3.22 21.12 -63.21
N SER G 473 3.71 20.04 -63.83
CA SER G 473 4.65 19.11 -63.20
C SER G 473 6.09 19.64 -63.05
N ALA G 474 6.48 20.56 -63.93
CA ALA G 474 7.86 21.05 -64.01
C ALA G 474 8.12 22.32 -63.20
N LEU G 475 7.11 23.18 -63.11
CA LEU G 475 7.27 24.46 -62.41
C LEU G 475 7.41 24.26 -60.91
N GLU G 476 8.41 24.91 -60.34
CA GLU G 476 8.66 24.88 -58.91
C GLU G 476 7.89 26.02 -58.25
N SER G 477 6.56 25.87 -58.22
CA SER G 477 5.69 26.76 -57.48
C SER G 477 4.80 25.95 -56.52
N GLY G 478 4.30 26.61 -55.48
CA GLY G 478 3.41 25.99 -54.51
C GLY G 478 2.00 25.87 -55.06
N THR G 479 1.64 26.84 -55.90
CA THR G 479 0.38 26.81 -56.60
C THR G 479 0.64 27.07 -58.08
N VAL G 480 0.10 26.20 -58.93
CA VAL G 480 0.14 26.40 -60.37
C VAL G 480 -1.29 26.58 -60.89
N TRP G 481 -1.50 27.63 -61.68
CA TRP G 481 -2.81 27.87 -62.30
C TRP G 481 -2.79 27.55 -63.77
N ILE G 482 -3.88 27.00 -64.26
CA ILE G 482 -4.02 26.74 -65.68
C ILE G 482 -5.29 27.40 -66.14
N ASN G 483 -5.15 28.30 -67.11
CA ASN G 483 -6.27 29.08 -67.65
C ASN G 483 -7.02 29.81 -66.54
N CYS G 484 -6.28 30.25 -65.52
CA CYS G 484 -6.80 31.20 -64.56
C CYS G 484 -5.66 31.87 -63.81
N TYR G 485 -6.02 32.75 -62.87
CA TYR G 485 -5.08 33.42 -61.98
C TYR G 485 -5.83 33.96 -60.76
N ASN G 486 -5.16 33.95 -59.61
CA ASN G 486 -5.73 34.39 -58.31
C ASN G 486 -6.92 33.55 -57.84
N ALA G 487 -7.05 32.35 -58.40
CA ALA G 487 -8.14 31.46 -58.04
C ALA G 487 -7.69 30.77 -56.80
N LEU G 488 -8.39 31.01 -55.70
CA LEU G 488 -8.06 30.46 -54.40
C LEU G 488 -9.30 29.82 -53.83
N TYR G 489 -9.08 28.85 -52.96
CA TYR G 489 -10.16 28.20 -52.25
C TYR G 489 -9.67 27.87 -50.86
N ALA G 490 -10.60 27.83 -49.91
CA ALA G 490 -10.27 27.49 -48.50
C ALA G 490 -10.00 25.99 -48.35
N GLN G 491 -10.49 25.23 -49.32
CA GLN G 491 -10.30 23.80 -49.40
C GLN G 491 -8.99 23.45 -50.09
N ALA G 492 -8.37 24.42 -50.74
CA ALA G 492 -7.20 24.20 -51.55
C ALA G 492 -6.07 24.82 -50.82
N PRO G 493 -4.99 24.05 -50.59
CA PRO G 493 -3.90 24.58 -49.78
C PRO G 493 -3.11 25.68 -50.51
N PHE G 494 -2.48 26.57 -49.72
CA PHE G 494 -1.62 27.62 -50.27
C PHE G 494 -0.32 27.79 -49.49
N GLY G 495 0.78 27.91 -50.23
CA GLY G 495 2.07 28.16 -49.62
C GLY G 495 3.22 28.26 -50.61
N GLY G 496 4.44 28.29 -50.09
CA GLY G 496 5.64 28.48 -50.88
C GLY G 496 6.66 27.36 -50.86
N PHE G 497 7.33 27.22 -52.00
CA PHE G 497 8.56 26.44 -52.18
C PHE G 497 9.75 27.36 -51.94
N LYS G 498 10.84 26.80 -51.41
CA LYS G 498 12.10 27.51 -51.28
C LYS G 498 11.96 28.77 -50.37
N MET G 499 12.33 29.95 -50.88
CA MET G 499 12.40 31.16 -50.07
C MET G 499 11.08 31.96 -50.08
N SER G 500 10.03 31.39 -50.65
CA SER G 500 8.70 31.95 -50.53
C SER G 500 8.02 31.53 -49.22
N GLY G 501 8.48 30.44 -48.59
CA GLY G 501 8.01 30.10 -47.26
C GLY G 501 8.03 28.65 -46.85
N ASN G 502 7.54 28.41 -45.62
CA ASN G 502 7.43 27.09 -45.03
C ASN G 502 6.00 26.82 -44.60
N GLY G 503 5.57 25.57 -44.74
CA GLY G 503 4.23 25.13 -44.33
C GLY G 503 3.15 25.51 -45.31
N ARG G 504 1.92 25.10 -45.04
CA ARG G 504 0.81 25.51 -45.87
C ARG G 504 -0.32 26.15 -45.06
N GLU G 505 -1.19 26.85 -45.77
CA GLU G 505 -2.40 27.41 -45.20
C GLU G 505 -3.57 27.04 -46.10
N LEU G 506 -4.77 27.00 -45.51
CA LEU G 506 -5.95 26.49 -46.19
C LEU G 506 -5.85 24.99 -46.42
N GLY G 507 -7.02 24.34 -46.41
CA GLY G 507 -7.12 22.92 -46.65
C GLY G 507 -6.86 22.05 -45.42
N GLU G 508 -6.88 20.74 -45.66
CA GLU G 508 -6.49 19.78 -44.63
C GLU G 508 -5.01 19.99 -44.20
N TYR G 509 -4.22 20.60 -45.09
CA TYR G 509 -2.78 20.80 -44.86
C TYR G 509 -2.50 21.80 -43.75
N ALA G 510 -3.35 22.83 -43.66
CA ALA G 510 -3.25 23.86 -42.62
C ALA G 510 -3.38 23.30 -41.20
N LEU G 511 -4.07 22.18 -41.06
CA LEU G 511 -4.22 21.52 -39.75
C LEU G 511 -2.92 20.94 -39.25
N ALA G 512 -2.11 20.44 -40.18
CA ALA G 512 -0.82 19.85 -39.86
C ALA G 512 0.07 20.89 -39.20
N GLU G 513 -0.17 22.17 -39.51
CA GLU G 513 0.59 23.29 -38.91
C GLU G 513 0.13 23.70 -37.52
N TYR G 514 -1.12 23.39 -37.16
CA TYR G 514 -1.65 23.75 -35.83
C TYR G 514 -1.87 22.56 -34.88
N THR G 515 -1.23 21.42 -35.20
CA THR G 515 -1.40 20.19 -34.41
C THR G 515 -0.06 19.52 -34.12
N GLU G 516 0.01 18.86 -32.97
CA GLU G 516 1.21 18.13 -32.55
C GLU G 516 0.85 16.66 -32.40
N VAL G 517 1.52 15.79 -33.17
CA VAL G 517 1.21 14.36 -33.21
C VAL G 517 1.80 13.56 -32.05
N LYS G 518 0.95 13.18 -31.10
CA LYS G 518 1.39 12.34 -29.97
C LYS G 518 1.08 10.87 -30.24
N THR G 519 2.10 10.02 -30.11
CA THR G 519 1.89 8.59 -30.28
C THR G 519 1.61 8.03 -28.89
N VAL G 520 0.67 7.09 -28.81
CA VAL G 520 0.39 6.37 -27.59
C VAL G 520 0.42 4.87 -27.92
N THR G 521 1.42 4.19 -27.39
CA THR G 521 1.63 2.77 -27.61
C THR G 521 1.38 2.06 -26.28
N ILE G 522 0.56 1.01 -26.32
CA ILE G 522 0.16 0.26 -25.13
C ILE G 522 0.41 -1.25 -25.26
N LYS G 523 1.14 -1.82 -24.31
CA LYS G 523 1.46 -3.25 -24.31
C LYS G 523 0.66 -4.02 -23.27
N LEU G 524 0.07 -5.14 -23.68
CA LEU G 524 -0.74 -5.98 -22.82
C LEU G 524 -0.02 -7.29 -22.55
N PRO H 38 24.53 -15.74 -33.60
CA PRO H 38 25.68 -15.34 -34.44
C PRO H 38 26.96 -15.15 -33.62
N ARG H 39 28.11 -15.31 -34.28
CA ARG H 39 29.40 -15.17 -33.59
C ARG H 39 30.08 -13.83 -33.93
N PRO H 40 30.67 -13.16 -32.91
CA PRO H 40 31.25 -11.83 -33.12
C PRO H 40 32.36 -11.87 -34.16
N ILE H 41 32.79 -10.69 -34.61
CA ILE H 41 33.92 -10.58 -35.53
C ILE H 41 34.95 -9.64 -34.91
N ARG H 42 35.83 -10.23 -34.11
CA ARG H 42 36.73 -9.47 -33.26
C ARG H 42 37.91 -8.86 -34.02
N ASN H 43 38.49 -9.61 -34.94
CA ASN H 43 39.55 -9.06 -35.79
C ASN H 43 39.01 -8.73 -37.18
N LEU H 44 38.09 -7.76 -37.22
CA LEU H 44 37.46 -7.29 -38.46
C LEU H 44 38.01 -5.95 -38.94
N GLU H 45 38.49 -5.91 -40.18
CA GLU H 45 39.08 -4.70 -40.76
C GLU H 45 38.02 -3.87 -41.48
N VAL H 46 38.32 -2.59 -41.66
CA VAL H 46 37.41 -1.65 -42.30
C VAL H 46 37.86 -1.42 -43.72
N LYS H 47 36.93 -1.55 -44.66
CA LYS H 47 37.21 -1.28 -46.06
C LYS H 47 36.89 0.17 -46.38
N PHE H 48 35.84 0.70 -45.76
CA PHE H 48 35.24 1.94 -46.21
C PHE H 48 35.56 3.11 -45.29
N THR H 49 36.51 3.92 -45.72
CA THR H 49 37.03 5.00 -44.91
C THR H 49 37.12 6.32 -45.66
N LYS H 50 36.51 6.39 -46.84
CA LYS H 50 36.72 7.55 -47.70
C LYS H 50 35.41 8.29 -48.03
N ILE H 51 35.54 9.41 -48.75
CA ILE H 51 34.41 10.29 -49.02
C ILE H 51 33.57 9.64 -50.11
N PHE H 52 32.27 9.52 -49.86
CA PHE H 52 31.38 8.88 -50.83
C PHE H 52 30.52 9.89 -51.56
N ILE H 53 30.87 10.13 -52.83
CA ILE H 53 30.14 11.07 -53.67
C ILE H 53 29.91 10.47 -55.05
N ASN H 54 28.66 10.54 -55.55
CA ASN H 54 28.35 10.04 -56.89
C ASN H 54 28.77 8.57 -57.10
N ASN H 55 28.50 7.69 -56.12
CA ASN H 55 28.86 6.24 -56.20
C ASN H 55 30.40 6.00 -56.34
N GLU H 56 31.18 7.01 -55.95
CA GLU H 56 32.63 7.04 -56.11
C GLU H 56 33.30 7.36 -54.78
N TRP H 57 34.50 6.85 -54.59
CA TRP H 57 35.25 7.09 -53.36
C TRP H 57 36.28 8.16 -53.63
N HIS H 58 36.32 9.15 -52.75
CA HIS H 58 37.17 10.31 -52.93
C HIS H 58 37.93 10.58 -51.65
N GLU H 59 39.07 11.25 -51.81
CA GLU H 59 39.83 11.68 -50.67
C GLU H 59 39.26 13.04 -50.22
N SER H 60 39.59 13.48 -49.02
CA SER H 60 39.20 14.81 -48.60
C SER H 60 40.10 15.79 -49.33
N LYS H 61 39.53 16.85 -49.91
CA LYS H 61 40.28 17.81 -50.70
C LYS H 61 41.44 18.34 -49.89
N SER H 62 41.17 18.58 -48.61
CA SER H 62 42.21 18.95 -47.67
C SER H 62 43.36 17.95 -47.78
N GLY H 63 43.05 16.67 -47.70
CA GLY H 63 44.06 15.61 -47.59
C GLY H 63 44.10 15.09 -46.17
N LYS H 64 43.49 15.84 -45.26
CA LYS H 64 43.44 15.50 -43.83
C LYS H 64 42.68 14.21 -43.53
N LYS H 65 43.01 13.61 -42.38
CA LYS H 65 42.30 12.47 -41.84
C LYS H 65 42.13 12.63 -40.35
N PHE H 66 41.19 11.86 -39.82
CA PHE H 66 41.01 11.74 -38.38
C PHE H 66 40.80 10.24 -38.05
N ALA H 67 40.87 9.92 -36.78
CA ALA H 67 40.79 8.53 -36.37
C ALA H 67 39.60 8.30 -35.46
N THR H 68 38.92 7.18 -35.68
CA THR H 68 37.91 6.73 -34.75
C THR H 68 38.50 5.60 -33.92
N CYS H 69 38.36 5.71 -32.61
CA CYS H 69 38.87 4.68 -31.71
C CYS H 69 37.76 3.79 -31.20
N ASN H 70 38.15 2.65 -30.65
CA ASN H 70 37.22 1.73 -30.02
C ASN H 70 37.32 1.98 -28.51
N PRO H 71 36.24 2.53 -27.91
CA PRO H 71 36.17 2.87 -26.49
C PRO H 71 36.40 1.71 -25.54
N SER H 72 36.00 0.51 -25.93
CA SER H 72 36.21 -0.68 -25.14
C SER H 72 37.69 -1.05 -25.06
N THR H 73 38.35 -1.07 -26.21
CA THR H 73 39.78 -1.38 -26.29
C THR H 73 40.62 -0.19 -25.94
N ARG H 74 40.16 1.01 -26.29
CA ARG H 74 40.93 2.25 -26.16
C ARG H 74 41.91 2.42 -27.35
N GLU H 75 42.35 1.31 -27.93
CA GLU H 75 43.07 1.30 -29.20
C GLU H 75 42.29 2.05 -30.28
N GLN H 76 43.01 2.52 -31.30
CA GLN H 76 42.43 3.19 -32.47
C GLN H 76 42.05 2.17 -33.55
N ILE H 77 41.00 2.46 -34.32
CA ILE H 77 40.54 1.55 -35.37
C ILE H 77 41.19 1.85 -36.72
N CYS H 78 40.91 3.02 -37.28
CA CYS H 78 41.55 3.44 -38.53
C CYS H 78 41.45 4.96 -38.74
N GLU H 79 42.12 5.45 -39.78
CA GLU H 79 42.09 6.86 -40.16
C GLU H 79 41.06 7.10 -41.26
N VAL H 80 40.24 8.13 -41.09
CA VAL H 80 39.17 8.45 -42.02
C VAL H 80 39.41 9.82 -42.64
N GLU H 81 38.93 10.02 -43.86
CA GLU H 81 39.14 11.27 -44.59
C GLU H 81 38.34 12.45 -43.98
N GLU H 82 39.05 13.51 -43.57
CA GLU H 82 38.42 14.65 -42.88
C GLU H 82 37.90 15.69 -43.86
N GLY H 83 36.58 15.82 -43.89
CA GLY H 83 35.89 16.70 -44.81
C GLY H 83 35.70 18.09 -44.25
N ASP H 84 35.46 19.02 -45.17
CA ASP H 84 35.17 20.41 -44.85
C ASP H 84 34.29 20.95 -45.99
N LYS H 85 34.05 22.27 -45.96
CA LYS H 85 33.16 22.92 -46.94
C LYS H 85 33.39 22.49 -48.38
N PRO H 86 34.64 22.54 -48.87
CA PRO H 86 34.85 22.14 -50.26
C PRO H 86 34.32 20.73 -50.61
N ASP H 87 34.59 19.77 -49.72
CA ASP H 87 34.08 18.40 -49.84
C ASP H 87 32.58 18.36 -49.80
N VAL H 88 32.01 19.18 -48.93
CA VAL H 88 30.56 19.31 -48.81
C VAL H 88 29.96 19.92 -50.09
N ASP H 89 30.62 20.93 -50.65
CA ASP H 89 30.12 21.61 -51.87
C ASP H 89 30.15 20.70 -53.11
N LYS H 90 31.19 19.88 -53.19
CA LYS H 90 31.27 18.83 -54.20
C LYS H 90 30.03 17.91 -54.15
N ALA H 91 29.75 17.40 -52.95
CA ALA H 91 28.66 16.45 -52.71
C ALA H 91 27.27 17.02 -52.96
N VAL H 92 27.06 18.29 -52.63
CA VAL H 92 25.77 18.95 -52.86
C VAL H 92 25.49 19.06 -54.35
N GLU H 93 26.54 19.28 -55.13
CA GLU H 93 26.41 19.34 -56.59
C GLU H 93 26.09 17.97 -57.22
N ALA H 94 26.57 16.90 -56.58
CA ALA H 94 26.20 15.55 -56.93
C ALA H 94 24.70 15.37 -56.75
N ALA H 95 24.22 15.67 -55.54
CA ALA H 95 22.80 15.55 -55.20
C ALA H 95 21.88 16.41 -56.08
N GLN H 96 22.40 17.53 -56.61
CA GLN H 96 21.64 18.38 -57.55
C GLN H 96 21.48 17.71 -58.92
N VAL H 97 22.60 17.32 -59.52
CA VAL H 97 22.56 16.66 -60.82
C VAL H 97 21.72 15.38 -60.75
N ALA H 98 21.73 14.72 -59.59
CA ALA H 98 20.94 13.52 -59.36
C ALA H 98 19.45 13.84 -59.26
N PHE H 99 19.14 14.97 -58.63
CA PHE H 99 17.76 15.43 -58.45
C PHE H 99 17.24 16.27 -59.61
N GLN H 100 18.14 16.78 -60.45
CA GLN H 100 17.76 17.49 -61.67
C GLN H 100 16.61 16.78 -62.40
N ARG H 101 15.80 17.59 -63.08
CA ARG H 101 14.73 17.07 -63.92
C ARG H 101 15.33 16.28 -65.09
N GLY H 102 14.68 15.17 -65.43
CA GLY H 102 15.19 14.26 -66.46
C GLY H 102 16.32 13.34 -66.02
N SER H 103 16.78 13.47 -64.77
CA SER H 103 17.82 12.57 -64.26
C SER H 103 17.19 11.18 -64.09
N PRO H 104 18.01 10.13 -64.24
CA PRO H 104 17.51 8.77 -64.07
C PRO H 104 16.81 8.59 -62.74
N TRP H 105 17.34 9.23 -61.71
CA TRP H 105 16.74 9.13 -60.40
C TRP H 105 15.30 9.64 -60.40
N ARG H 106 15.03 10.76 -61.09
CA ARG H 106 13.67 11.35 -61.10
C ARG H 106 12.68 10.63 -62.01
N ARG H 107 13.14 10.17 -63.16
CA ARG H 107 12.27 9.50 -64.13
C ARG H 107 11.88 8.08 -63.72
N LEU H 108 12.51 7.50 -62.70
CA LEU H 108 12.09 6.17 -62.19
C LEU H 108 10.61 6.21 -61.85
N ASP H 109 9.92 5.10 -62.06
CA ASP H 109 8.53 5.00 -61.57
C ASP H 109 8.49 4.85 -60.05
N ALA H 110 7.28 4.96 -59.49
CA ALA H 110 7.08 4.85 -58.05
C ALA H 110 7.42 3.47 -57.49
N LEU H 111 6.98 2.42 -58.17
CA LEU H 111 7.17 1.06 -57.66
C LEU H 111 8.65 0.64 -57.67
N SER H 112 9.44 1.22 -58.59
CA SER H 112 10.89 0.98 -58.65
C SER H 112 11.72 1.84 -57.70
N ARG H 113 11.18 2.97 -57.25
CA ARG H 113 11.74 3.66 -56.07
C ARG H 113 11.61 2.76 -54.81
N GLY H 114 10.53 1.98 -54.75
CA GLY H 114 10.32 1.05 -53.66
C GLY H 114 11.11 -0.24 -53.79
N ARG H 115 11.42 -0.64 -55.02
CA ARG H 115 12.29 -1.83 -55.27
C ARG H 115 13.73 -1.61 -54.82
N LEU H 116 14.24 -0.40 -55.04
CA LEU H 116 15.58 -0.06 -54.57
C LEU H 116 15.72 -0.03 -53.04
N LEU H 117 14.73 0.50 -52.34
CA LEU H 117 14.78 0.46 -50.86
C LEU H 117 14.79 -0.97 -50.31
N HIS H 118 14.03 -1.86 -50.96
CA HIS H 118 14.03 -3.27 -50.59
C HIS H 118 15.37 -3.98 -50.83
N GLN H 119 15.96 -3.76 -52.01
CA GLN H 119 17.25 -4.36 -52.35
C GLN H 119 18.32 -3.96 -51.33
N LEU H 120 18.35 -2.68 -50.97
CA LEU H 120 19.22 -2.16 -49.91
C LEU H 120 18.92 -2.78 -48.55
N ALA H 121 17.67 -2.69 -48.09
CA ALA H 121 17.27 -3.36 -46.85
C ALA H 121 17.63 -4.85 -46.84
N ASP H 122 17.59 -5.50 -48.00
CA ASP H 122 18.05 -6.89 -48.11
C ASP H 122 19.58 -7.05 -48.02
N LEU H 123 20.36 -6.11 -48.57
CA LEU H 123 21.82 -6.18 -48.45
C LEU H 123 22.30 -5.89 -47.04
N VAL H 124 21.56 -5.11 -46.26
CA VAL H 124 21.96 -4.85 -44.88
C VAL H 124 21.74 -6.12 -44.07
N GLU H 125 20.63 -6.81 -44.34
CA GLU H 125 20.36 -8.14 -43.75
C GLU H 125 21.48 -9.13 -44.09
N ARG H 126 21.94 -9.12 -45.34
CA ARG H 126 23.00 -9.99 -45.80
C ARG H 126 24.27 -9.66 -45.01
N ASP H 127 24.61 -8.38 -44.99
CA ASP H 127 25.82 -7.93 -44.31
C ASP H 127 25.48 -7.37 -42.93
N ARG H 128 24.61 -8.09 -42.23
CA ARG H 128 24.10 -7.69 -40.91
C ARG H 128 25.13 -7.78 -39.80
N ALA H 129 25.81 -8.92 -39.76
CA ALA H 129 26.88 -9.15 -38.80
C ALA H 129 27.95 -8.07 -38.90
N THR H 130 28.39 -7.81 -40.13
CA THR H 130 29.42 -6.81 -40.36
C THR H 130 29.09 -5.44 -39.75
N LEU H 131 28.02 -4.82 -40.24
CA LEU H 131 27.60 -3.51 -39.73
C LEU H 131 27.49 -3.57 -38.22
N ALA H 132 26.82 -4.59 -37.71
CA ALA H 132 26.67 -4.81 -36.27
C ALA H 132 28.04 -4.91 -35.56
N ALA H 133 28.98 -5.55 -36.24
CA ALA H 133 30.32 -5.77 -35.71
C ALA H 133 31.08 -4.46 -35.59
N LEU H 134 31.24 -3.77 -36.71
CA LEU H 134 31.96 -2.49 -36.71
C LEU H 134 31.20 -1.41 -35.92
N GLU H 135 29.88 -1.53 -35.82
CA GLU H 135 29.08 -0.63 -34.97
C GLU H 135 29.48 -0.75 -33.52
N THR H 136 29.73 -1.98 -33.10
CA THR H 136 30.17 -2.27 -31.75
C THR H 136 31.56 -1.71 -31.49
N MET H 137 32.45 -1.84 -32.47
CA MET H 137 33.79 -1.24 -32.36
C MET H 137 33.69 0.28 -32.22
N ASP H 138 32.86 0.91 -33.05
CA ASP H 138 32.74 2.37 -33.12
C ASP H 138 31.99 2.98 -31.93
N THR H 139 30.97 2.29 -31.43
CA THR H 139 30.08 2.80 -30.38
C THR H 139 30.28 2.19 -28.99
N GLY H 140 30.78 0.95 -28.96
CA GLY H 140 30.89 0.18 -27.72
C GLY H 140 29.58 -0.49 -27.27
N LYS H 141 28.61 -0.55 -28.17
CA LYS H 141 27.34 -1.25 -27.90
C LYS H 141 27.58 -2.74 -27.82
N PRO H 142 26.87 -3.43 -26.91
CA PRO H 142 26.93 -4.87 -27.02
C PRO H 142 26.52 -5.34 -28.42
N PHE H 143 27.43 -6.06 -29.08
CA PHE H 143 27.21 -6.57 -30.43
C PHE H 143 25.88 -7.28 -30.57
N LEU H 144 25.44 -7.96 -29.51
CA LEU H 144 24.16 -8.65 -29.50
C LEU H 144 23.03 -7.66 -29.73
N HIS H 145 23.09 -6.54 -29.04
CA HIS H 145 22.09 -5.50 -29.15
C HIS H 145 22.13 -4.84 -30.53
N ALA H 146 23.34 -4.63 -31.05
CA ALA H 146 23.49 -4.02 -32.38
C ALA H 146 22.82 -4.87 -33.42
N PHE H 147 23.04 -6.18 -33.33
CA PHE H 147 22.47 -7.12 -34.28
C PHE H 147 20.94 -7.15 -34.20
N PHE H 148 20.41 -7.23 -32.98
CA PHE H 148 18.97 -7.45 -32.76
C PHE H 148 18.14 -6.21 -32.43
N ILE H 149 18.78 -5.07 -32.23
CA ILE H 149 18.03 -3.82 -32.04
C ILE H 149 18.35 -2.82 -33.12
N ASP H 150 19.60 -2.38 -33.20
CA ASP H 150 19.96 -1.34 -34.17
C ASP H 150 19.61 -1.75 -35.59
N LEU H 151 20.16 -2.88 -36.00
CA LEU H 151 20.04 -3.29 -37.39
C LEU H 151 18.67 -3.84 -37.76
N GLU H 152 18.04 -4.57 -36.85
CA GLU H 152 16.68 -5.05 -37.09
C GLU H 152 15.77 -3.85 -37.35
N GLY H 153 15.98 -2.77 -36.59
CA GLY H 153 15.26 -1.49 -36.78
C GLY H 153 15.61 -0.82 -38.10
N CYS H 154 16.89 -0.86 -38.47
CA CYS H 154 17.34 -0.35 -39.79
C CYS H 154 16.64 -1.02 -40.97
N ILE H 155 16.58 -2.35 -40.96
CA ILE H 155 15.98 -3.14 -42.03
C ILE H 155 14.46 -2.98 -42.09
N ARG H 156 13.85 -2.95 -40.92
CA ARG H 156 12.43 -2.73 -40.82
C ARG H 156 12.10 -1.30 -41.22
N THR H 157 12.95 -0.36 -40.83
CA THR H 157 12.66 1.01 -41.15
C THR H 157 12.80 1.21 -42.65
N LEU H 158 13.75 0.49 -43.26
CA LEU H 158 13.94 0.57 -44.71
C LEU H 158 12.82 -0.13 -45.46
N ARG H 159 12.43 -1.30 -44.98
CA ARG H 159 11.40 -2.10 -45.63
C ARG H 159 10.01 -1.50 -45.55
N TYR H 160 9.72 -0.82 -44.44
CA TYR H 160 8.44 -0.09 -44.25
C TYR H 160 8.22 1.05 -45.24
N PHE H 161 9.23 1.89 -45.38
CA PHE H 161 9.15 3.04 -46.25
C PHE H 161 9.29 2.67 -47.72
N ALA H 162 9.99 1.57 -47.99
CA ALA H 162 9.93 0.97 -49.31
C ALA H 162 8.46 0.77 -49.71
N GLY H 163 7.64 0.35 -48.75
CA GLY H 163 6.20 0.17 -48.94
C GLY H 163 5.44 1.44 -49.27
N TRP H 164 5.93 2.61 -48.84
CA TRP H 164 5.25 3.89 -49.11
C TRP H 164 5.53 4.46 -50.49
N ALA H 165 6.45 3.88 -51.25
CA ALA H 165 6.89 4.50 -52.51
C ALA H 165 5.74 4.77 -53.46
N ASP H 166 4.93 3.76 -53.73
CA ASP H 166 3.80 3.91 -54.67
C ASP H 166 2.47 4.28 -53.99
N LYS H 167 2.55 4.66 -52.71
CA LYS H 167 1.41 5.02 -51.89
C LYS H 167 1.52 6.45 -51.29
N ILE H 168 2.41 7.26 -51.86
CA ILE H 168 2.51 8.67 -51.53
C ILE H 168 1.49 9.41 -52.38
N GLN H 169 0.40 9.85 -51.75
CA GLN H 169 -0.77 10.32 -52.47
C GLN H 169 -1.19 11.73 -52.07
N GLY H 170 -1.54 12.53 -53.06
CA GLY H 170 -2.13 13.81 -52.81
C GLY H 170 -3.62 13.67 -52.71
N LYS H 171 -4.31 14.79 -52.90
CA LYS H 171 -5.74 14.85 -52.78
C LYS H 171 -6.34 15.47 -54.04
N THR H 172 -7.65 15.27 -54.22
CA THR H 172 -8.45 16.05 -55.17
C THR H 172 -9.43 16.90 -54.37
N ILE H 173 -9.52 18.18 -54.70
CA ILE H 173 -10.32 19.12 -53.92
C ILE H 173 -11.50 19.57 -54.79
N PRO H 174 -12.74 19.34 -54.29
CA PRO H 174 -13.95 19.49 -55.09
C PRO H 174 -14.27 20.93 -55.61
N THR H 175 -14.13 21.95 -54.76
CA THR H 175 -14.29 23.35 -55.22
C THR H 175 -15.60 23.66 -56.00
N ASP H 176 -15.47 23.91 -57.32
CA ASP H 176 -16.61 24.27 -58.20
C ASP H 176 -16.52 23.54 -59.53
N ASP H 177 -17.60 23.59 -60.31
CA ASP H 177 -17.79 22.67 -61.45
C ASP H 177 -16.95 22.98 -62.66
N ASN H 178 -16.69 24.26 -62.88
CA ASN H 178 -15.78 24.66 -63.94
C ASN H 178 -14.31 24.54 -63.52
N VAL H 179 -14.05 23.82 -62.42
CA VAL H 179 -12.71 23.74 -61.85
C VAL H 179 -12.28 22.32 -61.46
N VAL H 180 -11.05 21.98 -61.81
CA VAL H 180 -10.41 20.72 -61.44
C VAL H 180 -9.18 21.00 -60.56
N CYS H 181 -9.30 20.72 -59.27
CA CYS H 181 -8.24 21.02 -58.32
C CYS H 181 -7.65 19.74 -57.71
N PHE H 182 -6.33 19.68 -57.68
CA PHE H 182 -5.67 18.59 -56.99
C PHE H 182 -4.36 19.07 -56.40
N THR H 183 -3.78 18.26 -55.50
CA THR H 183 -2.49 18.53 -54.92
C THR H 183 -1.54 17.45 -55.34
N ARG H 184 -0.26 17.80 -55.43
CA ARG H 184 0.79 16.83 -55.70
C ARG H 184 1.80 16.81 -54.56
N HIS H 185 2.33 15.62 -54.27
CA HIS H 185 3.18 15.43 -53.10
C HIS H 185 4.61 15.16 -53.58
N GLU H 186 5.35 16.25 -53.75
CA GLU H 186 6.58 16.25 -54.51
C GLU H 186 7.77 16.16 -53.60
N PRO H 187 8.91 15.70 -54.12
CA PRO H 187 10.14 15.78 -53.32
C PRO H 187 10.63 17.23 -53.12
N ILE H 188 11.19 17.50 -51.94
CA ILE H 188 11.74 18.81 -51.63
C ILE H 188 12.99 19.02 -52.49
N GLY H 189 13.87 18.02 -52.50
CA GLY H 189 15.07 18.09 -53.28
C GLY H 189 16.21 17.56 -52.47
N VAL H 190 17.29 18.33 -52.32
CA VAL H 190 18.46 17.88 -51.57
C VAL H 190 18.25 18.09 -50.09
N CYS H 191 18.29 16.98 -49.36
CA CYS H 191 18.14 16.96 -47.92
C CYS H 191 19.47 16.57 -47.29
N GLY H 192 19.89 17.32 -46.26
CA GLY H 192 21.02 16.93 -45.43
C GLY H 192 20.51 16.04 -44.31
N ALA H 193 21.39 15.18 -43.80
CA ALA H 193 21.10 14.43 -42.60
C ALA H 193 22.35 14.41 -41.76
N ILE H 194 22.18 14.87 -40.52
CA ILE H 194 23.30 15.02 -39.61
C ILE H 194 22.87 14.28 -38.38
N THR H 195 23.74 13.40 -37.90
CA THR H 195 23.33 12.30 -37.07
C THR H 195 24.33 12.10 -35.95
N PRO H 196 23.87 11.72 -34.75
CA PRO H 196 24.76 11.58 -33.60
C PRO H 196 25.51 10.26 -33.56
N TRP H 197 26.29 10.08 -32.48
CA TRP H 197 27.10 8.88 -32.26
C TRP H 197 26.35 7.75 -31.58
N ASN H 198 25.34 8.08 -30.79
CA ASN H 198 24.64 7.09 -29.97
C ASN H 198 23.96 5.98 -30.77
N PHE H 199 23.33 6.33 -31.90
CA PHE H 199 22.70 5.37 -32.83
C PHE H 199 23.10 5.72 -34.26
N PRO H 200 24.35 5.40 -34.62
CA PRO H 200 25.02 5.87 -35.83
C PRO H 200 24.37 5.49 -37.14
N LEU H 201 24.04 4.20 -37.30
CA LEU H 201 23.37 3.71 -38.51
C LEU H 201 21.86 3.92 -38.43
N LEU H 202 21.29 3.76 -37.23
CA LEU H 202 19.84 3.82 -37.04
C LEU H 202 19.23 5.19 -37.30
N MET H 203 19.76 6.23 -36.66
CA MET H 203 19.26 7.58 -36.89
C MET H 203 19.55 8.05 -38.33
N LEU H 204 20.50 7.40 -38.99
CA LEU H 204 20.82 7.70 -40.39
C LEU H 204 19.82 7.10 -41.39
N VAL H 205 19.40 5.87 -41.12
CA VAL H 205 18.36 5.18 -41.90
C VAL H 205 16.93 5.74 -41.65
N TRP H 206 16.66 6.18 -40.41
CA TRP H 206 15.40 6.88 -40.10
C TRP H 206 15.18 8.11 -41.00
N LYS H 207 16.29 8.70 -41.46
CA LYS H 207 16.24 9.86 -42.36
C LYS H 207 16.31 9.44 -43.81
N LEU H 208 17.19 8.51 -44.14
CA LEU H 208 17.39 8.08 -45.52
C LEU H 208 16.15 7.41 -46.13
N ALA H 209 15.61 6.42 -45.43
CA ALA H 209 14.44 5.66 -45.89
C ALA H 209 13.32 6.52 -46.52
N PRO H 210 12.64 7.38 -45.73
CA PRO H 210 11.55 8.18 -46.30
C PRO H 210 11.98 9.21 -47.34
N ALA H 211 13.24 9.64 -47.25
CA ALA H 211 13.78 10.73 -48.07
C ALA H 211 13.91 10.28 -49.50
N LEU H 212 14.37 9.05 -49.68
CA LEU H 212 14.42 8.45 -50.99
C LEU H 212 13.00 8.01 -51.39
N CYS H 213 12.30 7.37 -50.46
CA CYS H 213 10.90 6.99 -50.68
C CYS H 213 10.08 8.14 -51.23
N CYS H 214 10.33 9.35 -50.68
CA CYS H 214 9.69 10.59 -51.18
C CYS H 214 10.47 11.35 -52.28
N GLY H 215 11.22 10.60 -53.11
CA GLY H 215 11.84 11.10 -54.36
C GLY H 215 13.05 12.05 -54.27
N ASN H 216 13.53 12.31 -53.06
CA ASN H 216 14.58 13.32 -52.80
C ASN H 216 15.98 12.78 -53.07
N THR H 217 16.98 13.64 -52.95
CA THR H 217 18.38 13.21 -52.95
C THR H 217 19.08 13.65 -51.66
N MET H 218 20.28 13.13 -51.40
CA MET H 218 20.87 13.25 -50.07
C MET H 218 22.34 13.67 -50.01
N VAL H 219 22.65 14.44 -48.97
CA VAL H 219 24.01 14.58 -48.48
C VAL H 219 23.99 14.24 -47.00
N LEU H 220 24.81 13.28 -46.60
CA LEU H 220 24.83 12.78 -45.22
C LEU H 220 26.11 13.17 -44.49
N LYS H 221 25.99 13.32 -43.17
CA LYS H 221 27.16 13.46 -42.31
C LYS H 221 26.96 12.75 -40.99
N PRO H 222 27.62 11.61 -40.80
CA PRO H 222 27.51 10.91 -39.54
C PRO H 222 28.26 11.69 -38.49
N ALA H 223 28.22 11.23 -37.25
CA ALA H 223 29.05 11.86 -36.23
C ALA H 223 30.55 11.68 -36.55
N GLU H 224 31.39 12.37 -35.78
CA GLU H 224 32.85 12.19 -35.88
C GLU H 224 33.32 10.98 -35.10
N GLN H 225 32.63 10.71 -34.00
CA GLN H 225 32.96 9.57 -33.16
C GLN H 225 32.59 8.27 -33.84
N THR H 226 31.58 8.31 -34.71
CA THR H 226 30.99 7.10 -35.32
C THR H 226 30.78 7.15 -36.85
N PRO H 227 31.87 7.18 -37.62
CA PRO H 227 31.73 7.32 -39.06
C PRO H 227 31.75 6.02 -39.86
N LEU H 228 32.19 4.92 -39.23
CA LEU H 228 32.52 3.70 -39.98
C LEU H 228 31.33 2.95 -40.55
N THR H 229 30.27 2.88 -39.76
CA THR H 229 29.11 2.16 -40.18
C THR H 229 28.45 2.96 -41.30
N ALA H 230 28.49 4.28 -41.15
CA ALA H 230 27.83 5.20 -42.10
C ALA H 230 28.48 5.11 -43.48
N LEU H 231 29.80 5.14 -43.52
CA LEU H 231 30.52 4.97 -44.79
C LEU H 231 30.18 3.60 -45.39
N TYR H 232 29.99 2.60 -44.54
CA TYR H 232 29.63 1.27 -45.03
C TYR H 232 28.31 1.28 -45.82
N LEU H 233 27.30 1.96 -45.29
CA LEU H 233 25.98 1.99 -45.96
C LEU H 233 26.08 2.44 -47.41
N GLY H 234 26.95 3.42 -47.64
CA GLY H 234 27.25 3.89 -49.00
C GLY H 234 27.74 2.76 -49.89
N SER H 235 28.57 1.88 -49.34
CA SER H 235 29.10 0.75 -50.12
C SER H 235 27.95 -0.07 -50.67
N LEU H 236 26.92 -0.24 -49.83
CA LEU H 236 25.70 -0.99 -50.18
C LEU H 236 24.84 -0.21 -51.14
N ILE H 237 24.62 1.07 -50.86
CA ILE H 237 23.81 1.93 -51.72
C ILE H 237 24.23 1.89 -53.22
N LYS H 238 25.52 1.97 -53.51
CA LYS H 238 26.05 1.81 -54.89
C LYS H 238 25.81 0.38 -55.42
N GLU H 239 25.99 -0.60 -54.53
CA GLU H 239 25.78 -2.03 -54.77
C GLU H 239 24.31 -2.41 -54.88
N ALA H 240 23.44 -1.66 -54.21
CA ALA H 240 21.99 -1.91 -54.28
C ALA H 240 21.47 -1.41 -55.61
N GLY H 241 22.19 -0.45 -56.21
CA GLY H 241 21.87 0.02 -57.56
C GLY H 241 21.15 1.34 -57.65
N PHE H 242 21.37 2.22 -56.67
CA PHE H 242 20.85 3.58 -56.72
C PHE H 242 21.64 4.42 -57.71
N PRO H 243 20.96 5.32 -58.43
CA PRO H 243 21.70 6.16 -59.37
C PRO H 243 22.77 6.98 -58.68
N PRO H 244 23.86 7.29 -59.40
CA PRO H 244 24.93 8.09 -58.78
C PRO H 244 24.52 9.53 -58.40
N GLY H 245 24.78 9.90 -57.15
CA GLY H 245 24.46 11.23 -56.61
C GLY H 245 23.28 11.26 -55.64
N VAL H 246 22.48 10.21 -55.61
CA VAL H 246 21.26 10.19 -54.80
C VAL H 246 21.61 10.21 -53.32
N VAL H 247 22.71 9.54 -52.98
CA VAL H 247 23.28 9.58 -51.64
C VAL H 247 24.78 9.86 -51.68
N ASN H 248 25.22 10.75 -50.81
CA ASN H 248 26.60 11.14 -50.76
C ASN H 248 27.00 11.34 -49.31
N ILE H 249 27.98 10.58 -48.83
CA ILE H 249 28.41 10.72 -47.43
C ILE H 249 29.74 11.43 -47.34
N VAL H 250 29.75 12.52 -46.55
CA VAL H 250 30.96 13.27 -46.24
C VAL H 250 31.10 13.26 -44.71
N PRO H 251 32.01 12.43 -44.17
CA PRO H 251 32.27 12.52 -42.72
C PRO H 251 33.25 13.64 -42.41
N GLY H 252 33.29 14.03 -41.14
CA GLY H 252 34.13 15.14 -40.66
C GLY H 252 33.55 15.72 -39.40
N PHE H 253 33.76 17.01 -39.17
CA PHE H 253 33.41 17.62 -37.89
C PHE H 253 32.19 18.50 -37.95
N GLY H 254 31.56 18.65 -36.79
CA GLY H 254 30.37 19.46 -36.66
C GLY H 254 30.57 20.84 -37.27
N PRO H 255 31.51 21.63 -36.71
CA PRO H 255 31.84 22.99 -37.18
C PRO H 255 32.39 23.09 -38.60
N THR H 256 32.93 22.00 -39.14
CA THR H 256 33.34 21.95 -40.54
C THR H 256 32.26 21.33 -41.45
N VAL H 257 32.16 19.99 -41.49
CA VAL H 257 31.25 19.31 -42.43
C VAL H 257 29.77 19.61 -42.14
N GLY H 258 29.42 19.71 -40.86
CA GLY H 258 28.04 19.98 -40.48
C GLY H 258 27.58 21.40 -40.75
N ALA H 259 28.40 22.37 -40.37
CA ALA H 259 28.06 23.77 -40.56
C ALA H 259 27.82 24.10 -42.03
N ALA H 260 28.77 23.72 -42.88
CA ALA H 260 28.65 23.95 -44.33
C ALA H 260 27.30 23.53 -44.90
N ILE H 261 26.79 22.40 -44.39
CA ILE H 261 25.52 21.77 -44.82
C ILE H 261 24.29 22.51 -44.25
N SER H 262 24.30 22.80 -42.96
CA SER H 262 23.20 23.57 -42.38
C SER H 262 23.13 24.97 -43.00
N SER H 263 24.29 25.51 -43.37
CA SER H 263 24.35 26.81 -44.06
C SER H 263 24.27 26.75 -45.58
N HIS H 264 24.26 25.55 -46.18
CA HIS H 264 24.37 25.41 -47.64
C HIS H 264 23.13 25.92 -48.38
N PRO H 265 23.33 26.82 -49.37
CA PRO H 265 22.20 27.44 -50.07
C PRO H 265 21.58 26.59 -51.17
N GLN H 266 22.18 25.44 -51.46
CA GLN H 266 21.64 24.44 -52.39
C GLN H 266 21.05 23.21 -51.72
N ILE H 267 20.99 23.23 -50.39
CA ILE H 267 20.30 22.17 -49.65
C ILE H 267 18.91 22.75 -49.36
N ASN H 268 17.92 21.87 -49.17
CA ASN H 268 16.50 22.28 -49.14
C ASN H 268 15.77 21.89 -47.84
N LYS H 269 16.02 20.68 -47.37
CA LYS H 269 15.56 20.28 -46.06
C LYS H 269 16.77 19.79 -45.31
N ILE H 270 16.75 19.92 -43.99
CA ILE H 270 17.73 19.25 -43.13
C ILE H 270 17.07 18.48 -41.98
N ALA H 271 17.48 17.22 -41.81
CA ALA H 271 17.07 16.40 -40.67
C ALA H 271 18.26 16.15 -39.74
N PHE H 272 18.07 16.53 -38.48
CA PHE H 272 19.15 16.50 -37.53
C PHE H 272 18.73 15.64 -36.35
N THR H 273 19.70 14.95 -35.77
CA THR H 273 19.55 14.31 -34.46
C THR H 273 20.76 14.61 -33.56
N GLY H 274 20.54 15.11 -32.36
CA GLY H 274 21.65 15.40 -31.45
C GLY H 274 21.31 16.35 -30.32
N SER H 275 22.30 17.14 -29.90
CA SER H 275 22.15 18.06 -28.77
C SER H 275 21.29 19.27 -29.13
N THR H 276 20.79 19.94 -28.10
CA THR H 276 19.87 21.08 -28.29
C THR H 276 20.59 22.29 -28.87
N GLU H 277 21.81 22.55 -28.39
CA GLU H 277 22.54 23.75 -28.76
C GLU H 277 23.02 23.73 -30.22
N VAL H 278 23.37 22.55 -30.72
CA VAL H 278 23.74 22.39 -32.13
C VAL H 278 22.51 22.44 -33.07
N GLY H 279 21.38 21.92 -32.60
CA GLY H 279 20.12 22.05 -33.33
C GLY H 279 19.74 23.49 -33.58
N LYS H 280 19.97 24.34 -32.57
CA LYS H 280 19.72 25.80 -32.64
C LYS H 280 20.68 26.50 -33.62
N LEU H 281 21.92 26.01 -33.64
CA LEU H 281 22.90 26.47 -34.59
C LEU H 281 22.52 26.08 -36.01
N VAL H 282 21.90 24.92 -36.16
CA VAL H 282 21.42 24.48 -37.47
C VAL H 282 20.25 25.33 -37.96
N LYS H 283 19.27 25.56 -37.09
CA LYS H 283 18.07 26.32 -37.44
C LYS H 283 18.36 27.78 -37.75
N GLU H 284 19.25 28.39 -36.99
CA GLU H 284 19.69 29.76 -37.29
C GLU H 284 20.33 29.82 -38.69
N ALA H 285 21.37 28.99 -38.88
CA ALA H 285 22.02 28.80 -40.18
C ALA H 285 21.05 28.45 -41.29
N ALA H 286 20.07 27.62 -40.98
CA ALA H 286 19.01 27.33 -41.94
C ALA H 286 18.32 28.63 -42.30
N SER H 287 17.93 29.39 -41.29
CA SER H 287 17.17 30.61 -41.49
C SER H 287 17.99 31.76 -42.05
N ARG H 288 19.30 31.75 -41.82
CA ARG H 288 20.17 32.82 -42.32
C ARG H 288 20.41 32.70 -43.81
N SER H 289 20.66 31.49 -44.29
CA SER H 289 21.01 31.29 -45.70
C SER H 289 19.79 31.31 -46.63
N ASN H 290 19.18 30.14 -46.87
CA ASN H 290 18.09 29.95 -47.86
C ASN H 290 16.74 29.50 -47.32
N LEU H 291 16.51 29.69 -46.02
CA LEU H 291 15.24 29.30 -45.36
C LEU H 291 14.76 27.86 -45.61
N LYS H 292 15.66 26.91 -45.36
CA LYS H 292 15.36 25.47 -45.51
C LYS H 292 14.28 24.99 -44.59
N ARG H 293 13.80 23.80 -44.86
CA ARG H 293 12.93 23.13 -43.94
C ARG H 293 13.82 22.36 -42.98
N VAL H 294 13.49 22.39 -41.68
CA VAL H 294 14.31 21.76 -40.66
C VAL H 294 13.47 20.87 -39.78
N THR H 295 13.89 19.62 -39.63
CA THR H 295 13.34 18.75 -38.59
C THR H 295 14.42 18.51 -37.56
N LEU H 296 14.04 18.70 -36.31
CA LEU H 296 14.95 18.53 -35.21
C LEU H 296 14.52 17.31 -34.41
N GLU H 297 15.49 16.51 -34.00
CA GLU H 297 15.28 15.48 -32.98
C GLU H 297 16.37 15.62 -31.97
N LEU H 298 15.97 16.02 -30.77
CA LEU H 298 16.93 16.33 -29.75
C LEU H 298 16.83 15.32 -28.61
N GLY H 299 17.40 15.68 -27.47
CA GLY H 299 17.19 14.91 -26.28
C GLY H 299 15.83 15.21 -25.70
N GLY H 300 15.47 14.46 -24.67
CA GLY H 300 14.33 14.77 -23.86
C GLY H 300 14.76 14.41 -22.46
N LYS H 301 14.05 14.92 -21.48
CA LYS H 301 14.31 14.59 -20.09
C LYS H 301 13.12 13.76 -19.61
N ASN H 302 13.08 12.51 -20.07
CA ASN H 302 11.85 11.72 -20.09
C ASN H 302 11.50 11.03 -18.77
N PRO H 303 10.29 11.32 -18.23
CA PRO H 303 9.80 10.72 -16.99
C PRO H 303 9.14 9.34 -17.16
N CYS H 304 9.39 8.47 -16.20
CA CYS H 304 8.78 7.14 -16.15
C CYS H 304 7.92 7.10 -14.91
N ILE H 305 6.65 6.73 -15.06
CA ILE H 305 5.71 6.80 -13.92
C ILE H 305 5.17 5.42 -13.55
N VAL H 306 5.40 5.04 -12.30
CA VAL H 306 4.87 3.79 -11.77
C VAL H 306 3.95 4.12 -10.60
N CYS H 307 2.72 3.66 -10.68
CA CYS H 307 1.71 3.93 -9.64
C CYS H 307 1.70 2.77 -8.66
N ALA H 308 1.09 2.98 -7.50
CA ALA H 308 0.96 1.91 -6.48
C ALA H 308 0.09 0.73 -6.96
N ASP H 309 -0.75 0.97 -7.97
CA ASP H 309 -1.56 -0.08 -8.61
C ASP H 309 -0.98 -0.61 -9.94
N ALA H 310 0.35 -0.61 -10.07
CA ALA H 310 1.04 -1.14 -11.25
C ALA H 310 1.55 -2.54 -10.98
N ASP H 311 1.85 -3.28 -12.06
CA ASP H 311 2.59 -4.54 -11.97
C ASP H 311 4.06 -4.22 -11.65
N LEU H 312 4.34 -4.19 -10.35
CA LEU H 312 5.62 -3.75 -9.83
C LEU H 312 6.83 -4.33 -10.56
N ASP H 313 6.84 -5.64 -10.76
CA ASP H 313 7.96 -6.31 -11.43
C ASP H 313 8.12 -5.88 -12.87
N LEU H 314 7.01 -5.75 -13.60
CA LEU H 314 7.07 -5.31 -14.99
C LEU H 314 7.74 -3.96 -15.02
N ALA H 315 7.15 -3.04 -14.27
CA ALA H 315 7.68 -1.69 -14.19
C ALA H 315 9.19 -1.70 -13.95
N VAL H 316 9.64 -2.35 -12.88
CA VAL H 316 11.07 -2.30 -12.53
C VAL H 316 11.92 -2.83 -13.66
N GLU H 317 11.42 -3.84 -14.36
CA GLU H 317 12.17 -4.48 -15.46
C GLU H 317 12.21 -3.58 -16.68
N CYS H 318 11.09 -2.94 -16.99
CA CYS H 318 11.05 -1.95 -18.06
C CYS H 318 11.89 -0.71 -17.72
N ALA H 319 11.69 -0.20 -16.50
CA ALA H 319 12.31 1.03 -16.03
C ALA H 319 13.82 0.92 -15.80
N HIS H 320 14.33 -0.30 -15.68
CA HIS H 320 15.77 -0.56 -15.65
C HIS H 320 16.29 -0.49 -17.06
N GLN H 321 15.58 -1.17 -17.95
CA GLN H 321 16.00 -1.24 -19.34
C GLN H 321 15.78 0.07 -20.10
N GLY H 322 14.85 0.89 -19.63
CA GLY H 322 14.65 2.22 -20.22
C GLY H 322 15.84 3.15 -20.02
N VAL H 323 16.32 3.22 -18.79
CA VAL H 323 17.45 4.05 -18.45
C VAL H 323 18.71 3.47 -19.07
N PHE H 324 18.94 2.18 -18.82
CA PHE H 324 20.24 1.55 -19.06
C PHE H 324 20.51 1.06 -20.50
N PHE H 325 19.51 1.11 -21.37
CA PHE H 325 19.71 0.71 -22.76
C PHE H 325 20.79 1.59 -23.36
N ASN H 326 21.79 0.94 -23.95
CA ASN H 326 22.87 1.59 -24.66
C ASN H 326 23.67 2.50 -23.74
N GLN H 327 24.10 1.91 -22.63
CA GLN H 327 24.93 2.58 -21.61
C GLN H 327 24.27 3.84 -20.99
N GLY H 328 22.97 4.00 -21.21
CA GLY H 328 22.22 5.19 -20.74
C GLY H 328 22.04 6.29 -21.78
N GLN H 329 22.67 6.11 -22.94
CA GLN H 329 22.83 7.16 -23.95
C GLN H 329 21.84 6.97 -25.10
N CYS H 330 20.57 6.84 -24.75
CA CYS H 330 19.50 6.79 -25.73
C CYS H 330 18.59 8.01 -25.51
N CYS H 331 18.08 8.60 -26.58
CA CYS H 331 17.21 9.78 -26.44
C CYS H 331 15.90 9.45 -25.73
N THR H 332 15.48 8.17 -25.76
CA THR H 332 14.29 7.70 -25.03
C THR H 332 14.55 7.34 -23.54
N ALA H 333 15.79 7.54 -23.07
CA ALA H 333 16.21 7.12 -21.72
C ALA H 333 15.46 7.86 -20.62
N ALA H 334 15.03 7.13 -19.59
CA ALA H 334 14.21 7.70 -18.51
C ALA H 334 15.06 8.46 -17.49
N SER H 335 15.02 9.80 -17.55
CA SER H 335 15.83 10.63 -16.66
C SER H 335 15.26 10.72 -15.26
N ARG H 336 14.02 10.26 -15.10
CA ARG H 336 13.31 10.37 -13.83
C ARG H 336 12.30 9.25 -13.73
N VAL H 337 12.33 8.57 -12.59
CA VAL H 337 11.35 7.54 -12.34
C VAL H 337 10.53 8.00 -11.14
N PHE H 338 9.25 8.26 -11.40
CA PHE H 338 8.26 8.58 -10.37
C PHE H 338 7.55 7.32 -9.90
N VAL H 339 7.51 7.07 -8.59
CA VAL H 339 6.73 5.95 -8.03
C VAL H 339 5.99 6.36 -6.74
N GLU H 340 4.73 5.94 -6.64
CA GLU H 340 3.90 6.31 -5.50
C GLU H 340 4.49 5.81 -4.17
N GLU H 341 4.37 6.66 -3.14
CA GLU H 341 4.98 6.42 -1.82
C GLU H 341 4.77 5.01 -1.28
N GLN H 342 3.61 4.42 -1.56
CA GLN H 342 3.22 3.11 -0.98
C GLN H 342 4.17 1.99 -1.41
N VAL H 343 4.70 2.10 -2.63
CA VAL H 343 5.53 1.07 -3.20
C VAL H 343 6.96 1.58 -3.49
N TYR H 344 7.26 2.80 -3.06
CA TYR H 344 8.52 3.48 -3.42
C TYR H 344 9.80 2.74 -3.03
N SER H 345 9.91 2.41 -1.75
CA SER H 345 11.10 1.76 -1.22
C SER H 345 11.25 0.33 -1.75
N GLU H 346 10.13 -0.36 -1.91
CA GLU H 346 10.14 -1.70 -2.50
C GLU H 346 10.60 -1.59 -3.94
N PHE H 347 10.25 -0.48 -4.58
CA PHE H 347 10.68 -0.20 -5.95
C PHE H 347 12.19 -0.01 -6.06
N VAL H 348 12.77 0.83 -5.20
CA VAL H 348 14.23 1.01 -5.22
C VAL H 348 14.93 -0.33 -4.99
N ARG H 349 14.42 -1.11 -4.04
CA ARG H 349 15.06 -2.34 -3.61
C ARG H 349 15.26 -3.31 -4.78
N ARG H 350 14.18 -3.62 -5.50
CA ARG H 350 14.23 -4.55 -6.63
C ARG H 350 14.97 -3.99 -7.84
N SER H 351 14.91 -2.68 -8.02
CA SER H 351 15.70 -2.04 -9.06
C SER H 351 17.20 -2.18 -8.79
N VAL H 352 17.63 -1.93 -7.55
CA VAL H 352 19.05 -2.01 -7.16
C VAL H 352 19.61 -3.42 -7.31
N GLU H 353 18.79 -4.42 -7.00
CA GLU H 353 19.14 -5.81 -7.30
C GLU H 353 19.53 -5.89 -8.78
N TYR H 354 18.60 -5.51 -9.65
CA TYR H 354 18.81 -5.52 -11.10
C TYR H 354 20.08 -4.77 -11.54
N ALA H 355 20.36 -3.64 -10.91
CA ALA H 355 21.50 -2.79 -11.27
C ALA H 355 22.83 -3.52 -11.26
N LYS H 356 23.17 -4.14 -10.14
CA LYS H 356 24.44 -4.89 -10.01
C LYS H 356 24.40 -6.21 -10.76
N LYS H 357 23.20 -6.68 -11.08
CA LYS H 357 23.05 -7.85 -11.93
C LYS H 357 23.43 -7.56 -13.38
N ARG H 358 23.33 -6.30 -13.80
CA ARG H 358 23.64 -5.93 -15.19
C ARG H 358 25.13 -6.19 -15.50
N PRO H 359 25.41 -7.14 -16.41
CA PRO H 359 26.79 -7.48 -16.75
C PRO H 359 27.55 -6.42 -17.58
N VAL H 360 28.75 -6.09 -17.13
CA VAL H 360 29.62 -5.12 -17.81
C VAL H 360 30.88 -5.82 -18.31
N GLY H 361 31.41 -5.36 -19.43
CA GLY H 361 32.61 -5.94 -20.01
C GLY H 361 32.74 -5.72 -21.51
N ASP H 362 33.56 -6.58 -22.13
CA ASP H 362 33.83 -6.58 -23.57
C ASP H 362 32.50 -6.76 -24.33
N PRO H 363 32.23 -5.88 -25.33
CA PRO H 363 31.01 -5.93 -26.16
C PRO H 363 30.80 -7.24 -26.90
N PHE H 364 31.89 -7.86 -27.36
CA PHE H 364 31.83 -9.10 -28.13
C PHE H 364 31.57 -10.35 -27.29
N ASP H 365 31.83 -10.26 -25.99
CA ASP H 365 31.78 -11.45 -25.12
C ASP H 365 30.35 -11.94 -24.92
N VAL H 366 30.21 -13.25 -25.03
CA VAL H 366 29.02 -14.04 -24.66
C VAL H 366 27.71 -13.24 -24.43
N LYS H 367 27.58 -12.62 -23.26
CA LYS H 367 26.32 -12.02 -22.85
C LYS H 367 26.60 -10.81 -21.99
N THR H 368 27.08 -9.77 -22.66
CA THR H 368 27.24 -8.46 -22.06
C THR H 368 25.98 -7.63 -22.30
N GLU H 369 25.46 -7.00 -21.24
CA GLU H 369 24.33 -6.07 -21.35
C GLU H 369 24.78 -4.60 -21.28
N GLN H 370 25.96 -4.34 -20.69
CA GLN H 370 26.55 -2.99 -20.70
C GLN H 370 27.94 -2.97 -21.32
N GLY H 371 28.18 -1.95 -22.12
CA GLY H 371 29.49 -1.71 -22.69
C GLY H 371 30.05 -0.39 -22.17
N PRO H 372 31.09 0.12 -22.83
CA PRO H 372 31.75 1.39 -22.45
C PRO H 372 31.02 2.67 -22.86
N GLN H 373 31.46 3.79 -22.30
CA GLN H 373 31.01 5.11 -22.71
C GLN H 373 31.74 5.49 -24.01
N ILE H 374 31.10 6.26 -24.87
CA ILE H 374 31.63 6.56 -26.21
C ILE H 374 33.05 7.15 -26.23
N ASP H 375 33.38 7.96 -25.23
CA ASP H 375 34.70 8.54 -25.11
C ASP H 375 34.82 9.14 -23.73
N GLN H 376 36.02 9.56 -23.35
CA GLN H 376 36.24 10.01 -21.98
C GLN H 376 35.47 11.28 -21.59
N LYS H 377 35.11 12.13 -22.55
CA LYS H 377 34.45 13.38 -22.23
C LYS H 377 33.07 13.14 -21.65
N GLN H 378 32.31 12.25 -22.28
CA GLN H 378 30.98 11.93 -21.80
C GLN H 378 31.12 11.20 -20.48
N PHE H 379 32.00 10.21 -20.48
CA PHE H 379 32.44 9.51 -19.26
C PHE H 379 32.62 10.53 -18.12
N ASP H 380 33.50 11.50 -18.34
CA ASP H 380 33.75 12.57 -17.37
C ASP H 380 32.48 13.37 -17.06
N LYS H 381 31.70 13.69 -18.11
CA LYS H 381 30.45 14.39 -17.89
C LYS H 381 29.52 13.58 -17.00
N ILE H 382 29.46 12.28 -17.21
CA ILE H 382 28.56 11.44 -16.42
C ILE H 382 28.99 11.40 -14.97
N LEU H 383 30.27 11.06 -14.76
CA LEU H 383 30.83 11.01 -13.40
C LEU H 383 30.63 12.32 -12.62
N GLU H 384 30.82 13.47 -13.28
CA GLU H 384 30.59 14.77 -12.61
C GLU H 384 29.17 14.87 -12.05
N LEU H 385 28.20 14.33 -12.78
CA LEU H 385 26.79 14.35 -12.39
C LEU H 385 26.44 13.21 -11.44
N ILE H 386 27.24 12.14 -11.45
CA ILE H 386 27.14 11.07 -10.44
C ILE H 386 27.38 11.69 -9.06
N GLU H 387 28.51 12.39 -8.94
CA GLU H 387 28.93 12.95 -7.65
C GLU H 387 28.00 14.10 -7.27
N SER H 388 27.50 14.82 -8.27
CA SER H 388 26.56 15.92 -8.06
C SER H 388 25.25 15.46 -7.42
N GLY H 389 24.92 14.18 -7.62
CA GLY H 389 23.79 13.54 -6.95
C GLY H 389 24.08 13.30 -5.48
N LYS H 390 25.30 12.85 -5.20
CA LYS H 390 25.78 12.69 -3.81
C LYS H 390 25.84 14.04 -3.10
N LYS H 391 26.45 15.02 -3.76
CA LYS H 391 26.62 16.39 -3.23
C LYS H 391 25.31 17.05 -2.79
N GLU H 392 24.20 16.71 -3.44
CA GLU H 392 22.88 17.26 -3.11
C GLU H 392 21.99 16.29 -2.32
N GLY H 393 22.60 15.25 -1.77
CA GLY H 393 21.94 14.40 -0.79
C GLY H 393 20.91 13.42 -1.36
N ALA H 394 21.32 12.68 -2.38
CA ALA H 394 20.55 11.53 -2.87
C ALA H 394 21.16 10.25 -2.29
N LYS H 395 20.32 9.36 -1.78
CA LYS H 395 20.79 8.11 -1.21
C LYS H 395 21.28 7.23 -2.35
N LEU H 396 22.59 6.97 -2.36
CA LEU H 396 23.21 6.14 -3.38
C LEU H 396 23.10 4.68 -2.99
N GLU H 397 22.43 3.89 -3.80
CA GLU H 397 22.10 2.52 -3.43
C GLU H 397 23.06 1.49 -4.06
N CYS H 398 23.75 1.90 -5.12
CA CYS H 398 24.88 1.13 -5.69
C CYS H 398 25.60 2.04 -6.69
N GLY H 399 26.82 1.67 -7.08
CA GLY H 399 27.57 2.49 -8.02
C GLY H 399 28.25 3.70 -7.39
N GLY H 400 28.55 4.70 -8.22
CA GLY H 400 29.20 5.94 -7.78
C GLY H 400 30.62 6.15 -8.30
N SER H 401 31.15 5.16 -9.00
CA SER H 401 32.55 5.20 -9.43
C SER H 401 32.72 4.46 -10.75
N ALA H 402 33.90 4.61 -11.33
CA ALA H 402 34.29 3.88 -12.53
C ALA H 402 34.46 2.42 -12.17
N MET H 403 33.91 1.54 -12.99
CA MET H 403 34.03 0.10 -12.75
C MET H 403 35.40 -0.40 -13.22
N GLU H 404 36.29 -0.65 -12.26
CA GLU H 404 37.71 -0.85 -12.55
C GLU H 404 38.24 0.53 -13.00
N ASP H 405 39.40 0.58 -13.65
CA ASP H 405 39.94 1.88 -14.09
C ASP H 405 40.69 1.88 -15.43
N LYS H 406 40.76 0.75 -16.13
CA LYS H 406 41.52 0.67 -17.37
C LYS H 406 40.68 1.06 -18.59
N GLY H 407 39.36 0.99 -18.45
CA GLY H 407 38.44 1.31 -19.54
C GLY H 407 37.57 2.49 -19.16
N LEU H 408 36.63 2.82 -20.05
CA LEU H 408 35.67 3.91 -19.81
C LEU H 408 34.34 3.33 -19.39
N PHE H 409 34.36 2.54 -18.33
CA PHE H 409 33.20 1.80 -17.89
C PHE H 409 32.64 2.43 -16.61
N ILE H 410 31.32 2.41 -16.48
CA ILE H 410 30.66 2.97 -15.30
C ILE H 410 29.88 1.89 -14.54
N LYS H 411 29.88 2.01 -13.21
CA LYS H 411 29.04 1.18 -12.36
C LYS H 411 27.59 1.55 -12.65
N PRO H 412 26.77 0.56 -13.01
CA PRO H 412 25.33 0.84 -12.99
C PRO H 412 24.95 1.41 -11.63
N THR H 413 24.33 2.59 -11.63
CA THR H 413 24.15 3.39 -10.42
C THR H 413 22.66 3.70 -10.20
N VAL H 414 22.18 3.54 -8.96
CA VAL H 414 20.79 3.82 -8.63
C VAL H 414 20.69 4.78 -7.46
N PHE H 415 20.04 5.91 -7.70
CA PHE H 415 19.81 6.92 -6.67
C PHE H 415 18.41 6.82 -6.10
N SER H 416 18.25 7.33 -4.89
CA SER H 416 16.97 7.34 -4.22
C SER H 416 16.81 8.66 -3.50
N GLU H 417 15.61 8.92 -3.01
CA GLU H 417 15.29 10.15 -2.28
C GLU H 417 15.71 11.39 -3.09
N VAL H 418 15.43 11.37 -4.38
CA VAL H 418 15.76 12.48 -5.28
C VAL H 418 14.59 13.46 -5.27
N THR H 419 14.85 14.72 -5.60
CA THR H 419 13.80 15.73 -5.70
C THR H 419 13.92 16.49 -7.01
N ASP H 420 12.86 17.22 -7.34
CA ASP H 420 12.73 17.90 -8.63
C ASP H 420 13.96 18.72 -9.07
N ASN H 421 14.53 19.49 -8.15
CA ASN H 421 15.64 20.40 -8.48
C ASN H 421 16.99 19.92 -7.97
N MET H 422 17.11 18.60 -7.81
CA MET H 422 18.41 17.99 -7.64
C MET H 422 19.11 18.09 -8.99
N ARG H 423 20.43 17.99 -9.00
CA ARG H 423 21.21 18.20 -10.23
C ARG H 423 20.90 17.13 -11.28
N ILE H 424 20.97 15.87 -10.85
CA ILE H 424 20.64 14.71 -11.68
C ILE H 424 19.18 14.61 -12.18
N ALA H 425 18.30 15.51 -11.74
CA ALA H 425 16.87 15.42 -12.08
C ALA H 425 16.37 16.50 -13.05
N LYS H 426 17.19 17.51 -13.28
CA LYS H 426 16.86 18.56 -14.24
C LYS H 426 17.76 18.50 -15.49
N GLU H 427 19.00 18.02 -15.32
CA GLU H 427 20.00 17.98 -16.40
C GLU H 427 20.08 16.62 -17.10
N GLU H 428 20.34 16.67 -18.39
CA GLU H 428 20.42 15.49 -19.25
C GLU H 428 21.74 14.76 -18.96
N ILE H 429 21.64 13.50 -18.55
CA ILE H 429 22.82 12.76 -18.11
C ILE H 429 23.43 11.96 -19.24
N PHE H 430 22.61 11.23 -19.99
CA PHE H 430 23.15 10.30 -20.98
C PHE H 430 24.21 9.43 -20.30
N GLY H 431 23.72 8.53 -19.45
CA GLY H 431 24.58 7.62 -18.70
C GLY H 431 23.79 6.66 -17.83
N PRO H 432 24.43 5.59 -17.35
CA PRO H 432 23.73 4.56 -16.61
C PRO H 432 23.44 4.98 -15.17
N VAL H 433 22.48 5.87 -15.01
CA VAL H 433 22.06 6.37 -13.69
C VAL H 433 20.54 6.38 -13.57
N GLN H 434 20.00 5.73 -12.55
CA GLN H 434 18.56 5.67 -12.32
C GLN H 434 18.14 6.55 -11.13
N PRO H 435 17.72 7.79 -11.40
CA PRO H 435 17.18 8.67 -10.34
C PRO H 435 15.69 8.47 -10.04
N ILE H 436 15.39 8.03 -8.83
CA ILE H 436 14.02 7.71 -8.44
C ILE H 436 13.46 8.72 -7.44
N LEU H 437 12.37 9.36 -7.84
CA LEU H 437 11.66 10.31 -6.99
C LEU H 437 10.34 9.67 -6.59
N LYS H 438 9.66 10.27 -5.62
CA LYS H 438 8.31 9.83 -5.27
C LYS H 438 7.32 10.97 -5.45
N PHE H 439 6.04 10.61 -5.49
CA PHE H 439 4.95 11.57 -5.59
C PHE H 439 3.80 11.06 -4.72
N LYS H 440 2.76 11.87 -4.55
CA LYS H 440 1.59 11.47 -3.75
C LYS H 440 0.31 11.42 -4.58
N SER H 441 0.02 12.52 -5.28
CA SER H 441 -1.18 12.64 -6.09
C SER H 441 -0.81 12.53 -7.55
N ILE H 442 -1.79 12.15 -8.36
CA ILE H 442 -1.57 11.99 -9.79
C ILE H 442 -1.44 13.37 -10.48
N GLU H 443 -2.20 14.35 -9.98
CA GLU H 443 -2.07 15.74 -10.44
C GLU H 443 -0.67 16.32 -10.08
N GLU H 444 -0.13 15.91 -8.93
CA GLU H 444 1.23 16.30 -8.52
C GLU H 444 2.25 15.75 -9.49
N VAL H 445 2.11 14.49 -9.85
CA VAL H 445 3.10 13.83 -10.71
C VAL H 445 2.99 14.32 -12.17
N ILE H 446 1.78 14.61 -12.62
CA ILE H 446 1.57 15.13 -13.98
C ILE H 446 2.25 16.51 -14.12
N LYS H 447 2.02 17.36 -13.11
CA LYS H 447 2.64 18.69 -13.03
C LYS H 447 4.17 18.59 -13.05
N ARG H 448 4.70 17.63 -12.31
CA ARG H 448 6.15 17.45 -12.19
C ARG H 448 6.77 16.84 -13.45
N ALA H 449 6.03 15.95 -14.12
CA ALA H 449 6.45 15.41 -15.43
C ALA H 449 6.59 16.49 -16.50
N ASN H 450 5.76 17.53 -16.41
CA ASN H 450 5.68 18.57 -17.42
C ASN H 450 6.45 19.84 -17.12
N SER H 451 7.09 19.91 -15.95
CA SER H 451 7.63 21.20 -15.50
C SER H 451 8.67 21.80 -16.46
N THR H 452 9.32 20.94 -17.25
CA THR H 452 10.42 21.38 -18.10
C THR H 452 10.05 21.60 -19.55
N ASP H 453 11.03 22.15 -20.28
CA ASP H 453 10.85 22.64 -21.63
C ASP H 453 10.95 21.54 -22.69
N TYR H 454 11.40 20.34 -22.30
CA TYR H 454 11.60 19.23 -23.22
C TYR H 454 10.46 18.23 -23.10
N GLY H 455 10.26 17.43 -24.14
CA GLY H 455 9.19 16.42 -24.14
C GLY H 455 9.22 15.40 -25.26
N LEU H 456 10.30 14.65 -25.37
CA LEU H 456 10.42 13.64 -26.42
C LEU H 456 9.59 12.37 -26.11
N THR H 457 9.71 11.86 -24.89
CA THR H 457 9.15 10.56 -24.50
C THR H 457 8.62 10.60 -23.07
N ALA H 458 7.67 9.72 -22.80
CA ALA H 458 7.23 9.37 -21.45
C ALA H 458 6.78 7.91 -21.40
N ALA H 459 6.53 7.42 -20.19
CA ALA H 459 6.01 6.07 -19.97
C ALA H 459 5.18 6.01 -18.70
N VAL H 460 4.16 5.16 -18.72
CA VAL H 460 3.28 4.97 -17.58
C VAL H 460 3.11 3.50 -17.24
N PHE H 461 3.25 3.18 -15.97
CA PHE H 461 2.94 1.86 -15.42
C PHE H 461 1.77 1.95 -14.44
N THR H 462 0.66 1.33 -14.83
CA THR H 462 -0.58 1.29 -14.04
C THR H 462 -1.54 0.28 -14.66
N LYS H 463 -2.35 -0.38 -13.83
CA LYS H 463 -3.31 -1.34 -14.34
C LYS H 463 -4.67 -0.72 -14.55
N ASN H 464 -4.87 0.48 -13.99
CA ASN H 464 -6.14 1.20 -14.07
C ASN H 464 -6.40 1.81 -15.45
N LEU H 465 -7.57 1.54 -16.00
CA LEU H 465 -7.96 2.05 -17.32
C LEU H 465 -8.07 3.56 -17.29
N ASP H 466 -8.89 4.06 -16.36
CA ASP H 466 -9.08 5.50 -16.19
C ASP H 466 -7.78 6.28 -16.01
N LYS H 467 -6.88 5.78 -15.17
CA LYS H 467 -5.60 6.48 -14.89
C LYS H 467 -4.69 6.53 -16.11
N ALA H 468 -4.53 5.38 -16.77
CA ALA H 468 -3.61 5.26 -17.91
C ALA H 468 -3.94 6.24 -19.00
N LEU H 469 -5.23 6.39 -19.30
CA LEU H 469 -5.66 7.29 -20.37
C LEU H 469 -5.70 8.77 -19.93
N LYS H 470 -6.22 9.04 -18.73
CA LYS H 470 -6.20 10.40 -18.19
C LYS H 470 -4.77 10.95 -18.11
N LEU H 471 -3.80 10.07 -17.86
CA LEU H 471 -2.38 10.43 -17.90
C LEU H 471 -1.89 10.65 -19.33
N ALA H 472 -2.23 9.72 -20.22
CA ALA H 472 -1.81 9.76 -21.65
C ALA H 472 -2.19 11.06 -22.35
N SER H 473 -3.40 11.55 -22.04
CA SER H 473 -3.83 12.89 -22.48
C SER H 473 -3.00 14.01 -21.84
N ALA H 474 -2.75 13.88 -20.54
CA ALA H 474 -2.09 14.92 -19.74
C ALA H 474 -0.61 15.18 -20.04
N LEU H 475 0.17 14.13 -20.29
CA LEU H 475 1.63 14.28 -20.39
C LEU H 475 2.03 14.92 -21.71
N GLU H 476 2.94 15.89 -21.63
CA GLU H 476 3.38 16.64 -22.81
C GLU H 476 4.64 16.03 -23.36
N SER H 477 4.45 14.86 -23.94
CA SER H 477 5.51 14.12 -24.60
C SER H 477 5.07 13.70 -25.99
N GLY H 478 6.05 13.52 -26.87
CA GLY H 478 5.82 13.10 -28.25
C GLY H 478 5.27 11.69 -28.30
N THR H 479 5.87 10.81 -27.50
CA THR H 479 5.41 9.44 -27.39
C THR H 479 5.09 9.17 -25.93
N VAL H 480 4.00 8.46 -25.69
CA VAL H 480 3.59 8.01 -24.34
C VAL H 480 3.40 6.49 -24.33
N TRP H 481 4.25 5.77 -23.60
CA TRP H 481 4.10 4.33 -23.45
C TRP H 481 3.22 3.97 -22.26
N ILE H 482 2.49 2.87 -22.39
CA ILE H 482 1.76 2.27 -21.28
C ILE H 482 2.19 0.81 -21.14
N ASN H 483 2.52 0.43 -19.91
CA ASN H 483 2.97 -0.94 -19.56
C ASN H 483 4.10 -1.46 -20.45
N CYS H 484 5.00 -0.56 -20.86
CA CYS H 484 6.18 -0.95 -21.64
C CYS H 484 7.14 0.23 -21.75
N TYR H 485 8.30 -0.02 -22.35
CA TYR H 485 9.27 1.04 -22.59
C TYR H 485 10.16 0.70 -23.81
N ASN H 486 10.66 1.74 -24.48
CA ASN H 486 11.51 1.61 -25.68
C ASN H 486 10.83 0.82 -26.81
N ALA H 487 9.51 0.96 -26.92
CA ALA H 487 8.70 0.29 -27.95
C ALA H 487 8.38 1.23 -29.13
N LEU H 488 9.12 1.08 -30.22
CA LEU H 488 8.98 1.96 -31.37
C LEU H 488 8.98 1.17 -32.67
N TYR H 489 8.00 1.47 -33.51
CA TYR H 489 7.78 0.77 -34.76
C TYR H 489 7.98 1.74 -35.90
N ALA H 490 8.37 1.23 -37.07
CA ALA H 490 8.59 2.06 -38.25
C ALA H 490 7.34 2.84 -38.65
N GLN H 491 6.19 2.29 -38.29
CA GLN H 491 4.88 2.84 -38.62
C GLN H 491 4.35 3.70 -37.47
N ALA H 492 5.00 3.60 -36.32
CA ALA H 492 4.74 4.44 -35.15
C ALA H 492 5.70 5.63 -35.15
N PRO H 493 5.14 6.87 -35.15
CA PRO H 493 5.98 8.06 -35.35
C PRO H 493 6.83 8.44 -34.14
N PHE H 494 8.03 8.95 -34.41
CA PHE H 494 8.90 9.46 -33.35
C PHE H 494 9.47 10.87 -33.58
N GLY H 495 9.40 11.66 -32.51
CA GLY H 495 9.86 13.04 -32.49
C GLY H 495 9.30 13.76 -31.26
N GLY H 496 9.66 15.02 -31.10
CA GLY H 496 9.43 15.70 -29.83
C GLY H 496 8.46 16.86 -29.83
N PHE H 497 7.84 17.06 -28.67
CA PHE H 497 7.10 18.29 -28.33
C PHE H 497 8.09 19.38 -27.92
N LYS H 498 7.80 20.63 -28.33
CA LYS H 498 8.53 21.82 -27.86
C LYS H 498 10.03 21.79 -28.21
N MET H 499 10.89 21.87 -27.18
CA MET H 499 12.32 21.99 -27.37
C MET H 499 13.01 20.61 -27.43
N SER H 500 12.25 19.53 -27.59
CA SER H 500 12.87 18.24 -27.90
C SER H 500 12.93 18.04 -29.41
N GLY H 501 12.35 18.97 -30.16
CA GLY H 501 12.53 18.99 -31.59
C GLY H 501 11.30 19.30 -32.42
N ASN H 502 11.47 19.12 -33.73
CA ASN H 502 10.51 19.50 -34.74
C ASN H 502 10.24 18.31 -35.66
N GLY H 503 8.99 18.22 -36.12
CA GLY H 503 8.57 17.19 -37.08
C GLY H 503 8.73 15.78 -36.57
N ARG H 504 8.25 14.83 -37.35
CA ARG H 504 8.25 13.43 -36.92
C ARG H 504 9.07 12.53 -37.85
N GLU H 505 9.75 11.57 -37.26
CA GLU H 505 10.36 10.50 -38.02
C GLU H 505 9.57 9.21 -37.80
N LEU H 506 9.63 8.31 -38.79
CA LEU H 506 8.84 7.06 -38.78
C LEU H 506 7.35 7.30 -39.14
N GLY H 507 6.62 6.24 -39.47
CA GLY H 507 5.18 6.36 -39.68
C GLY H 507 4.81 7.06 -40.98
N GLU H 508 3.50 7.21 -41.23
CA GLU H 508 3.02 7.96 -42.37
C GLU H 508 3.48 9.44 -42.26
N TYR H 509 3.57 9.89 -41.01
CA TYR H 509 3.86 11.29 -40.69
C TYR H 509 5.26 11.78 -41.11
N ALA H 510 6.16 10.84 -41.32
CA ALA H 510 7.50 11.14 -41.79
C ALA H 510 7.51 11.66 -43.24
N LEU H 511 6.52 11.27 -44.04
CA LEU H 511 6.52 11.71 -45.45
C LEU H 511 6.17 13.20 -45.59
N ALA H 512 5.32 13.70 -44.69
CA ALA H 512 4.99 15.12 -44.66
C ALA H 512 6.25 15.94 -44.53
N GLU H 513 7.30 15.35 -43.96
CA GLU H 513 8.59 16.01 -43.76
C GLU H 513 9.46 16.03 -45.02
N TYR H 514 9.26 15.04 -45.92
CA TYR H 514 10.07 14.86 -47.16
C TYR H 514 9.34 15.07 -48.51
N THR H 515 8.16 15.69 -48.41
CA THR H 515 7.34 16.05 -49.55
C THR H 515 7.01 17.53 -49.48
N GLU H 516 6.97 18.17 -50.65
CA GLU H 516 6.50 19.54 -50.80
C GLU H 516 5.12 19.56 -51.43
N VAL H 517 4.25 20.40 -50.89
CA VAL H 517 2.88 20.38 -51.34
C VAL H 517 2.68 21.36 -52.49
N LYS H 518 2.32 20.82 -53.64
CA LYS H 518 1.94 21.64 -54.78
C LYS H 518 0.45 21.54 -55.11
N THR H 519 -0.16 22.69 -55.27
CA THR H 519 -1.56 22.79 -55.59
C THR H 519 -1.70 23.14 -57.08
N VAL H 520 -2.46 22.30 -57.79
CA VAL H 520 -2.78 22.51 -59.20
C VAL H 520 -4.27 22.80 -59.35
N THR H 521 -4.58 23.98 -59.86
CA THR H 521 -5.95 24.42 -60.05
C THR H 521 -6.18 24.73 -61.54
N ILE H 522 -7.28 24.20 -62.08
CA ILE H 522 -7.60 24.36 -63.51
C ILE H 522 -9.02 24.91 -63.67
N LYS H 523 -9.18 25.96 -64.49
CA LYS H 523 -10.51 26.52 -64.82
C LYS H 523 -10.87 26.20 -66.27
N LEU H 524 -12.10 25.75 -66.48
CA LEU H 524 -12.54 25.28 -67.79
C LEU H 524 -13.41 26.28 -68.54
N GLY H 525 -13.45 26.15 -69.86
CA GLY H 525 -14.23 27.03 -70.73
C GLY H 525 -15.69 26.64 -70.82
#